data_8DQN
#
_entry.id   8DQN
#
_cell.length_a   153.493
_cell.length_b   163.691
_cell.length_c   170.453
_cell.angle_alpha   90.00
_cell.angle_beta   90.00
_cell.angle_gamma   90.00
#
_symmetry.space_group_name_H-M   'P 21 21 21'
#
loop_
_entity.id
_entity.type
_entity.pdbx_description
1 polymer 'Isoaspartyl dipeptidase'
2 non-polymer GLYCEROL
3 non-polymer 'ZINC ION'
4 non-polymer 'PHOSPHATE ION'
5 water water
#
_entity_poly.entity_id   1
_entity_poly.type   'polypeptide(L)'
_entity_poly.pdbx_seq_one_letter_code
;MTGLTILRNANVYAPQPLGLKTVLVGGGKILAITDEALELPASIVADDIDLQGRILTPGFIDAHAHITGGGGEAGFATQV
PPVPLSQFTAFGVTTVVGLLGTDDTTRSTGNLLSRVYGLREEGMSAYCWTGGYHYPLTTLMGSAREDIVYMEPIIGVGEF
AISDHRSSQPQFEEVIRIASDAHVAGLMTGKAGIVHFHLGDGSRKLALIKRALAETELPARVFNPTHVNRNKPLFDEACE
MLSQGIYIDITAFPDDAVDDGWSAAEALLLAKERGCPLKQITISSDGGGCMPAFDASGAVVAMDFGRSETLLATLKTVTA
QGMALEDVLSSLTANVAHLLRLPAKGKIATGADADLLVLDADYSINDVMALGRWHLRDKALIMKGTFEENLYFQ
;
_entity_poly.pdbx_strand_id   A,B,C,D,E,F,G,H
#
# COMPACT_ATOMS: atom_id res chain seq x y z
N THR A 2 7.18 -20.95 46.19
CA THR A 2 8.32 -20.17 46.81
C THR A 2 9.51 -21.11 47.07
N GLY A 3 9.27 -22.22 47.77
CA GLY A 3 10.35 -23.08 48.27
C GLY A 3 10.91 -24.01 47.21
N LEU A 4 11.75 -24.94 47.63
CA LEU A 4 12.27 -26.03 46.79
C LEU A 4 11.28 -27.20 46.83
N THR A 5 11.25 -27.97 45.75
CA THR A 5 10.55 -29.26 45.72
C THR A 5 11.60 -30.35 45.57
N ILE A 6 11.52 -31.39 46.39
CA ILE A 6 12.46 -32.51 46.30
C ILE A 6 11.68 -33.79 46.00
N LEU A 7 12.10 -34.48 44.97
CA LEU A 7 11.50 -35.75 44.49
C LEU A 7 12.53 -36.84 44.77
N ARG A 8 12.23 -37.70 45.73
CA ARG A 8 13.15 -38.76 46.20
C ARG A 8 12.76 -40.06 45.51
N ASN A 9 13.76 -40.89 45.22
CA ASN A 9 13.56 -42.27 44.72
C ASN A 9 12.77 -42.20 43.42
N ALA A 10 13.14 -41.29 42.52
CA ALA A 10 12.53 -41.16 41.18
C ALA A 10 13.25 -42.13 40.28
N ASN A 11 12.51 -42.99 39.57
CA ASN A 11 13.11 -43.84 38.53
C ASN A 11 13.17 -43.01 37.24
N VAL A 12 14.31 -42.40 36.96
CA VAL A 12 14.41 -41.29 35.98
C VAL A 12 14.57 -41.85 34.58
N TYR A 13 13.65 -41.45 33.71
CA TYR A 13 13.79 -41.56 32.22
C TYR A 13 13.98 -40.14 31.68
N ALA A 14 15.18 -39.81 31.23
CA ALA A 14 15.64 -38.41 31.12
C ALA A 14 15.54 -37.82 29.71
N PRO A 15 15.07 -38.46 28.61
CA PRO A 15 14.33 -39.72 28.61
C PRO A 15 15.11 -41.05 28.66
N GLN A 16 16.43 -41.05 28.49
CA GLN A 16 17.24 -42.29 28.66
C GLN A 16 17.20 -42.71 30.13
N PRO A 17 17.15 -44.02 30.45
CA PRO A 17 17.08 -44.48 31.85
C PRO A 17 18.37 -44.14 32.60
N LEU A 18 18.24 -43.45 33.73
CA LEU A 18 19.38 -43.06 34.59
C LEU A 18 19.34 -43.85 35.90
N GLY A 19 18.28 -44.61 36.18
CA GLY A 19 18.09 -45.27 37.47
C GLY A 19 17.50 -44.34 38.51
N LEU A 20 17.59 -44.74 39.77
CA LEU A 20 16.92 -44.04 40.90
C LEU A 20 17.73 -42.79 41.21
N LYS A 21 17.04 -41.68 41.40
CA LYS A 21 17.70 -40.37 41.67
C LYS A 21 16.83 -39.57 42.61
N THR A 22 17.46 -38.65 43.30
CA THR A 22 16.80 -37.51 43.94
C THR A 22 16.83 -36.36 42.93
N VAL A 23 15.70 -35.71 42.72
CA VAL A 23 15.60 -34.55 41.78
C VAL A 23 15.15 -33.35 42.59
N LEU A 24 15.93 -32.28 42.53
CA LEU A 24 15.63 -31.03 43.23
C LEU A 24 15.14 -30.00 42.22
N VAL A 25 14.03 -29.36 42.52
CA VAL A 25 13.41 -28.34 41.64
C VAL A 25 13.27 -27.03 42.41
N GLY A 26 13.61 -25.92 41.77
CA GLY A 26 13.29 -24.59 42.31
C GLY A 26 13.50 -23.49 41.28
N GLY A 27 12.81 -22.36 41.46
CA GLY A 27 12.83 -21.27 40.48
C GLY A 27 12.42 -21.76 39.08
N GLY A 28 11.60 -22.81 39.00
CA GLY A 28 11.07 -23.34 37.72
C GLY A 28 12.05 -24.24 37.00
N LYS A 29 13.18 -24.57 37.64
CA LYS A 29 14.29 -25.30 36.99
C LYS A 29 14.64 -26.56 37.78
N ILE A 30 15.27 -27.51 37.11
CA ILE A 30 15.90 -28.69 37.74
C ILE A 30 17.26 -28.22 38.26
N LEU A 31 17.42 -28.19 39.58
CA LEU A 31 18.64 -27.69 40.26
C LEU A 31 19.62 -28.81 40.55
N ALA A 32 19.18 -30.07 40.70
CA ALA A 32 20.08 -31.21 40.98
C ALA A 32 19.40 -32.53 40.61
N ILE A 33 20.22 -33.45 40.13
CA ILE A 33 19.86 -34.86 39.88
C ILE A 33 21.00 -35.68 40.49
N THR A 34 20.72 -36.42 41.56
CA THR A 34 21.83 -36.97 42.39
C THR A 34 21.43 -38.33 42.97
N ASP A 35 22.43 -39.17 43.22
CA ASP A 35 22.31 -40.41 44.04
C ASP A 35 22.13 -40.04 45.50
N GLU A 36 22.59 -38.87 45.93
CA GLU A 36 22.60 -38.44 47.36
C GLU A 36 21.17 -38.25 47.85
N ALA A 37 20.88 -38.73 49.06
CA ALA A 37 19.59 -38.46 49.76
C ALA A 37 19.69 -37.06 50.41
N LEU A 38 19.51 -36.03 49.60
CA LEU A 38 19.73 -34.61 50.01
C LEU A 38 18.99 -34.33 51.32
N GLU A 39 19.70 -33.76 52.27
CA GLU A 39 19.11 -33.20 53.51
C GLU A 39 19.08 -31.68 53.38
N LEU A 40 17.89 -31.08 53.39
CA LEU A 40 17.70 -29.62 53.21
C LEU A 40 17.02 -29.08 54.44
N PRO A 41 17.23 -27.81 54.81
CA PRO A 41 16.46 -27.17 55.86
C PRO A 41 14.98 -27.14 55.51
N ALA A 42 14.13 -27.54 56.45
CA ALA A 42 12.67 -27.66 56.26
C ALA A 42 12.10 -26.29 55.87
N SER A 43 12.68 -25.19 56.35
CA SER A 43 12.14 -23.83 56.14
C SER A 43 12.13 -23.44 54.65
N ILE A 44 12.97 -24.03 53.80
CA ILE A 44 13.07 -23.67 52.35
C ILE A 44 12.45 -24.77 51.47
N VAL A 45 11.83 -25.80 52.04
CA VAL A 45 11.25 -26.92 51.26
C VAL A 45 9.73 -26.75 51.23
N ALA A 46 9.17 -26.51 50.04
CA ALA A 46 7.71 -26.46 49.83
C ALA A 46 7.13 -27.88 49.88
N ASP A 47 7.81 -28.84 49.27
CA ASP A 47 7.28 -30.20 49.03
C ASP A 47 8.44 -31.19 49.07
N ASP A 48 8.36 -32.17 49.95
CA ASP A 48 9.33 -33.29 50.06
C ASP A 48 8.56 -34.55 49.72
N ILE A 49 8.77 -35.09 48.54
CA ILE A 49 7.90 -36.16 47.99
C ILE A 49 8.76 -37.39 47.73
N ASP A 50 8.34 -38.52 48.27
CA ASP A 50 8.98 -39.84 48.01
C ASP A 50 8.20 -40.47 46.87
N LEU A 51 8.80 -40.59 45.68
CA LEU A 51 8.11 -41.21 44.52
C LEU A 51 8.14 -42.75 44.64
N GLN A 52 8.92 -43.29 45.58
CA GLN A 52 8.92 -44.75 45.91
C GLN A 52 9.18 -45.55 44.63
N GLY A 53 10.10 -45.09 43.79
CA GLY A 53 10.55 -45.83 42.60
C GLY A 53 9.65 -45.64 41.38
N ARG A 54 8.62 -44.78 41.47
CA ARG A 54 7.78 -44.44 40.29
C ARG A 54 8.65 -43.73 39.24
N ILE A 55 8.29 -43.91 37.98
CA ILE A 55 8.96 -43.33 36.79
C ILE A 55 8.72 -41.82 36.76
N LEU A 56 9.79 -41.08 36.51
CA LEU A 56 9.79 -39.62 36.29
C LEU A 56 10.30 -39.38 34.87
N THR A 57 9.51 -38.67 34.04
CA THR A 57 9.89 -38.37 32.65
C THR A 57 9.83 -36.85 32.44
N PRO A 58 10.42 -36.35 31.34
CA PRO A 58 10.18 -34.98 30.90
C PRO A 58 8.71 -34.88 30.49
N GLY A 59 8.16 -33.68 30.58
CA GLY A 59 6.84 -33.39 29.99
C GLY A 59 6.88 -33.57 28.49
N PHE A 60 5.76 -33.95 27.89
CA PHE A 60 5.64 -34.11 26.42
C PHE A 60 5.65 -32.72 25.75
N ILE A 61 6.26 -32.66 24.59
CA ILE A 61 6.25 -31.49 23.68
C ILE A 61 5.41 -31.89 22.47
N ASP A 62 4.21 -31.34 22.39
CA ASP A 62 3.27 -31.58 21.28
C ASP A 62 3.45 -30.46 20.24
N ALA A 63 4.20 -30.74 19.18
CA ALA A 63 4.68 -29.70 18.23
C ALA A 63 3.70 -29.49 17.09
N HIS A 64 2.50 -30.06 17.16
CA HIS A 64 1.46 -29.89 16.12
C HIS A 64 0.10 -29.83 16.81
N ALA A 65 -0.32 -28.65 17.25
CA ALA A 65 -1.63 -28.47 17.90
C ALA A 65 -2.29 -27.20 17.37
N HIS A 66 -3.58 -27.28 17.13
CA HIS A 66 -4.44 -26.13 16.81
C HIS A 66 -4.90 -25.50 18.11
N ILE A 67 -4.02 -24.73 18.76
CA ILE A 67 -4.33 -24.16 20.06
C ILE A 67 -5.54 -23.23 19.98
N THR A 68 -5.79 -22.57 18.85
CA THR A 68 -6.96 -21.67 18.66
C THR A 68 -8.21 -22.50 18.35
N GLY A 69 -8.04 -23.80 18.16
CA GLY A 69 -9.04 -24.62 17.45
C GLY A 69 -8.79 -24.60 15.97
N GLY A 70 -8.96 -25.75 15.32
CA GLY A 70 -8.89 -25.87 13.86
C GLY A 70 -10.28 -25.88 13.25
N GLY A 71 -10.47 -26.76 12.30
CA GLY A 71 -11.74 -26.91 11.57
C GLY A 71 -12.02 -25.73 10.67
N GLY A 72 -13.28 -25.60 10.28
CA GLY A 72 -13.72 -24.60 9.28
C GLY A 72 -13.53 -25.12 7.86
N GLU A 73 -13.21 -26.40 7.69
CA GLU A 73 -12.96 -27.02 6.36
C GLU A 73 -14.25 -27.53 5.73
N ALA A 74 -15.33 -27.68 6.50
CA ALA A 74 -16.62 -28.16 5.97
C ALA A 74 -17.72 -27.31 6.60
N GLY A 75 -17.66 -26.01 6.44
CA GLY A 75 -18.68 -25.11 7.00
C GLY A 75 -18.16 -24.37 8.20
N PHE A 76 -18.66 -23.16 8.40
CA PHE A 76 -18.21 -22.27 9.49
C PHE A 76 -18.53 -22.85 10.86
N ALA A 77 -19.59 -23.66 10.96
CA ALA A 77 -19.99 -24.30 12.23
C ALA A 77 -18.89 -25.26 12.71
N THR A 78 -17.99 -25.72 11.84
CA THR A 78 -16.92 -26.68 12.23
C THR A 78 -15.69 -25.96 12.78
N GLN A 79 -15.73 -24.64 13.00
CA GLN A 79 -14.65 -23.94 13.75
C GLN A 79 -14.57 -24.52 15.18
N VAL A 80 -13.46 -25.15 15.52
CA VAL A 80 -13.23 -25.76 16.85
C VAL A 80 -12.94 -24.64 17.85
N PRO A 81 -13.48 -24.71 19.09
CA PRO A 81 -13.10 -23.77 20.13
C PRO A 81 -11.63 -23.90 20.53
N PRO A 82 -11.03 -22.84 21.11
CA PRO A 82 -9.65 -22.94 21.58
C PRO A 82 -9.52 -24.08 22.60
N VAL A 83 -8.40 -24.76 22.57
CA VAL A 83 -8.13 -25.89 23.46
C VAL A 83 -7.86 -25.35 24.86
N PRO A 84 -8.67 -25.74 25.87
CA PRO A 84 -8.40 -25.34 27.24
C PRO A 84 -7.09 -25.94 27.78
N LEU A 85 -6.45 -25.20 28.69
CA LEU A 85 -5.17 -25.60 29.32
C LEU A 85 -5.18 -27.08 29.71
N SER A 86 -6.17 -27.55 30.45
CA SER A 86 -6.18 -28.93 31.03
C SER A 86 -6.21 -29.98 29.92
N GLN A 87 -6.66 -29.64 28.71
CA GLN A 87 -6.68 -30.60 27.58
C GLN A 87 -5.27 -30.75 26.99
N PHE A 88 -4.28 -30.00 27.50
CA PHE A 88 -2.85 -30.31 27.31
C PHE A 88 -2.28 -30.97 28.57
N THR A 89 -2.34 -30.28 29.70
CA THR A 89 -1.59 -30.64 30.93
C THR A 89 -2.04 -31.99 31.50
N ALA A 90 -3.34 -32.28 31.54
CA ALA A 90 -3.87 -33.56 32.07
C ALA A 90 -3.36 -34.74 31.25
N PHE A 91 -2.89 -34.50 30.02
CA PHE A 91 -2.42 -35.57 29.11
C PHE A 91 -0.89 -35.54 28.99
N GLY A 92 -0.24 -34.81 29.89
CA GLY A 92 1.23 -34.82 29.99
C GLY A 92 1.90 -33.80 29.08
N VAL A 93 1.13 -32.97 28.37
CA VAL A 93 1.73 -31.97 27.45
C VAL A 93 2.03 -30.69 28.25
N THR A 94 3.31 -30.40 28.44
CA THR A 94 3.76 -29.21 29.19
C THR A 94 4.27 -28.13 28.23
N THR A 95 4.59 -28.48 27.00
CA THR A 95 4.95 -27.52 25.92
C THR A 95 4.12 -27.86 24.68
N VAL A 96 3.48 -26.87 24.09
CA VAL A 96 2.75 -27.05 22.82
C VAL A 96 3.31 -26.08 21.78
N VAL A 97 3.31 -26.48 20.52
CA VAL A 97 3.61 -25.58 19.39
C VAL A 97 2.34 -25.48 18.55
N GLY A 98 1.73 -24.30 18.55
CA GLY A 98 0.47 -24.04 17.84
C GLY A 98 0.66 -23.73 16.38
N LEU A 99 -0.35 -24.01 15.58
CA LEU A 99 -0.34 -23.67 14.14
C LEU A 99 -1.78 -23.46 13.67
N LEU A 100 -1.89 -22.73 12.58
CA LEU A 100 -3.09 -22.67 11.74
C LEU A 100 -2.99 -23.81 10.70
N GLY A 101 -4.14 -24.37 10.36
CA GLY A 101 -4.27 -25.37 9.30
C GLY A 101 -5.04 -24.80 8.12
N THR A 102 -6.01 -25.56 7.61
CA THR A 102 -6.68 -25.28 6.33
C THR A 102 -7.30 -23.89 6.40
N ASP A 103 -7.94 -23.53 7.53
CA ASP A 103 -8.51 -22.18 7.66
C ASP A 103 -7.41 -21.25 8.19
N ASP A 104 -6.63 -20.69 7.27
CA ASP A 104 -5.70 -19.57 7.52
C ASP A 104 -6.28 -18.33 6.83
N THR A 105 -7.59 -18.32 6.60
CA THR A 105 -8.32 -17.18 6.00
C THR A 105 -9.02 -16.41 7.11
N THR A 106 -9.92 -17.04 7.87
CA THR A 106 -10.66 -16.36 8.95
C THR A 106 -9.79 -16.27 10.22
N ARG A 107 -8.85 -17.19 10.38
CA ARG A 107 -7.91 -17.22 11.53
C ARG A 107 -6.61 -16.56 11.10
N SER A 108 -6.01 -15.81 12.02
CA SER A 108 -4.82 -14.98 11.77
C SER A 108 -3.69 -15.44 12.68
N THR A 109 -2.48 -15.03 12.35
CA THR A 109 -1.29 -15.24 13.20
C THR A 109 -1.48 -14.48 14.52
N GLY A 110 -2.20 -13.35 14.53
CA GLY A 110 -2.49 -12.63 15.77
C GLY A 110 -3.38 -13.46 16.70
N ASN A 111 -4.36 -14.17 16.14
CA ASN A 111 -5.19 -15.12 16.92
C ASN A 111 -4.24 -16.14 17.56
N LEU A 112 -3.34 -16.69 16.78
CA LEU A 112 -2.48 -17.81 17.19
C LEU A 112 -1.51 -17.34 18.26
N LEU A 113 -0.80 -16.24 18.01
CA LEU A 113 0.24 -15.75 18.93
C LEU A 113 -0.41 -15.29 20.24
N SER A 114 -1.57 -14.64 20.17
CA SER A 114 -2.26 -14.21 21.41
C SER A 114 -2.67 -15.44 22.24
N ARG A 115 -3.05 -16.55 21.61
CA ARG A 115 -3.38 -17.77 22.39
C ARG A 115 -2.10 -18.38 22.98
N VAL A 116 -0.98 -18.32 22.29
CA VAL A 116 0.33 -18.71 22.88
C VAL A 116 0.53 -17.95 24.20
N TYR A 117 0.36 -16.65 24.19
CA TYR A 117 0.55 -15.80 25.40
C TYR A 117 -0.48 -16.19 26.47
N GLY A 118 -1.70 -16.51 26.07
CA GLY A 118 -2.73 -16.94 27.04
C GLY A 118 -2.32 -18.24 27.75
N LEU A 119 -1.81 -19.22 27.00
CA LEU A 119 -1.38 -20.51 27.59
C LEU A 119 -0.14 -20.27 28.48
N ARG A 120 0.75 -19.36 28.10
CA ARG A 120 1.92 -19.03 28.95
C ARG A 120 1.44 -18.38 30.24
N GLU A 121 0.47 -17.48 30.17
CA GLU A 121 -0.05 -16.80 31.39
C GLU A 121 -0.66 -17.87 32.32
N GLU A 122 -1.23 -18.94 31.78
CA GLU A 122 -1.91 -19.98 32.59
C GLU A 122 -0.90 -21.02 33.10
N GLY A 123 0.37 -20.92 32.73
CA GLY A 123 1.49 -21.63 33.38
C GLY A 123 2.04 -22.79 32.59
N MET A 124 1.66 -22.98 31.33
CA MET A 124 2.38 -23.97 30.49
C MET A 124 3.34 -23.22 29.56
N SER A 125 4.06 -23.96 28.73
CA SER A 125 5.00 -23.41 27.74
C SER A 125 4.37 -23.55 26.36
N ALA A 126 4.54 -22.55 25.52
CA ALA A 126 3.88 -22.51 24.20
C ALA A 126 4.71 -21.70 23.22
N TYR A 127 4.75 -22.21 22.01
CA TYR A 127 5.41 -21.65 20.84
C TYR A 127 4.40 -21.72 19.70
N CYS A 128 4.72 -21.15 18.56
CA CYS A 128 3.85 -21.37 17.37
C CYS A 128 4.66 -21.29 16.09
N TRP A 129 4.04 -21.83 15.06
CA TRP A 129 4.48 -21.79 13.66
C TRP A 129 3.78 -20.59 13.01
N THR A 130 4.44 -19.87 12.12
CA THR A 130 3.81 -18.82 11.32
C THR A 130 3.57 -19.36 9.92
N GLY A 131 2.85 -18.61 9.10
CA GLY A 131 2.72 -18.89 7.66
C GLY A 131 1.45 -19.61 7.31
N GLY A 132 1.14 -20.66 8.06
CA GLY A 132 -0.02 -21.53 7.78
C GLY A 132 0.15 -22.43 6.56
N TYR A 133 -0.96 -22.74 5.95
CA TYR A 133 -1.19 -23.88 5.04
C TYR A 133 -1.04 -23.47 3.58
N HIS A 134 -1.47 -22.26 3.26
CA HIS A 134 -1.61 -21.72 1.89
C HIS A 134 -0.51 -20.73 1.56
N TYR A 135 -0.39 -20.48 0.26
CA TYR A 135 0.47 -19.45 -0.36
C TYR A 135 -0.44 -18.42 -0.99
N PRO A 136 -0.18 -17.11 -0.79
CA PRO A 136 0.90 -16.63 0.07
C PRO A 136 0.67 -16.91 1.56
N LEU A 137 1.76 -16.87 2.33
CA LEU A 137 1.74 -17.21 3.77
C LEU A 137 0.91 -16.19 4.55
N THR A 138 0.25 -16.68 5.59
CA THR A 138 -0.42 -15.88 6.64
C THR A 138 0.59 -15.61 7.74
N THR A 139 0.96 -14.35 7.95
CA THR A 139 1.97 -13.94 8.92
C THR A 139 1.43 -12.74 9.70
N LEU A 140 2.09 -12.42 10.81
CA LEU A 140 1.70 -11.29 11.67
C LEU A 140 2.28 -10.01 11.07
N MET A 141 3.58 -10.01 10.78
CA MET A 141 4.26 -8.93 10.05
C MET A 141 4.13 -9.21 8.55
N GLY A 142 4.86 -8.48 7.72
CA GLY A 142 4.76 -8.65 6.25
C GLY A 142 5.35 -9.96 5.74
N SER A 143 6.19 -10.67 6.48
CA SER A 143 6.86 -11.88 5.96
C SER A 143 7.13 -12.85 7.11
N ALA A 144 7.32 -14.12 6.77
CA ALA A 144 7.65 -15.19 7.72
C ALA A 144 9.01 -14.88 8.37
N ARG A 145 9.96 -14.37 7.60
CA ARG A 145 11.32 -14.13 8.14
C ARG A 145 11.20 -13.05 9.24
N GLU A 146 10.43 -12.00 9.02
CA GLU A 146 10.25 -10.95 10.04
C GLU A 146 9.56 -11.55 11.27
N ASP A 147 8.50 -12.36 11.07
CA ASP A 147 7.78 -12.98 12.22
C ASP A 147 8.79 -13.76 13.08
N ILE A 148 9.62 -14.59 12.47
CA ILE A 148 10.50 -15.51 13.23
C ILE A 148 11.62 -14.67 13.88
N VAL A 149 12.14 -13.68 13.18
CA VAL A 149 13.22 -12.83 13.76
C VAL A 149 12.69 -12.09 14.98
N TYR A 150 11.53 -11.45 14.90
CA TYR A 150 11.13 -10.45 15.91
C TYR A 150 10.20 -11.02 16.99
N MET A 151 9.48 -12.10 16.76
CA MET A 151 8.50 -12.62 17.76
C MET A 151 9.06 -13.88 18.42
N GLU A 152 9.44 -13.77 19.67
CA GLU A 152 10.16 -14.85 20.37
C GLU A 152 9.43 -16.19 20.20
N PRO A 153 8.10 -16.28 20.41
CA PRO A 153 7.43 -17.58 20.38
C PRO A 153 7.31 -18.23 19.00
N ILE A 154 7.59 -17.49 17.93
CA ILE A 154 7.43 -18.01 16.55
C ILE A 154 8.74 -18.69 16.13
N ILE A 155 8.69 -19.98 15.82
CA ILE A 155 9.93 -20.79 15.70
C ILE A 155 10.16 -21.26 14.28
N GLY A 156 9.21 -21.11 13.39
CA GLY A 156 9.34 -21.62 12.02
C GLY A 156 8.06 -21.43 11.24
N VAL A 157 7.98 -22.07 10.08
CA VAL A 157 6.80 -21.96 9.19
C VAL A 157 6.04 -23.27 9.25
N GLY A 158 4.73 -23.21 9.44
CA GLY A 158 3.85 -24.40 9.35
C GLY A 158 2.40 -24.05 9.58
N GLU A 159 1.52 -25.01 9.32
CA GLU A 159 1.84 -26.24 8.63
C GLU A 159 1.56 -26.09 7.15
N PHE A 160 2.60 -26.05 6.34
CA PHE A 160 2.50 -25.64 4.91
C PHE A 160 2.16 -26.87 4.09
N ALA A 161 1.10 -26.83 3.31
CA ALA A 161 0.52 -28.04 2.68
C ALA A 161 1.21 -28.33 1.35
N ILE A 162 1.62 -29.60 1.18
CA ILE A 162 2.06 -30.18 -0.13
C ILE A 162 1.35 -31.53 -0.34
N SER A 163 1.22 -31.92 -1.60
CA SER A 163 0.59 -33.17 -2.05
C SER A 163 -0.78 -33.33 -1.41
N ASP A 164 -1.62 -32.30 -1.54
CA ASP A 164 -2.97 -32.27 -0.92
C ASP A 164 -3.89 -31.44 -1.79
N HIS A 165 -5.10 -31.90 -2.00
CA HIS A 165 -6.15 -31.17 -2.77
C HIS A 165 -6.46 -29.81 -2.13
N ARG A 166 -6.18 -29.60 -0.86
CA ARG A 166 -6.44 -28.30 -0.17
C ARG A 166 -5.20 -27.41 -0.19
N SER A 167 -4.09 -27.85 -0.77
CA SER A 167 -2.85 -27.05 -0.84
C SER A 167 -3.07 -25.86 -1.78
N SER A 168 -2.09 -24.97 -1.83
CA SER A 168 -2.03 -23.86 -2.81
C SER A 168 -1.32 -24.31 -4.08
N GLN A 169 -1.12 -25.64 -4.27
CA GLN A 169 -0.32 -26.19 -5.41
C GLN A 169 0.99 -25.42 -5.47
N PRO A 170 1.77 -25.42 -4.37
CA PRO A 170 3.03 -24.69 -4.34
C PRO A 170 4.05 -25.28 -5.32
N GLN A 171 4.82 -24.40 -5.90
CA GLN A 171 5.89 -24.75 -6.85
C GLN A 171 7.19 -24.92 -6.07
N PHE A 172 8.10 -25.71 -6.62
CA PHE A 172 9.43 -25.95 -6.05
C PHE A 172 10.06 -24.61 -5.60
N GLU A 173 10.05 -23.62 -6.49
CA GLU A 173 10.76 -22.33 -6.27
C GLU A 173 10.15 -21.60 -5.07
N GLU A 174 8.84 -21.67 -4.90
CA GLU A 174 8.12 -21.07 -3.76
C GLU A 174 8.53 -21.79 -2.47
N VAL A 175 8.57 -23.12 -2.49
CA VAL A 175 8.88 -23.94 -1.29
C VAL A 175 10.29 -23.64 -0.80
N ILE A 176 11.29 -23.61 -1.69
CA ILE A 176 12.69 -23.47 -1.24
C ILE A 176 12.92 -22.02 -0.77
N ARG A 177 12.18 -21.04 -1.32
CA ARG A 177 12.26 -19.62 -0.84
C ARG A 177 11.73 -19.58 0.60
N ILE A 178 10.57 -20.18 0.85
CA ILE A 178 10.00 -20.25 2.23
C ILE A 178 11.01 -20.94 3.17
N ALA A 179 11.56 -22.07 2.76
CA ALA A 179 12.55 -22.80 3.59
C ALA A 179 13.75 -21.89 3.88
N SER A 180 14.24 -21.16 2.89
CA SER A 180 15.42 -20.27 3.07
C SER A 180 15.10 -19.21 4.13
N ASP A 181 13.90 -18.66 4.10
CA ASP A 181 13.48 -17.61 5.07
C ASP A 181 13.41 -18.20 6.49
N ALA A 182 12.82 -19.38 6.64
CA ALA A 182 12.74 -20.05 7.96
C ALA A 182 14.16 -20.33 8.47
N HIS A 183 15.03 -20.85 7.62
CA HIS A 183 16.39 -21.26 7.99
C HIS A 183 17.19 -20.07 8.45
N VAL A 184 17.20 -19.00 7.66
CA VAL A 184 17.99 -17.78 7.99
C VAL A 184 17.48 -17.23 9.31
N ALA A 185 16.16 -17.14 9.48
CA ALA A 185 15.60 -16.56 10.73
C ALA A 185 16.01 -17.44 11.92
N GLY A 186 16.01 -18.76 11.74
CA GLY A 186 16.47 -19.71 12.77
C GLY A 186 17.91 -19.47 13.18
N LEU A 187 18.80 -19.29 12.22
CA LEU A 187 20.23 -19.02 12.53
C LEU A 187 20.34 -17.70 13.30
N MET A 188 19.59 -16.69 12.91
CA MET A 188 19.69 -15.36 13.54
C MET A 188 19.23 -15.41 14.99
N THR A 189 18.28 -16.27 15.33
CA THR A 189 17.57 -16.23 16.61
C THR A 189 17.95 -17.38 17.55
N GLY A 190 18.57 -18.44 17.04
CA GLY A 190 18.78 -19.68 17.79
C GLY A 190 17.54 -20.58 17.83
N LYS A 191 16.49 -20.25 17.05
CA LYS A 191 15.24 -21.02 17.08
C LYS A 191 15.22 -22.08 15.98
N ALA A 192 14.19 -22.91 15.98
CA ALA A 192 14.07 -24.09 15.09
C ALA A 192 14.47 -23.73 13.67
N GLY A 193 13.79 -22.74 13.08
CA GLY A 193 14.13 -22.32 11.72
C GLY A 193 13.84 -23.40 10.69
N ILE A 194 12.72 -24.09 10.82
CA ILE A 194 12.35 -25.18 9.88
C ILE A 194 10.96 -24.93 9.31
N VAL A 195 10.64 -25.68 8.27
CA VAL A 195 9.30 -25.71 7.65
C VAL A 195 8.67 -27.05 8.02
N HIS A 196 7.56 -26.95 8.73
CA HIS A 196 6.68 -28.06 9.12
C HIS A 196 5.65 -28.22 8.01
N PHE A 197 5.76 -29.29 7.21
CA PHE A 197 4.92 -29.52 6.02
C PHE A 197 3.78 -30.48 6.35
N HIS A 198 2.54 -30.06 6.11
CA HIS A 198 1.37 -30.95 6.07
C HIS A 198 1.47 -31.76 4.80
N LEU A 199 1.47 -33.08 4.90
CA LEU A 199 1.35 -33.99 3.73
C LEU A 199 -0.09 -34.44 3.62
N GLY A 200 -0.61 -34.43 2.40
CA GLY A 200 -1.87 -35.10 2.06
C GLY A 200 -1.63 -36.43 1.39
N ASP A 201 -2.68 -36.93 0.73
CA ASP A 201 -2.66 -38.27 0.09
C ASP A 201 -2.27 -38.16 -1.38
N GLY A 202 -1.77 -37.03 -1.85
CA GLY A 202 -1.31 -36.95 -3.24
C GLY A 202 -0.21 -37.96 -3.52
N SER A 203 -0.23 -38.56 -4.69
CA SER A 203 0.76 -39.58 -5.11
C SER A 203 2.15 -38.95 -5.33
N ARG A 204 2.27 -37.62 -5.46
CA ARG A 204 3.62 -36.98 -5.56
C ARG A 204 4.36 -37.08 -4.23
N LYS A 205 3.64 -37.32 -3.12
CA LYS A 205 4.27 -37.59 -1.80
C LYS A 205 5.33 -36.50 -1.50
N LEU A 206 6.58 -36.88 -1.25
CA LEU A 206 7.64 -35.96 -0.77
C LEU A 206 8.53 -35.49 -1.94
N ALA A 207 8.05 -35.57 -3.18
CA ALA A 207 8.84 -35.17 -4.38
C ALA A 207 9.45 -33.76 -4.22
N LEU A 208 8.71 -32.77 -3.69
CA LEU A 208 9.25 -31.38 -3.62
C LEU A 208 10.44 -31.37 -2.64
N ILE A 209 10.36 -32.15 -1.57
CA ILE A 209 11.45 -32.19 -0.56
C ILE A 209 12.64 -32.96 -1.15
N LYS A 210 12.41 -34.04 -1.88
CA LYS A 210 13.52 -34.78 -2.56
C LYS A 210 14.27 -33.83 -3.48
N ARG A 211 13.55 -33.04 -4.24
CA ARG A 211 14.17 -32.07 -5.17
C ARG A 211 14.95 -31.01 -4.38
N ALA A 212 14.41 -30.52 -3.27
CA ALA A 212 15.11 -29.49 -2.44
C ALA A 212 16.42 -30.08 -1.91
N LEU A 213 16.42 -31.33 -1.46
CA LEU A 213 17.62 -32.00 -0.87
C LEU A 213 18.63 -32.24 -1.98
N ALA A 214 18.20 -32.54 -3.20
CA ALA A 214 19.12 -32.80 -4.33
C ALA A 214 19.70 -31.47 -4.86
N GLU A 215 18.92 -30.40 -4.92
CA GLU A 215 19.29 -29.21 -5.74
C GLU A 215 19.78 -28.03 -4.89
N THR A 216 19.50 -27.97 -3.59
CA THR A 216 19.84 -26.78 -2.78
C THR A 216 20.87 -27.14 -1.72
N GLU A 217 21.43 -26.12 -1.08
CA GLU A 217 22.39 -26.27 0.05
C GLU A 217 21.62 -26.28 1.37
N LEU A 218 20.29 -26.19 1.38
CA LEU A 218 19.56 -26.11 2.67
C LEU A 218 19.79 -27.40 3.46
N PRO A 219 20.10 -27.33 4.76
CA PRO A 219 20.22 -28.54 5.56
C PRO A 219 18.92 -29.34 5.55
N ALA A 220 19.05 -30.66 5.57
CA ALA A 220 17.91 -31.59 5.49
C ALA A 220 16.94 -31.32 6.65
N ARG A 221 17.43 -30.96 7.84
CA ARG A 221 16.54 -30.80 9.01
C ARG A 221 15.51 -29.68 8.78
N VAL A 222 15.73 -28.77 7.82
CA VAL A 222 14.80 -27.64 7.54
C VAL A 222 13.48 -28.20 6.99
N PHE A 223 13.47 -29.38 6.38
CA PHE A 223 12.29 -29.97 5.73
C PHE A 223 11.70 -31.02 6.65
N ASN A 224 10.59 -30.69 7.29
CA ASN A 224 10.02 -31.51 8.39
C ASN A 224 8.60 -31.91 8.01
N PRO A 225 8.41 -33.05 7.29
CA PRO A 225 7.06 -33.50 6.95
C PRO A 225 6.34 -34.14 8.13
N THR A 226 5.04 -33.86 8.24
CA THR A 226 4.15 -34.42 9.28
C THR A 226 3.05 -35.22 8.58
N HIS A 227 2.27 -35.97 9.36
CA HIS A 227 1.27 -36.96 8.91
C HIS A 227 1.86 -37.98 7.94
N VAL A 228 3.13 -38.33 8.09
CA VAL A 228 3.80 -39.22 7.11
C VAL A 228 3.23 -40.64 7.21
N ASN A 229 2.52 -40.96 8.29
CA ASN A 229 1.86 -42.27 8.52
C ASN A 229 0.47 -42.32 7.89
N ARG A 230 0.01 -41.28 7.21
CA ARG A 230 -1.40 -41.25 6.72
C ARG A 230 -1.62 -42.23 5.57
N ASN A 231 -0.61 -42.58 4.80
CA ASN A 231 -0.75 -43.68 3.81
C ASN A 231 0.59 -44.38 3.72
N LYS A 232 0.59 -45.63 3.27
CA LYS A 232 1.75 -46.54 3.44
C LYS A 232 2.85 -46.16 2.46
N PRO A 233 2.57 -45.88 1.18
CA PRO A 233 3.65 -45.45 0.27
C PRO A 233 4.35 -44.16 0.76
N LEU A 234 3.59 -43.22 1.34
CA LEU A 234 4.18 -41.96 1.88
C LEU A 234 5.09 -42.33 3.06
N PHE A 235 4.62 -43.20 3.94
CA PHE A 235 5.41 -43.59 5.13
C PHE A 235 6.72 -44.24 4.68
N ASP A 236 6.68 -45.09 3.66
CA ASP A 236 7.89 -45.78 3.14
C ASP A 236 8.85 -44.73 2.61
N GLU A 237 8.36 -43.75 1.87
CA GLU A 237 9.23 -42.69 1.29
C GLU A 237 9.82 -41.86 2.43
N ALA A 238 9.04 -41.53 3.46
CA ALA A 238 9.52 -40.76 4.63
C ALA A 238 10.64 -41.54 5.32
N CYS A 239 10.46 -42.83 5.56
CA CYS A 239 11.47 -43.69 6.23
C CYS A 239 12.74 -43.70 5.38
N GLU A 240 12.65 -43.87 4.07
CA GLU A 240 13.85 -43.88 3.18
C GLU A 240 14.58 -42.54 3.31
N MET A 241 13.87 -41.41 3.40
CA MET A 241 14.52 -40.07 3.42
C MET A 241 15.20 -39.77 4.75
N LEU A 242 14.97 -40.57 5.80
CA LEU A 242 15.66 -40.37 7.10
C LEU A 242 17.16 -40.45 6.87
N SER A 243 17.61 -41.25 5.91
CA SER A 243 19.07 -41.42 5.66
C SER A 243 19.65 -40.11 5.12
N GLN A 244 18.85 -39.19 4.59
CA GLN A 244 19.35 -37.88 4.10
C GLN A 244 19.33 -36.83 5.22
N GLY A 245 18.82 -37.16 6.40
CA GLY A 245 18.93 -36.30 7.59
C GLY A 245 17.66 -35.52 7.90
N ILE A 246 16.54 -35.75 7.21
CA ILE A 246 15.27 -35.08 7.62
C ILE A 246 14.79 -35.72 8.91
N TYR A 247 14.00 -34.96 9.66
CA TYR A 247 13.17 -35.46 10.77
C TYR A 247 11.77 -35.65 10.22
N ILE A 248 11.07 -36.68 10.69
CA ILE A 248 9.67 -36.93 10.25
C ILE A 248 8.82 -36.94 11.49
N ASP A 249 7.61 -36.44 11.33
CA ASP A 249 6.62 -36.31 12.40
C ASP A 249 5.45 -37.26 12.06
N ILE A 250 5.20 -38.17 12.98
CA ILE A 250 4.13 -39.18 12.91
C ILE A 250 2.97 -38.62 13.71
N THR A 251 1.76 -38.67 13.17
CA THR A 251 0.57 -38.11 13.86
C THR A 251 -0.12 -39.24 14.62
N ALA A 252 -0.40 -39.04 15.91
CA ALA A 252 -1.19 -39.93 16.75
C ALA A 252 -2.67 -39.59 16.47
N PHE A 253 -3.14 -39.96 15.29
CA PHE A 253 -4.56 -39.96 14.87
C PHE A 253 -5.33 -40.78 15.92
N PRO A 254 -6.58 -40.42 16.24
CA PRO A 254 -7.46 -41.37 16.94
C PRO A 254 -7.72 -42.56 16.00
N ASP A 255 -8.17 -43.71 16.50
CA ASP A 255 -8.29 -44.98 15.72
C ASP A 255 -9.21 -44.78 14.49
N ASP A 256 -10.26 -43.95 14.59
CA ASP A 256 -11.21 -43.56 13.52
C ASP A 256 -10.50 -42.99 12.28
N ALA A 257 -9.50 -42.12 12.48
CA ALA A 257 -8.90 -41.21 11.47
C ALA A 257 -7.69 -41.87 10.75
N VAL A 258 -7.30 -43.11 11.13
CA VAL A 258 -6.12 -43.83 10.57
C VAL A 258 -6.31 -44.13 9.06
N ASP A 259 -7.56 -44.36 8.59
CA ASP A 259 -7.95 -44.69 7.18
C ASP A 259 -7.02 -45.81 6.68
N ASP A 260 -6.31 -45.59 5.56
CA ASP A 260 -5.47 -46.60 4.86
C ASP A 260 -4.01 -46.51 5.31
N GLY A 261 -3.73 -45.86 6.43
CA GLY A 261 -2.34 -45.64 6.86
C GLY A 261 -2.02 -46.46 8.09
N TRP A 262 -1.08 -45.97 8.88
CA TRP A 262 -0.63 -46.60 10.12
C TRP A 262 -1.05 -45.71 11.27
N SER A 263 -1.45 -46.29 12.39
CA SER A 263 -1.52 -45.55 13.68
C SER A 263 -0.08 -45.08 14.00
N ALA A 264 0.06 -44.11 14.89
CA ALA A 264 1.40 -43.68 15.33
C ALA A 264 2.16 -44.90 15.89
N ALA A 265 1.48 -45.72 16.68
CA ALA A 265 2.06 -46.92 17.32
C ALA A 265 2.61 -47.86 16.24
N GLU A 266 1.79 -48.19 15.24
CA GLU A 266 2.22 -49.13 14.16
C GLU A 266 3.39 -48.51 13.42
N ALA A 267 3.34 -47.21 13.14
CA ALA A 267 4.38 -46.52 12.33
C ALA A 267 5.70 -46.57 13.10
N LEU A 268 5.67 -46.28 14.40
CA LEU A 268 6.93 -46.24 15.17
C LEU A 268 7.51 -47.66 15.30
N LEU A 269 6.67 -48.67 15.55
CA LEU A 269 7.13 -50.09 15.61
C LEU A 269 7.74 -50.48 14.27
N LEU A 270 7.11 -50.08 13.16
CA LEU A 270 7.63 -50.43 11.82
C LEU A 270 8.96 -49.71 11.57
N ALA A 271 9.09 -48.43 11.93
CA ALA A 271 10.38 -47.71 11.78
C ALA A 271 11.48 -48.45 12.56
N LYS A 272 11.19 -48.87 13.78
CA LYS A 272 12.16 -49.62 14.62
C LYS A 272 12.54 -50.93 13.91
N GLU A 273 11.56 -51.72 13.48
CA GLU A 273 11.80 -53.01 12.77
C GLU A 273 12.68 -52.76 11.54
N ARG A 274 12.50 -51.65 10.82
CA ARG A 274 13.30 -51.38 9.60
C ARG A 274 14.70 -50.85 9.94
N GLY A 275 15.03 -50.61 11.20
CA GLY A 275 16.35 -50.05 11.56
C GLY A 275 16.47 -48.57 11.23
N CYS A 276 15.36 -47.84 11.13
CA CYS A 276 15.37 -46.37 10.94
C CYS A 276 15.98 -45.68 12.17
N PRO A 277 16.60 -44.49 11.98
CA PRO A 277 17.13 -43.72 13.11
C PRO A 277 16.00 -43.05 13.90
N LEU A 278 15.59 -43.67 15.01
CA LEU A 278 14.42 -43.22 15.78
C LEU A 278 14.67 -41.82 16.37
N LYS A 279 15.91 -41.35 16.52
CA LYS A 279 16.17 -40.00 17.10
C LYS A 279 15.66 -38.91 16.14
N GLN A 280 15.40 -39.25 14.88
CA GLN A 280 14.90 -38.34 13.82
C GLN A 280 13.37 -38.46 13.68
N ILE A 281 12.70 -39.15 14.61
CA ILE A 281 11.24 -39.39 14.52
C ILE A 281 10.58 -38.77 15.73
N THR A 282 9.54 -37.98 15.49
CA THR A 282 8.72 -37.34 16.55
C THR A 282 7.28 -37.80 16.36
N ILE A 283 6.47 -37.66 17.41
CA ILE A 283 5.03 -37.93 17.39
C ILE A 283 4.33 -36.67 17.91
N SER A 284 3.22 -36.31 17.28
CA SER A 284 2.38 -35.16 17.66
C SER A 284 0.92 -35.58 17.58
N SER A 285 0.01 -34.83 18.20
CA SER A 285 -1.38 -35.27 18.43
C SER A 285 -2.34 -34.63 17.41
N ASP A 286 -2.00 -33.51 16.83
CA ASP A 286 -3.00 -32.68 16.12
C ASP A 286 -4.17 -32.27 17.05
N GLY A 287 -3.91 -31.99 18.32
CA GLY A 287 -4.92 -31.50 19.28
C GLY A 287 -5.64 -30.25 18.76
N GLY A 288 -6.96 -30.16 18.92
CA GLY A 288 -7.79 -29.04 18.43
C GLY A 288 -8.16 -29.14 16.97
N GLY A 289 -7.56 -30.10 16.25
CA GLY A 289 -7.87 -30.40 14.84
C GLY A 289 -9.27 -30.94 14.76
N CYS A 290 -10.00 -30.62 13.69
CA CYS A 290 -11.41 -31.06 13.54
C CYS A 290 -11.41 -32.55 13.22
N MET A 291 -12.23 -33.34 13.93
CA MET A 291 -12.31 -34.83 13.80
C MET A 291 -13.73 -35.22 13.39
N PRO A 292 -14.06 -35.28 12.07
CA PRO A 292 -15.36 -35.74 11.61
C PRO A 292 -15.56 -37.26 11.85
N ALA A 293 -16.78 -37.66 12.21
CA ALA A 293 -17.27 -39.06 12.31
C ALA A 293 -18.15 -39.35 11.09
N PHE A 294 -17.91 -40.49 10.41
CA PHE A 294 -18.52 -40.85 9.10
C PHE A 294 -19.50 -42.03 9.26
N ALA A 299 -20.89 -40.47 5.19
CA ALA A 299 -21.59 -39.19 5.48
C ALA A 299 -21.08 -38.62 6.83
N VAL A 300 -20.94 -37.28 6.95
CA VAL A 300 -20.59 -36.55 8.22
C VAL A 300 -21.82 -36.54 9.15
N VAL A 301 -21.74 -37.27 10.27
CA VAL A 301 -22.89 -37.54 11.19
C VAL A 301 -22.54 -37.07 12.62
N ALA A 302 -21.27 -36.85 12.92
CA ALA A 302 -20.83 -36.30 14.22
C ALA A 302 -19.53 -35.50 14.04
N MET A 303 -19.26 -34.58 14.96
CA MET A 303 -18.05 -33.73 14.96
C MET A 303 -17.44 -33.74 16.35
N ASP A 304 -16.15 -34.04 16.41
CA ASP A 304 -15.30 -33.86 17.61
C ASP A 304 -14.00 -33.16 17.18
N PHE A 305 -13.06 -32.99 18.12
CA PHE A 305 -11.71 -32.46 17.86
C PHE A 305 -10.65 -33.36 18.51
N GLY A 306 -9.46 -33.36 17.91
CA GLY A 306 -8.24 -34.07 18.35
C GLY A 306 -7.83 -33.68 19.76
N ARG A 307 -7.28 -34.64 20.50
CA ARG A 307 -6.81 -34.50 21.89
C ARG A 307 -5.39 -35.03 22.02
N SER A 308 -4.65 -34.39 22.93
CA SER A 308 -3.26 -34.77 23.26
C SER A 308 -3.23 -36.13 23.97
N GLU A 309 -4.39 -36.68 24.38
CA GLU A 309 -4.53 -38.02 25.05
C GLU A 309 -3.94 -39.16 24.20
N THR A 310 -3.89 -39.02 22.88
CA THR A 310 -3.37 -40.06 21.96
C THR A 310 -1.86 -40.22 22.14
N LEU A 311 -1.16 -39.24 22.72
CA LEU A 311 0.32 -39.38 22.87
C LEU A 311 0.61 -40.49 23.89
N LEU A 312 0.03 -40.41 25.08
CA LEU A 312 0.24 -41.43 26.12
C LEU A 312 -0.34 -42.76 25.65
N ALA A 313 -1.48 -42.76 24.96
CA ALA A 313 -2.09 -44.00 24.43
C ALA A 313 -1.10 -44.69 23.50
N THR A 314 -0.41 -43.92 22.67
CA THR A 314 0.60 -44.46 21.74
C THR A 314 1.74 -45.08 22.54
N LEU A 315 2.21 -44.37 23.56
CA LEU A 315 3.32 -44.84 24.44
C LEU A 315 2.93 -46.18 25.07
N LYS A 316 1.71 -46.30 25.58
CA LYS A 316 1.22 -47.56 26.21
C LYS A 316 1.15 -48.68 25.18
N THR A 317 0.62 -48.39 23.97
CA THR A 317 0.49 -49.39 22.90
C THR A 317 1.87 -49.97 22.55
N VAL A 318 2.87 -49.13 22.28
CA VAL A 318 4.15 -49.66 21.73
C VAL A 318 4.92 -50.36 22.86
N THR A 319 4.83 -49.87 24.09
CA THR A 319 5.56 -50.49 25.24
C THR A 319 4.96 -51.87 25.54
N ALA A 320 3.64 -52.03 25.41
CA ALA A 320 2.95 -53.32 25.60
C ALA A 320 3.44 -54.31 24.54
N GLN A 321 3.94 -53.85 23.39
CA GLN A 321 4.42 -54.75 22.32
C GLN A 321 5.93 -54.89 22.38
N GLY A 322 6.57 -54.44 23.45
CA GLY A 322 8.01 -54.73 23.68
C GLY A 322 8.94 -53.60 23.28
N MET A 323 8.45 -52.45 22.77
CA MET A 323 9.36 -51.30 22.58
C MET A 323 9.78 -50.72 23.93
N ALA A 324 11.07 -50.40 24.07
CA ALA A 324 11.63 -49.76 25.28
C ALA A 324 10.96 -48.39 25.51
N LEU A 325 10.66 -48.08 26.76
CA LEU A 325 10.00 -46.80 27.12
C LEU A 325 10.81 -45.64 26.54
N GLU A 326 12.14 -45.69 26.61
CA GLU A 326 12.99 -44.53 26.24
C GLU A 326 12.85 -44.27 24.74
N ASP A 327 12.57 -45.27 23.91
CA ASP A 327 12.48 -45.12 22.43
C ASP A 327 11.27 -44.25 22.09
N VAL A 328 10.10 -44.61 22.62
CA VAL A 328 8.87 -43.84 22.31
C VAL A 328 8.90 -42.53 23.09
N LEU A 329 9.38 -42.52 24.32
CA LEU A 329 9.41 -41.29 25.15
C LEU A 329 10.27 -40.22 24.45
N SER A 330 11.38 -40.62 23.83
CA SER A 330 12.27 -39.68 23.12
C SER A 330 11.52 -38.98 21.98
N SER A 331 10.62 -39.71 21.31
CA SER A 331 9.82 -39.20 20.18
C SER A 331 8.83 -38.14 20.65
N LEU A 332 8.56 -38.05 21.94
CA LEU A 332 7.62 -37.09 22.56
C LEU A 332 8.36 -35.99 23.31
N THR A 333 9.68 -36.10 23.47
CA THR A 333 10.46 -35.26 24.41
C THR A 333 11.74 -34.80 23.73
N ALA A 334 12.83 -35.51 23.94
CA ALA A 334 14.19 -35.05 23.59
C ALA A 334 14.29 -34.87 22.07
N ASN A 335 13.69 -35.73 21.26
CA ASN A 335 13.84 -35.63 19.79
C ASN A 335 13.21 -34.31 19.32
N VAL A 336 12.05 -33.97 19.87
CA VAL A 336 11.30 -32.75 19.51
C VAL A 336 12.14 -31.54 19.94
N ALA A 337 12.64 -31.54 21.17
CA ALA A 337 13.45 -30.43 21.72
C ALA A 337 14.73 -30.26 20.90
N HIS A 338 15.31 -31.33 20.41
CA HIS A 338 16.54 -31.28 19.59
C HIS A 338 16.23 -30.63 18.24
N LEU A 339 15.22 -31.13 17.52
CA LEU A 339 14.85 -30.58 16.21
C LEU A 339 14.47 -29.11 16.37
N LEU A 340 13.68 -28.78 17.39
CA LEU A 340 13.09 -27.42 17.51
C LEU A 340 14.04 -26.49 18.27
N ARG A 341 15.22 -26.95 18.66
CA ARG A 341 16.25 -26.11 19.33
C ARG A 341 15.64 -25.49 20.59
N LEU A 342 15.04 -26.32 21.42
CA LEU A 342 14.49 -25.94 22.75
C LEU A 342 15.40 -26.56 23.82
N PRO A 343 16.59 -25.99 24.10
CA PRO A 343 17.53 -26.65 25.02
C PRO A 343 17.03 -26.77 26.46
N ALA A 344 16.02 -26.02 26.87
CA ALA A 344 15.45 -26.09 28.23
C ALA A 344 14.39 -27.18 28.33
N LYS A 345 14.01 -27.83 27.23
CA LYS A 345 12.84 -28.75 27.20
C LYS A 345 13.27 -30.17 26.86
N GLY A 346 12.38 -31.14 27.13
CA GLY A 346 12.51 -32.51 26.60
C GLY A 346 13.53 -33.36 27.34
N LYS A 347 14.04 -32.90 28.48
CA LYS A 347 15.16 -33.62 29.16
C LYS A 347 15.06 -33.40 30.67
N ILE A 348 15.35 -34.45 31.43
CA ILE A 348 15.62 -34.30 32.88
C ILE A 348 17.12 -34.12 33.01
N ALA A 349 17.55 -32.87 33.07
CA ALA A 349 18.97 -32.45 33.11
C ALA A 349 19.05 -31.18 33.95
N THR A 350 20.16 -30.99 34.67
CA THR A 350 20.27 -29.82 35.56
C THR A 350 20.28 -28.57 34.67
N GLY A 351 19.57 -27.53 35.11
CA GLY A 351 19.45 -26.27 34.36
C GLY A 351 18.26 -26.29 33.41
N ALA A 352 17.65 -27.43 33.11
CA ALA A 352 16.47 -27.52 32.23
C ALA A 352 15.23 -27.08 32.98
N ASP A 353 14.16 -26.76 32.25
CA ASP A 353 12.87 -26.39 32.86
C ASP A 353 12.32 -27.61 33.61
N ALA A 354 11.69 -27.37 34.75
CA ALA A 354 11.07 -28.39 35.60
C ALA A 354 9.69 -28.74 35.03
N ASP A 355 9.71 -29.36 33.85
CA ASP A 355 8.50 -29.92 33.19
C ASP A 355 8.63 -31.44 33.33
N LEU A 356 7.81 -32.04 34.19
CA LEU A 356 8.01 -33.44 34.63
C LEU A 356 6.65 -34.15 34.72
N LEU A 357 6.65 -35.43 34.36
CA LEU A 357 5.52 -36.37 34.57
C LEU A 357 5.96 -37.44 35.57
N VAL A 358 5.07 -37.78 36.49
CA VAL A 358 5.19 -39.00 37.34
C VAL A 358 4.20 -40.03 36.81
N LEU A 359 4.70 -41.18 36.41
CA LEU A 359 3.88 -42.28 35.82
C LEU A 359 3.67 -43.41 36.83
N ASP A 360 2.50 -44.04 36.78
CA ASP A 360 2.20 -45.35 37.40
C ASP A 360 2.99 -46.44 36.67
N ALA A 361 2.92 -47.67 37.17
CA ALA A 361 3.66 -48.81 36.59
C ALA A 361 3.12 -49.15 35.20
N ASP A 362 1.83 -48.90 34.92
CA ASP A 362 1.22 -49.10 33.58
C ASP A 362 1.41 -47.85 32.70
N TYR A 363 2.15 -46.84 33.17
CA TYR A 363 2.51 -45.58 32.46
C TYR A 363 1.34 -44.59 32.43
N SER A 364 0.28 -44.83 33.19
CA SER A 364 -0.75 -43.79 33.43
C SER A 364 -0.08 -42.59 34.10
N ILE A 365 -0.56 -41.40 33.79
CA ILE A 365 0.01 -40.17 34.38
C ILE A 365 -0.60 -39.98 35.76
N ASN A 366 0.24 -39.84 36.77
CA ASN A 366 -0.24 -39.59 38.14
C ASN A 366 -0.08 -38.11 38.48
N ASP A 367 1.04 -37.50 38.08
CA ASP A 367 1.35 -36.09 38.42
C ASP A 367 1.97 -35.41 37.20
N VAL A 368 1.70 -34.12 37.06
CA VAL A 368 2.24 -33.27 35.97
C VAL A 368 2.72 -31.97 36.60
N MET A 369 3.99 -31.69 36.39
CA MET A 369 4.63 -30.45 36.82
C MET A 369 5.02 -29.66 35.57
N ALA A 370 4.68 -28.37 35.53
CA ALA A 370 5.11 -27.43 34.46
C ALA A 370 5.78 -26.24 35.12
N LEU A 371 7.01 -25.96 34.71
CA LEU A 371 7.84 -24.84 35.22
C LEU A 371 7.82 -24.87 36.75
N GLY A 372 7.95 -26.06 37.34
CA GLY A 372 8.10 -26.19 38.80
C GLY A 372 6.78 -26.14 39.56
N ARG A 373 5.64 -26.04 38.90
CA ARG A 373 4.33 -26.00 39.59
C ARG A 373 3.54 -27.25 39.25
N TRP A 374 2.86 -27.83 40.23
CA TRP A 374 1.97 -28.99 40.00
C TRP A 374 0.69 -28.51 39.30
N HIS A 375 0.39 -29.07 38.14
CA HIS A 375 -0.90 -28.87 37.42
C HIS A 375 -1.81 -30.04 37.75
N LEU A 376 -1.23 -31.23 37.85
CA LEU A 376 -1.96 -32.47 38.19
C LEU A 376 -1.21 -33.16 39.33
N ARG A 377 -1.95 -33.57 40.36
CA ARG A 377 -1.35 -34.21 41.57
C ARG A 377 -2.30 -35.36 41.95
N ASP A 378 -1.81 -36.59 41.92
CA ASP A 378 -2.62 -37.81 42.22
C ASP A 378 -3.86 -37.79 41.32
N LYS A 379 -3.67 -37.48 40.04
CA LYS A 379 -4.71 -37.54 38.98
C LYS A 379 -5.81 -36.49 39.22
N ALA A 380 -5.61 -35.51 40.10
CA ALA A 380 -6.56 -34.40 40.28
C ALA A 380 -5.94 -33.12 39.70
N LEU A 381 -6.74 -32.32 38.97
CA LEU A 381 -6.29 -31.02 38.43
C LEU A 381 -6.16 -30.03 39.58
N ILE A 382 -4.98 -29.48 39.77
CA ILE A 382 -4.65 -28.43 40.77
C ILE A 382 -4.76 -27.07 40.06
N MET A 383 -4.37 -27.01 38.79
CA MET A 383 -4.39 -25.77 37.98
C MET A 383 -5.18 -26.06 36.71
N LYS A 384 -6.00 -25.12 36.29
CA LYS A 384 -6.85 -25.27 35.09
C LYS A 384 -6.90 -23.92 34.36
N GLY A 385 -7.47 -23.93 33.15
CA GLY A 385 -7.63 -22.71 32.36
C GLY A 385 -8.59 -21.75 33.01
N THR A 386 -8.49 -20.49 32.63
CA THR A 386 -9.27 -19.37 33.19
C THR A 386 -10.78 -19.69 33.16
N PHE A 387 -11.28 -20.33 32.11
CA PHE A 387 -12.73 -20.52 31.91
C PHE A 387 -13.13 -21.98 32.09
N GLU A 388 -12.30 -22.85 32.65
CA GLU A 388 -12.66 -24.30 32.77
C GLU A 388 -13.61 -24.55 33.97
N THR B 2 23.76 -25.77 37.58
CA THR B 2 24.47 -24.77 38.45
C THR B 2 24.23 -25.10 39.93
N GLY B 3 22.96 -25.28 40.32
CA GLY B 3 22.61 -25.39 41.75
C GLY B 3 22.62 -24.01 42.42
N LEU B 4 22.72 -23.97 43.74
CA LEU B 4 22.23 -22.84 44.56
C LEU B 4 23.37 -21.90 44.84
N THR B 5 23.07 -20.62 44.98
CA THR B 5 24.01 -19.61 45.49
C THR B 5 23.44 -19.11 46.81
N ILE B 6 24.28 -19.07 47.84
CA ILE B 6 23.84 -18.57 49.16
C ILE B 6 24.69 -17.36 49.50
N LEU B 7 23.98 -16.28 49.81
CA LEU B 7 24.59 -14.99 50.20
C LEU B 7 24.26 -14.80 51.67
N ARG B 8 25.25 -14.95 52.54
CA ARG B 8 25.05 -14.92 54.01
C ARG B 8 25.33 -13.50 54.48
N ASN B 9 24.64 -13.09 55.53
CA ASN B 9 24.99 -11.88 56.32
C ASN B 9 24.94 -10.66 55.41
N ALA B 10 23.86 -10.56 54.64
CA ALA B 10 23.58 -9.40 53.78
C ALA B 10 22.85 -8.38 54.65
N ASN B 11 23.25 -7.13 54.58
CA ASN B 11 22.43 -6.00 55.08
C ASN B 11 21.42 -5.60 53.97
N VAL B 12 20.22 -6.12 54.01
CA VAL B 12 19.27 -6.05 52.86
C VAL B 12 18.53 -4.72 52.82
N TYR B 13 18.65 -4.04 51.70
CA TYR B 13 17.77 -2.91 51.28
C TYR B 13 16.93 -3.41 50.10
N ALA B 14 15.65 -3.63 50.31
CA ALA B 14 14.84 -4.51 49.43
C ALA B 14 13.98 -3.78 48.40
N PRO B 15 13.94 -2.44 48.21
CA PRO B 15 14.89 -1.47 48.74
C PRO B 15 14.69 -0.94 50.17
N GLN B 16 13.54 -1.19 50.81
CA GLN B 16 13.33 -0.82 52.23
C GLN B 16 14.25 -1.66 53.11
N PRO B 17 14.82 -1.11 54.20
CA PRO B 17 15.78 -1.87 55.03
C PRO B 17 15.07 -3.02 55.75
N LEU B 18 15.60 -4.24 55.62
CA LEU B 18 15.07 -5.46 56.28
C LEU B 18 16.05 -5.93 57.36
N GLY B 19 17.23 -5.35 57.47
CA GLY B 19 18.30 -5.83 58.38
C GLY B 19 19.07 -7.00 57.80
N LEU B 20 19.71 -7.78 58.68
CA LEU B 20 20.61 -8.87 58.28
C LEU B 20 19.80 -10.04 57.74
N LYS B 21 20.17 -10.61 56.61
CA LYS B 21 19.46 -11.80 56.08
C LYS B 21 20.44 -12.67 55.32
N THR B 22 20.12 -13.95 55.24
CA THR B 22 20.70 -14.89 54.27
C THR B 22 19.76 -14.90 53.06
N VAL B 23 20.31 -14.82 51.87
CA VAL B 23 19.52 -14.82 50.60
C VAL B 23 19.95 -16.04 49.80
N LEU B 24 18.98 -16.86 49.43
CA LEU B 24 19.21 -18.08 48.62
C LEU B 24 18.74 -17.81 47.19
N VAL B 25 19.58 -18.12 46.23
CA VAL B 25 19.33 -17.85 44.79
C VAL B 25 19.45 -19.16 44.03
N GLY B 26 18.52 -19.43 43.12
CA GLY B 26 18.64 -20.55 42.18
C GLY B 26 17.64 -20.43 41.05
N GLY B 27 17.95 -21.04 39.91
CA GLY B 27 17.12 -20.91 38.70
C GLY B 27 16.90 -19.46 38.31
N GLY B 28 17.83 -18.57 38.66
CA GLY B 28 17.78 -17.14 38.29
C GLY B 28 16.88 -16.32 39.22
N LYS B 29 16.35 -16.92 40.29
CA LYS B 29 15.34 -16.31 41.16
C LYS B 29 15.84 -16.27 42.61
N ILE B 30 15.25 -15.39 43.40
CA ILE B 30 15.39 -15.34 44.88
C ILE B 30 14.45 -16.39 45.46
N LEU B 31 15.01 -17.44 46.04
CA LEU B 31 14.24 -18.61 46.56
C LEU B 31 13.93 -18.45 48.04
N ALA B 32 14.76 -17.73 48.81
CA ALA B 32 14.53 -17.51 50.25
C ALA B 32 15.27 -16.25 50.72
N ILE B 33 14.66 -15.58 51.67
CA ILE B 33 15.24 -14.45 52.43
C ILE B 33 14.97 -14.78 53.90
N THR B 34 15.99 -15.07 54.69
CA THR B 34 15.76 -15.74 55.99
C THR B 34 16.79 -15.26 57.03
N ASP B 35 16.37 -15.31 58.30
CA ASP B 35 17.25 -15.13 59.47
C ASP B 35 18.12 -16.39 59.64
N GLU B 36 17.69 -17.53 59.12
CA GLU B 36 18.33 -18.84 59.39
C GLU B 36 19.68 -18.89 58.66
N ALA B 37 20.71 -19.42 59.32
CA ALA B 37 22.02 -19.74 58.74
C ALA B 37 21.90 -21.06 57.99
N LEU B 38 21.31 -21.04 56.80
CA LEU B 38 20.93 -22.26 56.04
C LEU B 38 22.14 -23.17 55.92
N GLU B 39 21.94 -24.43 56.26
CA GLU B 39 22.95 -25.50 56.02
C GLU B 39 22.46 -26.33 54.84
N LEU B 40 23.20 -26.34 53.74
CA LEU B 40 22.81 -27.05 52.51
C LEU B 40 23.87 -28.10 52.21
N PRO B 41 23.53 -29.19 51.51
CA PRO B 41 24.53 -30.12 51.02
C PRO B 41 25.48 -29.43 50.03
N ALA B 42 26.78 -29.63 50.20
CA ALA B 42 27.82 -28.96 49.41
C ALA B 42 27.65 -29.29 47.93
N SER B 43 27.16 -30.50 47.62
CA SER B 43 27.06 -31.02 46.22
C SER B 43 26.10 -30.15 45.38
N ILE B 44 25.13 -29.43 45.97
CA ILE B 44 24.11 -28.63 45.23
C ILE B 44 24.39 -27.13 45.34
N VAL B 45 25.49 -26.73 45.97
CA VAL B 45 25.83 -25.31 46.18
C VAL B 45 26.92 -24.92 45.18
N ALA B 46 26.61 -24.00 44.28
CA ALA B 46 27.58 -23.40 43.34
C ALA B 46 28.49 -22.43 44.11
N ASP B 47 27.93 -21.61 44.98
CA ASP B 47 28.66 -20.49 45.62
C ASP B 47 28.10 -20.27 47.01
N ASP B 48 28.97 -20.32 48.02
CA ASP B 48 28.60 -20.04 49.42
C ASP B 48 29.40 -18.79 49.82
N ILE B 49 28.75 -17.64 49.89
CA ILE B 49 29.48 -16.35 50.08
C ILE B 49 29.01 -15.69 51.34
N ASP B 50 29.94 -15.30 52.20
CA ASP B 50 29.67 -14.44 53.38
C ASP B 50 29.85 -12.99 52.94
N LEU B 51 28.79 -12.21 52.87
CA LEU B 51 28.88 -10.80 52.45
C LEU B 51 29.39 -9.92 53.60
N GLN B 52 29.49 -10.47 54.81
CA GLN B 52 30.17 -9.80 55.97
C GLN B 52 29.49 -8.47 56.21
N GLY B 53 28.16 -8.43 56.10
CA GLY B 53 27.38 -7.23 56.46
C GLY B 53 27.37 -6.16 55.40
N ARG B 54 27.87 -6.45 54.20
CA ARG B 54 27.72 -5.52 53.06
C ARG B 54 26.23 -5.34 52.74
N ILE B 55 25.90 -4.17 52.23
CA ILE B 55 24.55 -3.80 51.76
C ILE B 55 24.26 -4.58 50.47
N LEU B 56 23.07 -5.16 50.42
CA LEU B 56 22.55 -5.93 49.25
C LEU B 56 21.31 -5.17 48.77
N THR B 57 21.30 -4.75 47.51
CA THR B 57 20.17 -3.99 46.93
C THR B 57 19.67 -4.70 45.69
N PRO B 58 18.47 -4.37 45.21
CA PRO B 58 18.03 -4.80 43.88
C PRO B 58 18.94 -4.12 42.86
N GLY B 59 19.11 -4.75 41.70
CA GLY B 59 19.77 -4.08 40.57
C GLY B 59 19.00 -2.86 40.13
N PHE B 60 19.70 -1.86 39.60
CA PHE B 60 19.07 -0.63 39.06
C PHE B 60 18.34 -0.96 37.74
N ILE B 61 17.21 -0.30 37.55
CA ILE B 61 16.40 -0.34 36.32
C ILE B 61 16.54 1.03 35.69
N ASP B 62 17.31 1.10 34.61
CA ASP B 62 17.55 2.36 33.86
C ASP B 62 16.54 2.40 32.71
N ALA B 63 15.47 3.14 32.88
CA ALA B 63 14.29 3.09 31.98
C ALA B 63 14.41 4.09 30.85
N HIS B 64 15.55 4.72 30.67
CA HIS B 64 15.79 5.69 29.56
C HIS B 64 17.22 5.53 29.08
N ALA B 65 17.46 4.60 28.17
CA ALA B 65 18.80 4.38 27.60
C ALA B 65 18.70 4.18 26.10
N HIS B 66 19.71 4.72 25.39
CA HIS B 66 19.81 4.55 23.96
C HIS B 66 20.69 3.33 23.74
N ILE B 67 20.12 2.16 23.90
CA ILE B 67 20.88 0.89 23.83
C ILE B 67 21.53 0.75 22.44
N THR B 68 20.94 1.29 21.38
CA THR B 68 21.53 1.22 20.00
C THR B 68 22.60 2.30 19.84
N GLY B 69 22.74 3.18 20.82
CA GLY B 69 23.41 4.47 20.65
C GLY B 69 22.41 5.51 20.18
N GLY B 70 22.56 6.73 20.68
CA GLY B 70 21.76 7.87 20.22
C GLY B 70 22.57 8.73 19.27
N GLY B 71 22.49 10.04 19.47
CA GLY B 71 23.17 11.02 18.62
C GLY B 71 22.59 11.09 17.23
N GLY B 72 23.36 11.65 16.32
CA GLY B 72 22.90 11.93 14.94
C GLY B 72 22.17 13.26 14.87
N GLU B 73 22.20 14.06 15.94
CA GLU B 73 21.52 15.38 15.98
C GLU B 73 22.41 16.50 15.45
N ALA B 74 23.71 16.27 15.27
CA ALA B 74 24.65 17.26 14.74
C ALA B 74 25.56 16.59 13.69
N GLY B 75 24.98 15.92 12.70
CA GLY B 75 25.74 15.22 11.67
C GLY B 75 25.76 13.73 11.91
N PHE B 76 25.90 12.98 10.83
CA PHE B 76 25.90 11.51 10.84
C PHE B 76 27.07 10.95 11.66
N ALA B 77 28.19 11.67 11.75
CA ALA B 77 29.37 11.20 12.52
C ALA B 77 29.03 11.11 14.01
N THR B 78 27.98 11.79 14.48
CA THR B 78 27.61 11.80 15.93
C THR B 78 26.68 10.63 16.25
N GLN B 79 26.43 9.69 15.34
CA GLN B 79 25.75 8.41 15.69
C GLN B 79 26.62 7.67 16.72
N VAL B 80 26.09 7.50 17.93
CA VAL B 80 26.79 6.79 19.03
C VAL B 80 26.74 5.29 18.76
N PRO B 81 27.83 4.55 19.01
CA PRO B 81 27.81 3.09 18.90
C PRO B 81 26.88 2.47 19.95
N PRO B 82 26.39 1.24 19.70
CA PRO B 82 25.59 0.54 20.69
C PRO B 82 26.34 0.45 22.03
N VAL B 83 25.61 0.57 23.13
CA VAL B 83 26.20 0.53 24.48
C VAL B 83 26.58 -0.92 24.79
N PRO B 84 27.88 -1.20 25.06
CA PRO B 84 28.29 -2.54 25.42
C PRO B 84 27.70 -2.96 26.78
N LEU B 85 27.47 -4.26 26.94
CA LEU B 85 26.88 -4.87 28.16
C LEU B 85 27.51 -4.27 29.42
N SER B 86 28.85 -4.25 29.53
CA SER B 86 29.54 -3.86 30.78
C SER B 86 29.28 -2.41 31.12
N GLN B 87 28.90 -1.57 30.14
CA GLN B 87 28.60 -0.14 30.40
C GLN B 87 27.21 -0.02 31.03
N PHE B 88 26.47 -1.13 31.18
CA PHE B 88 25.29 -1.20 32.08
C PHE B 88 25.67 -1.89 33.39
N THR B 89 26.14 -3.14 33.29
CA THR B 89 26.28 -4.05 34.46
C THR B 89 27.31 -3.52 35.46
N ALA B 90 28.46 -2.99 35.00
CA ALA B 90 29.52 -2.50 35.90
C ALA B 90 29.01 -1.31 36.71
N PHE B 91 27.93 -0.66 36.28
CA PHE B 91 27.35 0.53 36.96
C PHE B 91 26.06 0.16 37.69
N GLY B 92 25.80 -1.14 37.85
CA GLY B 92 24.69 -1.63 38.67
C GLY B 92 23.37 -1.74 37.90
N VAL B 93 23.38 -1.51 36.60
CA VAL B 93 22.14 -1.60 35.77
C VAL B 93 21.98 -3.04 35.31
N THR B 94 20.97 -3.72 35.85
CA THR B 94 20.67 -5.13 35.53
C THR B 94 19.46 -5.21 34.59
N THR B 95 18.66 -4.16 34.51
CA THR B 95 17.52 -4.04 33.57
C THR B 95 17.62 -2.68 32.90
N VAL B 96 17.53 -2.67 31.57
CA VAL B 96 17.49 -1.40 30.80
C VAL B 96 16.22 -1.36 29.98
N VAL B 97 15.66 -0.17 29.79
CA VAL B 97 14.57 0.05 28.81
C VAL B 97 15.09 0.97 27.73
N GLY B 98 15.25 0.44 26.53
CA GLY B 98 15.85 1.15 25.40
C GLY B 98 14.83 2.00 24.67
N LEU B 99 15.30 3.05 24.02
CA LEU B 99 14.44 3.92 23.20
C LEU B 99 15.27 4.53 22.08
N LEU B 100 14.56 4.93 21.04
CA LEU B 100 15.07 5.88 20.02
C LEU B 100 14.76 7.29 20.51
N GLY B 101 15.67 8.20 20.17
CA GLY B 101 15.50 9.64 20.42
C GLY B 101 15.32 10.40 19.13
N THR B 102 16.03 11.51 19.00
CA THR B 102 15.82 12.48 17.91
C THR B 102 15.97 11.78 16.56
N ASP B 103 16.96 10.90 16.43
CA ASP B 103 17.10 10.13 15.16
C ASP B 103 16.23 8.87 15.27
N ASP B 104 14.97 9.00 14.89
CA ASP B 104 14.05 7.86 14.65
C ASP B 104 13.78 7.80 13.15
N THR B 105 14.70 8.34 12.36
CA THR B 105 14.63 8.30 10.87
C THR B 105 15.58 7.22 10.36
N THR B 106 16.88 7.27 10.66
CA THR B 106 17.85 6.26 10.19
C THR B 106 17.78 5.02 11.09
N ARG B 107 17.37 5.19 12.34
CA ARG B 107 17.25 4.08 13.32
C ARG B 107 15.79 3.63 13.35
N SER B 108 15.60 2.33 13.48
CA SER B 108 14.29 1.67 13.39
C SER B 108 13.98 0.96 14.69
N THR B 109 12.71 0.62 14.89
CA THR B 109 12.28 -0.21 16.02
C THR B 109 12.92 -1.60 15.90
N GLY B 110 13.17 -2.09 14.68
CA GLY B 110 13.86 -3.39 14.50
C GLY B 110 15.29 -3.33 15.01
N ASN B 111 15.99 -2.21 14.78
CA ASN B 111 17.33 -1.99 15.36
C ASN B 111 17.21 -2.12 16.88
N LEU B 112 16.23 -1.45 17.46
CA LEU B 112 16.10 -1.31 18.93
C LEU B 112 15.74 -2.68 19.53
N LEU B 113 14.74 -3.35 18.98
CA LEU B 113 14.26 -4.64 19.53
C LEU B 113 15.34 -5.70 19.36
N SER B 114 16.06 -5.72 18.25
CA SER B 114 17.13 -6.70 18.05
C SER B 114 18.25 -6.46 19.08
N ARG B 115 18.53 -5.21 19.46
CA ARG B 115 19.55 -4.96 20.49
C ARG B 115 19.03 -5.40 21.87
N VAL B 116 17.74 -5.24 22.15
CA VAL B 116 17.11 -5.81 23.37
C VAL B 116 17.44 -7.30 23.42
N TYR B 117 17.21 -8.04 22.35
CA TYR B 117 17.46 -9.50 22.33
C TYR B 117 18.95 -9.77 22.48
N GLY B 118 19.82 -8.94 21.92
CA GLY B 118 21.28 -9.10 22.08
C GLY B 118 21.68 -8.97 23.55
N LEU B 119 21.16 -7.97 24.25
CA LEU B 119 21.48 -7.76 25.68
C LEU B 119 20.90 -8.92 26.51
N ARG B 120 19.73 -9.43 26.16
CA ARG B 120 19.14 -10.60 26.87
C ARG B 120 20.03 -11.81 26.64
N GLU B 121 20.52 -12.05 25.42
CA GLU B 121 21.38 -13.20 25.14
C GLU B 121 22.67 -13.07 25.97
N GLU B 122 23.15 -11.87 26.25
CA GLU B 122 24.42 -11.65 26.99
C GLU B 122 24.18 -11.68 28.50
N GLY B 123 22.94 -11.84 28.96
CA GLY B 123 22.62 -12.20 30.34
C GLY B 123 22.06 -11.07 31.19
N MET B 124 21.77 -9.90 30.64
CA MET B 124 21.01 -8.89 31.42
C MET B 124 19.55 -8.91 31.01
N SER B 125 18.73 -8.04 31.60
CA SER B 125 17.31 -7.90 31.26
C SER B 125 17.13 -6.61 30.48
N ALA B 126 16.26 -6.65 29.47
CA ALA B 126 16.06 -5.47 28.59
C ALA B 126 14.66 -5.48 28.03
N TYR B 127 14.12 -4.27 27.97
CA TYR B 127 12.80 -3.95 27.39
C TYR B 127 13.03 -2.75 26.48
N CYS B 128 12.00 -2.33 25.74
CA CYS B 128 12.13 -1.09 24.99
C CYS B 128 10.78 -0.40 24.84
N TRP B 129 10.88 0.87 24.50
CA TRP B 129 9.78 1.77 24.13
C TRP B 129 9.66 1.73 22.61
N THR B 130 8.45 1.75 22.08
CA THR B 130 8.22 1.90 20.63
C THR B 130 7.83 3.35 20.36
N GLY B 131 7.75 3.71 19.10
CA GLY B 131 7.16 4.98 18.66
C GLY B 131 8.19 6.05 18.39
N GLY B 132 9.16 6.19 19.28
CA GLY B 132 10.17 7.25 19.21
C GLY B 132 9.64 8.66 19.49
N TYR B 133 10.30 9.62 18.89
CA TYR B 133 10.32 11.04 19.28
C TYR B 133 9.32 11.85 18.45
N HIS B 134 9.15 11.47 17.20
CA HIS B 134 8.37 12.20 16.19
C HIS B 134 7.03 11.53 15.89
N TYR B 135 6.18 12.31 15.25
CA TYR B 135 4.87 11.92 14.69
C TYR B 135 4.97 12.06 13.17
N PRO B 136 4.51 11.06 12.39
CA PRO B 136 3.96 9.82 12.93
C PRO B 136 5.01 8.92 13.61
N LEU B 137 4.53 8.02 14.47
CA LEU B 137 5.39 7.15 15.30
C LEU B 137 6.19 6.20 14.41
N THR B 138 7.40 5.89 14.86
CA THR B 138 8.28 4.82 14.33
C THR B 138 7.97 3.55 15.10
N THR B 139 7.42 2.54 14.44
CA THR B 139 7.01 1.27 15.06
C THR B 139 7.52 0.11 14.20
N LEU B 140 7.51 -1.09 14.76
CA LEU B 140 7.96 -2.30 14.06
C LEU B 140 6.83 -2.79 13.16
N MET B 141 5.63 -2.95 13.74
CA MET B 141 4.40 -3.27 13.01
C MET B 141 3.77 -1.95 12.56
N GLY B 142 2.54 -1.98 12.08
CA GLY B 142 1.88 -0.77 11.54
C GLY B 142 1.50 0.24 12.62
N SER B 143 1.44 -0.12 13.89
CA SER B 143 0.95 0.81 14.94
C SER B 143 1.63 0.48 16.28
N ALA B 144 1.65 1.44 17.19
CA ALA B 144 2.18 1.29 18.54
C ALA B 144 1.37 0.23 19.28
N ARG B 145 0.05 0.22 19.11
CA ARG B 145 -0.80 -0.72 19.85
C ARG B 145 -0.43 -2.16 19.43
N GLU B 146 -0.22 -2.41 18.15
CA GLU B 146 0.19 -3.75 17.69
C GLU B 146 1.56 -4.09 18.27
N ASP B 147 2.52 -3.16 18.24
CA ASP B 147 3.88 -3.42 18.77
C ASP B 147 3.77 -3.88 20.23
N ILE B 148 3.01 -3.16 21.04
CA ILE B 148 2.95 -3.43 22.50
C ILE B 148 2.19 -4.73 22.73
N VAL B 149 1.11 -4.97 21.98
CA VAL B 149 0.33 -6.22 22.17
C VAL B 149 1.19 -7.44 21.83
N TYR B 150 1.90 -7.42 20.69
CA TYR B 150 2.48 -8.67 20.13
C TYR B 150 3.95 -8.87 20.51
N MET B 151 4.70 -7.82 20.85
CA MET B 151 6.17 -7.98 21.09
C MET B 151 6.42 -7.89 22.59
N GLU B 152 6.74 -8.99 23.23
CA GLU B 152 6.83 -9.06 24.71
C GLU B 152 7.71 -7.91 25.24
N PRO B 153 8.90 -7.63 24.69
CA PRO B 153 9.79 -6.63 25.28
C PRO B 153 9.35 -5.17 25.14
N ILE B 154 8.35 -4.91 24.30
CA ILE B 154 7.87 -3.52 24.05
C ILE B 154 6.80 -3.17 25.07
N ILE B 155 7.05 -2.14 25.89
CA ILE B 155 6.22 -1.92 27.11
C ILE B 155 5.39 -0.64 27.00
N GLY B 156 5.65 0.20 26.01
CA GLY B 156 4.98 1.50 25.92
C GLY B 156 5.54 2.33 24.81
N VAL B 157 5.16 3.61 24.77
CA VAL B 157 5.59 4.55 23.71
C VAL B 157 6.60 5.52 24.32
N GLY B 158 7.74 5.70 23.66
CA GLY B 158 8.72 6.72 24.04
C GLY B 158 9.92 6.75 23.10
N GLU B 159 10.76 7.78 23.24
CA GLU B 159 10.49 8.94 24.09
C GLU B 159 9.87 10.03 23.22
N PHE B 160 8.60 10.31 23.41
CA PHE B 160 7.79 11.15 22.50
C PHE B 160 7.96 12.60 22.91
N ALA B 161 8.38 13.46 22.00
CA ALA B 161 8.89 14.80 22.37
C ALA B 161 7.72 15.80 22.44
N ILE B 162 7.68 16.58 23.52
CA ILE B 162 6.82 17.77 23.66
C ILE B 162 7.66 18.95 24.18
N SER B 163 7.20 20.16 23.90
CA SER B 163 7.80 21.43 24.34
C SER B 163 9.29 21.45 23.99
N ASP B 164 9.62 21.18 22.73
CA ASP B 164 11.01 21.07 22.25
C ASP B 164 11.05 21.43 20.77
N HIS B 165 12.03 22.21 20.38
CA HIS B 165 12.24 22.63 18.97
C HIS B 165 12.42 21.41 18.05
N ARG B 166 12.84 20.26 18.57
CA ARG B 166 13.03 19.03 17.75
C ARG B 166 11.77 18.17 17.73
N SER B 167 10.70 18.55 18.42
CA SER B 167 9.44 17.78 18.43
C SER B 167 8.79 17.83 17.05
N SER B 168 7.72 17.07 16.87
CA SER B 168 6.85 17.13 15.68
C SER B 168 5.71 18.12 15.93
N GLN B 169 5.82 19.00 16.95
CA GLN B 169 4.75 19.96 17.32
C GLN B 169 3.44 19.20 17.42
N PRO B 170 3.39 18.16 18.29
CA PRO B 170 2.21 17.32 18.39
C PRO B 170 1.03 18.11 18.98
N GLN B 171 -0.15 17.81 18.49
CA GLN B 171 -1.42 18.42 18.93
C GLN B 171 -1.99 17.54 20.05
N PHE B 172 -2.80 18.15 20.88
CA PHE B 172 -3.51 17.48 21.99
C PHE B 172 -4.17 16.18 21.50
N GLU B 173 -4.88 16.24 20.39
CA GLU B 173 -5.69 15.11 19.87
C GLU B 173 -4.75 13.95 19.50
N GLU B 174 -3.60 14.25 18.93
CA GLU B 174 -2.58 13.23 18.57
C GLU B 174 -2.02 12.59 19.84
N VAL B 175 -1.71 13.40 20.85
CA VAL B 175 -1.11 12.91 22.12
C VAL B 175 -2.08 11.97 22.82
N ILE B 176 -3.35 12.34 22.96
CA ILE B 176 -4.28 11.49 23.75
C ILE B 176 -4.63 10.21 22.97
N ARG B 177 -4.59 10.24 21.64
CA ARG B 177 -4.76 9.03 20.81
C ARG B 177 -3.59 8.07 21.07
N ILE B 178 -2.37 8.57 21.04
CA ILE B 178 -1.17 7.73 21.33
C ILE B 178 -1.29 7.17 22.75
N ALA B 179 -1.63 7.99 23.72
CA ALA B 179 -1.78 7.55 25.13
C ALA B 179 -2.84 6.44 25.22
N SER B 180 -3.96 6.59 24.51
CA SER B 180 -5.06 5.60 24.57
C SER B 180 -4.54 4.26 24.03
N ASP B 181 -3.75 4.27 22.96
CA ASP B 181 -3.19 3.04 22.35
C ASP B 181 -2.22 2.37 23.33
N ALA B 182 -1.34 3.14 23.97
CA ALA B 182 -0.38 2.57 24.94
C ALA B 182 -1.16 1.97 26.12
N HIS B 183 -2.15 2.68 26.63
CA HIS B 183 -2.93 2.27 27.83
C HIS B 183 -3.67 0.96 27.54
N VAL B 184 -4.40 0.90 26.42
CA VAL B 184 -5.19 -0.30 26.07
C VAL B 184 -4.23 -1.48 25.91
N ALA B 185 -3.11 -1.30 25.21
CA ALA B 185 -2.15 -2.37 25.00
C ALA B 185 -1.59 -2.85 26.35
N GLY B 186 -1.33 -1.92 27.26
CA GLY B 186 -0.88 -2.23 28.63
C GLY B 186 -1.87 -3.10 29.37
N LEU B 187 -3.15 -2.75 29.34
CA LEU B 187 -4.20 -3.54 30.02
C LEU B 187 -4.24 -4.95 29.41
N MET B 188 -4.14 -5.06 28.09
CA MET B 188 -4.27 -6.37 27.43
C MET B 188 -3.12 -7.29 27.80
N THR B 189 -1.94 -6.74 28.05
CA THR B 189 -0.68 -7.52 28.17
C THR B 189 -0.17 -7.63 29.60
N GLY B 190 -0.62 -6.78 30.50
CA GLY B 190 -0.03 -6.64 31.85
C GLY B 190 1.22 -5.79 31.86
N LYS B 191 1.55 -5.12 30.76
CA LYS B 191 2.79 -4.32 30.66
C LYS B 191 2.50 -2.86 31.00
N ALA B 192 3.56 -2.05 31.06
CA ALA B 192 3.51 -0.66 31.54
C ALA B 192 2.33 0.06 30.89
N GLY B 193 2.29 0.10 29.56
CA GLY B 193 1.19 0.78 28.88
C GLY B 193 1.17 2.27 29.11
N ILE B 194 2.33 2.91 29.08
CA ILE B 194 2.42 4.37 29.32
C ILE B 194 3.18 5.04 28.18
N VAL B 195 3.09 6.37 28.17
CA VAL B 195 3.83 7.23 27.23
C VAL B 195 4.92 7.95 28.04
N HIS B 196 6.15 7.67 27.67
CA HIS B 196 7.37 8.29 28.21
C HIS B 196 7.66 9.51 27.34
N PHE B 197 7.46 10.71 27.87
CA PHE B 197 7.57 11.99 27.12
C PHE B 197 8.93 12.63 27.36
N HIS B 198 9.65 12.92 26.29
CA HIS B 198 10.83 13.81 26.32
C HIS B 198 10.31 15.24 26.49
N LEU B 199 10.74 15.94 27.52
CA LEU B 199 10.49 17.39 27.67
C LEU B 199 11.71 18.15 27.21
N GLY B 200 11.48 19.20 26.43
CA GLY B 200 12.50 20.23 26.15
C GLY B 200 12.32 21.46 27.01
N ASP B 201 12.92 22.55 26.58
CA ASP B 201 12.94 23.84 27.33
C ASP B 201 11.80 24.75 26.90
N GLY B 202 10.87 24.27 26.09
CA GLY B 202 9.73 25.12 25.68
C GLY B 202 8.94 25.61 26.88
N SER B 203 8.50 26.87 26.85
CA SER B 203 7.77 27.50 27.98
C SER B 203 6.37 26.89 28.15
N ARG B 204 5.83 26.16 27.17
CA ARG B 204 4.54 25.44 27.37
C ARG B 204 4.69 24.31 28.37
N LYS B 205 5.91 23.83 28.63
CA LYS B 205 6.18 22.83 29.69
C LYS B 205 5.20 21.66 29.55
N LEU B 206 4.42 21.33 30.59
CA LEU B 206 3.57 20.12 30.65
C LEU B 206 2.12 20.46 30.27
N ALA B 207 1.86 21.56 29.57
CA ALA B 207 0.49 22.00 29.20
C ALA B 207 -0.33 20.86 28.55
N LEU B 208 0.26 20.08 27.63
CA LEU B 208 -0.52 19.03 26.90
C LEU B 208 -0.95 17.96 27.91
N ILE B 209 -0.12 17.65 28.88
CA ILE B 209 -0.41 16.61 29.90
C ILE B 209 -1.46 17.18 30.85
N LYS B 210 -1.38 18.44 31.24
CA LYS B 210 -2.42 19.06 32.11
C LYS B 210 -3.78 18.94 31.42
N ARG B 211 -3.81 19.23 30.14
CA ARG B 211 -5.07 19.17 29.38
C ARG B 211 -5.57 17.70 29.32
N ALA B 212 -4.69 16.74 29.11
CA ALA B 212 -5.08 15.31 29.04
C ALA B 212 -5.67 14.88 30.39
N LEU B 213 -5.08 15.30 31.50
CA LEU B 213 -5.55 14.92 32.86
C LEU B 213 -6.89 15.60 33.13
N ALA B 214 -7.13 16.80 32.63
CA ALA B 214 -8.38 17.54 32.88
C ALA B 214 -9.50 16.99 31.97
N GLU B 215 -9.21 16.59 30.74
CA GLU B 215 -10.27 16.39 29.72
C GLU B 215 -10.52 14.91 29.43
N THR B 216 -9.64 13.99 29.79
CA THR B 216 -9.80 12.56 29.44
C THR B 216 -9.98 11.73 30.70
N GLU B 217 -10.37 10.47 30.52
CA GLU B 217 -10.49 9.47 31.61
C GLU B 217 -9.18 8.70 31.74
N LEU B 218 -8.15 9.00 30.98
CA LEU B 218 -6.90 8.18 31.02
C LEU B 218 -6.29 8.33 32.41
N PRO B 219 -5.86 7.24 33.06
CA PRO B 219 -5.21 7.37 34.36
C PRO B 219 -3.94 8.21 34.24
N ALA B 220 -3.64 8.97 35.29
CA ALA B 220 -2.52 9.90 35.33
C ALA B 220 -1.21 9.16 35.07
N ARG B 221 -1.05 7.92 35.55
CA ARG B 221 0.24 7.20 35.42
C ARG B 221 0.61 6.98 33.94
N VAL B 222 -0.34 7.09 33.01
CA VAL B 222 -0.07 6.89 31.56
C VAL B 222 0.84 8.02 31.05
N PHE B 223 0.84 9.19 31.68
CA PHE B 223 1.61 10.37 31.22
C PHE B 223 2.88 10.50 32.06
N ASN B 224 4.01 10.11 31.50
CA ASN B 224 5.30 9.96 32.24
C ASN B 224 6.36 10.90 31.65
N PRO B 225 6.43 12.17 32.10
CA PRO B 225 7.46 13.10 31.61
C PRO B 225 8.85 12.81 32.18
N THR B 226 9.87 12.92 31.34
CA THR B 226 11.29 12.76 31.70
C THR B 226 12.03 14.08 31.43
N HIS B 227 13.27 14.17 31.90
CA HIS B 227 14.13 15.38 31.93
C HIS B 227 13.43 16.54 32.63
N VAL B 228 12.59 16.28 33.63
CA VAL B 228 11.78 17.36 34.24
C VAL B 228 12.70 18.29 35.04
N ASN B 229 13.92 17.88 35.35
CA ASN B 229 14.94 18.67 36.09
C ASN B 229 15.75 19.57 35.13
N ARG B 230 15.46 19.59 33.83
CA ARG B 230 16.33 20.31 32.87
C ARG B 230 16.19 21.82 33.03
N ASN B 231 15.07 22.33 33.52
CA ASN B 231 14.96 23.77 33.86
C ASN B 231 14.03 23.87 35.07
N LYS B 232 14.14 24.95 35.82
CA LYS B 232 13.54 25.05 37.17
C LYS B 232 12.04 25.24 37.07
N PRO B 233 11.51 26.11 36.18
CA PRO B 233 10.05 26.22 36.05
C PRO B 233 9.38 24.88 35.67
N LEU B 234 10.03 24.10 34.80
CA LEU B 234 9.49 22.77 34.39
C LEU B 234 9.48 21.87 35.63
N PHE B 235 10.57 21.85 36.39
CA PHE B 235 10.66 20.98 37.56
C PHE B 235 9.57 21.35 38.57
N ASP B 236 9.31 22.65 38.77
CA ASP B 236 8.25 23.10 39.71
C ASP B 236 6.90 22.59 39.22
N GLU B 237 6.62 22.69 37.93
CA GLU B 237 5.32 22.22 37.37
C GLU B 237 5.23 20.70 37.52
N ALA B 238 6.31 19.96 37.27
CA ALA B 238 6.33 18.50 37.41
C ALA B 238 6.02 18.12 38.87
N CYS B 239 6.67 18.77 39.84
CA CYS B 239 6.44 18.50 41.29
C CYS B 239 4.97 18.77 41.63
N GLU B 240 4.40 19.89 41.18
CA GLU B 240 2.97 20.21 41.46
C GLU B 240 2.08 19.09 40.90
N MET B 241 2.38 18.55 39.72
CA MET B 241 1.48 17.57 39.06
C MET B 241 1.56 16.20 39.71
N LEU B 242 2.53 15.95 40.60
CA LEU B 242 2.60 14.66 41.33
C LEU B 242 1.30 14.46 42.09
N SER B 243 0.64 15.52 42.54
CA SER B 243 -0.60 15.39 43.34
C SER B 243 -1.71 14.82 42.45
N GLN B 244 -1.62 14.90 41.12
CA GLN B 244 -2.64 14.32 40.21
C GLN B 244 -2.32 12.86 39.88
N GLY B 245 -1.19 12.33 40.33
CA GLY B 245 -0.87 10.90 40.22
C GLY B 245 0.09 10.58 39.08
N ILE B 246 0.67 11.56 38.38
CA ILE B 246 1.72 11.24 37.38
C ILE B 246 2.98 10.77 38.11
N TYR B 247 3.78 9.97 37.43
CA TYR B 247 5.17 9.68 37.81
C TYR B 247 6.07 10.59 36.99
N ILE B 248 7.16 11.06 37.57
CA ILE B 248 8.10 11.96 36.86
C ILE B 248 9.46 11.30 36.93
N ASP B 249 10.20 11.45 35.84
CA ASP B 249 11.53 10.86 35.66
C ASP B 249 12.54 12.01 35.63
N ILE B 250 13.49 11.94 36.54
CA ILE B 250 14.60 12.91 36.69
C ILE B 250 15.80 12.30 35.98
N THR B 251 16.49 13.08 35.16
CA THR B 251 17.66 12.59 34.40
C THR B 251 18.94 12.90 35.18
N ALA B 252 19.77 11.89 35.38
CA ALA B 252 21.10 12.04 36.02
C ALA B 252 22.09 12.55 34.96
N PHE B 253 21.95 13.81 34.60
CA PHE B 253 22.91 14.56 33.75
C PHE B 253 24.28 14.50 34.43
N PRO B 254 25.39 14.43 33.69
CA PRO B 254 26.69 14.72 34.30
C PRO B 254 26.72 16.21 34.71
N ASP B 255 27.60 16.61 35.64
CA ASP B 255 27.62 17.99 36.23
C ASP B 255 27.77 19.06 35.14
N ASP B 256 28.53 18.79 34.07
CA ASP B 256 28.73 19.70 32.88
C ASP B 256 27.42 20.11 32.22
N ALA B 257 26.48 19.16 32.06
CA ALA B 257 25.28 19.26 31.18
C ALA B 257 24.06 19.87 31.90
N VAL B 258 24.18 20.18 33.21
CA VAL B 258 23.06 20.64 34.10
C VAL B 258 22.51 22.01 33.61
N ASP B 259 23.36 22.90 33.06
CA ASP B 259 23.02 24.27 32.58
C ASP B 259 22.17 25.00 33.64
N ASP B 260 20.95 25.43 33.29
CA ASP B 260 20.06 26.24 34.18
C ASP B 260 19.07 25.36 34.95
N GLY B 261 19.30 24.05 35.03
CA GLY B 261 18.37 23.15 35.72
C GLY B 261 18.96 22.65 37.02
N TRP B 262 18.49 21.50 37.48
CA TRP B 262 18.99 20.81 38.68
C TRP B 262 19.69 19.54 38.25
N SER B 263 20.75 19.17 38.95
CA SER B 263 21.28 17.79 38.88
C SER B 263 20.18 16.84 39.38
N ALA B 264 20.27 15.57 39.08
CA ALA B 264 19.29 14.60 39.62
C ALA B 264 19.33 14.67 41.15
N ALA B 265 20.53 14.76 41.73
CA ALA B 265 20.71 14.83 43.20
C ALA B 265 19.97 16.04 43.76
N GLU B 266 20.20 17.22 43.20
CA GLU B 266 19.54 18.47 43.69
C GLU B 266 18.04 18.33 43.53
N ALA B 267 17.56 17.77 42.42
CA ALA B 267 16.11 17.67 42.13
C ALA B 267 15.47 16.75 43.16
N LEU B 268 16.09 15.60 43.43
CA LEU B 268 15.47 14.63 44.37
C LEU B 268 15.49 15.23 45.80
N LEU B 269 16.59 15.86 46.22
CA LEU B 269 16.66 16.53 47.55
C LEU B 269 15.58 17.61 47.64
N LEU B 270 15.38 18.37 46.58
CA LEU B 270 14.37 19.44 46.57
C LEU B 270 12.96 18.84 46.63
N ALA B 271 12.67 17.77 45.88
CA ALA B 271 11.35 17.10 45.96
C ALA B 271 11.10 16.66 47.41
N LYS B 272 12.10 16.07 48.06
CA LYS B 272 11.98 15.62 49.47
C LYS B 272 11.67 16.83 50.36
N GLU B 273 12.44 17.90 50.26
CA GLU B 273 12.24 19.15 51.06
C GLU B 273 10.81 19.67 50.84
N ARG B 274 10.25 19.57 49.63
CA ARG B 274 8.89 20.10 49.36
C ARG B 274 7.81 19.12 49.84
N GLY B 275 8.15 17.95 50.36
CA GLY B 275 7.14 16.96 50.78
C GLY B 275 6.45 16.27 49.59
N CYS B 276 7.09 16.20 48.43
CA CYS B 276 6.55 15.48 47.25
C CYS B 276 6.51 13.98 47.53
N PRO B 277 5.56 13.22 46.91
CA PRO B 277 5.52 11.76 47.06
C PRO B 277 6.67 11.10 46.27
N LEU B 278 7.75 10.76 46.96
CA LEU B 278 8.99 10.25 46.34
C LEU B 278 8.71 8.92 45.62
N LYS B 279 7.67 8.16 45.99
CA LYS B 279 7.40 6.85 45.34
C LYS B 279 6.99 7.06 43.88
N GLN B 280 6.64 8.28 43.49
CA GLN B 280 6.22 8.67 42.12
C GLN B 280 7.41 9.27 41.34
N ILE B 281 8.63 9.18 41.87
CA ILE B 281 9.81 9.80 41.25
C ILE B 281 10.82 8.70 40.92
N THR B 282 11.28 8.70 39.68
CA THR B 282 12.31 7.77 39.18
C THR B 282 13.50 8.60 38.69
N ILE B 283 14.65 7.96 38.58
CA ILE B 283 15.89 8.54 38.02
C ILE B 283 16.37 7.61 36.92
N SER B 284 16.80 8.20 35.80
CA SER B 284 17.35 7.45 34.64
C SER B 284 18.60 8.19 34.17
N SER B 285 19.44 7.54 33.38
CA SER B 285 20.80 8.04 33.04
C SER B 285 20.84 8.69 31.66
N ASP B 286 19.92 8.33 30.77
CA ASP B 286 20.10 8.66 29.32
C ASP B 286 21.43 8.09 28.75
N GLY B 287 21.82 6.88 29.19
CA GLY B 287 23.02 6.20 28.68
C GLY B 287 22.97 6.03 27.16
N GLY B 288 24.09 6.23 26.46
CA GLY B 288 24.18 6.15 24.99
C GLY B 288 23.72 7.42 24.29
N GLY B 289 23.13 8.35 25.03
CA GLY B 289 22.77 9.69 24.52
C GLY B 289 24.03 10.49 24.17
N CYS B 290 24.02 11.29 23.12
CA CYS B 290 25.22 12.02 22.64
C CYS B 290 25.52 13.17 23.62
N MET B 291 26.78 13.30 24.07
CA MET B 291 27.25 14.28 25.10
C MET B 291 28.35 15.19 24.50
N PRO B 292 27.99 16.34 23.88
CA PRO B 292 28.99 17.23 23.27
C PRO B 292 29.86 17.96 24.31
N VAL B 300 33.05 23.76 20.37
CA VAL B 300 32.79 22.29 20.29
C VAL B 300 34.14 21.56 20.19
N VAL B 301 34.56 20.84 21.23
CA VAL B 301 35.98 20.40 21.48
C VAL B 301 36.10 18.88 21.27
N ALA B 302 35.08 18.13 21.69
CA ALA B 302 35.08 16.64 21.74
C ALA B 302 33.62 16.15 21.73
N MET B 303 33.43 14.85 21.47
CA MET B 303 32.12 14.17 21.58
C MET B 303 32.29 12.91 22.43
N ASP B 304 31.41 12.74 23.42
CA ASP B 304 31.27 11.51 24.24
C ASP B 304 29.78 11.12 24.28
N PHE B 305 29.44 10.07 25.03
CA PHE B 305 28.05 9.61 25.25
C PHE B 305 27.77 9.39 26.73
N GLY B 306 26.50 9.56 27.12
CA GLY B 306 25.93 9.34 28.47
C GLY B 306 26.22 7.95 28.99
N ARG B 307 26.40 7.85 30.31
CA ARG B 307 26.77 6.61 31.01
C ARG B 307 25.84 6.40 32.21
N SER B 308 25.56 5.12 32.48
CA SER B 308 24.73 4.69 33.62
C SER B 308 25.48 4.96 34.95
N GLU B 309 26.79 5.30 34.91
CA GLU B 309 27.62 5.64 36.13
C GLU B 309 27.00 6.80 36.95
N THR B 310 26.23 7.70 36.33
CA THR B 310 25.63 8.86 37.02
C THR B 310 24.54 8.39 38.00
N LEU B 311 24.02 7.17 37.87
CA LEU B 311 22.95 6.70 38.81
C LEU B 311 23.57 6.54 40.20
N LEU B 312 24.63 5.76 40.31
CA LEU B 312 25.31 5.55 41.61
C LEU B 312 25.89 6.86 42.12
N ALA B 313 26.44 7.70 41.25
CA ALA B 313 27.00 9.02 41.65
C ALA B 313 25.88 9.84 42.30
N THR B 314 24.67 9.79 41.75
CA THR B 314 23.51 10.52 42.31
C THR B 314 23.21 9.96 43.71
N LEU B 315 23.18 8.63 43.83
CA LEU B 315 22.88 7.96 45.11
C LEU B 315 23.91 8.41 46.18
N LYS B 316 25.18 8.46 45.82
CA LYS B 316 26.26 8.89 46.76
C LYS B 316 26.07 10.35 47.15
N THR B 317 25.76 11.22 46.18
CA THR B 317 25.57 12.65 46.44
C THR B 317 24.43 12.85 47.43
N VAL B 318 23.24 12.26 47.21
CA VAL B 318 22.07 12.59 48.06
C VAL B 318 22.26 11.97 49.45
N THR B 319 22.86 10.78 49.53
CA THR B 319 23.05 10.11 50.85
C THR B 319 24.07 10.91 51.69
N ALA B 320 25.10 11.50 51.06
CA ALA B 320 26.09 12.34 51.74
C ALA B 320 25.39 13.60 52.28
N GLN B 321 24.24 14.00 51.72
CA GLN B 321 23.50 15.21 52.19
C GLN B 321 22.38 14.81 53.14
N GLY B 322 22.34 13.56 53.59
CA GLY B 322 21.41 13.15 54.66
C GLY B 322 20.15 12.46 54.16
N MET B 323 19.96 12.27 52.86
CA MET B 323 18.81 11.45 52.40
C MET B 323 19.04 9.97 52.76
N ALA B 324 18.03 9.29 53.26
CA ALA B 324 18.05 7.84 53.55
C ALA B 324 18.32 7.05 52.27
N LEU B 325 19.15 6.01 52.37
CA LEU B 325 19.51 5.16 51.21
C LEU B 325 18.23 4.65 50.53
N GLU B 326 17.23 4.24 51.30
CA GLU B 326 16.03 3.59 50.73
C GLU B 326 15.26 4.58 49.86
N ASP B 327 15.32 5.89 50.14
CA ASP B 327 14.56 6.91 49.38
C ASP B 327 15.11 6.99 47.95
N VAL B 328 16.42 7.17 47.82
CA VAL B 328 17.03 7.30 46.48
C VAL B 328 17.07 5.91 45.81
N LEU B 329 17.32 4.85 46.56
CA LEU B 329 17.40 3.50 45.98
C LEU B 329 16.05 3.12 45.34
N SER B 330 14.94 3.49 45.97
CA SER B 330 13.59 3.22 45.45
C SER B 330 13.41 3.87 44.08
N SER B 331 13.96 5.07 43.89
CA SER B 331 13.87 5.86 42.63
C SER B 331 14.61 5.15 41.49
N LEU B 332 15.49 4.20 41.81
CA LEU B 332 16.27 3.45 40.80
C LEU B 332 15.77 2.01 40.68
N THR B 333 14.85 1.58 41.53
CA THR B 333 14.49 0.14 41.68
C THR B 333 12.97 0.01 41.76
N ALA B 334 12.42 -0.02 42.96
CA ALA B 334 11.01 -0.41 43.20
C ALA B 334 10.06 0.58 42.50
N ASN B 335 10.36 1.87 42.50
CA ASN B 335 9.43 2.85 41.91
C ASN B 335 9.33 2.61 40.39
N VAL B 336 10.45 2.31 39.75
CA VAL B 336 10.51 2.05 38.29
C VAL B 336 9.74 0.76 38.00
N ALA B 337 10.00 -0.29 38.76
CA ALA B 337 9.32 -1.60 38.59
C ALA B 337 7.83 -1.47 38.80
N HIS B 338 7.40 -0.62 39.72
CA HIS B 338 5.97 -0.39 40.01
C HIS B 338 5.32 0.32 38.81
N LEU B 339 5.89 1.42 38.36
CA LEU B 339 5.33 2.20 37.24
C LEU B 339 5.30 1.30 36.00
N LEU B 340 6.37 0.58 35.74
CA LEU B 340 6.52 -0.17 34.47
C LEU B 340 5.90 -1.56 34.56
N ARG B 341 5.30 -1.92 35.68
CA ARG B 341 4.61 -3.22 35.87
C ARG B 341 5.58 -4.36 35.57
N LEU B 342 6.75 -4.31 36.22
CA LEU B 342 7.76 -5.39 36.16
C LEU B 342 7.79 -6.07 37.53
N PRO B 343 6.85 -6.99 37.83
CA PRO B 343 6.74 -7.55 39.18
C PRO B 343 7.97 -8.39 39.62
N ALA B 344 8.78 -8.86 38.68
CA ALA B 344 9.97 -9.67 38.98
C ALA B 344 11.19 -8.77 39.27
N LYS B 345 11.08 -7.46 39.11
CA LYS B 345 12.24 -6.53 39.16
C LYS B 345 12.12 -5.54 40.32
N GLY B 346 13.23 -4.91 40.68
CA GLY B 346 13.24 -3.72 41.57
C GLY B 346 13.03 -4.06 43.04
N LYS B 347 13.10 -5.33 43.42
CA LYS B 347 12.78 -5.75 44.80
C LYS B 347 13.60 -6.98 45.19
N ILE B 348 14.08 -7.01 46.42
CA ILE B 348 14.59 -8.27 47.01
C ILE B 348 13.41 -8.91 47.72
N ALA B 349 12.76 -9.83 47.04
CA ALA B 349 11.54 -10.53 47.50
C ALA B 349 11.57 -11.94 46.92
N THR B 350 11.03 -12.91 47.63
CA THR B 350 11.09 -14.30 47.15
C THR B 350 10.25 -14.38 45.88
N GLY B 351 10.75 -15.10 44.88
CA GLY B 351 10.08 -15.26 43.59
C GLY B 351 10.52 -14.20 42.59
N ALA B 352 11.15 -13.11 43.01
CA ALA B 352 11.66 -12.07 42.10
C ALA B 352 12.94 -12.55 41.43
N ASP B 353 13.33 -11.89 40.34
CA ASP B 353 14.59 -12.20 39.63
C ASP B 353 15.77 -11.86 40.55
N ALA B 354 16.81 -12.69 40.49
CA ALA B 354 18.05 -12.52 41.27
C ALA B 354 18.93 -11.50 40.56
N ASP B 355 18.48 -10.25 40.55
CA ASP B 355 19.24 -9.07 40.09
C ASP B 355 19.63 -8.31 41.35
N LEU B 356 20.90 -8.33 41.71
CA LEU B 356 21.36 -7.86 43.05
C LEU B 356 22.68 -7.12 42.91
N LEU B 357 22.82 -6.05 43.70
CA LEU B 357 24.11 -5.34 43.89
C LEU B 357 24.60 -5.54 45.32
N VAL B 358 25.89 -5.76 45.47
CA VAL B 358 26.60 -5.76 46.78
C VAL B 358 27.43 -4.49 46.84
N LEU B 359 27.16 -3.62 47.80
CA LEU B 359 27.79 -2.29 47.94
C LEU B 359 28.80 -2.28 49.09
N ASP B 360 29.87 -1.52 48.96
CA ASP B 360 30.79 -1.10 50.04
C ASP B 360 30.04 -0.13 50.96
N ALA B 361 30.68 0.25 52.07
CA ALA B 361 30.08 1.13 53.09
C ALA B 361 29.86 2.54 52.52
N ASP B 362 30.68 2.99 51.57
CA ASP B 362 30.51 4.30 50.87
C ASP B 362 29.56 4.15 49.65
N TYR B 363 28.95 2.98 49.46
CA TYR B 363 27.95 2.64 48.42
C TYR B 363 28.60 2.41 47.06
N SER B 364 29.93 2.30 46.98
CA SER B 364 30.61 1.79 45.77
C SER B 364 30.11 0.39 45.46
N ILE B 365 30.00 0.04 44.20
CA ILE B 365 29.52 -1.32 43.81
C ILE B 365 30.70 -2.28 43.92
N ASN B 366 30.52 -3.37 44.66
CA ASN B 366 31.56 -4.42 44.77
C ASN B 366 31.21 -5.60 43.86
N ASP B 367 29.93 -5.99 43.82
CA ASP B 367 29.47 -7.16 43.05
C ASP B 367 28.13 -6.85 42.39
N VAL B 368 27.91 -7.44 41.21
CA VAL B 368 26.67 -7.29 40.42
C VAL B 368 26.25 -8.68 39.96
N MET B 369 25.06 -9.07 40.35
CA MET B 369 24.42 -10.33 39.91
C MET B 369 23.23 -9.97 39.03
N ALA B 370 23.12 -10.62 37.87
CA ALA B 370 21.94 -10.51 36.97
C ALA B 370 21.42 -11.93 36.70
N LEU B 371 20.14 -12.14 36.95
CA LEU B 371 19.47 -13.45 36.74
C LEU B 371 20.31 -14.56 37.37
N GLY B 372 20.83 -14.33 38.58
CA GLY B 372 21.53 -15.36 39.36
C GLY B 372 22.97 -15.58 38.95
N ARG B 373 23.51 -14.80 38.00
CA ARG B 373 24.91 -14.98 37.56
C ARG B 373 25.70 -13.73 37.93
N TRP B 374 26.94 -13.91 38.39
CA TRP B 374 27.86 -12.77 38.67
C TRP B 374 28.35 -12.17 37.35
N HIS B 375 28.13 -10.88 37.18
CA HIS B 375 28.72 -10.08 36.07
C HIS B 375 29.95 -9.35 36.59
N LEU B 376 29.88 -8.90 37.84
CA LEU B 376 30.99 -8.22 38.53
C LEU B 376 31.18 -8.87 39.89
N ARG B 377 32.42 -9.19 40.25
CA ARG B 377 32.77 -9.87 41.51
C ARG B 377 34.04 -9.22 42.04
N ASP B 378 34.00 -8.62 43.23
CA ASP B 378 35.13 -7.87 43.84
C ASP B 378 35.67 -6.87 42.81
N LYS B 379 34.76 -6.13 42.16
CA LYS B 379 35.06 -5.02 41.22
C LYS B 379 35.77 -5.52 39.96
N ALA B 380 35.78 -6.81 39.69
CA ALA B 380 36.33 -7.36 38.43
C ALA B 380 35.16 -7.84 37.54
N LEU B 381 35.20 -7.52 36.24
CA LEU B 381 34.20 -8.02 35.27
C LEU B 381 34.41 -9.52 35.04
N ILE B 382 33.39 -10.31 35.34
CA ILE B 382 33.36 -11.79 35.12
C ILE B 382 32.69 -12.05 33.78
N MET B 383 31.69 -11.25 33.42
CA MET B 383 30.93 -11.40 32.15
C MET B 383 30.99 -10.05 31.44
N LYS B 384 31.15 -10.07 30.13
CA LYS B 384 31.21 -8.85 29.29
C LYS B 384 30.48 -9.11 27.97
N GLY B 385 30.29 -8.06 27.19
CA GLY B 385 29.64 -8.15 25.87
C GLY B 385 30.48 -8.98 24.92
N THR B 386 29.83 -9.50 23.89
CA THR B 386 30.44 -10.39 22.88
C THR B 386 31.69 -9.73 22.29
N PHE B 387 31.68 -8.42 22.07
CA PHE B 387 32.76 -7.72 21.32
C PHE B 387 33.59 -6.82 22.25
N GLU B 388 33.48 -6.93 23.57
CA GLU B 388 34.28 -6.07 24.49
C GLU B 388 35.75 -6.56 24.63
N THR C 2 45.03 25.62 5.22
CA THR C 2 44.81 24.79 4.02
C THR C 2 45.85 25.17 2.95
N GLY C 3 47.14 25.02 3.30
CA GLY C 3 48.25 25.22 2.36
C GLY C 3 48.44 24.03 1.42
N LEU C 4 49.53 24.03 0.68
CA LEU C 4 49.96 22.88 -0.16
C LEU C 4 50.77 21.91 0.70
N THR C 5 50.73 20.64 0.33
CA THR C 5 51.64 19.62 0.87
C THR C 5 52.55 19.17 -0.26
N ILE C 6 53.85 19.13 -0.01
CA ILE C 6 54.81 18.67 -1.04
C ILE C 6 55.54 17.45 -0.48
N LEU C 7 55.50 16.38 -1.26
CA LEU C 7 56.16 15.09 -0.93
C LEU C 7 57.31 14.94 -1.93
N ARG C 8 58.53 15.08 -1.44
CA ARG C 8 59.75 15.08 -2.28
C ARG C 8 60.34 13.68 -2.31
N ASN C 9 60.90 13.28 -3.43
CA ASN C 9 61.71 12.04 -3.56
C ASN C 9 60.83 10.84 -3.17
N ALA C 10 59.58 10.82 -3.63
CA ALA C 10 58.64 9.71 -3.43
C ALA C 10 58.97 8.65 -4.46
N ASN C 11 59.16 7.40 -4.03
CA ASN C 11 59.28 6.28 -4.98
C ASN C 11 57.85 5.84 -5.33
N VAL C 12 57.33 6.31 -6.45
CA VAL C 12 55.88 6.29 -6.73
C VAL C 12 55.51 4.94 -7.33
N TYR C 13 54.56 4.27 -6.68
CA TYR C 13 53.80 3.14 -7.25
C TYR C 13 52.38 3.65 -7.48
N ALA C 14 51.98 3.84 -8.71
CA ALA C 14 50.86 4.72 -9.09
C ALA C 14 49.55 4.00 -9.36
N PRO C 15 49.35 2.65 -9.28
CA PRO C 15 50.27 1.68 -8.66
C PRO C 15 51.45 1.15 -9.49
N GLN C 16 51.50 1.39 -10.80
CA GLN C 16 52.67 1.01 -11.63
C GLN C 16 53.88 1.86 -11.20
N PRO C 17 55.11 1.28 -11.16
CA PRO C 17 56.29 2.03 -10.70
C PRO C 17 56.63 3.16 -11.69
N LEU C 18 56.74 4.40 -11.18
CA LEU C 18 57.08 5.59 -11.98
C LEU C 18 58.49 6.08 -11.65
N GLY C 19 59.13 5.54 -10.63
CA GLY C 19 60.41 6.05 -10.12
C GLY C 19 60.21 7.21 -9.16
N LEU C 20 61.29 7.94 -8.90
CA LEU C 20 61.32 9.03 -7.91
C LEU C 20 60.58 10.24 -8.48
N LYS C 21 59.72 10.86 -7.69
CA LYS C 21 58.94 12.03 -8.13
C LYS C 21 58.73 12.95 -6.96
N THR C 22 58.49 14.21 -7.25
CA THR C 22 57.88 15.18 -6.31
C THR C 22 56.38 15.16 -6.56
N VAL C 23 55.60 15.06 -5.49
CA VAL C 23 54.11 14.99 -5.60
C VAL C 23 53.58 16.17 -4.80
N LEU C 24 52.78 16.99 -5.48
CA LEU C 24 52.19 18.21 -4.88
C LEU C 24 50.71 17.94 -4.64
N VAL C 25 50.25 18.23 -3.42
CA VAL C 25 48.85 18.00 -3.00
C VAL C 25 48.26 19.32 -2.55
N GLY C 26 47.03 19.60 -2.95
CA GLY C 26 46.24 20.72 -2.38
C GLY C 26 44.79 20.65 -2.79
N GLY C 27 43.91 21.26 -1.98
CA GLY C 27 42.45 21.18 -2.24
C GLY C 27 41.98 19.73 -2.28
N GLY C 28 42.67 18.82 -1.61
CA GLY C 28 42.29 17.40 -1.51
C GLY C 28 42.70 16.59 -2.73
N LYS C 29 43.47 17.19 -3.65
CA LYS C 29 43.78 16.58 -4.96
C LYS C 29 45.30 16.51 -5.14
N ILE C 30 45.71 15.61 -6.02
CA ILE C 30 47.10 15.57 -6.55
C ILE C 30 47.18 16.63 -7.66
N LEU C 31 47.95 17.68 -7.42
CA LEU C 31 48.09 18.84 -8.33
C LEU C 31 49.27 18.67 -9.28
N ALA C 32 50.30 17.91 -8.92
CA ALA C 32 51.49 17.71 -9.79
C ALA C 32 52.24 16.44 -9.37
N ILE C 33 52.82 15.77 -10.36
CA ILE C 33 53.75 14.65 -10.22
C ILE C 33 54.89 14.96 -11.17
N THR C 34 56.08 15.25 -10.66
CA THR C 34 57.15 15.84 -11.50
C THR C 34 58.53 15.34 -11.08
N ASP C 35 59.46 15.32 -12.03
CA ASP C 35 60.92 15.13 -11.79
C ASP C 35 61.49 16.40 -11.16
N GLU C 36 60.87 17.55 -11.34
CA GLU C 36 61.40 18.86 -10.87
C GLU C 36 61.39 18.90 -9.33
N ALA C 37 62.46 19.42 -8.74
CA ALA C 37 62.58 19.71 -7.30
C ALA C 37 61.84 21.04 -7.00
N LEU C 38 60.52 21.01 -6.97
CA LEU C 38 59.68 22.23 -6.96
C LEU C 38 60.15 23.17 -5.85
N GLU C 39 60.36 24.42 -6.18
CA GLU C 39 60.60 25.50 -5.20
C GLU C 39 59.32 26.33 -5.07
N LEU C 40 58.71 26.33 -3.89
CA LEU C 40 57.44 27.01 -3.62
C LEU C 40 57.68 28.04 -2.54
N PRO C 41 56.89 29.13 -2.50
CA PRO C 41 56.94 30.05 -1.36
C PRO C 41 56.50 29.35 -0.09
N ALA C 42 57.28 29.54 0.98
CA ALA C 42 57.06 28.89 2.29
C ALA C 42 55.67 29.27 2.82
N SER C 43 55.18 30.47 2.53
CA SER C 43 53.92 31.02 3.09
C SER C 43 52.72 30.18 2.67
N ILE C 44 52.77 29.44 1.54
CA ILE C 44 51.60 28.66 1.02
C ILE C 44 51.81 27.16 1.24
N VAL C 45 52.89 26.74 1.90
CA VAL C 45 53.21 25.32 2.11
C VAL C 45 52.87 24.96 3.55
N ALA C 46 51.88 24.08 3.75
CA ALA C 46 51.53 23.54 5.08
C ALA C 46 52.59 22.51 5.52
N ASP C 47 53.05 21.67 4.60
CA ASP C 47 53.95 20.54 4.91
C ASP C 47 54.90 20.29 3.76
N ASP C 48 56.19 20.33 4.05
CA ASP C 48 57.26 20.05 3.07
C ASP C 48 57.98 18.80 3.57
N ILE C 49 57.74 17.66 2.95
CA ILE C 49 58.20 16.35 3.50
C ILE C 49 59.13 15.70 2.48
N ASP C 50 60.32 15.34 2.92
CA ASP C 50 61.27 14.57 2.06
C ASP C 50 61.08 13.10 2.38
N LEU C 51 60.51 12.33 1.46
CA LEU C 51 60.30 10.87 1.69
C LEU C 51 61.63 10.11 1.48
N GLN C 52 62.66 10.74 0.92
CA GLN C 52 64.01 10.17 0.75
C GLN C 52 63.93 8.76 0.12
N GLY C 53 63.13 8.63 -0.92
CA GLY C 53 63.01 7.41 -1.73
C GLY C 53 62.07 6.37 -1.14
N ARG C 54 61.37 6.67 -0.07
CA ARG C 54 60.33 5.73 0.48
C ARG C 54 59.16 5.63 -0.51
N ILE C 55 58.50 4.49 -0.50
CA ILE C 55 57.42 4.13 -1.44
C ILE C 55 56.15 4.95 -1.09
N LEU C 56 55.54 5.50 -2.13
CA LEU C 56 54.22 6.19 -2.07
C LEU C 56 53.25 5.39 -2.93
N THR C 57 52.13 4.98 -2.37
CA THR C 57 51.07 4.23 -3.12
C THR C 57 49.74 4.94 -3.00
N PRO C 58 48.77 4.60 -3.85
CA PRO C 58 47.39 5.03 -3.64
C PRO C 58 46.89 4.38 -2.35
N GLY C 59 45.93 5.02 -1.70
CA GLY C 59 45.17 4.38 -0.60
C GLY C 59 44.42 3.17 -1.10
N PHE C 60 44.24 2.18 -0.23
CA PHE C 60 43.48 0.95 -0.56
C PHE C 60 41.98 1.29 -0.63
N ILE C 61 41.30 0.63 -1.55
CA ILE C 61 39.83 0.65 -1.70
C ILE C 61 39.35 -0.74 -1.27
N ASP C 62 38.72 -0.81 -0.12
CA ASP C 62 38.15 -2.05 0.44
C ASP C 62 36.67 -2.07 0.05
N ALA C 63 36.33 -2.82 -0.99
CA ALA C 63 35.02 -2.79 -1.64
C ALA C 63 34.06 -3.79 -1.02
N HIS C 64 34.41 -4.42 0.10
CA HIS C 64 33.53 -5.39 0.80
C HIS C 64 33.73 -5.23 2.30
N ALA C 65 33.02 -4.31 2.92
CA ALA C 65 33.13 -4.08 4.37
C ALA C 65 31.75 -3.86 4.97
N HIS C 66 31.53 -4.45 6.13
CA HIS C 66 30.31 -4.25 6.94
C HIS C 66 30.54 -3.00 7.78
N ILE C 67 30.37 -1.83 7.18
CA ILE C 67 30.66 -0.56 7.88
C ILE C 67 29.73 -0.40 9.08
N THR C 68 28.50 -0.96 9.04
CA THR C 68 27.55 -0.87 10.19
C THR C 68 27.89 -1.94 11.23
N GLY C 69 28.85 -2.81 10.91
CA GLY C 69 29.00 -4.11 11.61
C GLY C 69 28.13 -5.16 10.96
N GLY C 70 28.65 -6.38 10.86
CA GLY C 70 27.88 -7.53 10.36
C GLY C 70 27.45 -8.39 11.51
N GLY C 71 27.63 -9.70 11.38
CA GLY C 71 27.17 -10.69 12.36
C GLY C 71 25.65 -10.75 12.44
N GLY C 72 25.16 -11.29 13.56
CA GLY C 72 23.73 -11.57 13.74
C GLY C 72 23.34 -12.91 13.13
N GLU C 73 24.31 -13.71 12.69
CA GLU C 73 24.06 -15.02 12.04
C GLU C 73 23.96 -16.15 13.04
N ALA C 74 24.38 -15.95 14.28
CA ALA C 74 24.28 -16.98 15.34
C ALA C 74 23.82 -16.30 16.62
N GLY C 75 22.68 -15.62 16.57
CA GLY C 75 22.11 -14.94 17.75
C GLY C 75 22.32 -13.44 17.66
N PHE C 76 21.42 -12.71 18.27
CA PHE C 76 21.42 -11.24 18.26
C PHE C 76 22.67 -10.67 18.93
N ALA C 77 23.25 -11.40 19.89
CA ALA C 77 24.45 -10.94 20.62
C ALA C 77 25.63 -10.81 19.64
N THR C 78 25.59 -11.48 18.48
CA THR C 78 26.71 -11.46 17.52
C THR C 78 26.60 -10.28 16.54
N GLN C 79 25.67 -9.35 16.74
CA GLN C 79 25.67 -8.06 15.98
C GLN C 79 26.96 -7.30 16.27
N VAL C 80 27.79 -7.12 15.26
CA VAL C 80 29.09 -6.39 15.37
C VAL C 80 28.79 -4.89 15.46
N PRO C 81 29.51 -4.13 16.31
CA PRO C 81 29.38 -2.68 16.32
C PRO C 81 29.89 -2.05 15.02
N PRO C 82 29.44 -0.83 14.69
CA PRO C 82 29.96 -0.13 13.52
C PRO C 82 31.48 -0.01 13.59
N VAL C 83 32.15 -0.16 12.45
CA VAL C 83 33.62 -0.12 12.38
C VAL C 83 34.06 1.34 12.56
N PRO C 84 34.87 1.64 13.60
CA PRO C 84 35.40 2.99 13.78
C PRO C 84 36.36 3.39 12.65
N LEU C 85 36.41 4.68 12.36
CA LEU C 85 37.23 5.27 11.28
C LEU C 85 38.64 4.67 11.29
N SER C 86 39.32 4.66 12.43
CA SER C 86 40.77 4.27 12.50
C SER C 86 40.94 2.80 12.11
N GLN C 87 39.90 1.97 12.21
CA GLN C 87 39.98 0.54 11.83
C GLN C 87 39.90 0.40 10.31
N PHE C 88 39.73 1.51 9.58
CA PHE C 88 40.00 1.56 8.12
C PHE C 88 41.36 2.24 7.88
N THR C 89 41.49 3.49 8.32
CA THR C 89 42.60 4.38 7.92
C THR C 89 43.95 3.85 8.41
N ALA C 90 44.05 3.34 9.63
CA ALA C 90 45.32 2.82 10.20
C ALA C 90 45.81 1.63 9.38
N PHE C 91 44.96 0.99 8.59
CA PHE C 91 45.30 -0.20 7.77
C PHE C 91 45.40 0.18 6.30
N GLY C 92 45.43 1.48 6.00
CA GLY C 92 45.66 1.98 4.63
C GLY C 92 44.39 2.08 3.81
N VAL C 93 43.22 1.84 4.40
CA VAL C 93 41.94 1.91 3.65
C VAL C 93 41.43 3.36 3.69
N THR C 94 41.46 4.04 2.55
CA THR C 94 41.04 5.44 2.43
C THR C 94 39.67 5.53 1.76
N THR C 95 39.23 4.46 1.07
CA THR C 95 37.88 4.34 0.50
C THR C 95 37.32 2.99 0.90
N VAL C 96 36.10 2.98 1.42
CA VAL C 96 35.40 1.71 1.73
C VAL C 96 34.09 1.67 0.96
N VAL C 97 33.67 0.48 0.56
CA VAL C 97 32.31 0.26 0.02
C VAL C 97 31.59 -0.67 1.00
N GLY C 98 30.57 -0.14 1.65
CA GLY C 98 29.83 -0.84 2.69
C GLY C 98 28.73 -1.69 2.11
N LEU C 99 28.37 -2.74 2.83
CA LEU C 99 27.25 -3.62 2.44
C LEU C 99 26.64 -4.22 3.69
N LEU C 100 25.38 -4.62 3.55
CA LEU C 100 24.70 -5.57 4.44
C LEU C 100 24.99 -6.98 3.93
N GLY C 101 25.10 -7.90 4.89
CA GLY C 101 25.25 -9.33 4.62
C GLY C 101 24.03 -10.10 5.07
N THR C 102 24.24 -11.21 5.78
CA THR C 102 23.17 -12.18 6.07
C THR C 102 22.03 -11.46 6.81
N ASP C 103 22.35 -10.58 7.75
CA ASP C 103 21.31 -9.80 8.46
C ASP C 103 21.00 -8.56 7.64
N ASP C 104 20.09 -8.70 6.67
CA ASP C 104 19.46 -7.58 5.95
C ASP C 104 17.99 -7.53 6.40
N THR C 105 17.71 -8.06 7.58
CA THR C 105 16.35 -8.04 8.19
C THR C 105 16.31 -6.93 9.25
N THR C 106 17.15 -6.99 10.29
CA THR C 106 17.15 -5.97 11.36
C THR C 106 17.94 -4.73 10.90
N ARG C 107 18.88 -4.89 9.98
CA ARG C 107 19.68 -3.79 9.42
C ARG C 107 19.05 -3.35 8.09
N SER C 108 19.06 -2.05 7.85
CA SER C 108 18.37 -1.39 6.72
C SER C 108 19.40 -0.68 5.85
N THR C 109 19.01 -0.35 4.63
CA THR C 109 19.81 0.49 3.72
C THR C 109 19.98 1.88 4.36
N GLY C 110 19.00 2.36 5.13
CA GLY C 110 19.15 3.66 5.82
C GLY C 110 20.26 3.61 6.86
N ASN C 111 20.37 2.51 7.60
CA ASN C 111 21.50 2.29 8.53
C ASN C 111 22.81 2.41 7.73
N LEU C 112 22.88 1.72 6.60
CA LEU C 112 24.12 1.60 5.82
C LEU C 112 24.49 2.97 5.25
N LEU C 113 23.56 3.64 4.59
CA LEU C 113 23.84 4.91 3.89
C LEU C 113 24.17 5.98 4.92
N SER C 114 23.49 6.01 6.06
CA SER C 114 23.79 7.01 7.10
C SER C 114 25.22 6.76 7.65
N ARG C 115 25.69 5.52 7.73
CA ARG C 115 27.08 5.27 8.18
C ARG C 115 28.08 5.71 7.09
N VAL C 116 27.74 5.54 5.82
CA VAL C 116 28.57 6.11 4.71
C VAL C 116 28.75 7.61 4.96
N TYR C 117 27.67 8.34 5.24
CA TYR C 117 27.77 9.80 5.44
C TYR C 117 28.57 10.09 6.70
N GLY C 118 28.46 9.27 7.74
CA GLY C 118 29.27 9.43 8.96
C GLY C 118 30.75 9.30 8.66
N LEU C 119 31.15 8.30 7.88
CA LEU C 119 32.57 8.10 7.55
C LEU C 119 33.05 9.25 6.65
N ARG C 120 32.22 9.74 5.75
CA ARG C 120 32.58 10.91 4.92
C ARG C 120 32.78 12.15 5.81
N GLU C 121 31.90 12.36 6.78
CA GLU C 121 32.03 13.54 7.68
C GLU C 121 33.35 13.42 8.45
N GLU C 122 33.83 12.22 8.76
CA GLU C 122 35.06 12.01 9.57
C GLU C 122 36.31 12.06 8.67
N GLY C 123 36.16 12.22 7.36
CA GLY C 123 37.26 12.57 6.44
C GLY C 123 37.75 11.43 5.58
N MET C 124 37.12 10.25 5.57
CA MET C 124 37.50 9.22 4.58
C MET C 124 36.47 9.22 3.44
N SER C 125 36.65 8.35 2.46
CA SER C 125 35.72 8.21 1.31
C SER C 125 34.94 6.93 1.49
N ALA C 126 33.65 6.95 1.16
CA ALA C 126 32.76 5.79 1.41
C ALA C 126 31.64 5.77 0.41
N TYR C 127 31.32 4.57 -0.03
CA TYR C 127 30.23 4.23 -0.95
C TYR C 127 29.51 3.04 -0.35
N CYS C 128 28.40 2.61 -0.93
CA CYS C 128 27.79 1.36 -0.46
C CYS C 128 27.06 0.67 -1.60
N TRP C 129 26.80 -0.60 -1.35
CA TRP C 129 25.97 -1.50 -2.16
C TRP C 129 24.56 -1.47 -1.58
N THR C 130 23.53 -1.47 -2.43
CA THR C 130 22.14 -1.62 -1.97
C THR C 130 21.70 -3.07 -2.17
N GLY C 131 20.53 -3.43 -1.67
CA GLY C 131 19.88 -4.70 -2.00
C GLY C 131 20.11 -5.78 -0.95
N GLY C 132 21.36 -5.92 -0.52
CA GLY C 132 21.77 -6.96 0.42
C GLY C 132 21.78 -8.37 -0.16
N TYR C 133 21.54 -9.33 0.71
CA TYR C 133 21.90 -10.75 0.55
C TYR C 133 20.72 -11.58 0.04
N HIS C 134 19.53 -11.20 0.46
CA HIS C 134 18.27 -11.94 0.23
C HIS C 134 17.40 -11.28 -0.84
N TYR C 135 16.45 -12.08 -1.31
CA TYR C 135 15.37 -11.70 -2.23
C TYR C 135 14.05 -11.84 -1.46
N PRO C 136 13.16 -10.84 -1.51
CA PRO C 136 13.38 -9.60 -2.24
C PRO C 136 14.45 -8.69 -1.62
N LEU C 137 14.99 -7.79 -2.43
CA LEU C 137 16.12 -6.91 -2.06
C LEU C 137 15.67 -5.93 -0.96
N THR C 138 16.60 -5.62 -0.08
CA THR C 138 16.49 -4.56 0.93
C THR C 138 17.06 -3.29 0.31
N THR C 139 16.22 -2.29 0.13
CA THR C 139 16.59 -1.01 -0.53
C THR C 139 16.05 0.15 0.31
N LEU C 140 16.54 1.34 0.04
CA LEU C 140 16.09 2.55 0.76
C LEU C 140 14.79 3.04 0.14
N MET C 141 14.77 3.19 -1.18
CA MET C 141 13.55 3.48 -1.97
C MET C 141 12.86 2.16 -2.30
N GLY C 142 11.87 2.17 -3.17
CA GLY C 142 11.12 0.95 -3.52
C GLY C 142 11.92 -0.05 -4.35
N SER C 143 13.03 0.33 -4.99
CA SER C 143 13.75 -0.60 -5.90
C SER C 143 15.25 -0.26 -5.89
N ALA C 144 16.07 -1.22 -6.26
CA ALA C 144 17.53 -1.05 -6.39
C ALA C 144 17.82 0.00 -7.46
N ARG C 145 17.07 -0.01 -8.56
CA ARG C 145 17.35 0.92 -9.67
C ARG C 145 17.14 2.36 -9.16
N GLU C 146 16.08 2.62 -8.40
CA GLU C 146 15.85 3.97 -7.83
C GLU C 146 16.99 4.32 -6.86
N ASP C 147 17.39 3.39 -5.98
CA ASP C 147 18.48 3.66 -5.02
C ASP C 147 19.74 4.11 -5.77
N ILE C 148 20.13 3.37 -6.81
CA ILE C 148 21.41 3.65 -7.51
C ILE C 148 21.25 4.95 -8.32
N VAL C 149 20.11 5.18 -8.92
CA VAL C 149 19.90 6.43 -9.72
C VAL C 149 19.98 7.64 -8.79
N TYR C 150 19.29 7.63 -7.65
CA TYR C 150 19.05 8.88 -6.89
C TYR C 150 20.06 9.08 -5.75
N MET C 151 20.71 8.04 -5.24
CA MET C 151 21.60 8.20 -4.04
C MET C 151 23.05 8.12 -4.51
N GLU C 152 23.76 9.23 -4.52
CA GLU C 152 25.12 9.29 -5.09
C GLU C 152 25.99 8.15 -4.55
N PRO C 153 26.04 7.88 -3.22
CA PRO C 153 26.98 6.90 -2.70
C PRO C 153 26.66 5.43 -3.04
N ILE C 154 25.46 5.16 -3.54
CA ILE C 154 25.04 3.77 -3.84
C ILE C 154 25.47 3.41 -5.26
N ILE C 155 26.31 2.38 -5.40
CA ILE C 155 27.02 2.15 -6.69
C ILE C 155 26.55 0.89 -7.38
N GLY C 156 25.79 0.05 -6.70
CA GLY C 156 25.41 -1.26 -7.26
C GLY C 156 24.66 -2.07 -6.25
N VAL C 157 24.45 -3.34 -6.56
CA VAL C 157 23.71 -4.27 -5.71
C VAL C 157 24.69 -5.25 -5.08
N GLY C 158 24.60 -5.42 -3.76
CA GLY C 158 25.40 -6.44 -3.07
C GLY C 158 25.11 -6.47 -1.58
N GLU C 159 25.64 -7.49 -0.88
CA GLU C 159 26.27 -8.65 -1.50
C GLU C 159 25.21 -9.74 -1.65
N PHE C 160 24.81 -10.04 -2.88
CA PHE C 160 23.63 -10.89 -3.15
C PHE C 160 24.09 -12.34 -3.17
N ALA C 161 23.46 -13.19 -2.38
CA ALA C 161 23.99 -14.55 -2.11
C ALA C 161 23.53 -15.54 -3.19
N ILE C 162 24.48 -16.30 -3.72
CA ILE C 162 24.22 -17.50 -4.54
C ILE C 162 25.08 -18.68 -4.03
N SER C 163 24.61 -19.89 -4.30
CA SER C 163 25.30 -21.16 -3.95
C SER C 163 25.65 -21.16 -2.46
N ASP C 164 24.68 -20.89 -1.61
CA ASP C 164 24.89 -20.78 -0.14
C ASP C 164 23.58 -21.15 0.57
N HIS C 165 23.69 -21.92 1.63
CA HIS C 165 22.55 -22.36 2.46
C HIS C 165 21.79 -21.15 3.04
N ARG C 166 22.42 -19.99 3.16
CA ARG C 166 21.77 -18.77 3.70
C ARG C 166 21.19 -17.92 2.58
N SER C 167 21.31 -18.31 1.32
CA SER C 167 20.73 -17.55 0.19
C SER C 167 19.21 -17.62 0.24
N SER C 168 18.56 -16.85 -0.64
CA SER C 168 17.12 -16.92 -0.88
C SER C 168 16.84 -17.90 -2.02
N GLN C 169 17.80 -18.76 -2.38
CA GLN C 169 17.65 -19.72 -3.51
C GLN C 169 17.14 -18.95 -4.73
N PRO C 170 17.88 -17.90 -5.14
CA PRO C 170 17.46 -17.08 -6.27
C PRO C 170 17.46 -17.87 -7.58
N GLN C 171 16.48 -17.58 -8.41
CA GLN C 171 16.33 -18.19 -9.74
C GLN C 171 17.07 -17.33 -10.76
N PHE C 172 17.48 -17.95 -11.86
CA PHE C 172 18.14 -17.29 -12.99
C PHE C 172 17.40 -16.00 -13.36
N GLU C 173 16.08 -16.07 -13.52
CA GLU C 173 15.27 -14.94 -14.04
C GLU C 173 15.33 -13.78 -13.04
N GLU C 174 15.33 -14.06 -11.74
CA GLU C 174 15.46 -13.03 -10.68
C GLU C 174 16.83 -12.39 -10.76
N VAL C 175 17.90 -13.19 -10.92
CA VAL C 175 19.29 -12.70 -10.94
C VAL C 175 19.48 -11.76 -12.12
N ILE C 176 19.03 -12.13 -13.32
CA ILE C 176 19.31 -11.29 -14.52
C ILE C 176 18.46 -10.02 -14.47
N ARG C 177 17.29 -10.04 -13.84
CA ARG C 177 16.46 -8.83 -13.64
C ARG C 177 17.21 -7.87 -12.71
N ILE C 178 17.72 -8.36 -11.59
CA ILE C 178 18.54 -7.53 -10.66
C ILE C 178 19.75 -6.96 -11.42
N ALA C 179 20.47 -7.79 -12.15
CA ALA C 179 21.66 -7.34 -12.91
C ALA C 179 21.26 -6.24 -13.90
N SER C 180 20.13 -6.41 -14.60
CA SER C 180 19.68 -5.42 -15.60
C SER C 180 19.43 -4.07 -14.91
N ASP C 181 18.82 -4.08 -13.72
CA ASP C 181 18.52 -2.85 -12.96
C ASP C 181 19.82 -2.17 -12.52
N ALA C 182 20.80 -2.92 -12.02
CA ALA C 182 22.08 -2.35 -11.60
C ALA C 182 22.79 -1.75 -12.82
N HIS C 183 22.80 -2.46 -13.94
CA HIS C 183 23.53 -2.04 -15.16
C HIS C 183 22.93 -0.74 -15.71
N VAL C 184 21.62 -0.70 -15.85
CA VAL C 184 20.94 0.51 -16.40
C VAL C 184 21.22 1.69 -15.46
N ALA C 185 21.09 1.50 -14.17
CA ALA C 185 21.33 2.60 -13.20
C ALA C 185 22.79 3.07 -13.31
N GLY C 186 23.73 2.14 -13.49
CA GLY C 186 25.15 2.46 -13.69
C GLY C 186 25.36 3.33 -14.93
N LEU C 187 24.76 2.97 -16.05
CA LEU C 187 24.88 3.77 -17.29
C LEU C 187 24.31 5.18 -17.05
N MET C 188 23.18 5.29 -16.37
CA MET C 188 22.51 6.59 -16.19
C MET C 188 23.37 7.51 -15.33
N THR C 189 24.15 6.97 -14.39
CA THR C 189 24.82 7.75 -13.33
C THR C 189 26.32 7.85 -13.53
N GLY C 190 26.92 7.00 -14.34
CA GLY C 190 28.39 6.87 -14.42
C GLY C 190 28.97 6.02 -13.29
N LYS C 191 28.14 5.35 -12.50
CA LYS C 191 28.60 4.55 -11.35
C LYS C 191 28.81 3.09 -11.75
N ALA C 192 29.36 2.30 -10.84
CA ALA C 192 29.74 0.89 -11.10
C ALA C 192 28.63 0.17 -11.86
N GLY C 193 27.43 0.13 -11.29
CA GLY C 193 26.32 -0.54 -11.97
C GLY C 193 26.52 -2.05 -12.09
N ILE C 194 27.03 -2.68 -11.03
CA ILE C 194 27.30 -4.14 -11.05
C ILE C 194 26.61 -4.80 -9.87
N VAL C 195 26.56 -6.13 -9.95
CA VAL C 195 26.08 -6.99 -8.86
C VAL C 195 27.28 -7.68 -8.25
N HIS C 196 27.51 -7.40 -6.97
CA HIS C 196 28.53 -8.03 -6.11
C HIS C 196 27.88 -9.25 -5.47
N PHE C 197 28.26 -10.45 -5.88
CA PHE C 197 27.64 -11.72 -5.44
C PHE C 197 28.48 -12.34 -4.33
N HIS C 198 27.87 -12.63 -3.19
CA HIS C 198 28.42 -13.53 -2.16
C HIS C 198 28.32 -14.95 -2.70
N LEU C 199 29.45 -15.65 -2.76
CA LEU C 199 29.47 -17.11 -3.05
C LEU C 199 29.61 -17.87 -1.75
N GLY C 200 28.81 -18.93 -1.61
CA GLY C 200 29.00 -19.94 -0.56
C GLY C 200 29.69 -21.18 -1.11
N ASP C 201 29.58 -22.28 -0.37
CA ASP C 201 30.26 -23.56 -0.71
C ASP C 201 29.37 -24.46 -1.53
N GLY C 202 28.22 -24.00 -2.00
CA GLY C 202 27.35 -24.86 -2.82
C GLY C 202 28.07 -25.36 -4.07
N SER C 203 27.86 -26.61 -4.44
CA SER C 203 28.52 -27.25 -5.59
C SER C 203 28.06 -26.65 -6.93
N ARG C 204 26.95 -25.92 -6.98
CA ARG C 204 26.53 -25.20 -8.22
C ARG C 204 27.49 -24.05 -8.53
N LYS C 205 28.27 -23.58 -7.55
CA LYS C 205 29.36 -22.59 -7.78
C LYS C 205 28.78 -21.40 -8.58
N LEU C 206 29.35 -21.07 -9.74
CA LEU C 206 29.01 -19.84 -10.53
C LEU C 206 28.02 -20.17 -11.65
N ALA C 207 27.29 -21.28 -11.58
CA ALA C 207 26.37 -21.72 -12.68
C ALA C 207 25.40 -20.59 -13.10
N LEU C 208 24.83 -19.82 -12.16
CA LEU C 208 23.84 -18.77 -12.53
C LEU C 208 24.55 -17.69 -13.35
N ILE C 209 25.79 -17.37 -13.01
CA ILE C 209 26.57 -16.35 -13.75
C ILE C 209 26.95 -16.90 -15.14
N LYS C 210 27.34 -18.17 -15.23
CA LYS C 210 27.66 -18.79 -16.55
C LYS C 210 26.44 -18.69 -17.47
N ARG C 211 25.28 -18.98 -16.93
CA ARG C 211 24.03 -18.92 -17.71
C ARG C 211 23.75 -17.48 -18.14
N ALA C 212 23.95 -16.50 -17.25
CA ALA C 212 23.71 -15.07 -17.59
C ALA C 212 24.65 -14.64 -18.74
N LEU C 213 25.91 -15.07 -18.70
CA LEU C 213 26.93 -14.70 -19.72
C LEU C 213 26.57 -15.38 -21.04
N ALA C 214 26.04 -16.59 -21.01
CA ALA C 214 25.68 -17.33 -22.24
C ALA C 214 24.39 -16.78 -22.85
N GLU C 215 23.40 -16.38 -22.04
CA GLU C 215 22.01 -16.18 -22.53
C GLU C 215 21.65 -14.70 -22.67
N THR C 216 22.35 -13.77 -22.02
CA THR C 216 21.95 -12.34 -22.04
C THR C 216 23.00 -11.50 -22.75
N GLU C 217 22.66 -10.24 -23.04
CA GLU C 217 23.60 -9.26 -23.62
C GLU C 217 24.30 -8.48 -22.50
N LEU C 218 24.06 -8.79 -21.22
CA LEU C 218 24.66 -7.97 -20.13
C LEU C 218 26.17 -8.11 -20.20
N PRO C 219 26.95 -7.02 -20.12
CA PRO C 219 28.40 -7.14 -20.12
C PRO C 219 28.85 -7.99 -18.92
N ALA C 220 29.93 -8.73 -19.11
CA ALA C 220 30.48 -9.67 -18.15
C ALA C 220 30.84 -8.92 -16.85
N ARG C 221 31.34 -7.69 -16.92
CA ARG C 221 31.79 -6.95 -15.72
C ARG C 221 30.63 -6.74 -14.73
N VAL C 222 29.38 -6.86 -15.16
CA VAL C 222 28.19 -6.67 -14.27
C VAL C 222 28.15 -7.78 -13.22
N PHE C 223 28.74 -8.94 -13.48
CA PHE C 223 28.66 -10.13 -12.59
C PHE C 223 29.97 -10.26 -11.85
N ASN C 224 29.97 -9.89 -10.59
CA ASN C 224 31.21 -9.72 -9.78
C ASN C 224 31.14 -10.64 -8.56
N PRO C 225 31.59 -11.91 -8.67
CA PRO C 225 31.60 -12.81 -7.52
C PRO C 225 32.74 -12.52 -6.54
N THR C 226 32.45 -12.63 -5.26
CA THR C 226 33.41 -12.47 -4.14
C THR C 226 33.50 -13.79 -3.36
N HIS C 227 34.47 -13.86 -2.46
CA HIS C 227 34.89 -15.08 -1.71
C HIS C 227 35.21 -16.24 -2.65
N VAL C 228 35.73 -15.97 -3.84
CA VAL C 228 35.93 -17.06 -4.84
C VAL C 228 37.04 -18.01 -4.39
N ASN C 229 37.86 -17.59 -3.41
CA ASN C 229 38.96 -18.40 -2.85
C ASN C 229 38.47 -19.31 -1.71
N ARG C 230 37.18 -19.33 -1.38
CA ARG C 230 36.71 -20.03 -0.15
C ARG C 230 36.78 -21.56 -0.35
N ASN C 231 36.72 -22.07 -1.55
CA ASN C 231 36.99 -23.51 -1.82
C ASN C 231 37.65 -23.59 -3.19
N LYS C 232 38.38 -24.67 -3.43
CA LYS C 232 39.30 -24.75 -4.58
C LYS C 232 38.54 -24.95 -5.87
N PRO C 233 37.50 -25.82 -5.94
CA PRO C 233 36.74 -25.94 -7.19
C PRO C 233 36.10 -24.61 -7.60
N LEU C 234 35.60 -23.83 -6.64
CA LEU C 234 35.01 -22.48 -6.95
C LEU C 234 36.11 -21.59 -7.51
N PHE C 235 37.27 -21.57 -6.88
CA PHE C 235 38.38 -20.70 -7.34
C PHE C 235 38.77 -21.08 -8.76
N ASP C 236 38.81 -22.36 -9.08
CA ASP C 236 39.18 -22.83 -10.46
C ASP C 236 38.15 -22.32 -11.43
N GLU C 237 36.87 -22.42 -11.10
CA GLU C 237 35.80 -21.95 -12.01
C GLU C 237 35.89 -20.42 -12.16
N ALA C 238 36.16 -19.69 -11.08
CA ALA C 238 36.30 -18.22 -11.11
C ALA C 238 37.46 -17.83 -12.06
N CYS C 239 38.62 -18.49 -11.93
CA CYS C 239 39.79 -18.23 -12.79
C CYS C 239 39.43 -18.51 -14.25
N GLU C 240 38.76 -19.62 -14.56
CA GLU C 240 38.37 -19.95 -15.96
C GLU C 240 37.49 -18.84 -16.51
N MET C 241 36.57 -18.29 -15.71
CA MET C 241 35.59 -17.30 -16.23
C MET C 241 36.23 -15.93 -16.45
N LEU C 242 37.44 -15.69 -15.97
CA LEU C 242 38.16 -14.41 -16.24
C LEU C 242 38.26 -14.20 -17.75
N SER C 243 38.37 -15.26 -18.53
CA SER C 243 38.52 -15.12 -20.00
C SER C 243 37.21 -14.57 -20.59
N GLN C 244 36.07 -14.66 -19.91
CA GLN C 244 34.80 -14.06 -20.41
C GLN C 244 34.66 -12.60 -19.98
N GLY C 245 35.58 -12.06 -19.17
CA GLY C 245 35.60 -10.63 -18.84
C GLY C 245 35.00 -10.31 -17.48
N ILE C 246 34.64 -11.28 -16.65
CA ILE C 246 34.20 -10.96 -15.26
C ILE C 246 35.44 -10.51 -14.48
N TYR C 247 35.19 -9.72 -13.45
CA TYR C 247 36.13 -9.42 -12.36
C TYR C 247 35.80 -10.35 -11.22
N ILE C 248 36.82 -10.82 -10.50
CA ILE C 248 36.60 -11.69 -9.32
C ILE C 248 37.24 -11.02 -8.15
N ASP C 249 36.61 -11.19 -7.01
CA ASP C 249 37.07 -10.59 -5.74
C ASP C 249 37.48 -11.73 -4.80
N ILE C 250 38.72 -11.66 -4.37
CA ILE C 250 39.35 -12.62 -3.43
C ILE C 250 39.23 -12.02 -2.04
N THR C 251 38.81 -12.79 -1.05
CA THR C 251 38.65 -12.30 0.32
C THR C 251 39.92 -12.61 1.13
N ALA C 252 40.47 -11.60 1.79
CA ALA C 252 41.64 -11.75 2.69
C ALA C 252 41.14 -12.24 4.04
N PHE C 253 40.75 -13.51 4.09
CA PHE C 253 40.44 -14.27 5.33
C PHE C 253 41.66 -14.17 6.24
N PRO C 254 41.50 -14.11 7.58
CA PRO C 254 42.64 -14.36 8.47
C PRO C 254 43.03 -15.85 8.30
N ASP C 255 44.25 -16.23 8.69
CA ASP C 255 44.81 -17.59 8.42
C ASP C 255 43.94 -18.70 9.03
N ASP C 256 43.33 -18.45 10.19
CA ASP C 256 42.39 -19.36 10.91
C ASP C 256 41.21 -19.79 10.03
N ALA C 257 40.62 -18.85 9.27
CA ALA C 257 39.29 -18.95 8.63
C ALA C 257 39.38 -19.53 7.21
N VAL C 258 40.59 -19.84 6.71
CA VAL C 258 40.87 -20.33 5.32
C VAL C 258 40.17 -21.69 5.05
N ASP C 259 40.05 -22.57 6.07
CA ASP C 259 39.43 -23.93 5.99
C ASP C 259 40.00 -24.67 4.77
N ASP C 260 39.14 -25.10 3.83
CA ASP C 260 39.51 -25.93 2.65
C ASP C 260 39.78 -25.07 1.41
N GLY C 261 39.96 -23.76 1.57
CA GLY C 261 40.18 -22.88 0.41
C GLY C 261 41.60 -22.38 0.35
N TRP C 262 41.78 -21.24 -0.29
CA TRP C 262 43.07 -20.55 -0.41
C TRP C 262 42.99 -19.27 0.42
N SER C 263 44.10 -18.89 1.06
CA SER C 263 44.27 -17.52 1.57
C SER C 263 44.22 -16.58 0.34
N ALA C 264 43.99 -15.30 0.57
CA ALA C 264 44.04 -14.33 -0.55
C ALA C 264 45.41 -14.43 -1.22
N ALA C 265 46.47 -14.50 -0.42
CA ALA C 265 47.86 -14.58 -0.92
C ALA C 265 48.02 -15.80 -1.82
N GLU C 266 47.61 -16.99 -1.37
CA GLU C 266 47.77 -18.23 -2.17
C GLU C 266 46.96 -18.09 -3.45
N ALA C 267 45.76 -17.53 -3.37
CA ALA C 267 44.86 -17.44 -4.54
C ALA C 267 45.48 -16.51 -5.58
N LEU C 268 46.01 -15.37 -5.14
CA LEU C 268 46.59 -14.40 -6.11
C LEU C 268 47.86 -15.00 -6.73
N LEU C 269 48.71 -15.64 -5.95
CA LEU C 269 49.94 -16.32 -6.47
C LEU C 269 49.54 -17.40 -7.47
N LEU C 270 48.49 -18.15 -7.18
CA LEU C 270 48.02 -19.23 -8.09
C LEU C 270 47.45 -18.62 -9.38
N ALA C 271 46.67 -17.54 -9.30
CA ALA C 271 46.16 -16.86 -10.52
C ALA C 271 47.34 -16.42 -11.38
N LYS C 272 48.37 -15.85 -10.77
CA LYS C 272 49.57 -15.39 -11.50
C LYS C 272 50.24 -16.60 -12.18
N GLU C 273 50.48 -17.67 -11.44
CA GLU C 273 51.11 -18.91 -11.98
C GLU C 273 50.28 -19.42 -13.16
N ARG C 274 48.95 -19.32 -13.15
CA ARG C 274 48.10 -19.84 -14.25
C ARG C 274 48.08 -18.87 -15.44
N GLY C 275 48.69 -17.70 -15.35
CA GLY C 275 48.62 -16.70 -16.44
C GLY C 275 47.24 -16.03 -16.53
N CYS C 276 46.45 -16.00 -15.45
CA CYS C 276 45.18 -15.24 -15.41
C CYS C 276 45.43 -13.74 -15.54
N PRO C 277 44.46 -12.98 -16.11
CA PRO C 277 44.58 -11.52 -16.20
C PRO C 277 44.39 -10.86 -14.81
N LEU C 278 45.50 -10.53 -14.15
CA LEU C 278 45.47 -10.03 -12.77
C LEU C 278 44.72 -8.67 -12.70
N LYS C 279 44.59 -7.93 -13.80
CA LYS C 279 43.90 -6.61 -13.75
C LYS C 279 42.39 -6.82 -13.47
N GLN C 280 41.88 -8.05 -13.63
CA GLN C 280 40.46 -8.42 -13.38
C GLN C 280 40.29 -9.02 -11.98
N ILE C 281 41.31 -8.94 -11.12
CA ILE C 281 41.28 -9.56 -9.78
C ILE C 281 41.44 -8.45 -8.73
N THR C 282 40.55 -8.44 -7.75
CA THR C 282 40.58 -7.51 -6.62
C THR C 282 40.66 -8.33 -5.33
N ILE C 283 41.08 -7.69 -4.24
CA ILE C 283 41.11 -8.26 -2.89
C ILE C 283 40.33 -7.32 -1.97
N SER C 284 39.52 -7.90 -1.09
CA SER C 284 38.73 -7.16 -0.08
C SER C 284 38.85 -7.90 1.24
N SER C 285 38.52 -7.25 2.36
CA SER C 285 38.84 -7.75 3.72
C SER C 285 37.63 -8.39 4.38
N ASP C 286 36.43 -8.07 3.97
CA ASP C 286 35.22 -8.38 4.79
C ASP C 286 35.31 -7.80 6.23
N GLY C 287 35.88 -6.61 6.39
CA GLY C 287 35.98 -5.91 7.69
C GLY C 287 34.59 -5.73 8.31
N GLY C 288 34.48 -5.88 9.63
CA GLY C 288 33.21 -5.78 10.37
C GLY C 288 32.40 -7.07 10.30
N GLY C 289 32.82 -8.04 9.48
CA GLY C 289 32.24 -9.39 9.46
C GLY C 289 32.50 -10.12 10.79
N CYS C 290 31.59 -10.93 11.25
CA CYS C 290 31.71 -11.65 12.54
C CYS C 290 32.75 -12.78 12.41
N MET C 291 33.71 -12.85 13.35
CA MET C 291 34.90 -13.77 13.30
C MET C 291 34.94 -14.67 14.55
N PRO C 292 34.29 -15.86 14.53
CA PRO C 292 34.30 -16.78 15.68
C PRO C 292 35.69 -17.40 15.96
N ALA C 293 36.09 -17.54 17.24
CA ALA C 293 37.41 -18.07 17.69
C ALA C 293 37.19 -19.42 18.38
N PHE C 294 38.03 -20.44 18.10
CA PHE C 294 37.86 -21.86 18.56
C PHE C 294 38.98 -22.23 19.56
N ASP C 295 38.77 -23.20 20.47
CA ASP C 295 39.87 -23.83 21.27
C ASP C 295 40.40 -25.07 20.53
N ALA C 296 41.39 -25.78 21.12
CA ALA C 296 42.02 -27.03 20.62
C ALA C 296 40.97 -28.12 20.31
N SER C 297 39.86 -28.14 21.07
CA SER C 297 38.73 -29.12 21.00
C SER C 297 37.69 -28.74 19.92
N GLY C 298 37.83 -27.56 19.28
CA GLY C 298 36.94 -27.04 18.22
C GLY C 298 35.69 -26.35 18.77
N ALA C 299 35.62 -26.10 20.09
CA ALA C 299 34.51 -25.39 20.78
C ALA C 299 34.62 -23.87 20.56
N VAL C 300 33.49 -23.18 20.37
CA VAL C 300 33.40 -21.69 20.14
C VAL C 300 33.63 -20.97 21.48
N VAL C 301 34.76 -20.29 21.64
CA VAL C 301 35.34 -19.79 22.93
C VAL C 301 35.16 -18.26 23.04
N ALA C 302 35.23 -17.55 21.91
CA ALA C 302 35.37 -16.08 21.86
C ALA C 302 34.83 -15.59 20.50
N MET C 303 34.53 -14.29 20.43
CA MET C 303 33.99 -13.63 19.22
C MET C 303 34.78 -12.35 18.97
N ASP C 304 35.26 -12.16 17.74
CA ASP C 304 35.86 -10.90 17.24
C ASP C 304 35.19 -10.56 15.89
N PHE C 305 35.67 -9.50 15.25
CA PHE C 305 35.23 -9.09 13.89
C PHE C 305 36.44 -8.90 12.96
N GLY C 306 36.21 -9.13 11.66
CA GLY C 306 37.13 -8.92 10.51
C GLY C 306 37.71 -7.52 10.50
N ARG C 307 38.95 -7.41 10.06
CA ARG C 307 39.72 -6.15 10.02
C ARG C 307 40.36 -6.00 8.63
N SER C 308 40.48 -4.75 8.22
CA SER C 308 41.11 -4.34 6.95
C SER C 308 42.62 -4.61 7.00
N GLU C 309 43.19 -4.96 8.17
CA GLU C 309 44.64 -5.29 8.38
C GLU C 309 45.08 -6.46 7.49
N THR C 310 44.18 -7.36 7.09
CA THR C 310 44.51 -8.53 6.24
C THR C 310 44.91 -8.08 4.83
N LEU C 311 44.55 -6.88 4.40
CA LEU C 311 44.92 -6.42 3.05
C LEU C 311 46.44 -6.24 2.97
N LEU C 312 47.02 -5.45 3.87
CA LEU C 312 48.49 -5.24 3.89
C LEU C 312 49.20 -6.57 4.19
N ALA C 313 48.66 -7.39 5.08
CA ALA C 313 49.25 -8.72 5.40
C ALA C 313 49.35 -9.54 4.12
N THR C 314 48.32 -9.50 3.28
CA THR C 314 48.30 -10.21 2.00
C THR C 314 49.41 -9.67 1.10
N LEU C 315 49.51 -8.34 1.02
CA LEU C 315 50.53 -7.68 0.17
C LEU C 315 51.93 -8.14 0.61
N LYS C 316 52.19 -8.17 1.91
CA LYS C 316 53.52 -8.60 2.45
C LYS C 316 53.77 -10.07 2.12
N THR C 317 52.76 -10.93 2.28
CA THR C 317 52.89 -12.38 1.99
C THR C 317 53.25 -12.59 0.52
N VAL C 318 52.53 -12.00 -0.43
CA VAL C 318 52.76 -12.35 -1.86
C VAL C 318 54.07 -11.72 -2.33
N THR C 319 54.45 -10.55 -1.83
CA THR C 319 55.71 -9.89 -2.24
C THR C 319 56.91 -10.72 -1.72
N ALA C 320 56.81 -11.30 -0.52
CA ALA C 320 57.83 -12.20 0.05
C ALA C 320 57.97 -13.45 -0.84
N GLN C 321 56.96 -13.82 -1.61
CA GLN C 321 57.02 -15.00 -2.51
C GLN C 321 57.38 -14.59 -3.92
N GLY C 322 57.79 -13.35 -4.14
CA GLY C 322 58.34 -12.91 -5.44
C GLY C 322 57.32 -12.25 -6.35
N MET C 323 56.08 -12.05 -5.93
CA MET C 323 55.16 -11.23 -6.75
C MET C 323 55.60 -9.76 -6.70
N ALA C 324 55.57 -9.08 -7.84
CA ALA C 324 55.88 -7.63 -7.94
C ALA C 324 54.88 -6.82 -7.10
N LEU C 325 55.34 -5.80 -6.39
CA LEU C 325 54.49 -4.93 -5.55
C LEU C 325 53.32 -4.42 -6.41
N GLU C 326 53.55 -4.01 -7.66
CA GLU C 326 52.50 -3.35 -8.47
C GLU C 326 51.38 -4.35 -8.77
N ASP C 327 51.64 -5.65 -8.85
CA ASP C 327 50.62 -6.67 -9.19
C ASP C 327 49.59 -6.75 -8.06
N VAL C 328 50.06 -6.92 -6.83
CA VAL C 328 49.14 -7.04 -5.67
C VAL C 328 48.57 -5.65 -5.35
N LEU C 329 49.36 -4.60 -5.45
CA LEU C 329 48.89 -3.23 -5.12
C LEU C 329 47.73 -2.86 -6.05
N SER C 330 47.78 -3.24 -7.32
CA SER C 330 46.71 -2.98 -8.30
C SER C 330 45.41 -3.63 -7.83
N SER C 331 45.47 -4.81 -7.25
CA SER C 331 44.31 -5.59 -6.76
C SER C 331 43.64 -4.89 -5.58
N LEU C 332 44.32 -3.93 -4.95
CA LEU C 332 43.80 -3.17 -3.80
C LEU C 332 43.44 -1.74 -4.20
N THR C 333 43.78 -1.31 -5.41
CA THR C 333 43.76 0.12 -5.81
C THR C 333 43.15 0.23 -7.20
N ALA C 334 43.97 0.27 -8.23
CA ALA C 334 43.55 0.64 -9.60
C ALA C 334 42.50 -0.34 -10.13
N ASN C 335 42.63 -1.64 -9.84
CA ASN C 335 41.68 -2.63 -10.43
C ASN C 335 40.28 -2.36 -9.83
N VAL C 336 40.21 -2.07 -8.54
CA VAL C 336 38.93 -1.81 -7.84
C VAL C 336 38.33 -0.52 -8.42
N ALA C 337 39.13 0.54 -8.53
CA ALA C 337 38.66 1.84 -9.05
C ALA C 337 38.18 1.69 -10.49
N HIS C 338 38.82 0.84 -11.28
CA HIS C 338 38.44 0.62 -12.69
C HIS C 338 37.07 -0.08 -12.75
N LEU C 339 36.92 -1.20 -12.03
CA LEU C 339 35.65 -1.95 -12.03
C LEU C 339 34.53 -1.06 -11.50
N LEU C 340 34.79 -0.33 -10.42
CA LEU C 340 33.71 0.42 -9.72
C LEU C 340 33.53 1.82 -10.33
N ARG C 341 34.27 2.17 -11.38
CA ARG C 341 34.13 3.45 -12.09
C ARG C 341 34.31 4.61 -11.08
N LEU C 342 35.41 4.55 -10.35
CA LEU C 342 35.84 5.63 -9.41
C LEU C 342 37.07 6.29 -10.01
N PRO C 343 36.92 7.20 -10.99
CA PRO C 343 38.09 7.75 -11.68
C PRO C 343 39.01 8.62 -10.80
N ALA C 344 38.53 9.09 -9.65
CA ALA C 344 39.34 9.91 -8.71
C ALA C 344 40.16 9.02 -7.76
N LYS C 345 39.97 7.69 -7.78
CA LYS C 345 40.53 6.79 -6.75
C LYS C 345 41.51 5.79 -7.38
N GLY C 346 42.31 5.14 -6.54
CA GLY C 346 43.12 3.97 -6.91
C GLY C 346 44.35 4.30 -7.74
N LYS C 347 44.73 5.58 -7.86
CA LYS C 347 45.83 5.97 -8.78
C LYS C 347 46.55 7.20 -8.22
N ILE C 348 47.87 7.22 -8.35
CA ILE C 348 48.65 8.48 -8.18
C ILE C 348 48.76 9.10 -9.57
N ALA C 349 47.86 10.03 -9.86
CA ALA C 349 47.72 10.71 -11.16
C ALA C 349 47.21 12.12 -10.89
N THR C 350 47.60 13.09 -11.69
CA THR C 350 47.20 14.49 -11.43
C THR C 350 45.69 14.58 -11.61
N GLY C 351 45.04 15.30 -10.70
CA GLY C 351 43.57 15.45 -10.73
C GLY C 351 42.87 14.39 -9.89
N ALA C 352 43.55 13.32 -9.49
CA ALA C 352 42.96 12.26 -8.64
C ALA C 352 42.91 12.78 -7.20
N ASP C 353 42.08 12.13 -6.37
CA ASP C 353 42.03 12.42 -4.91
C ASP C 353 43.39 12.10 -4.27
N ALA C 354 43.81 12.95 -3.34
CA ALA C 354 45.05 12.77 -2.56
C ALA C 354 44.79 11.76 -1.43
N ASP C 355 44.56 10.51 -1.83
CA ASP C 355 44.49 9.33 -0.95
C ASP C 355 45.81 8.57 -1.17
N LEU C 356 46.70 8.61 -0.20
CA LEU C 356 48.11 8.16 -0.37
C LEU C 356 48.58 7.42 0.88
N LEU C 357 49.38 6.37 0.68
CA LEU C 357 50.12 5.66 1.73
C LEU C 357 51.63 5.88 1.53
N VAL C 358 52.34 6.09 2.62
CA VAL C 358 53.83 6.04 2.66
C VAL C 358 54.21 4.74 3.37
N LEU C 359 54.95 3.88 2.66
CA LEU C 359 55.35 2.55 3.20
C LEU C 359 56.83 2.56 3.61
N ASP C 360 57.15 1.83 4.68
CA ASP C 360 58.52 1.42 5.04
C ASP C 360 59.02 0.39 4.00
N ALA C 361 60.28 0.01 4.14
CA ALA C 361 60.94 -0.90 3.17
C ALA C 361 60.30 -2.30 3.21
N ASP C 362 59.80 -2.72 4.37
CA ASP C 362 59.09 -4.01 4.56
C ASP C 362 57.59 -3.87 4.22
N TYR C 363 57.16 -2.70 3.73
CA TYR C 363 55.78 -2.38 3.26
C TYR C 363 54.83 -2.13 4.44
N SER C 364 55.34 -2.00 5.66
CA SER C 364 54.55 -1.47 6.79
C SER C 364 54.10 -0.05 6.45
N ILE C 365 52.91 0.32 6.89
CA ILE C 365 52.36 1.66 6.61
C ILE C 365 52.96 2.62 7.62
N ASN C 366 53.55 3.70 7.14
CA ASN C 366 54.12 4.75 8.03
C ASN C 366 53.16 5.94 8.10
N ASP C 367 52.57 6.32 6.96
CA ASP C 367 51.70 7.51 6.88
C ASP C 367 50.50 7.18 5.98
N VAL C 368 49.35 7.76 6.32
CA VAL C 368 48.10 7.61 5.54
C VAL C 368 47.49 8.99 5.38
N MET C 369 47.29 9.37 4.12
CA MET C 369 46.62 10.62 3.76
C MET C 369 45.30 10.26 3.08
N ALA C 370 44.21 10.93 3.49
CA ALA C 370 42.88 10.83 2.86
C ALA C 370 42.43 12.23 2.52
N LEU C 371 42.10 12.44 1.25
CA LEU C 371 41.61 13.74 0.71
C LEU C 371 42.56 14.85 1.17
N GLY C 372 43.86 14.60 1.13
CA GLY C 372 44.87 15.66 1.39
C GLY C 372 45.13 15.88 2.85
N ARG C 373 44.54 15.12 3.77
CA ARG C 373 44.76 15.29 5.22
C ARG C 373 45.46 14.04 5.77
N TRP C 374 46.43 14.22 6.65
CA TRP C 374 47.08 13.09 7.36
C TRP C 374 46.12 12.53 8.40
N HIS C 375 45.84 11.23 8.30
CA HIS C 375 45.10 10.46 9.32
C HIS C 375 46.11 9.73 10.20
N LEU C 376 47.19 9.26 9.59
CA LEU C 376 48.28 8.55 10.28
C LEU C 376 49.60 9.20 9.83
N ARG C 377 50.47 9.51 10.77
CA ARG C 377 51.75 10.21 10.52
C ARG C 377 52.78 9.56 11.44
N ASP C 378 53.82 8.94 10.87
CA ASP C 378 54.87 8.20 11.64
C ASP C 378 54.17 7.20 12.56
N LYS C 379 53.19 6.48 12.03
CA LYS C 379 52.48 5.36 12.72
C LYS C 379 51.65 5.85 13.90
N ALA C 380 51.43 7.16 14.04
CA ALA C 380 50.56 7.71 15.10
C ALA C 380 49.26 8.22 14.45
N LEU C 381 48.11 7.95 15.07
CA LEU C 381 46.80 8.44 14.59
C LEU C 381 46.70 9.93 14.88
N ILE C 382 46.52 10.73 13.84
CA ILE C 382 46.34 12.20 13.90
C ILE C 382 44.84 12.49 13.88
N MET C 383 44.06 11.68 13.15
CA MET C 383 42.59 11.82 13.05
C MET C 383 41.97 10.49 13.44
N LYS C 384 40.86 10.54 14.15
CA LYS C 384 40.17 9.34 14.64
C LYS C 384 38.65 9.58 14.56
N GLY C 385 37.87 8.53 14.72
CA GLY C 385 36.41 8.62 14.75
C GLY C 385 35.93 9.47 15.92
N THR C 386 34.73 10.00 15.80
CA THR C 386 34.08 10.87 16.80
C THR C 386 34.12 10.22 18.19
N PHE C 387 33.92 8.91 18.29
CA PHE C 387 33.76 8.22 19.60
C PHE C 387 34.96 7.33 19.91
N GLU C 388 36.09 7.44 19.20
CA GLU C 388 37.29 6.62 19.51
C GLU C 388 38.08 7.25 20.69
N GLU C 389 38.82 6.44 21.44
CA GLU C 389 39.53 6.81 22.70
C GLU C 389 41.06 6.74 22.57
N THR D 2 44.32 20.80 -14.26
CA THR D 2 45.51 20.07 -13.70
C THR D 2 46.26 21.00 -12.74
N GLY D 3 46.69 22.16 -13.23
CA GLY D 3 47.71 22.97 -12.51
C GLY D 3 47.07 23.88 -11.49
N LEU D 4 47.85 24.82 -10.96
CA LEU D 4 47.34 25.94 -10.15
C LEU D 4 46.89 27.08 -11.06
N THR D 5 45.92 27.86 -10.61
CA THR D 5 45.57 29.14 -11.24
C THR D 5 45.91 30.24 -10.25
N ILE D 6 46.61 31.27 -10.71
CA ILE D 6 46.99 32.40 -9.84
C ILE D 6 46.35 33.67 -10.40
N LEU D 7 45.64 34.37 -9.53
CA LEU D 7 44.96 35.64 -9.85
C LEU D 7 45.70 36.72 -9.05
N ARG D 8 46.42 37.57 -9.76
CA ARG D 8 47.25 38.64 -9.17
C ARG D 8 46.49 39.96 -9.18
N ASN D 9 46.68 40.79 -8.16
CA ASN D 9 46.10 42.13 -8.07
C ASN D 9 44.57 42.06 -8.23
N ALA D 10 43.97 41.12 -7.51
CA ALA D 10 42.51 40.96 -7.44
C ALA D 10 42.02 41.93 -6.40
N ASN D 11 41.04 42.76 -6.75
CA ASN D 11 40.44 43.66 -5.76
C ASN D 11 39.31 42.90 -5.11
N VAL D 12 39.58 42.30 -3.96
CA VAL D 12 38.75 41.20 -3.43
C VAL D 12 37.57 41.79 -2.65
N TYR D 13 36.38 41.38 -3.06
CA TYR D 13 35.13 41.53 -2.28
C TYR D 13 34.72 40.13 -1.85
N ALA D 14 34.87 39.81 -0.57
CA ALA D 14 34.94 38.43 -0.09
C ALA D 14 33.63 37.86 0.46
N PRO D 15 32.45 38.53 0.54
CA PRO D 15 32.13 39.78 -0.15
C PRO D 15 32.57 41.10 0.50
N GLN D 16 33.02 41.11 1.76
CA GLN D 16 33.57 42.37 2.38
C GLN D 16 34.87 42.76 1.67
N PRO D 17 35.14 44.07 1.44
CA PRO D 17 36.34 44.50 0.73
C PRO D 17 37.60 44.19 1.54
N LEU D 18 38.56 43.48 0.93
CA LEU D 18 39.83 43.10 1.56
C LEU D 18 40.99 43.88 0.93
N GLY D 19 40.77 44.59 -0.17
CA GLY D 19 41.85 45.23 -0.93
C GLY D 19 42.49 44.28 -1.91
N LEU D 20 43.66 44.66 -2.45
CA LEU D 20 44.32 43.89 -3.51
C LEU D 20 44.95 42.64 -2.88
N LYS D 21 44.79 41.50 -3.55
CA LYS D 21 45.35 40.23 -3.07
C LYS D 21 45.79 39.42 -4.27
N THR D 22 46.68 38.48 -3.99
CA THR D 22 46.95 37.34 -4.88
C THR D 22 46.05 36.18 -4.37
N VAL D 23 45.33 35.56 -5.30
CA VAL D 23 44.41 34.44 -4.97
C VAL D 23 44.90 33.24 -5.74
N LEU D 24 45.19 32.17 -5.00
CA LEU D 24 45.70 30.91 -5.58
C LEU D 24 44.58 29.89 -5.56
N VAL D 25 44.32 29.26 -6.70
CA VAL D 25 43.23 28.27 -6.85
C VAL D 25 43.83 26.96 -7.33
N GLY D 26 43.38 25.85 -6.73
CA GLY D 26 43.71 24.51 -7.25
C GLY D 26 42.83 23.45 -6.65
N GLY D 27 42.66 22.34 -7.37
CA GLY D 27 41.78 21.25 -6.92
C GLY D 27 40.38 21.74 -6.64
N GLY D 28 39.94 22.80 -7.34
CA GLY D 28 38.58 23.35 -7.23
C GLY D 28 38.38 24.23 -6.02
N LYS D 29 39.45 24.56 -5.29
CA LYS D 29 39.38 25.27 -4.00
C LYS D 29 40.25 26.52 -4.05
N ILE D 30 39.95 27.49 -3.19
CA ILE D 30 40.81 28.65 -2.91
C ILE D 30 41.89 28.19 -1.92
N LEU D 31 43.13 28.14 -2.35
CA LEU D 31 44.27 27.60 -1.55
C LEU D 31 45.00 28.71 -0.78
N ALA D 32 44.98 29.94 -1.28
CA ALA D 32 45.66 31.07 -0.60
C ALA D 32 45.06 32.41 -1.03
N ILE D 33 45.03 33.33 -0.08
CA ILE D 33 44.66 34.75 -0.28
C ILE D 33 45.75 35.55 0.42
N THR D 34 46.59 36.26 -0.30
CA THR D 34 47.83 36.80 0.29
C THR D 34 48.18 38.17 -0.31
N ASP D 35 48.86 39.00 0.47
CA ASP D 35 49.55 40.23 -0.02
C ASP D 35 50.78 39.87 -0.85
N GLU D 36 51.35 38.68 -0.66
CA GLU D 36 52.62 38.26 -1.31
C GLU D 36 52.41 38.09 -2.82
N ALA D 37 53.35 38.58 -3.62
CA ALA D 37 53.42 38.34 -5.08
C ALA D 37 53.99 36.94 -5.35
N LEU D 38 53.17 35.92 -5.15
CA LEU D 38 53.64 34.50 -5.15
C LEU D 38 54.45 34.21 -6.40
N GLU D 39 55.62 33.64 -6.20
CA GLU D 39 56.48 33.15 -7.32
C GLU D 39 56.40 31.62 -7.33
N LEU D 40 55.86 31.05 -8.40
CA LEU D 40 55.58 29.60 -8.48
C LEU D 40 56.35 29.05 -9.68
N PRO D 41 56.76 27.77 -9.65
CA PRO D 41 57.32 27.13 -10.83
C PRO D 41 56.29 27.10 -11.97
N ALA D 42 56.72 27.47 -13.16
CA ALA D 42 55.85 27.58 -14.35
C ALA D 42 55.22 26.22 -14.66
N SER D 43 55.93 25.14 -14.38
CA SER D 43 55.53 23.75 -14.76
C SER D 43 54.22 23.36 -14.04
N ILE D 44 53.87 23.95 -12.89
CA ILE D 44 52.66 23.56 -12.10
C ILE D 44 51.56 24.64 -12.23
N VAL D 45 51.76 25.67 -13.05
CA VAL D 45 50.76 26.78 -13.19
C VAL D 45 50.01 26.58 -14.51
N ALA D 46 48.71 26.34 -14.43
CA ALA D 46 47.79 26.30 -15.59
C ALA D 46 47.58 27.71 -16.14
N ASP D 47 47.38 28.70 -15.26
CA ASP D 47 46.97 30.06 -15.67
C ASP D 47 47.54 31.07 -14.69
N ASP D 48 48.30 32.04 -15.17
CA ASP D 48 48.85 33.14 -14.37
C ASP D 48 48.20 34.43 -14.88
N ILE D 49 47.25 34.98 -14.15
CA ILE D 49 46.39 36.08 -14.66
C ILE D 49 46.55 37.30 -13.77
N ASP D 50 46.87 38.43 -14.37
CA ASP D 50 46.94 39.73 -13.66
C ASP D 50 45.59 40.40 -13.82
N LEU D 51 44.79 40.50 -12.76
CA LEU D 51 43.46 41.15 -12.86
C LEU D 51 43.62 42.69 -12.86
N GLN D 52 44.82 43.20 -12.56
CA GLN D 52 45.14 44.65 -12.66
C GLN D 52 44.09 45.47 -11.92
N GLY D 53 43.74 45.04 -10.71
CA GLY D 53 42.90 45.80 -9.79
C GLY D 53 41.40 45.63 -10.05
N ARG D 54 41.02 44.77 -10.97
CA ARG D 54 39.58 44.46 -11.20
C ARG D 54 39.04 43.67 -10.01
N ILE D 55 37.77 43.86 -9.75
CA ILE D 55 36.98 43.26 -8.65
C ILE D 55 36.86 41.75 -8.84
N LEU D 56 37.09 41.02 -7.77
CA LEU D 56 36.89 39.55 -7.67
C LEU D 56 35.85 39.33 -6.58
N THR D 57 34.76 38.63 -6.89
CA THR D 57 33.67 38.35 -5.92
C THR D 57 33.42 36.86 -5.88
N PRO D 58 32.71 36.37 -4.85
CA PRO D 58 32.17 35.01 -4.87
C PRO D 58 31.15 34.92 -5.99
N GLY D 59 30.98 33.72 -6.54
CA GLY D 59 29.84 33.47 -7.46
C GLY D 59 28.52 33.66 -6.75
N PHE D 60 27.48 34.06 -7.48
CA PHE D 60 26.12 34.23 -6.93
C PHE D 60 25.51 32.85 -6.64
N ILE D 61 24.74 32.79 -5.56
CA ILE D 61 23.91 31.63 -5.18
C ILE D 61 22.46 32.03 -5.39
N ASP D 62 21.84 31.50 -6.43
CA ASP D 62 20.43 31.77 -6.77
C ASP D 62 19.59 30.66 -6.13
N ALA D 63 18.98 30.95 -4.99
CA ALA D 63 18.33 29.91 -4.14
C ALA D 63 16.87 29.70 -4.51
N HIS D 64 16.40 30.26 -5.61
CA HIS D 64 15.00 30.10 -6.06
C HIS D 64 14.99 30.06 -7.59
N ALA D 65 15.20 28.89 -8.17
CA ALA D 65 15.19 28.71 -9.62
C ALA D 65 14.41 27.45 -9.98
N HIS D 66 13.61 27.54 -11.03
CA HIS D 66 12.93 26.39 -11.64
C HIS D 66 13.90 25.76 -12.63
N ILE D 67 14.85 24.99 -12.14
CA ILE D 67 15.88 24.39 -13.01
C ILE D 67 15.25 23.46 -14.05
N THR D 68 14.12 22.82 -13.75
CA THR D 68 13.42 21.93 -14.72
C THR D 68 12.57 22.75 -15.67
N GLY D 69 12.48 24.05 -15.44
CA GLY D 69 11.42 24.89 -16.03
C GLY D 69 10.19 24.88 -15.13
N GLY D 70 9.54 26.02 -15.01
CA GLY D 70 8.27 26.14 -14.27
C GLY D 70 7.09 26.16 -15.23
N GLY D 71 6.18 27.09 -15.01
CA GLY D 71 4.97 27.23 -15.83
C GLY D 71 4.01 26.07 -15.66
N GLY D 72 3.10 25.92 -16.61
CA GLY D 72 2.02 24.94 -16.54
C GLY D 72 0.84 25.48 -15.76
N GLU D 73 0.83 26.77 -15.41
CA GLU D 73 -0.24 27.40 -14.60
C GLU D 73 -1.38 27.90 -15.47
N ALA D 74 -1.18 28.03 -16.78
CA ALA D 74 -2.24 28.49 -17.70
C ALA D 74 -2.19 27.63 -18.95
N GLY D 75 -2.33 26.32 -18.80
CA GLY D 75 -2.29 25.38 -19.93
C GLY D 75 -0.97 24.64 -19.99
N PHE D 76 -1.02 23.41 -20.46
CA PHE D 76 0.17 22.54 -20.59
C PHE D 76 1.24 23.14 -21.51
N ALA D 77 0.85 23.93 -22.49
CA ALA D 77 1.79 24.57 -23.45
C ALA D 77 2.72 25.54 -22.70
N THR D 78 2.36 26.00 -21.51
CA THR D 78 3.20 26.96 -20.74
C THR D 78 4.25 26.25 -19.88
N GLN D 79 4.42 24.92 -19.99
CA GLN D 79 5.56 24.21 -19.36
C GLN D 79 6.87 24.78 -19.94
N VAL D 80 7.67 25.42 -19.09
CA VAL D 80 8.98 26.03 -19.49
C VAL D 80 10.00 24.92 -19.67
N PRO D 81 10.86 24.98 -20.71
CA PRO D 81 11.97 24.02 -20.85
C PRO D 81 12.98 24.16 -19.72
N PRO D 82 13.77 23.11 -19.44
CA PRO D 82 14.82 23.20 -18.43
C PRO D 82 15.79 24.34 -18.76
N VAL D 83 16.26 25.02 -17.75
CA VAL D 83 17.22 26.16 -17.90
C VAL D 83 18.59 25.59 -18.29
N PRO D 84 19.12 25.96 -19.47
CA PRO D 84 20.46 25.56 -19.86
C PRO D 84 21.55 26.15 -18.93
N LEU D 85 22.64 25.42 -18.78
CA LEU D 85 23.78 25.79 -17.93
C LEU D 85 24.15 27.28 -18.10
N SER D 86 24.35 27.74 -19.33
CA SER D 86 24.87 29.11 -19.60
C SER D 86 23.89 30.17 -19.13
N GLN D 87 22.60 29.84 -18.99
CA GLN D 87 21.59 30.80 -18.48
C GLN D 87 21.72 30.95 -16.96
N PHE D 88 22.61 30.19 -16.31
CA PHE D 88 23.08 30.49 -14.94
C PHE D 88 24.46 31.14 -15.00
N THR D 89 25.44 30.45 -15.57
CA THR D 89 26.88 30.80 -15.44
C THR D 89 27.18 32.16 -16.10
N ALA D 90 26.63 32.45 -17.28
CA ALA D 90 26.89 33.73 -17.98
C ALA D 90 26.40 34.91 -17.15
N PHE D 91 25.52 34.68 -16.19
CA PHE D 91 24.91 35.73 -15.33
C PHE D 91 25.51 35.70 -13.93
N GLY D 92 26.59 34.95 -13.74
CA GLY D 92 27.34 34.95 -12.47
C GLY D 92 26.81 33.94 -11.47
N VAL D 93 25.82 33.12 -11.84
CA VAL D 93 25.25 32.11 -10.91
C VAL D 93 26.09 30.83 -11.00
N THR D 94 26.83 30.53 -9.94
CA THR D 94 27.72 29.35 -9.88
C THR D 94 27.08 28.27 -8.99
N THR D 95 26.10 28.63 -8.15
CA THR D 95 25.30 27.68 -7.35
C THR D 95 23.82 28.02 -7.53
N VAL D 96 23.01 27.03 -7.84
CA VAL D 96 21.54 27.21 -7.93
C VAL D 96 20.86 26.26 -6.93
N VAL D 97 19.73 26.69 -6.38
CA VAL D 97 18.86 25.78 -5.60
C VAL D 97 17.54 25.69 -6.36
N GLY D 98 17.25 24.51 -6.89
CA GLY D 98 16.08 24.24 -7.72
C GLY D 98 14.85 23.96 -6.89
N LEU D 99 13.68 24.25 -7.44
CA LEU D 99 12.40 23.92 -6.80
C LEU D 99 11.34 23.69 -7.87
N LEU D 100 10.30 22.96 -7.49
CA LEU D 100 9.01 22.91 -8.19
C LEU D 100 8.14 24.05 -7.62
N GLY D 101 7.32 24.61 -8.49
CA GLY D 101 6.30 25.60 -8.12
C GLY D 101 4.90 25.05 -8.28
N THR D 102 4.03 25.81 -8.92
CA THR D 102 2.58 25.53 -8.96
C THR D 102 2.37 24.14 -9.55
N ASP D 103 3.11 23.78 -10.61
CA ASP D 103 2.98 22.42 -11.17
C ASP D 103 3.92 21.47 -10.42
N ASP D 104 3.45 20.93 -9.30
CA ASP D 104 4.09 19.81 -8.58
C ASP D 104 3.21 18.57 -8.78
N THR D 105 2.41 18.55 -9.85
CA THR D 105 1.54 17.42 -10.22
C THR D 105 2.20 16.64 -11.35
N THR D 106 2.47 17.27 -12.50
CA THR D 106 3.10 16.57 -13.65
C THR D 106 4.62 16.49 -13.42
N ARG D 107 5.19 17.41 -12.66
CA ARG D 107 6.64 17.43 -12.35
C ARG D 107 6.86 16.79 -10.99
N SER D 108 7.95 16.03 -10.86
CA SER D 108 8.25 15.20 -9.69
C SER D 108 9.57 15.64 -9.07
N THR D 109 9.81 15.23 -7.83
CA THR D 109 11.11 15.43 -7.16
C THR D 109 12.20 14.69 -7.93
N GLY D 110 11.89 13.58 -8.58
CA GLY D 110 12.89 12.86 -9.39
C GLY D 110 13.31 13.68 -10.59
N ASN D 111 12.37 14.38 -11.23
CA ASN D 111 12.70 15.32 -12.34
C ASN D 111 13.69 16.35 -11.77
N LEU D 112 13.39 16.91 -10.61
CA LEU D 112 14.15 18.03 -10.05
C LEU D 112 15.55 17.57 -9.66
N LEU D 113 15.64 16.47 -8.91
CA LEU D 113 16.93 15.99 -8.40
C LEU D 113 17.80 15.51 -9.56
N SER D 114 17.22 14.88 -10.57
CA SER D 114 18.01 14.42 -11.74
C SER D 114 18.58 15.64 -12.48
N ARG D 115 17.86 16.76 -12.54
CA ARG D 115 18.39 17.97 -13.19
C ARG D 115 19.51 18.59 -12.32
N VAL D 116 19.39 18.52 -11.00
CA VAL D 116 20.51 18.93 -10.09
C VAL D 116 21.77 18.15 -10.50
N TYR D 117 21.67 16.82 -10.65
CA TYR D 117 22.84 15.99 -11.01
C TYR D 117 23.34 16.37 -12.40
N GLY D 118 22.43 16.69 -13.33
CA GLY D 118 22.83 17.13 -14.68
C GLY D 118 23.65 18.41 -14.62
N LEU D 119 23.22 19.39 -13.84
CA LEU D 119 23.96 20.67 -13.73
C LEU D 119 25.30 20.43 -13.03
N ARG D 120 25.36 19.54 -12.05
CA ARG D 120 26.64 19.18 -11.39
C ARG D 120 27.57 18.53 -12.40
N GLU D 121 27.07 17.64 -13.25
CA GLU D 121 27.93 16.97 -14.26
C GLU D 121 28.47 18.02 -15.21
N GLU D 122 27.74 19.09 -15.49
CA GLU D 122 28.16 20.13 -16.46
C GLU D 122 29.08 21.17 -15.80
N GLY D 123 29.33 21.06 -14.50
CA GLY D 123 30.42 21.78 -13.83
C GLY D 123 29.96 22.95 -12.95
N MET D 124 28.67 23.15 -12.72
CA MET D 124 28.25 24.14 -11.71
C MET D 124 27.82 23.40 -10.44
N SER D 125 27.39 24.12 -9.42
CA SER D 125 26.94 23.57 -8.14
C SER D 125 25.42 23.71 -8.08
N ALA D 126 24.74 22.71 -7.56
CA ALA D 126 23.26 22.70 -7.53
C ALA D 126 22.76 21.90 -6.35
N TYR D 127 21.70 22.40 -5.76
CA TYR D 127 20.95 21.80 -4.64
C TYR D 127 19.48 21.92 -5.02
N CYS D 128 18.58 21.36 -4.23
CA CYS D 128 17.16 21.58 -4.48
C CYS D 128 16.36 21.51 -3.17
N TRP D 129 15.16 22.06 -3.27
CA TRP D 129 14.10 22.01 -2.24
C TRP D 129 13.21 20.82 -2.59
N THR D 130 12.74 20.08 -1.59
CA THR D 130 11.73 19.03 -1.82
C THR D 130 10.36 19.58 -1.40
N GLY D 131 9.31 18.84 -1.66
CA GLY D 131 7.97 19.12 -1.11
C GLY D 131 7.08 19.85 -2.09
N GLY D 132 7.62 20.88 -2.73
CA GLY D 132 6.87 21.77 -3.63
C GLY D 132 5.85 22.66 -2.93
N TYR D 133 4.81 22.99 -3.67
CA TYR D 133 3.91 24.13 -3.46
C TYR D 133 2.67 23.73 -2.67
N HIS D 134 2.20 22.52 -2.92
CA HIS D 134 0.92 21.99 -2.41
C HIS D 134 1.12 20.98 -1.28
N TYR D 135 0.00 20.73 -0.59
CA TYR D 135 -0.18 19.72 0.47
C TYR D 135 -1.16 18.69 -0.06
N PRO D 136 -0.88 17.38 0.09
CA PRO D 136 0.37 16.88 0.67
C PRO D 136 1.61 17.16 -0.20
N LEU D 137 2.77 17.12 0.43
CA LEU D 137 4.06 17.46 -0.23
C LEU D 137 4.38 16.43 -1.30
N THR D 138 5.01 16.90 -2.36
CA THR D 138 5.62 16.08 -3.44
C THR D 138 7.08 15.82 -3.03
N THR D 139 7.42 14.58 -2.79
CA THR D 139 8.75 14.14 -2.32
C THR D 139 9.20 12.95 -3.15
N LEU D 140 10.49 12.63 -3.08
CA LEU D 140 11.08 11.48 -3.81
C LEU D 140 10.79 10.21 -3.03
N MET D 141 11.13 10.22 -1.75
CA MET D 141 10.80 9.15 -0.79
C MET D 141 9.41 9.44 -0.21
N GLY D 142 9.00 8.71 0.81
CA GLY D 142 7.65 8.86 1.38
C GLY D 142 7.44 10.17 2.14
N SER D 143 8.48 10.88 2.55
CA SER D 143 8.33 12.09 3.39
C SER D 143 9.47 13.07 3.10
N ALA D 144 9.24 14.33 3.41
CA ALA D 144 10.24 15.40 3.27
C ALA D 144 11.43 15.09 4.19
N ARG D 145 11.18 14.59 5.40
CA ARG D 145 12.26 14.33 6.35
C ARG D 145 13.20 13.27 5.76
N GLU D 146 12.67 12.22 5.18
CA GLU D 146 13.50 11.17 4.52
C GLU D 146 14.28 11.78 3.35
N ASP D 147 13.65 12.58 2.51
CA ASP D 147 14.32 13.21 1.36
C ASP D 147 15.54 14.00 1.86
N ILE D 148 15.36 14.84 2.88
CA ILE D 148 16.43 15.75 3.34
C ILE D 148 17.51 14.92 4.03
N VAL D 149 17.13 13.91 4.80
CA VAL D 149 18.14 13.07 5.51
C VAL D 149 18.99 12.32 4.48
N TYR D 150 18.40 11.68 3.49
CA TYR D 150 19.11 10.68 2.67
C TYR D 150 19.66 11.24 1.34
N MET D 151 19.13 12.35 0.82
CA MET D 151 19.57 12.86 -0.52
C MET D 151 20.42 14.10 -0.29
N GLU D 152 21.72 13.98 -0.52
CA GLU D 152 22.66 15.07 -0.19
C GLU D 152 22.18 16.40 -0.77
N PRO D 153 21.76 16.50 -2.05
CA PRO D 153 21.44 17.81 -2.63
C PRO D 153 20.16 18.47 -2.11
N ILE D 154 19.32 17.72 -1.38
CA ILE D 154 18.03 18.24 -0.88
C ILE D 154 18.25 18.91 0.47
N ILE D 155 17.95 20.20 0.57
CA ILE D 155 18.39 21.01 1.73
C ILE D 155 17.21 21.47 2.58
N GLY D 156 15.99 21.32 2.09
CA GLY D 156 14.83 21.83 2.82
C GLY D 156 13.57 21.65 2.03
N VAL D 157 12.50 22.29 2.48
CA VAL D 157 11.16 22.19 1.84
C VAL D 157 10.87 23.51 1.13
N GLY D 158 10.46 23.44 -0.13
CA GLY D 158 10.00 24.63 -0.87
C GLY D 158 9.55 24.28 -2.28
N GLU D 159 8.92 25.25 -2.96
CA GLU D 159 8.47 26.49 -2.36
C GLU D 159 7.01 26.33 -1.94
N PHE D 160 6.76 26.29 -0.66
CA PHE D 160 5.45 25.89 -0.10
C PHE D 160 4.56 27.14 -0.04
N ALA D 161 3.39 27.09 -0.64
CA ALA D 161 2.59 28.32 -0.88
C ALA D 161 1.71 28.64 0.33
N ILE D 162 1.76 29.90 0.76
CA ILE D 162 0.79 30.49 1.72
C ILE D 162 0.28 31.82 1.17
N SER D 163 -0.92 32.21 1.63
CA SER D 163 -1.57 33.50 1.27
C SER D 163 -1.63 33.63 -0.25
N ASP D 164 -2.16 32.60 -0.92
CA ASP D 164 -2.20 32.57 -2.40
C ASP D 164 -3.38 31.72 -2.85
N HIS D 165 -4.12 32.19 -3.85
CA HIS D 165 -5.28 31.45 -4.42
C HIS D 165 -4.84 30.07 -4.97
N ARG D 166 -3.57 29.88 -5.30
CA ARG D 166 -3.07 28.59 -5.83
C ARG D 166 -2.53 27.69 -4.70
N SER D 167 -2.55 28.14 -3.45
CA SER D 167 -2.08 27.33 -2.31
C SER D 167 -3.03 26.15 -2.09
N SER D 168 -2.65 25.25 -1.20
CA SER D 168 -3.51 24.15 -0.71
C SER D 168 -4.30 24.61 0.52
N GLN D 169 -4.36 25.93 0.79
CA GLN D 169 -5.02 26.47 2.01
C GLN D 169 -4.50 25.72 3.23
N PRO D 170 -3.17 25.71 3.43
CA PRO D 170 -2.57 24.97 4.53
C PRO D 170 -2.99 25.55 5.88
N GLN D 171 -3.18 24.67 6.83
CA GLN D 171 -3.54 25.02 8.22
C GLN D 171 -2.24 25.17 9.02
N PHE D 172 -2.30 25.96 10.07
CA PHE D 172 -1.20 26.18 11.01
C PHE D 172 -0.55 24.85 11.40
N GLU D 173 -1.35 23.86 11.78
CA GLU D 173 -0.86 22.56 12.30
C GLU D 173 -0.06 21.83 11.21
N GLU D 174 -0.50 21.90 9.96
CA GLU D 174 0.22 21.31 8.80
C GLU D 174 1.55 22.04 8.62
N VAL D 175 1.56 23.37 8.67
CA VAL D 175 2.78 24.19 8.42
C VAL D 175 3.83 23.86 9.47
N ILE D 176 3.47 23.84 10.76
CA ILE D 176 4.51 23.68 11.81
C ILE D 176 5.01 22.22 11.79
N ARG D 177 4.21 21.26 11.38
CA ARG D 177 4.65 19.85 11.23
C ARG D 177 5.70 19.79 10.12
N ILE D 178 5.42 20.40 8.97
CA ILE D 178 6.40 20.46 7.84
C ILE D 178 7.69 21.14 8.32
N ALA D 179 7.59 22.27 9.00
CA ALA D 179 8.75 23.01 9.52
C ALA D 179 9.55 22.12 10.46
N SER D 180 8.89 21.39 11.35
CA SER D 180 9.58 20.51 12.32
C SER D 180 10.39 19.44 11.57
N ASP D 181 9.82 18.87 10.51
CA ASP D 181 10.50 17.82 9.70
C ASP D 181 11.73 18.42 9.00
N ALA D 182 11.62 19.60 8.40
CA ALA D 182 12.75 20.26 7.73
C ALA D 182 13.85 20.57 8.76
N HIS D 183 13.46 21.07 9.92
CA HIS D 183 14.41 21.52 10.98
C HIS D 183 15.19 20.31 11.50
N VAL D 184 14.50 19.24 11.85
CA VAL D 184 15.14 18.03 12.40
C VAL D 184 16.08 17.46 11.34
N ALA D 185 15.65 17.37 10.09
CA ALA D 185 16.50 16.82 9.02
C ALA D 185 17.75 17.71 8.85
N GLY D 186 17.59 19.03 8.94
CA GLY D 186 18.72 19.98 8.89
C GLY D 186 19.72 19.72 9.99
N LEU D 187 19.26 19.54 11.22
CA LEU D 187 20.18 19.27 12.36
C LEU D 187 20.92 17.94 12.11
N MET D 188 20.22 16.93 11.62
CA MET D 188 20.83 15.59 11.45
C MET D 188 21.93 15.64 10.37
N THR D 189 21.79 16.50 9.38
CA THR D 189 22.62 16.47 8.15
C THR D 189 23.64 17.60 8.08
N GLY D 190 23.45 18.67 8.85
CA GLY D 190 24.23 19.90 8.68
C GLY D 190 23.72 20.78 7.56
N LYS D 191 22.58 20.47 6.98
CA LYS D 191 22.03 21.23 5.83
C LYS D 191 21.06 22.30 6.32
N ALA D 192 20.58 23.15 5.42
CA ALA D 192 19.71 24.30 5.72
C ALA D 192 18.52 23.70 6.47
N GLY D 193 17.96 23.85 7.62
CA GLY D 193 16.83 22.79 7.59
C GLY D 193 15.63 23.66 7.52
N ILE D 194 15.28 24.29 6.41
CA ILE D 194 14.27 25.39 6.46
C ILE D 194 13.14 25.14 5.48
N VAL D 195 12.07 25.91 5.65
CA VAL D 195 10.92 25.94 4.73
C VAL D 195 10.98 27.28 4.01
N HIS D 196 11.13 27.19 2.71
CA HIS D 196 11.09 28.31 1.76
C HIS D 196 9.63 28.48 1.33
N PHE D 197 8.97 29.54 1.77
CA PHE D 197 7.53 29.77 1.53
C PHE D 197 7.33 30.73 0.37
N HIS D 198 6.56 30.31 -0.62
CA HIS D 198 6.01 31.21 -1.65
C HIS D 198 4.91 32.05 -1.00
N LEU D 199 5.04 33.36 -1.05
CA LEU D 199 3.94 34.29 -0.64
C LEU D 199 3.18 34.74 -1.88
N GLY D 200 1.85 34.72 -1.80
CA GLY D 200 0.99 35.41 -2.77
C GLY D 200 0.51 36.75 -2.22
N ASP D 201 -0.54 37.29 -2.84
CA ASP D 201 -1.10 38.62 -2.52
C ASP D 201 -2.24 38.49 -1.52
N GLY D 202 -2.44 37.35 -0.88
CA GLY D 202 -3.47 37.24 0.16
C GLY D 202 -3.24 38.22 1.29
N SER D 203 -4.30 38.83 1.81
CA SER D 203 -4.21 39.86 2.88
C SER D 203 -3.77 39.23 4.21
N ARG D 204 -3.82 37.90 4.39
CA ARG D 204 -3.31 37.26 5.62
C ARG D 204 -1.77 37.35 5.65
N LYS D 205 -1.10 37.59 4.52
CA LYS D 205 0.36 37.85 4.47
C LYS D 205 1.08 36.76 5.29
N LEU D 206 1.86 37.11 6.31
CA LEU D 206 2.77 36.18 7.03
C LEU D 206 2.11 35.70 8.33
N ALA D 207 0.80 35.78 8.47
CA ALA D 207 0.08 35.40 9.72
C ALA D 207 0.46 34.00 10.21
N LEU D 208 0.59 33.01 9.33
CA LEU D 208 0.92 31.61 9.76
C LEU D 208 2.31 31.59 10.38
N ILE D 209 3.24 32.36 9.85
CA ILE D 209 4.63 32.42 10.36
C ILE D 209 4.63 33.18 11.68
N LYS D 210 3.87 34.26 11.81
CA LYS D 210 3.76 35.01 13.10
C LYS D 210 3.29 34.05 14.18
N ARG D 211 2.28 33.25 13.86
CA ARG D 211 1.72 32.30 14.84
C ARG D 211 2.77 31.24 15.19
N ALA D 212 3.53 30.74 14.23
CA ALA D 212 4.58 29.73 14.47
C ALA D 212 5.63 30.31 15.42
N LEU D 213 6.04 31.55 15.20
CA LEU D 213 7.08 32.21 16.02
C LEU D 213 6.55 32.47 17.43
N ALA D 214 5.27 32.78 17.57
CA ALA D 214 4.67 33.06 18.90
C ALA D 214 4.42 31.75 19.67
N GLU D 215 4.02 30.67 19.01
CA GLU D 215 3.44 29.50 19.74
C GLU D 215 4.43 28.33 19.79
N THR D 216 5.46 28.25 18.95
CA THR D 216 6.34 27.05 18.90
C THR D 216 7.76 27.44 19.34
N GLU D 217 8.60 26.42 19.55
CA GLU D 217 10.02 26.59 19.89
C GLU D 217 10.85 26.61 18.62
N LEU D 218 10.26 26.50 17.42
CA LEU D 218 11.09 26.37 16.19
C LEU D 218 11.90 27.65 16.00
N PRO D 219 13.20 27.57 15.70
CA PRO D 219 13.98 28.77 15.44
C PRO D 219 13.41 29.56 14.27
N ALA D 220 13.49 30.88 14.36
CA ALA D 220 12.91 31.80 13.39
C ALA D 220 13.51 31.54 12.00
N ARG D 221 14.79 31.17 11.91
CA ARG D 221 15.44 30.98 10.59
C ARG D 221 14.75 29.87 9.77
N VAL D 222 13.99 28.99 10.40
CA VAL D 222 13.31 27.87 9.70
C VAL D 222 12.21 28.42 8.77
N PHE D 223 11.68 29.61 9.05
CA PHE D 223 10.57 30.20 8.26
C PHE D 223 11.14 31.27 7.34
N ASN D 224 11.22 30.94 6.05
CA ASN D 224 11.96 31.74 5.05
C ASN D 224 10.99 32.16 3.95
N PRO D 225 10.25 33.29 4.09
CA PRO D 225 9.35 33.74 3.03
C PRO D 225 10.09 34.40 1.86
N THR D 226 9.62 34.12 0.65
CA THR D 226 10.13 34.71 -0.62
C THR D 226 9.01 35.50 -1.29
N HIS D 227 9.36 36.25 -2.32
CA HIS D 227 8.53 37.25 -3.03
C HIS D 227 7.95 38.27 -2.05
N VAL D 228 8.65 38.61 -0.99
CA VAL D 228 8.09 39.51 0.06
C VAL D 228 7.92 40.94 -0.50
N ASN D 229 8.57 41.25 -1.62
CA ASN D 229 8.52 42.56 -2.30
C ASN D 229 7.32 42.62 -3.28
N ARG D 230 6.49 41.58 -3.40
CA ARG D 230 5.44 41.55 -4.43
C ARG D 230 4.32 42.56 -4.12
N ASN D 231 4.10 42.92 -2.86
CA ASN D 231 3.16 44.02 -2.54
C ASN D 231 3.69 44.72 -1.30
N LYS D 232 3.30 45.97 -1.09
CA LYS D 232 3.97 46.85 -0.12
C LYS D 232 3.58 46.48 1.29
N PRO D 233 2.30 46.20 1.61
CA PRO D 233 1.96 45.76 2.97
C PRO D 233 2.72 44.47 3.36
N LEU D 234 2.90 43.54 2.43
CA LEU D 234 3.63 42.27 2.72
C LEU D 234 5.09 42.63 3.02
N PHE D 235 5.68 43.49 2.22
CA PHE D 235 7.09 43.88 2.40
C PHE D 235 7.27 44.53 3.78
N ASP D 236 6.32 45.39 4.19
CA ASP D 236 6.39 46.06 5.51
C ASP D 236 6.35 45.01 6.61
N GLU D 237 5.46 44.03 6.48
CA GLU D 237 5.32 42.96 7.51
C GLU D 237 6.61 42.13 7.53
N ALA D 238 7.17 41.81 6.37
CA ALA D 238 8.43 41.02 6.27
C ALA D 238 9.56 41.78 6.98
N CYS D 239 9.70 43.09 6.71
CA CYS D 239 10.76 43.93 7.34
C CYS D 239 10.57 43.94 8.85
N GLU D 240 9.34 44.12 9.36
CA GLU D 240 9.10 44.13 10.82
C GLU D 240 9.55 42.78 11.42
N MET D 241 9.29 41.66 10.74
CA MET D 241 9.57 40.32 11.33
C MET D 241 11.07 40.00 11.32
N LEU D 242 11.91 40.78 10.63
CA LEU D 242 13.38 40.56 10.67
C LEU D 242 13.87 40.64 12.12
N SER D 243 13.21 41.45 12.97
CA SER D 243 13.64 41.61 14.36
C SER D 243 13.42 40.29 15.12
N GLN D 244 12.58 39.38 14.64
CA GLN D 244 12.36 38.07 15.30
C GLN D 244 13.37 37.02 14.79
N GLY D 245 14.20 37.35 13.81
CA GLY D 245 15.30 36.48 13.37
C GLY D 245 14.98 35.70 12.09
N ILE D 246 13.84 35.95 11.41
CA ILE D 246 13.64 35.30 10.09
C ILE D 246 14.60 35.92 9.08
N TYR D 247 14.90 35.16 8.03
CA TYR D 247 15.53 35.65 6.79
C TYR D 247 14.42 35.85 5.77
N ILE D 248 14.53 36.88 4.94
CA ILE D 248 13.52 37.15 3.90
C ILE D 248 14.22 37.16 2.58
N ASP D 249 13.53 36.67 1.56
CA ASP D 249 14.04 36.57 0.19
C ASP D 249 13.23 37.52 -0.68
N ILE D 250 13.95 38.41 -1.33
CA ILE D 250 13.41 39.42 -2.27
C ILE D 250 13.60 38.87 -3.67
N THR D 251 12.59 38.93 -4.51
CA THR D 251 12.64 38.38 -5.87
C THR D 251 13.03 39.50 -6.83
N ALA D 252 14.02 39.27 -7.67
CA ALA D 252 14.44 40.20 -8.74
C ALA D 252 13.52 39.99 -9.94
N PHE D 253 12.29 40.44 -9.81
CA PHE D 253 11.29 40.57 -10.90
C PHE D 253 11.92 41.41 -12.01
N PRO D 254 11.66 41.13 -13.30
CA PRO D 254 11.96 42.11 -14.35
C PRO D 254 11.04 43.33 -14.13
N ASP D 255 11.38 44.51 -14.68
CA ASP D 255 10.66 45.78 -14.41
C ASP D 255 9.17 45.69 -14.77
N ASP D 256 8.81 44.94 -15.83
CA ASP D 256 7.42 44.67 -16.29
C ASP D 256 6.53 44.06 -15.19
N ALA D 257 7.08 43.10 -14.41
CA ALA D 257 6.33 42.17 -13.53
C ALA D 257 6.18 42.73 -12.10
N VAL D 258 6.72 43.91 -11.81
CA VAL D 258 6.75 44.56 -10.45
C VAL D 258 5.33 44.87 -9.96
N ASP D 259 4.38 45.23 -10.85
CA ASP D 259 2.96 45.57 -10.55
C ASP D 259 2.92 46.57 -9.39
N ASP D 260 2.23 46.24 -8.29
CA ASP D 260 2.01 47.14 -7.11
C ASP D 260 3.06 46.92 -6.02
N GLY D 261 4.17 46.25 -6.32
CA GLY D 261 5.19 45.98 -5.29
C GLY D 261 6.45 46.80 -5.50
N TRP D 262 7.57 46.29 -5.02
CA TRP D 262 8.90 46.90 -5.19
C TRP D 262 9.72 46.01 -6.11
N SER D 263 10.57 46.58 -6.95
CA SER D 263 11.68 45.86 -7.60
C SER D 263 12.58 45.35 -6.48
N ALA D 264 13.43 44.38 -6.76
CA ALA D 264 14.42 43.92 -5.76
C ALA D 264 15.27 45.10 -5.35
N ALA D 265 15.70 45.91 -6.31
CA ALA D 265 16.54 47.11 -6.04
C ALA D 265 15.84 48.05 -5.08
N GLU D 266 14.58 48.39 -5.35
CA GLU D 266 13.82 49.34 -4.47
C GLU D 266 13.69 48.72 -3.09
N ALA D 267 13.40 47.41 -3.02
CA ALA D 267 13.13 46.73 -1.74
C ALA D 267 14.41 46.74 -0.91
N LEU D 268 15.55 46.44 -1.52
CA LEU D 268 16.81 46.36 -0.76
C LEU D 268 17.20 47.78 -0.28
N LEU D 269 17.07 48.79 -1.14
CA LEU D 269 17.38 50.21 -0.74
C LEU D 269 16.45 50.60 0.41
N LEU D 270 15.18 50.22 0.34
CA LEU D 270 14.20 50.56 1.40
C LEU D 270 14.55 49.84 2.71
N ALA D 271 14.90 48.56 2.66
CA ALA D 271 15.31 47.82 3.88
C ALA D 271 16.50 48.54 4.52
N LYS D 272 17.48 48.94 3.72
CA LYS D 272 18.68 49.66 4.23
C LYS D 272 18.24 50.97 4.90
N GLU D 273 17.44 51.77 4.22
CA GLU D 273 16.93 53.08 4.75
C GLU D 273 16.19 52.84 6.06
N ARG D 274 15.46 51.72 6.22
CA ARG D 274 14.71 51.47 7.47
C ARG D 274 15.60 50.93 8.57
N GLY D 275 16.89 50.69 8.32
CA GLY D 275 17.78 50.15 9.36
C GLY D 275 17.53 48.67 9.59
N CYS D 276 16.98 47.94 8.62
CA CYS D 276 16.79 46.47 8.73
C CYS D 276 18.15 45.78 8.73
N PRO D 277 18.26 44.60 9.38
CA PRO D 277 19.51 43.83 9.36
C PRO D 277 19.72 43.18 7.99
N LEU D 278 20.54 43.80 7.14
CA LEU D 278 20.70 43.36 5.74
C LEU D 278 21.28 41.94 5.68
N LYS D 279 21.96 41.46 6.71
CA LYS D 279 22.59 40.10 6.67
C LYS D 279 21.48 39.03 6.62
N GLN D 280 20.23 39.38 6.96
CA GLN D 280 19.06 38.50 6.98
C GLN D 280 18.27 38.62 5.67
N ILE D 281 18.80 39.31 4.66
CA ILE D 281 18.07 39.55 3.40
C ILE D 281 18.85 38.94 2.25
N THR D 282 18.16 38.18 1.42
CA THR D 282 18.71 37.56 0.22
C THR D 282 17.89 38.02 -0.98
N ILE D 283 18.47 37.88 -2.17
CA ILE D 283 17.80 38.14 -3.46
C ILE D 283 17.93 36.89 -4.31
N SER D 284 16.86 36.53 -5.00
CA SER D 284 16.81 35.38 -5.92
C SER D 284 16.08 35.81 -7.18
N SER D 285 16.21 35.06 -8.28
CA SER D 285 15.77 35.50 -9.61
C SER D 285 14.43 34.89 -10.00
N ASP D 286 14.05 33.76 -9.42
CA ASP D 286 12.95 32.93 -9.99
C ASP D 286 13.22 32.54 -11.46
N GLY D 287 14.47 32.26 -11.82
CA GLY D 287 14.85 31.79 -13.18
C GLY D 287 14.06 30.55 -13.58
N GLY D 288 13.60 30.46 -14.83
CA GLY D 288 12.80 29.34 -15.35
C GLY D 288 11.33 29.45 -14.99
N GLY D 289 10.96 30.40 -14.12
CA GLY D 289 9.55 30.71 -13.80
C GLY D 289 8.85 31.28 -15.02
N CYS D 290 7.57 30.97 -15.22
CA CYS D 290 6.82 31.41 -16.43
C CYS D 290 6.51 32.91 -16.29
N MET D 291 6.79 33.70 -17.34
CA MET D 291 6.65 35.19 -17.37
C MET D 291 5.68 35.61 -18.49
N PRO D 292 4.34 35.68 -18.24
CA PRO D 292 3.37 36.13 -19.24
C PRO D 292 3.50 37.62 -19.59
N ALA D 293 3.29 38.01 -20.85
CA ALA D 293 3.12 39.41 -21.32
C ALA D 293 1.63 39.66 -21.64
N PHE D 294 1.04 40.78 -21.18
CA PHE D 294 -0.41 41.11 -21.34
C PHE D 294 -0.63 42.26 -22.35
N ALA D 302 2.30 37.40 -25.36
CA ALA D 302 3.43 36.46 -25.56
C ALA D 302 3.86 35.86 -24.21
N MET D 303 4.68 34.80 -24.26
CA MET D 303 5.13 34.01 -23.07
C MET D 303 6.65 33.90 -23.10
N ASP D 304 7.28 34.25 -21.97
CA ASP D 304 8.74 34.11 -21.74
C ASP D 304 8.93 33.47 -20.35
N PHE D 305 10.19 33.30 -19.94
CA PHE D 305 10.56 32.75 -18.61
C PHE D 305 11.62 33.66 -17.95
N GLY D 306 11.60 33.67 -16.61
CA GLY D 306 12.55 34.37 -15.71
C GLY D 306 14.00 33.97 -15.99
N ARG D 307 14.92 34.92 -15.81
CA ARG D 307 16.37 34.74 -16.04
C ARG D 307 17.16 35.24 -14.82
N SER D 308 18.29 34.59 -14.59
CA SER D 308 19.23 34.93 -13.49
C SER D 308 19.92 36.28 -13.80
N GLU D 309 19.76 36.83 -15.02
CA GLU D 309 20.31 38.17 -15.44
C GLU D 309 19.82 39.31 -14.54
N THR D 310 18.67 39.17 -13.90
CA THR D 310 18.08 40.24 -13.03
C THR D 310 18.92 40.39 -11.75
N LEU D 311 19.74 39.40 -11.37
CA LEU D 311 20.55 39.54 -10.14
C LEU D 311 21.60 40.63 -10.34
N LEU D 312 22.39 40.55 -11.40
CA LEU D 312 23.43 41.56 -11.68
C LEU D 312 22.77 42.91 -11.99
N ALA D 313 21.63 42.92 -12.69
CA ALA D 313 20.89 44.16 -12.99
C ALA D 313 20.51 44.85 -11.68
N THR D 314 20.09 44.07 -10.68
CA THR D 314 19.73 44.59 -9.36
C THR D 314 20.96 45.22 -8.71
N LEU D 315 22.08 44.50 -8.76
CA LEU D 315 23.34 44.95 -8.14
C LEU D 315 23.76 46.29 -8.77
N LYS D 316 23.67 46.42 -10.09
CA LYS D 316 24.01 47.69 -10.80
C LYS D 316 23.06 48.81 -10.39
N THR D 317 21.77 48.54 -10.31
CA THR D 317 20.75 49.55 -9.92
C THR D 317 21.05 50.08 -8.52
N VAL D 318 21.26 49.22 -7.51
CA VAL D 318 21.38 49.72 -6.12
C VAL D 318 22.74 50.43 -5.94
N THR D 319 23.79 49.95 -6.60
CA THR D 319 25.13 50.58 -6.48
C THR D 319 25.11 51.97 -7.14
N ALA D 320 24.40 52.13 -8.24
CA ALA D 320 24.21 53.44 -8.92
C ALA D 320 23.45 54.39 -8.00
N GLN D 321 22.69 53.91 -7.01
CA GLN D 321 21.97 54.77 -6.05
C GLN D 321 22.78 54.96 -4.78
N GLY D 322 24.04 54.52 -4.74
CA GLY D 322 24.93 54.80 -3.61
C GLY D 322 25.01 53.68 -2.59
N MET D 323 24.34 52.53 -2.78
CA MET D 323 24.58 51.38 -1.87
C MET D 323 25.99 50.82 -2.13
N ALA D 324 26.72 50.51 -1.08
CA ALA D 324 28.05 49.86 -1.14
C ALA D 324 27.92 48.48 -1.83
N LEU D 325 28.88 48.15 -2.67
CA LEU D 325 28.90 46.87 -3.42
C LEU D 325 28.76 45.71 -2.43
N GLU D 326 29.45 45.76 -1.30
CA GLU D 326 29.49 44.62 -0.36
C GLU D 326 28.08 44.36 0.22
N ASP D 327 27.23 45.38 0.35
CA ASP D 327 25.89 45.23 0.96
C ASP D 327 25.01 44.37 0.04
N VAL D 328 24.94 44.74 -1.24
CA VAL D 328 24.08 43.99 -2.19
C VAL D 328 24.77 42.66 -2.53
N LEU D 329 26.09 42.64 -2.65
CA LEU D 329 26.81 41.40 -3.01
C LEU D 329 26.55 40.34 -1.92
N SER D 330 26.51 40.72 -0.65
CA SER D 330 26.26 39.79 0.47
C SER D 330 24.89 39.13 0.29
N SER D 331 23.89 39.87 -0.20
CA SER D 331 22.50 39.38 -0.41
C SER D 331 22.45 38.33 -1.51
N LEU D 332 23.50 38.23 -2.34
CA LEU D 332 23.60 37.25 -3.44
C LEU D 332 24.60 36.14 -3.11
N THR D 333 25.34 36.24 -2.01
CA THR D 333 26.52 35.39 -1.74
C THR D 333 26.49 34.94 -0.28
N ALA D 334 27.19 35.66 0.60
CA ALA D 334 27.46 35.21 1.97
C ALA D 334 26.15 35.02 2.74
N ASN D 335 25.15 35.89 2.56
CA ASN D 335 23.91 35.79 3.36
C ASN D 335 23.20 34.48 2.98
N VAL D 336 23.18 34.14 1.71
CA VAL D 336 22.51 32.92 1.19
C VAL D 336 23.26 31.70 1.74
N ALA D 337 24.59 31.70 1.65
CA ALA D 337 25.42 30.59 2.13
C ALA D 337 25.26 30.41 3.63
N HIS D 338 25.08 31.49 4.38
CA HIS D 338 24.91 31.43 5.84
C HIS D 338 23.56 30.81 6.17
N LEU D 339 22.47 31.30 5.59
CA LEU D 339 21.11 30.78 5.84
C LEU D 339 21.08 29.29 5.44
N LEU D 340 21.64 28.97 4.28
CA LEU D 340 21.48 27.62 3.69
C LEU D 340 22.57 26.66 4.20
N ARG D 341 23.46 27.12 5.08
CA ARG D 341 24.51 26.28 5.69
C ARG D 341 25.34 25.64 4.58
N LEU D 342 25.84 26.46 3.67
CA LEU D 342 26.77 26.06 2.59
C LEU D 342 28.13 26.67 2.92
N PRO D 343 28.92 26.08 3.86
CA PRO D 343 30.16 26.71 4.30
C PRO D 343 31.23 26.84 3.20
N ALA D 344 31.14 26.10 2.10
CA ALA D 344 32.11 26.16 1.00
C ALA D 344 31.74 27.28 0.01
N LYS D 345 30.59 27.93 0.16
CA LYS D 345 30.03 28.85 -0.87
C LYS D 345 29.93 30.27 -0.33
N GLY D 346 29.76 31.24 -1.24
CA GLY D 346 29.36 32.62 -0.87
C GLY D 346 30.50 33.45 -0.28
N LYS D 347 31.75 32.98 -0.36
CA LYS D 347 32.86 33.68 0.35
C LYS D 347 34.17 33.44 -0.43
N ILE D 348 34.99 34.48 -0.51
CA ILE D 348 36.42 34.31 -0.91
C ILE D 348 37.21 34.13 0.37
N ALA D 349 37.44 32.87 0.72
CA ALA D 349 38.12 32.44 1.96
C ALA D 349 38.89 31.17 1.65
N THR D 350 40.02 30.97 2.30
CA THR D 350 40.85 29.77 1.99
C THR D 350 40.04 28.54 2.40
N GLY D 351 40.08 27.52 1.54
CA GLY D 351 39.37 26.26 1.78
C GLY D 351 37.98 26.28 1.17
N ALA D 352 37.44 27.43 0.76
CA ALA D 352 36.13 27.52 0.10
C ALA D 352 36.25 27.06 -1.35
N ASP D 353 35.10 26.77 -1.97
CA ASP D 353 35.06 26.41 -3.41
C ASP D 353 35.50 27.62 -4.23
N ALA D 354 36.25 27.37 -5.30
CA ALA D 354 36.73 28.39 -6.25
C ALA D 354 35.59 28.72 -7.21
N ASP D 355 34.53 29.34 -6.68
CA ASP D 355 33.42 29.92 -7.46
C ASP D 355 33.62 31.44 -7.39
N LEU D 356 34.01 32.05 -8.50
CA LEU D 356 34.53 33.44 -8.51
C LEU D 356 34.01 34.16 -9.75
N LEU D 357 33.68 35.44 -9.58
CA LEU D 357 33.39 36.38 -10.67
C LEU D 357 34.50 37.43 -10.73
N VAL D 358 34.92 37.76 -11.93
CA VAL D 358 35.74 38.97 -12.21
C VAL D 358 34.81 40.01 -12.83
N LEU D 359 34.65 41.16 -12.17
CA LEU D 359 33.76 42.24 -12.62
C LEU D 359 34.60 43.40 -13.16
N ASP D 360 34.08 44.07 -14.19
CA ASP D 360 34.56 45.41 -14.62
C ASP D 360 34.12 46.43 -13.55
N ALA D 361 34.59 47.66 -13.63
CA ALA D 361 34.32 48.69 -12.62
C ALA D 361 32.84 49.10 -12.67
N ASP D 362 32.13 48.93 -13.79
CA ASP D 362 30.66 49.14 -13.87
C ASP D 362 29.88 47.90 -13.39
N TYR D 363 30.59 46.85 -12.93
CA TYR D 363 30.08 45.60 -12.32
C TYR D 363 29.53 44.65 -13.37
N SER D 364 29.77 44.90 -14.66
CA SER D 364 29.56 43.91 -15.73
C SER D 364 30.50 42.72 -15.44
N ILE D 365 30.03 41.53 -15.77
CA ILE D 365 30.83 40.31 -15.55
C ILE D 365 31.82 40.16 -16.69
N ASN D 366 33.07 40.00 -16.36
CA ASN D 366 34.14 39.73 -17.37
C ASN D 366 34.47 38.24 -17.41
N ASP D 367 34.58 37.60 -16.26
CA ASP D 367 34.98 36.17 -16.16
C ASP D 367 34.13 35.48 -15.07
N VAL D 368 33.88 34.19 -15.27
CA VAL D 368 33.14 33.34 -14.30
C VAL D 368 33.90 32.04 -14.17
N MET D 369 34.30 31.76 -12.93
CA MET D 369 34.94 30.49 -12.54
C MET D 369 33.97 29.71 -11.65
N ALA D 370 33.77 28.44 -11.91
CA ALA D 370 33.00 27.50 -11.06
C ALA D 370 33.90 26.29 -10.76
N LEU D 371 34.09 26.00 -9.49
CA LEU D 371 34.90 24.86 -8.98
C LEU D 371 36.26 24.89 -9.69
N GLY D 372 36.86 26.07 -9.85
CA GLY D 372 38.23 26.22 -10.36
C GLY D 372 38.31 26.18 -11.87
N ARG D 373 37.19 26.10 -12.60
CA ARG D 373 37.22 26.07 -14.08
C ARG D 373 36.57 27.33 -14.63
N TRP D 374 37.16 27.91 -15.67
CA TRP D 374 36.56 29.06 -16.38
C TRP D 374 35.36 28.60 -17.22
N HIS D 375 34.20 29.18 -16.98
CA HIS D 375 32.97 29.01 -17.80
C HIS D 375 32.85 30.20 -18.75
N LEU D 376 33.25 31.38 -18.28
CA LEU D 376 33.23 32.63 -19.06
C LEU D 376 34.59 33.29 -18.89
N ARG D 377 35.19 33.74 -19.98
CA ARG D 377 36.54 34.35 -20.00
C ARG D 377 36.50 35.50 -20.99
N ASP D 378 36.76 36.73 -20.52
CA ASP D 378 36.70 37.97 -21.34
C ASP D 378 35.35 38.01 -22.06
N LYS D 379 34.27 37.74 -21.33
CA LYS D 379 32.86 37.86 -21.75
C LYS D 379 32.52 36.83 -22.83
N ALA D 380 33.35 35.82 -23.08
CA ALA D 380 33.02 34.74 -24.03
C ALA D 380 32.75 33.43 -23.25
N LEU D 381 31.73 32.67 -23.63
CA LEU D 381 31.43 31.34 -23.03
C LEU D 381 32.50 30.34 -23.46
N ILE D 382 33.20 29.75 -22.52
CA ILE D 382 34.22 28.69 -22.71
C ILE D 382 33.53 27.33 -22.49
N MET D 383 32.57 27.26 -21.57
CA MET D 383 31.85 26.01 -21.22
C MET D 383 30.35 26.29 -21.36
N LYS D 384 29.61 25.34 -21.87
CA LYS D 384 28.15 25.46 -22.06
C LYS D 384 27.50 24.11 -21.77
N GLY D 385 26.17 24.10 -21.72
CA GLY D 385 25.40 22.87 -21.48
C GLY D 385 25.55 21.91 -22.63
N THR D 386 25.27 20.65 -22.37
CA THR D 386 25.43 19.52 -23.32
C THR D 386 24.72 19.84 -24.64
N PHE D 387 23.54 20.47 -24.60
CA PHE D 387 22.67 20.63 -25.79
C PHE D 387 22.61 22.10 -26.22
N GLU D 388 23.49 22.99 -25.75
CA GLU D 388 23.41 24.43 -26.13
C GLU D 388 23.98 24.71 -27.54
N THR E 2 -12.68 32.19 -39.29
CA THR E 2 -13.04 30.75 -39.31
C THR E 2 -13.62 30.36 -40.68
N GLY E 3 -13.07 30.88 -41.79
CA GLY E 3 -13.65 30.63 -43.12
C GLY E 3 -13.23 29.28 -43.68
N LEU E 4 -13.56 29.03 -44.94
CA LEU E 4 -13.08 27.87 -45.70
C LEU E 4 -11.72 28.20 -46.33
N THR E 5 -10.90 27.17 -46.52
CA THR E 5 -9.67 27.27 -47.31
C THR E 5 -9.85 26.40 -48.53
N ILE E 6 -9.54 26.96 -49.70
CA ILE E 6 -9.66 26.19 -50.96
C ILE E 6 -8.27 26.12 -51.60
N LEU E 7 -7.87 24.90 -51.91
CA LEU E 7 -6.58 24.60 -52.56
C LEU E 7 -6.92 24.10 -53.97
N ARG E 8 -6.60 24.91 -54.96
CA ARG E 8 -6.93 24.62 -56.38
C ARG E 8 -5.70 24.00 -57.03
N ASN E 9 -5.94 23.10 -57.98
CA ASN E 9 -4.88 22.53 -58.85
C ASN E 9 -3.82 21.86 -57.97
N ALA E 10 -4.27 21.09 -56.98
CA ALA E 10 -3.38 20.30 -56.10
C ALA E 10 -3.11 18.99 -56.79
N ASN E 11 -1.83 18.64 -56.94
CA ASN E 11 -1.48 17.29 -57.45
C ASN E 11 -1.50 16.34 -56.24
N VAL E 12 -2.60 15.64 -56.03
CA VAL E 12 -2.89 14.97 -54.74
C VAL E 12 -2.22 13.61 -54.69
N TYR E 13 -1.40 13.40 -53.67
CA TYR E 13 -0.91 12.08 -53.21
C TYR E 13 -1.60 11.79 -51.88
N ALA E 14 -2.55 10.85 -51.85
CA ALA E 14 -3.57 10.76 -50.80
C ALA E 14 -3.28 9.73 -49.70
N PRO E 15 -2.20 8.93 -49.63
CA PRO E 15 -0.96 9.10 -50.40
C PRO E 15 -0.89 8.53 -51.82
N GLN E 16 -1.85 7.70 -52.23
CA GLN E 16 -1.90 7.20 -53.64
C GLN E 16 -2.20 8.37 -54.57
N PRO E 17 -1.58 8.43 -55.79
CA PRO E 17 -1.79 9.56 -56.70
C PRO E 17 -3.24 9.59 -57.21
N LEU E 18 -3.91 10.73 -57.04
CA LEU E 18 -5.31 10.94 -57.49
C LEU E 18 -5.34 11.91 -58.69
N GLY E 19 -4.23 12.55 -59.03
CA GLY E 19 -4.19 13.60 -60.05
C GLY E 19 -4.59 14.94 -59.49
N LEU E 20 -4.90 15.88 -60.40
CA LEU E 20 -5.17 17.29 -60.02
C LEU E 20 -6.57 17.35 -59.41
N LYS E 21 -6.70 18.08 -58.32
CA LYS E 21 -7.98 18.19 -57.59
C LYS E 21 -8.06 19.57 -56.98
N THR E 22 -9.28 19.97 -56.68
CA THR E 22 -9.57 21.06 -55.75
C THR E 22 -9.82 20.40 -54.39
N VAL E 23 -9.20 20.93 -53.34
CA VAL E 23 -9.38 20.42 -51.97
C VAL E 23 -9.95 21.54 -51.13
N LEU E 24 -11.08 21.28 -50.50
CA LEU E 24 -11.77 22.25 -49.63
C LEU E 24 -11.55 21.84 -48.19
N VAL E 25 -11.13 22.78 -47.36
CA VAL E 25 -10.86 22.55 -45.91
C VAL E 25 -11.71 23.50 -45.10
N GLY E 26 -12.32 22.99 -44.03
CA GLY E 26 -12.97 23.85 -43.02
C GLY E 26 -13.30 23.09 -41.77
N GLY E 27 -13.41 23.81 -40.65
CA GLY E 27 -13.64 23.21 -39.33
C GLY E 27 -12.56 22.17 -39.00
N GLY E 28 -11.34 22.33 -39.55
CA GLY E 28 -10.20 21.45 -39.29
C GLY E 28 -10.23 20.17 -40.10
N LYS E 29 -11.16 20.04 -41.05
CA LYS E 29 -11.40 18.79 -41.78
C LYS E 29 -11.30 19.03 -43.29
N ILE E 30 -11.05 17.97 -44.04
CA ILE E 30 -11.17 17.94 -45.51
C ILE E 30 -12.64 17.75 -45.84
N LEU E 31 -13.26 18.78 -46.42
CA LEU E 31 -14.71 18.81 -46.72
C LEU E 31 -15.01 18.33 -48.13
N ALA E 32 -14.08 18.48 -49.08
CA ALA E 32 -14.30 18.03 -50.47
C ALA E 32 -12.95 17.83 -51.17
N ILE E 33 -12.93 16.86 -52.07
CA ILE E 33 -11.84 16.58 -53.02
C ILE E 33 -12.52 16.37 -54.37
N THR E 34 -12.32 17.27 -55.32
CA THR E 34 -13.19 17.31 -56.53
C THR E 34 -12.40 17.74 -57.76
N ASP E 35 -12.84 17.30 -58.93
CA ASP E 35 -12.40 17.82 -60.26
C ASP E 35 -12.97 19.21 -60.49
N GLU E 36 -14.08 19.56 -59.84
CA GLU E 36 -14.81 20.83 -60.05
C GLU E 36 -13.95 22.01 -59.59
N ALA E 37 -13.92 23.09 -60.38
CA ALA E 37 -13.32 24.38 -60.01
C ALA E 37 -14.33 25.14 -59.14
N LEU E 38 -14.43 24.75 -57.86
CA LEU E 38 -15.49 25.23 -56.94
C LEU E 38 -15.55 26.76 -56.98
N GLU E 39 -16.74 27.31 -57.16
CA GLU E 39 -16.99 28.75 -56.98
C GLU E 39 -17.73 28.93 -55.65
N LEU E 40 -17.11 29.64 -54.70
CA LEU E 40 -17.69 29.86 -53.36
C LEU E 40 -17.89 31.35 -53.16
N PRO E 41 -18.87 31.77 -52.33
CA PRO E 41 -18.99 33.16 -51.94
C PRO E 41 -17.73 33.63 -51.20
N ALA E 42 -17.22 34.78 -51.57
CA ALA E 42 -15.96 35.35 -51.04
C ALA E 42 -16.08 35.54 -49.54
N SER E 43 -17.28 35.84 -49.03
CA SER E 43 -17.51 36.18 -47.61
C SER E 43 -17.17 35.01 -46.68
N ILE E 44 -17.20 33.75 -47.16
CA ILE E 44 -16.96 32.54 -46.31
C ILE E 44 -15.57 31.93 -46.61
N VAL E 45 -14.76 32.54 -47.47
CA VAL E 45 -13.45 31.97 -47.87
C VAL E 45 -12.35 32.76 -47.15
N ALA E 46 -11.61 32.10 -46.27
CA ALA E 46 -10.44 32.67 -45.58
C ALA E 46 -9.27 32.76 -46.57
N ASP E 47 -9.07 31.72 -47.39
CA ASP E 47 -7.87 31.58 -48.22
C ASP E 47 -8.23 30.83 -49.49
N ASP E 48 -7.99 31.44 -50.64
CA ASP E 48 -8.20 30.83 -51.97
C ASP E 48 -6.82 30.70 -52.61
N ILE E 49 -6.28 29.49 -52.66
CA ILE E 49 -4.84 29.28 -53.01
C ILE E 49 -4.77 28.40 -54.24
N ASP E 50 -4.07 28.87 -55.25
CA ASP E 50 -3.78 28.09 -56.47
C ASP E 50 -2.43 27.40 -56.25
N LEU E 51 -2.41 26.08 -56.07
CA LEU E 51 -1.13 25.35 -55.87
C LEU E 51 -0.41 25.15 -57.21
N GLN E 52 -1.08 25.44 -58.34
CA GLN E 52 -0.46 25.44 -59.69
C GLN E 52 0.24 24.10 -59.93
N GLY E 53 -0.41 23.00 -59.55
CA GLY E 53 0.06 21.64 -59.85
C GLY E 53 1.11 21.12 -58.86
N ARG E 54 1.43 21.88 -57.81
CA ARG E 54 2.35 21.38 -56.75
C ARG E 54 1.70 20.18 -56.03
N ILE E 55 2.54 19.28 -55.55
CA ILE E 55 2.13 18.05 -54.82
C ILE E 55 1.55 18.42 -53.44
N LEU E 56 0.43 17.79 -53.12
CA LEU E 56 -0.26 17.89 -51.80
C LEU E 56 -0.25 16.47 -51.20
N THR E 57 0.28 16.33 -50.00
CA THR E 57 0.33 15.01 -49.29
C THR E 57 -0.33 15.13 -47.92
N PRO E 58 -0.66 14.00 -47.28
CA PRO E 58 -1.00 14.00 -45.87
C PRO E 58 0.24 14.44 -45.07
N GLY E 59 0.02 15.05 -43.92
CA GLY E 59 1.10 15.27 -42.95
C GLY E 59 1.70 13.94 -42.49
N PHE E 60 2.99 13.95 -42.17
CA PHE E 60 3.70 12.76 -41.65
C PHE E 60 3.23 12.47 -40.21
N ILE E 61 3.13 11.20 -39.90
CA ILE E 61 2.87 10.65 -38.53
C ILE E 61 4.18 10.01 -38.07
N ASP E 62 4.85 10.66 -37.14
CA ASP E 62 6.13 10.18 -36.55
C ASP E 62 5.77 9.43 -35.27
N ALA E 63 5.73 8.10 -35.32
CA ALA E 63 5.15 7.27 -34.25
C ALA E 63 6.23 6.84 -33.24
N HIS E 64 7.41 7.43 -33.29
CA HIS E 64 8.51 7.12 -32.35
C HIS E 64 9.28 8.40 -32.09
N ALA E 65 8.84 9.21 -31.14
CA ALA E 65 9.52 10.46 -30.79
C ALA E 65 9.56 10.62 -29.28
N HIS E 66 10.70 11.07 -28.79
CA HIS E 66 10.90 11.45 -27.37
C HIS E 66 10.43 12.88 -27.22
N ILE E 67 9.14 13.09 -27.13
CA ILE E 67 8.59 14.47 -27.09
C ILE E 67 9.08 15.20 -25.85
N THR E 68 9.36 14.50 -24.74
CA THR E 68 9.87 15.13 -23.48
C THR E 68 11.38 15.34 -23.59
N GLY E 69 11.99 14.85 -24.66
CA GLY E 69 13.44 14.62 -24.71
C GLY E 69 13.77 13.24 -24.17
N GLY E 70 14.73 12.58 -24.78
CA GLY E 70 15.25 11.30 -24.29
C GLY E 70 16.57 11.51 -23.59
N GLY E 71 17.54 10.65 -23.90
CA GLY E 71 18.85 10.67 -23.26
C GLY E 71 18.80 10.27 -21.82
N GLY E 72 19.86 10.63 -21.08
CA GLY E 72 20.04 10.21 -19.68
C GLY E 72 20.68 8.83 -19.61
N GLU E 73 21.15 8.28 -20.72
CA GLU E 73 21.77 6.93 -20.79
C GLU E 73 23.25 6.95 -20.47
N ALA E 74 23.90 8.11 -20.49
CA ALA E 74 25.34 8.25 -20.22
C ALA E 74 25.53 9.50 -19.37
N GLY E 75 24.86 9.56 -18.22
CA GLY E 75 24.94 10.71 -17.31
C GLY E 75 23.70 11.57 -17.40
N PHE E 76 23.37 12.20 -16.29
CA PHE E 76 22.20 13.09 -16.16
C PHE E 76 22.31 14.29 -17.10
N ALA E 77 23.51 14.75 -17.43
CA ALA E 77 23.72 15.90 -18.33
C ALA E 77 23.19 15.58 -19.74
N THR E 78 23.02 14.31 -20.10
CA THR E 78 22.55 13.92 -21.45
C THR E 78 21.01 13.88 -21.52
N GLN E 79 20.29 14.33 -20.49
CA GLN E 79 18.81 14.54 -20.60
C GLN E 79 18.54 15.58 -21.69
N VAL E 80 17.88 15.17 -22.77
CA VAL E 80 17.53 16.05 -23.91
C VAL E 80 16.36 16.94 -23.49
N PRO E 81 16.36 18.24 -23.86
CA PRO E 81 15.20 19.10 -23.60
C PRO E 81 13.99 18.66 -24.42
N PRO E 82 12.76 19.03 -24.00
CA PRO E 82 11.57 18.71 -24.79
C PRO E 82 11.69 19.27 -26.21
N VAL E 83 11.19 18.52 -27.18
CA VAL E 83 11.23 18.93 -28.60
C VAL E 83 10.23 20.08 -28.81
N PRO E 84 10.68 21.26 -29.27
CA PRO E 84 9.76 22.36 -29.58
C PRO E 84 8.87 22.04 -30.78
N LEU E 85 7.66 22.60 -30.76
CA LEU E 85 6.63 22.39 -31.81
C LEU E 85 7.24 22.43 -33.21
N SER E 86 8.00 23.49 -33.55
CA SER E 86 8.48 23.71 -34.94
C SER E 86 9.45 22.61 -35.36
N GLN E 87 10.07 21.90 -34.41
CA GLN E 87 11.00 20.78 -34.75
C GLN E 87 10.20 19.54 -35.14
N PHE E 88 8.87 19.59 -35.06
CA PHE E 88 7.98 18.62 -35.75
C PHE E 88 7.42 19.25 -37.03
N THR E 89 6.70 20.36 -36.89
CA THR E 89 5.84 20.90 -37.98
C THR E 89 6.67 21.37 -39.18
N ALA E 90 7.81 22.02 -38.97
CA ALA E 90 8.66 22.53 -40.08
C ALA E 90 9.21 21.35 -40.88
N PHE E 91 9.19 20.14 -40.35
CA PHE E 91 9.71 18.92 -41.04
C PHE E 91 8.56 18.04 -41.52
N GLY E 92 7.34 18.58 -41.51
CA GLY E 92 6.16 17.90 -42.09
C GLY E 92 5.46 16.98 -41.11
N VAL E 93 5.87 16.93 -39.85
CA VAL E 93 5.24 16.04 -38.85
C VAL E 93 4.05 16.78 -38.23
N THR E 94 2.85 16.32 -38.53
CA THR E 94 1.61 16.95 -38.03
C THR E 94 0.99 16.08 -36.91
N THR E 95 1.39 14.81 -36.81
CA THR E 95 1.01 13.91 -35.69
C THR E 95 2.27 13.25 -35.16
N VAL E 96 2.46 13.29 -33.86
CA VAL E 96 3.59 12.57 -33.20
C VAL E 96 3.02 11.59 -32.18
N VAL E 97 3.68 10.45 -32.02
CA VAL E 97 3.41 9.52 -30.90
C VAL E 97 4.65 9.50 -30.02
N GLY E 98 4.51 10.02 -28.81
CA GLY E 98 5.60 10.17 -27.84
C GLY E 98 5.82 8.89 -27.05
N LEU E 99 7.04 8.70 -26.58
CA LEU E 99 7.38 7.56 -25.71
C LEU E 99 8.54 7.96 -24.81
N LEU E 100 8.64 7.24 -23.70
CA LEU E 100 9.86 7.17 -22.86
C LEU E 100 10.74 6.05 -23.43
N GLY E 101 12.05 6.26 -23.32
CA GLY E 101 13.06 5.25 -23.66
C GLY E 101 13.78 4.76 -22.43
N THR E 102 15.10 4.69 -22.52
CA THR E 102 15.96 4.04 -21.51
C THR E 102 15.69 4.65 -20.15
N ASP E 103 15.57 5.97 -20.08
CA ASP E 103 15.26 6.64 -18.79
C ASP E 103 13.74 6.69 -18.64
N ASP E 104 13.20 5.61 -18.07
CA ASP E 104 11.79 5.57 -17.58
C ASP E 104 11.85 5.51 -16.06
N THR E 105 12.93 6.00 -15.47
CA THR E 105 13.11 6.09 -14.01
C THR E 105 12.86 7.54 -13.57
N THR E 106 13.61 8.51 -14.09
CA THR E 106 13.44 9.94 -13.69
C THR E 106 12.27 10.55 -14.46
N ARG E 107 11.96 10.02 -15.65
CA ARG E 107 10.84 10.50 -16.49
C ARG E 107 9.64 9.60 -16.23
N SER E 108 8.46 10.21 -16.22
CA SER E 108 7.19 9.54 -15.82
C SER E 108 6.22 9.61 -17.00
N THR E 109 5.20 8.79 -16.95
CA THR E 109 4.09 8.85 -17.92
C THR E 109 3.37 10.20 -17.78
N GLY E 110 3.32 10.78 -16.58
CA GLY E 110 2.70 12.11 -16.39
C GLY E 110 3.50 13.19 -17.13
N ASN E 111 4.83 13.11 -17.14
CA ASN E 111 5.68 14.00 -17.96
C ASN E 111 5.26 13.87 -19.41
N LEU E 112 5.14 12.63 -19.88
CA LEU E 112 4.91 12.33 -21.30
C LEU E 112 3.51 12.81 -21.68
N LEU E 113 2.50 12.44 -20.93
CA LEU E 113 1.09 12.77 -21.27
C LEU E 113 0.88 14.28 -21.21
N SER E 114 1.47 14.95 -20.23
CA SER E 114 1.33 16.42 -20.12
C SER E 114 1.99 17.08 -21.34
N ARG E 115 3.08 16.54 -21.89
CA ARG E 115 3.69 17.12 -23.09
C ARG E 115 2.80 16.86 -24.32
N VAL E 116 2.16 15.70 -24.38
CA VAL E 116 1.13 15.44 -25.44
C VAL E 116 0.10 16.58 -25.40
N TYR E 117 -0.43 16.92 -24.24
CA TYR E 117 -1.46 17.98 -24.11
C TYR E 117 -0.87 19.33 -24.49
N GLY E 118 0.40 19.58 -24.16
CA GLY E 118 1.07 20.83 -24.57
C GLY E 118 1.15 20.96 -26.08
N LEU E 119 1.53 19.89 -26.78
CA LEU E 119 1.64 19.91 -28.25
C LEU E 119 0.25 20.06 -28.86
N ARG E 120 -0.77 19.45 -28.28
CA ARG E 120 -2.17 19.61 -28.77
C ARG E 120 -2.60 21.06 -28.58
N GLU E 121 -2.29 21.69 -27.44
CA GLU E 121 -2.67 23.10 -27.21
C GLU E 121 -1.99 23.98 -28.25
N GLU E 122 -0.80 23.63 -28.71
CA GLU E 122 -0.04 24.47 -29.67
C GLU E 122 -0.46 24.17 -31.12
N GLY E 123 -1.37 23.23 -31.34
CA GLY E 123 -2.08 23.07 -32.63
C GLY E 123 -1.63 21.90 -33.46
N MET E 124 -0.76 21.00 -32.96
CA MET E 124 -0.50 19.76 -33.71
C MET E 124 -1.29 18.62 -33.05
N SER E 125 -1.16 17.41 -33.58
CA SER E 125 -1.82 16.20 -33.04
C SER E 125 -0.75 15.35 -32.36
N ALA E 126 -1.09 14.77 -31.22
CA ALA E 126 -0.13 13.99 -30.42
C ALA E 126 -0.83 12.91 -29.64
N TYR E 127 -0.17 11.78 -29.57
CA TYR E 127 -0.57 10.56 -28.85
C TYR E 127 0.68 10.08 -28.10
N CYS E 128 0.56 9.07 -27.28
CA CYS E 128 1.77 8.50 -26.64
C CYS E 128 1.57 7.03 -26.35
N TRP E 129 2.70 6.40 -26.14
CA TRP E 129 2.84 5.00 -25.67
C TRP E 129 3.00 5.06 -24.15
N THR E 130 2.39 4.12 -23.43
CA THR E 130 2.64 3.98 -21.98
C THR E 130 3.65 2.85 -21.78
N GLY E 131 4.11 2.67 -20.55
CA GLY E 131 4.85 1.47 -20.13
C GLY E 131 6.35 1.66 -20.14
N GLY E 132 6.86 2.27 -21.20
CA GLY E 132 8.31 2.48 -21.40
C GLY E 132 9.08 1.22 -21.69
N TYR E 133 10.33 1.23 -21.30
CA TYR E 133 11.44 0.37 -21.79
C TYR E 133 11.65 -0.86 -20.90
N HIS E 134 11.44 -0.65 -19.60
CA HIS E 134 11.77 -1.63 -18.54
C HIS E 134 10.52 -2.29 -17.98
N TYR E 135 10.76 -3.39 -17.27
CA TYR E 135 9.79 -4.15 -16.46
C TYR E 135 10.20 -4.02 -15.01
N PRO E 136 9.27 -3.73 -14.09
CA PRO E 136 7.86 -3.48 -14.42
C PRO E 136 7.64 -2.17 -15.18
N LEU E 137 6.49 -2.10 -15.87
CA LEU E 137 6.16 -0.97 -16.75
C LEU E 137 5.98 0.32 -15.93
N THR E 138 6.36 1.43 -16.52
CA THR E 138 6.10 2.80 -16.04
C THR E 138 4.79 3.27 -16.65
N THR E 139 3.79 3.49 -15.81
CA THR E 139 2.42 3.85 -16.23
C THR E 139 1.95 5.02 -15.38
N LEU E 140 0.88 5.67 -15.81
CA LEU E 140 0.27 6.80 -15.08
C LEU E 140 -0.61 6.24 -13.97
N MET E 141 -1.51 5.34 -14.32
CA MET E 141 -2.34 4.58 -13.37
C MET E 141 -1.57 3.34 -12.92
N GLY E 142 -2.23 2.39 -12.26
CA GLY E 142 -1.54 1.21 -11.72
C GLY E 142 -1.11 0.22 -12.81
N SER E 143 -1.67 0.28 -14.01
CA SER E 143 -1.38 -0.74 -15.05
C SER E 143 -1.49 -0.11 -16.43
N ALA E 144 -0.84 -0.74 -17.40
CA ALA E 144 -0.89 -0.32 -18.82
C ALA E 144 -2.33 -0.41 -19.31
N ARG E 145 -3.06 -1.45 -18.93
CA ARG E 145 -4.43 -1.65 -19.44
C ARG E 145 -5.30 -0.49 -18.97
N GLU E 146 -5.17 -0.06 -17.71
CA GLU E 146 -5.93 1.09 -17.21
C GLU E 146 -5.53 2.35 -17.99
N ASP E 147 -4.24 2.59 -18.20
CA ASP E 147 -3.77 3.79 -18.93
C ASP E 147 -4.44 3.83 -20.30
N ILE E 148 -4.42 2.72 -21.04
CA ILE E 148 -4.92 2.71 -22.44
C ILE E 148 -6.45 2.85 -22.41
N VAL E 149 -7.12 2.20 -21.47
CA VAL E 149 -8.60 2.27 -21.42
C VAL E 149 -9.03 3.71 -21.11
N TYR E 150 -8.43 4.36 -20.11
CA TYR E 150 -8.99 5.61 -19.57
C TYR E 150 -8.38 6.89 -20.16
N MET E 151 -7.18 6.85 -20.72
CA MET E 151 -6.51 8.09 -21.21
C MET E 151 -6.54 8.11 -22.73
N GLU E 152 -7.37 8.97 -23.31
CA GLU E 152 -7.60 8.96 -24.77
C GLU E 152 -6.28 8.96 -25.53
N PRO E 153 -5.27 9.80 -25.21
CA PRO E 153 -4.07 9.88 -26.04
C PRO E 153 -3.13 8.67 -25.97
N ILE E 154 -3.34 7.78 -25.00
CA ILE E 154 -2.45 6.60 -24.80
C ILE E 154 -2.95 5.45 -25.65
N ILE E 155 -2.14 4.97 -26.59
CA ILE E 155 -2.65 4.08 -27.67
C ILE E 155 -2.10 2.67 -27.54
N GLY E 156 -1.11 2.45 -26.70
CA GLY E 156 -0.43 1.16 -26.60
C GLY E 156 0.73 1.21 -25.67
N VAL E 157 1.55 0.17 -25.68
CA VAL E 157 2.73 0.04 -24.79
C VAL E 157 3.99 0.23 -25.64
N GLY E 158 4.90 1.08 -25.20
CA GLY E 158 6.22 1.23 -25.83
C GLY E 158 7.09 2.25 -25.11
N GLU E 159 8.36 2.32 -25.50
CA GLU E 159 9.01 1.34 -26.37
C GLU E 159 9.68 0.27 -25.50
N PHE E 160 9.15 -0.92 -25.51
CA PHE E 160 9.52 -1.99 -24.54
C PHE E 160 10.73 -2.74 -25.10
N ALA E 161 11.81 -2.84 -24.35
CA ALA E 161 13.11 -3.27 -24.90
C ALA E 161 13.23 -4.80 -24.85
N ILE E 162 13.64 -5.37 -25.98
CA ILE E 162 14.07 -6.80 -26.10
C ILE E 162 15.41 -6.85 -26.88
N SER E 163 16.16 -7.90 -26.64
CA SER E 163 17.47 -8.20 -27.28
C SER E 163 18.38 -6.99 -27.16
N ASP E 164 18.56 -6.49 -25.93
CA ASP E 164 19.36 -5.27 -25.67
C ASP E 164 19.93 -5.35 -24.27
N HIS E 165 21.19 -5.00 -24.11
CA HIS E 165 21.88 -4.97 -22.80
C HIS E 165 21.18 -4.03 -21.83
N ARG E 166 20.41 -3.04 -22.30
CA ARG E 166 19.69 -2.10 -21.41
C ARG E 166 18.28 -2.58 -21.11
N SER E 167 17.85 -3.72 -21.64
CA SER E 167 16.50 -4.27 -21.37
C SER E 167 16.40 -4.71 -19.91
N SER E 168 15.21 -5.11 -19.50
CA SER E 168 14.94 -5.74 -18.20
C SER E 168 15.07 -7.26 -18.32
N GLN E 169 15.64 -7.78 -19.42
CA GLN E 169 15.74 -9.23 -19.69
C GLN E 169 14.36 -9.84 -19.49
N PRO E 170 13.34 -9.34 -20.24
CA PRO E 170 11.98 -9.81 -20.09
C PRO E 170 11.86 -11.27 -20.52
N GLN E 171 11.00 -11.99 -19.81
CA GLN E 171 10.68 -13.40 -20.10
C GLN E 171 9.48 -13.43 -21.03
N PHE E 172 9.39 -14.49 -21.81
CA PHE E 172 8.26 -14.74 -22.73
C PHE E 172 6.92 -14.47 -22.02
N GLU E 173 6.73 -15.03 -20.83
CA GLU E 173 5.45 -14.97 -20.07
C GLU E 173 5.11 -13.50 -19.75
N GLU E 174 6.10 -12.69 -19.40
CA GLU E 174 5.95 -11.24 -19.14
C GLU E 174 5.54 -10.53 -20.42
N VAL E 175 6.19 -10.84 -21.53
CA VAL E 175 5.93 -10.16 -22.84
C VAL E 175 4.50 -10.44 -23.28
N ILE E 176 4.05 -11.69 -23.23
CA ILE E 176 2.70 -12.01 -23.79
C ILE E 176 1.62 -11.46 -22.85
N ARG E 177 1.90 -11.32 -21.56
CA ARG E 177 0.94 -10.69 -20.59
C ARG E 177 0.79 -9.22 -20.98
N ILE E 178 1.91 -8.52 -21.19
CA ILE E 178 1.89 -7.10 -21.62
C ILE E 178 1.11 -6.97 -22.93
N ALA E 179 1.41 -7.83 -23.91
CA ALA E 179 0.73 -7.81 -25.22
C ALA E 179 -0.76 -8.01 -25.03
N SER E 180 -1.17 -8.94 -24.18
CA SER E 180 -2.60 -9.24 -23.96
C SER E 180 -3.30 -8.00 -23.40
N ASP E 181 -2.66 -7.28 -22.47
CA ASP E 181 -3.24 -6.06 -21.85
C ASP E 181 -3.37 -4.95 -22.92
N ALA E 182 -2.36 -4.74 -23.76
CA ALA E 182 -2.44 -3.73 -24.83
C ALA E 182 -3.56 -4.09 -25.80
N HIS E 183 -3.64 -5.35 -26.20
CA HIS E 183 -4.61 -5.83 -27.21
C HIS E 183 -6.04 -5.63 -26.68
N VAL E 184 -6.31 -6.08 -25.47
CA VAL E 184 -7.67 -5.98 -24.88
C VAL E 184 -8.04 -4.51 -24.77
N ALA E 185 -7.13 -3.67 -24.27
CA ALA E 185 -7.40 -2.23 -24.14
C ALA E 185 -7.71 -1.62 -25.50
N GLY E 186 -6.97 -2.04 -26.53
CA GLY E 186 -7.21 -1.59 -27.92
C GLY E 186 -8.60 -1.94 -28.39
N LEU E 187 -9.04 -3.17 -28.17
CA LEU E 187 -10.39 -3.60 -28.59
C LEU E 187 -11.45 -2.78 -27.85
N MET E 188 -11.25 -2.52 -26.56
CA MET E 188 -12.26 -1.79 -25.76
C MET E 188 -12.40 -0.35 -26.24
N THR E 189 -11.33 0.25 -26.75
CA THR E 189 -11.26 1.71 -27.00
C THR E 189 -11.30 2.07 -28.49
N GLY E 190 -11.04 1.12 -29.38
CA GLY E 190 -10.82 1.40 -30.80
C GLY E 190 -9.42 1.90 -31.10
N LYS E 191 -8.51 1.87 -30.13
CA LYS E 191 -7.14 2.41 -30.33
C LYS E 191 -6.18 1.30 -30.78
N ALA E 192 -4.96 1.68 -31.10
CA ALA E 192 -3.93 0.79 -31.67
C ALA E 192 -3.90 -0.55 -30.92
N GLY E 193 -3.67 -0.51 -29.61
CA GLY E 193 -3.67 -1.72 -28.81
C GLY E 193 -2.50 -2.65 -29.18
N ILE E 194 -1.32 -2.08 -29.39
CA ILE E 194 -0.13 -2.87 -29.77
C ILE E 194 1.02 -2.56 -28.82
N VAL E 195 2.05 -3.41 -28.90
CA VAL E 195 3.31 -3.25 -28.18
C VAL E 195 4.38 -2.86 -29.22
N HIS E 196 4.92 -1.68 -29.02
CA HIS E 196 6.03 -1.11 -29.83
C HIS E 196 7.33 -1.52 -29.14
N PHE E 197 8.09 -2.43 -29.73
CA PHE E 197 9.30 -3.03 -29.12
C PHE E 197 10.55 -2.33 -29.63
N HIS E 198 11.37 -1.83 -28.72
CA HIS E 198 12.76 -1.41 -29.02
C HIS E 198 13.57 -2.67 -29.22
N LEU E 199 14.22 -2.83 -30.37
CA LEU E 199 15.20 -3.91 -30.61
C LEU E 199 16.60 -3.35 -30.41
N GLY E 200 17.44 -4.10 -29.69
CA GLY E 200 18.88 -3.86 -29.67
C GLY E 200 19.62 -4.82 -30.60
N ASP E 201 20.92 -4.94 -30.38
CA ASP E 201 21.85 -5.73 -31.23
C ASP E 201 22.00 -7.14 -30.69
N GLY E 202 21.20 -7.58 -29.71
CA GLY E 202 21.30 -8.94 -29.22
C GLY E 202 21.06 -9.95 -30.32
N SER E 203 21.82 -11.05 -30.31
CA SER E 203 21.72 -12.10 -31.36
C SER E 203 20.40 -12.87 -31.26
N ARG E 204 19.66 -12.79 -30.15
CA ARG E 204 18.32 -13.43 -30.06
C ARG E 204 17.32 -12.70 -30.97
N LYS E 205 17.60 -11.46 -31.37
CA LYS E 205 16.78 -10.75 -32.39
C LYS E 205 15.30 -10.84 -31.98
N LEU E 206 14.42 -11.35 -32.84
CA LEU E 206 12.95 -11.29 -32.66
C LEU E 206 12.43 -12.62 -32.10
N ALA E 207 13.27 -13.43 -31.45
CA ALA E 207 12.89 -14.75 -30.91
C ALA E 207 11.63 -14.66 -30.02
N LEU E 208 11.49 -13.67 -29.15
CA LEU E 208 10.34 -13.59 -28.22
C LEU E 208 9.05 -13.38 -29.03
N ILE E 209 9.13 -12.59 -30.09
CA ILE E 209 7.94 -12.34 -30.95
C ILE E 209 7.62 -13.61 -31.74
N LYS E 210 8.62 -14.32 -32.26
CA LYS E 210 8.37 -15.58 -33.01
C LYS E 210 7.64 -16.55 -32.10
N ARG E 211 8.07 -16.65 -30.87
CA ARG E 211 7.45 -17.55 -29.88
C ARG E 211 6.00 -17.11 -29.61
N ALA E 212 5.75 -15.82 -29.46
CA ALA E 212 4.38 -15.30 -29.22
C ALA E 212 3.47 -15.66 -30.41
N LEU E 213 3.96 -15.52 -31.63
CA LEU E 213 3.17 -15.82 -32.86
C LEU E 213 2.91 -17.31 -32.95
N ALA E 214 3.85 -18.15 -32.54
CA ALA E 214 3.70 -19.62 -32.64
C ALA E 214 2.78 -20.13 -31.51
N GLU E 215 2.84 -19.57 -30.31
CA GLU E 215 2.28 -20.25 -29.11
C GLU E 215 0.97 -19.59 -28.64
N THR E 216 0.66 -18.36 -29.03
CA THR E 216 -0.54 -17.65 -28.53
C THR E 216 -1.53 -17.39 -29.66
N GLU E 217 -2.72 -16.93 -29.31
CA GLU E 217 -3.77 -16.51 -30.28
C GLU E 217 -3.63 -15.01 -30.57
N LEU E 218 -2.65 -14.31 -30.01
CA LEU E 218 -2.60 -12.83 -30.18
C LEU E 218 -2.36 -12.52 -31.66
N PRO E 219 -3.11 -11.57 -32.26
CA PRO E 219 -2.87 -11.22 -33.66
C PRO E 219 -1.44 -10.69 -33.85
N ALA E 220 -0.88 -10.97 -35.00
CA ALA E 220 0.50 -10.60 -35.36
C ALA E 220 0.68 -9.09 -35.25
N ARG E 221 -0.32 -8.29 -35.62
CA ARG E 221 -0.17 -6.81 -35.65
C ARG E 221 0.14 -6.26 -34.23
N VAL E 222 -0.13 -7.01 -33.17
CA VAL E 222 0.11 -6.56 -31.77
C VAL E 222 1.62 -6.42 -31.53
N PHE E 223 2.46 -7.15 -32.27
CA PHE E 223 3.93 -7.19 -32.06
C PHE E 223 4.60 -6.32 -33.11
N ASN E 224 5.05 -5.14 -32.70
CA ASN E 224 5.53 -4.07 -33.62
C ASN E 224 6.97 -3.70 -33.29
N PRO E 225 7.97 -4.42 -33.85
CA PRO E 225 9.37 -4.08 -33.60
C PRO E 225 9.84 -2.84 -34.37
N THR E 226 10.66 -2.02 -33.72
CA THR E 226 11.28 -0.81 -34.28
C THR E 226 12.81 -0.98 -34.26
N HIS E 227 13.51 -0.06 -34.91
CA HIS E 227 14.97 -0.08 -35.19
C HIS E 227 15.38 -1.39 -35.88
N VAL E 228 14.55 -1.99 -36.69
CA VAL E 228 14.84 -3.32 -37.28
C VAL E 228 16.00 -3.18 -38.29
N ASN E 229 16.31 -1.96 -38.75
CA ASN E 229 17.42 -1.66 -39.69
C ASN E 229 18.76 -1.47 -38.95
N ARG E 230 18.81 -1.63 -37.64
CA ARG E 230 20.04 -1.26 -36.86
C ARG E 230 21.16 -2.27 -37.13
N ASN E 231 20.86 -3.51 -37.48
CA ASN E 231 21.89 -4.47 -37.92
C ASN E 231 21.27 -5.36 -38.97
N LYS E 232 22.10 -5.96 -39.81
CA LYS E 232 21.60 -6.60 -41.06
C LYS E 232 20.92 -7.93 -40.74
N PRO E 233 21.46 -8.78 -39.86
CA PRO E 233 20.75 -10.02 -39.52
C PRO E 233 19.34 -9.75 -38.94
N LEU E 234 19.20 -8.70 -38.11
CA LEU E 234 17.89 -8.34 -37.53
C LEU E 234 16.97 -7.90 -38.67
N PHE E 235 17.45 -7.06 -39.58
CA PHE E 235 16.64 -6.56 -40.69
C PHE E 235 16.14 -7.74 -41.54
N ASP E 236 17.01 -8.72 -41.80
CA ASP E 236 16.63 -9.90 -42.64
C ASP E 236 15.53 -10.67 -41.90
N GLU E 237 15.67 -10.86 -40.58
CA GLU E 237 14.64 -11.59 -39.79
C GLU E 237 13.32 -10.80 -39.81
N ALA E 238 13.37 -9.49 -39.66
CA ALA E 238 12.18 -8.62 -39.67
C ALA E 238 11.48 -8.76 -41.02
N CYS E 239 12.20 -8.68 -42.14
CA CYS E 239 11.61 -8.82 -43.50
C CYS E 239 10.94 -10.20 -43.61
N GLU E 240 11.59 -11.28 -43.18
CA GLU E 240 10.99 -12.65 -43.25
C GLU E 240 9.68 -12.67 -42.45
N MET E 241 9.60 -12.01 -41.31
CA MET E 241 8.41 -12.10 -40.41
C MET E 241 7.24 -11.27 -40.95
N LEU E 242 7.45 -10.41 -41.96
CA LEU E 242 6.31 -9.66 -42.56
C LEU E 242 5.26 -10.63 -43.08
N SER E 243 5.68 -11.81 -43.53
CA SER E 243 4.73 -12.81 -44.07
C SER E 243 3.84 -13.34 -42.95
N GLN E 244 4.20 -13.19 -41.67
CA GLN E 244 3.32 -13.63 -40.54
C GLN E 244 2.35 -12.51 -40.14
N GLY E 245 2.45 -11.32 -40.72
CA GLY E 245 1.47 -10.24 -40.53
C GLY E 245 1.92 -9.17 -39.54
N ILE E 246 3.14 -9.20 -39.01
CA ILE E 246 3.63 -8.08 -38.16
C ILE E 246 3.86 -6.87 -39.06
N TYR E 247 3.81 -5.70 -38.46
CA TYR E 247 4.30 -4.43 -39.03
C TYR E 247 5.69 -4.20 -38.45
N ILE E 248 6.60 -3.65 -39.25
CA ILE E 248 7.96 -3.32 -38.78
C ILE E 248 8.18 -1.84 -38.98
N ASP E 249 8.92 -1.24 -38.06
CA ASP E 249 9.22 0.19 -38.06
C ASP E 249 10.74 0.33 -38.29
N ILE E 250 11.08 1.06 -39.32
CA ILE E 250 12.46 1.38 -39.73
C ILE E 250 12.77 2.77 -39.18
N THR E 251 13.91 2.93 -38.55
CA THR E 251 14.31 4.22 -37.94
C THR E 251 15.16 5.01 -38.95
N ALA E 252 14.82 6.26 -39.19
CA ALA E 252 15.58 7.19 -40.06
C ALA E 252 16.74 7.77 -39.25
N PHE E 253 17.72 6.94 -38.96
CA PHE E 253 19.03 7.35 -38.37
C PHE E 253 19.64 8.43 -39.26
N PRO E 254 20.34 9.44 -38.72
CA PRO E 254 21.21 10.28 -39.56
C PRO E 254 22.36 9.39 -40.07
N ASP E 255 23.04 9.78 -41.17
CA ASP E 255 24.05 8.92 -41.86
C ASP E 255 25.18 8.50 -40.90
N ASP E 256 25.58 9.38 -39.95
CA ASP E 256 26.62 9.10 -38.91
C ASP E 256 26.29 7.87 -38.05
N ALA E 257 25.03 7.72 -37.65
CA ALA E 257 24.55 6.79 -36.58
C ALA E 257 24.21 5.39 -37.13
N VAL E 258 24.31 5.18 -38.45
CA VAL E 258 23.90 3.91 -39.17
C VAL E 258 24.78 2.73 -38.71
N ASP E 259 26.07 2.94 -38.37
CA ASP E 259 27.05 1.90 -37.93
C ASP E 259 27.00 0.70 -38.90
N ASP E 260 26.70 -0.50 -38.41
CA ASP E 260 26.71 -1.78 -39.18
C ASP E 260 25.32 -2.11 -39.76
N GLY E 261 24.39 -1.17 -39.77
CA GLY E 261 23.02 -1.45 -40.24
C GLY E 261 22.75 -0.78 -41.57
N TRP E 262 21.49 -0.52 -41.84
CA TRP E 262 21.01 0.19 -43.05
C TRP E 262 20.44 1.52 -42.63
N SER E 263 20.62 2.55 -43.44
CA SER E 263 19.80 3.79 -43.34
C SER E 263 18.35 3.39 -43.59
N ALA E 264 17.39 4.22 -43.20
CA ALA E 264 15.98 3.95 -43.50
C ALA E 264 15.82 3.82 -45.01
N ALA E 265 16.47 4.70 -45.78
CA ALA E 265 16.41 4.69 -47.26
C ALA E 265 16.88 3.35 -47.80
N GLU E 266 18.05 2.88 -47.37
CA GLU E 266 18.62 1.61 -47.87
C GLU E 266 17.67 0.48 -47.50
N ALA E 267 17.15 0.50 -46.26
CA ALA E 267 16.31 -0.59 -45.74
C ALA E 267 15.02 -0.66 -46.57
N LEU E 268 14.40 0.48 -46.81
CA LEU E 268 13.10 0.48 -47.55
C LEU E 268 13.33 0.04 -49.00
N LEU E 269 14.39 0.54 -49.66
CA LEU E 269 14.75 0.10 -51.05
C LEU E 269 14.96 -1.40 -51.08
N LEU E 270 15.68 -1.93 -50.08
CA LEU E 270 15.97 -3.37 -50.02
C LEU E 270 14.69 -4.18 -49.78
N ALA E 271 13.81 -3.73 -48.88
CA ALA E 271 12.51 -4.43 -48.64
C ALA E 271 11.72 -4.47 -49.95
N LYS E 272 11.70 -3.37 -50.69
CA LYS E 272 10.98 -3.31 -52.00
C LYS E 272 11.60 -4.33 -52.97
N GLU E 273 12.91 -4.32 -53.13
CA GLU E 273 13.64 -5.28 -54.01
C GLU E 273 13.31 -6.71 -53.61
N ARG E 274 13.15 -7.02 -52.31
CA ARG E 274 12.88 -8.41 -51.86
C ARG E 274 11.39 -8.77 -52.04
N GLY E 275 10.54 -7.84 -52.50
CA GLY E 275 9.11 -8.13 -52.66
C GLY E 275 8.37 -8.17 -51.33
N CYS E 276 8.89 -7.52 -50.29
CA CYS E 276 8.19 -7.42 -48.98
C CYS E 276 6.92 -6.60 -49.13
N PRO E 277 5.87 -6.86 -48.32
CA PRO E 277 4.66 -6.04 -48.34
C PRO E 277 4.91 -4.67 -47.69
N LEU E 278 5.13 -3.66 -48.52
CA LEU E 278 5.53 -2.31 -48.06
C LEU E 278 4.42 -1.70 -47.21
N LYS E 279 3.16 -2.14 -47.33
CA LYS E 279 2.06 -1.52 -46.53
C LYS E 279 2.23 -1.87 -45.04
N GLN E 280 3.07 -2.86 -44.71
CA GLN E 280 3.37 -3.31 -43.32
C GLN E 280 4.65 -2.64 -42.81
N ILE E 281 5.19 -1.65 -43.52
CA ILE E 281 6.47 -1.01 -43.16
C ILE E 281 6.22 0.47 -42.91
N THR E 282 6.70 0.95 -41.77
CA THR E 282 6.63 2.37 -41.38
C THR E 282 8.05 2.88 -41.18
N ILE E 283 8.21 4.19 -41.19
CA ILE E 283 9.46 4.89 -40.88
C ILE E 283 9.17 5.90 -39.78
N SER E 284 10.07 5.99 -38.81
CA SER E 284 9.98 6.97 -37.71
C SER E 284 11.37 7.58 -37.51
N SER E 285 11.46 8.70 -36.80
CA SER E 285 12.70 9.53 -36.75
C SER E 285 13.47 9.27 -35.47
N ASP E 286 12.81 8.79 -34.41
CA ASP E 286 13.41 8.85 -33.05
C ASP E 286 13.82 10.28 -32.66
N GLY E 287 13.01 11.28 -33.02
CA GLY E 287 13.24 12.69 -32.65
C GLY E 287 13.34 12.85 -31.15
N GLY E 288 14.27 13.69 -30.65
CA GLY E 288 14.49 13.93 -29.21
C GLY E 288 15.36 12.84 -28.57
N GLY E 289 15.63 11.74 -29.29
CA GLY E 289 16.56 10.69 -28.86
C GLY E 289 17.98 11.24 -28.79
N CYS E 290 18.79 10.81 -27.84
CA CYS E 290 20.16 11.35 -27.65
C CYS E 290 21.08 10.79 -28.76
N MET E 291 21.84 11.65 -29.43
CA MET E 291 22.70 11.32 -30.63
C MET E 291 24.17 11.66 -30.33
N PRO E 292 24.97 10.70 -29.79
CA PRO E 292 26.39 10.94 -29.51
C PRO E 292 27.24 11.09 -30.77
N ALA E 293 28.25 11.98 -30.76
CA ALA E 293 29.30 12.13 -31.80
C ALA E 293 30.62 11.55 -31.25
N PHE E 294 31.33 10.72 -32.04
CA PHE E 294 32.63 10.08 -31.68
C PHE E 294 33.79 10.71 -32.47
N ALA E 302 31.03 15.16 -28.81
CA ALA E 302 29.89 16.12 -28.82
C ALA E 302 28.58 15.35 -28.61
N MET E 303 27.52 16.06 -28.21
CA MET E 303 26.17 15.48 -27.99
C MET E 303 25.13 16.33 -28.74
N ASP E 304 24.30 15.66 -29.54
CA ASP E 304 23.10 16.25 -30.21
C ASP E 304 21.91 15.32 -29.97
N PHE E 305 20.75 15.64 -30.54
CA PHE E 305 19.51 14.83 -30.45
C PHE E 305 18.90 14.65 -31.85
N GLY E 306 18.20 13.52 -32.02
CA GLY E 306 17.44 13.13 -33.24
C GLY E 306 16.43 14.19 -33.65
N ARG E 307 16.20 14.29 -34.95
CA ARG E 307 15.31 15.32 -35.56
C ARG E 307 14.38 14.62 -36.56
N SER E 308 13.17 15.12 -36.66
CA SER E 308 12.14 14.63 -37.61
C SER E 308 12.54 14.97 -39.06
N GLU E 309 13.57 15.82 -39.25
CA GLU E 309 14.16 16.19 -40.58
C GLU E 309 14.59 14.98 -41.40
N THR E 310 14.96 13.87 -40.78
CA THR E 310 15.44 12.65 -41.48
C THR E 310 14.28 11.99 -42.22
N LEU E 311 13.01 12.27 -41.89
CA LEU E 311 11.89 11.63 -42.61
C LEU E 311 11.87 12.14 -44.06
N LEU E 312 11.84 13.46 -44.26
CA LEU E 312 11.82 14.01 -45.63
C LEU E 312 13.13 13.66 -46.33
N ALA E 313 14.27 13.70 -45.64
CA ALA E 313 15.58 13.35 -46.23
C ALA E 313 15.50 11.91 -46.77
N THR E 314 14.86 11.01 -46.04
CA THR E 314 14.68 9.61 -46.48
C THR E 314 13.83 9.58 -47.74
N LEU E 315 12.73 10.32 -47.75
CA LEU E 315 11.78 10.36 -48.91
C LEU E 315 12.58 10.86 -50.15
N LYS E 316 13.40 11.89 -50.01
CA LYS E 316 14.21 12.42 -51.15
C LYS E 316 15.22 11.38 -51.61
N THR E 317 15.90 10.70 -50.67
CA THR E 317 16.90 9.66 -51.01
C THR E 317 16.24 8.53 -51.80
N VAL E 318 15.13 7.95 -51.35
CA VAL E 318 14.58 6.73 -52.02
C VAL E 318 13.95 7.13 -53.35
N THR E 319 13.34 8.32 -53.46
CA THR E 319 12.70 8.75 -54.73
C THR E 319 13.78 8.99 -55.77
N ALA E 320 14.93 9.55 -55.39
CA ALA E 320 16.09 9.76 -56.29
C ALA E 320 16.60 8.41 -56.79
N GLN E 321 16.37 7.31 -56.06
CA GLN E 321 16.84 5.96 -56.46
C GLN E 321 15.73 5.18 -57.12
N GLY E 322 14.63 5.84 -57.52
CA GLY E 322 13.62 5.17 -58.35
C GLY E 322 12.39 4.66 -57.61
N MET E 323 12.32 4.78 -56.29
CA MET E 323 11.06 4.41 -55.59
C MET E 323 9.97 5.46 -55.89
N ALA E 324 8.76 5.00 -56.18
CA ALA E 324 7.55 5.85 -56.36
C ALA E 324 7.27 6.64 -55.08
N LEU E 325 6.91 7.91 -55.21
CA LEU E 325 6.61 8.80 -54.08
C LEU E 325 5.57 8.13 -53.17
N GLU E 326 4.54 7.49 -53.73
CA GLU E 326 3.42 6.96 -52.93
C GLU E 326 3.91 5.82 -52.02
N ASP E 327 4.95 5.08 -52.41
CA ASP E 327 5.46 3.92 -51.63
C ASP E 327 6.08 4.42 -50.34
N VAL E 328 6.99 5.38 -50.43
CA VAL E 328 7.68 5.89 -49.22
C VAL E 328 6.70 6.79 -48.47
N LEU E 329 5.86 7.56 -49.14
CA LEU E 329 4.91 8.47 -48.45
C LEU E 329 3.95 7.63 -47.58
N SER E 330 3.51 6.47 -48.05
CA SER E 330 2.62 5.57 -47.30
C SER E 330 3.29 5.15 -45.99
N SER E 331 4.60 4.92 -46.00
CA SER E 331 5.38 4.49 -44.83
C SER E 331 5.45 5.60 -43.78
N LEU E 332 5.12 6.84 -44.15
CA LEU E 332 5.12 8.01 -43.25
C LEU E 332 3.69 8.44 -42.91
N THR E 333 2.67 7.87 -43.54
CA THR E 333 1.29 8.41 -43.50
C THR E 333 0.31 7.26 -43.32
N ALA E 334 -0.23 6.73 -44.41
CA ALA E 334 -1.38 5.80 -44.38
C ALA E 334 -1.01 4.53 -43.62
N ASN E 335 0.20 4.00 -43.78
CA ASN E 335 0.55 2.70 -43.13
C ASN E 335 0.54 2.89 -41.62
N VAL E 336 1.04 4.02 -41.15
CA VAL E 336 1.11 4.34 -39.70
C VAL E 336 -0.32 4.50 -39.18
N ALA E 337 -1.15 5.26 -39.89
CA ALA E 337 -2.55 5.51 -39.49
C ALA E 337 -3.34 4.20 -39.47
N HIS E 338 -3.05 3.28 -40.37
CA HIS E 338 -3.74 1.98 -40.44
C HIS E 338 -3.36 1.14 -39.22
N LEU E 339 -2.06 0.96 -38.97
CA LEU E 339 -1.57 0.13 -37.84
C LEU E 339 -2.10 0.74 -36.53
N LEU E 340 -2.02 2.06 -36.39
CA LEU E 340 -2.31 2.70 -35.09
C LEU E 340 -3.81 3.02 -34.95
N ARG E 341 -4.64 2.67 -35.94
CA ARG E 341 -6.11 2.86 -35.89
C ARG E 341 -6.40 4.34 -35.66
N LEU E 342 -5.80 5.20 -36.49
CA LEU E 342 -6.06 6.66 -36.49
C LEU E 342 -6.82 6.98 -37.77
N PRO E 343 -8.14 6.70 -37.85
CA PRO E 343 -8.86 6.83 -39.13
C PRO E 343 -8.93 8.27 -39.66
N ALA E 344 -8.70 9.29 -38.83
CA ALA E 344 -8.73 10.71 -39.26
C ALA E 344 -7.38 11.14 -39.84
N LYS E 345 -6.33 10.28 -39.78
CA LYS E 345 -4.94 10.69 -40.10
C LYS E 345 -4.42 9.93 -41.31
N GLY E 346 -3.33 10.43 -41.90
CA GLY E 346 -2.52 9.67 -42.88
C GLY E 346 -3.15 9.58 -44.26
N LYS E 347 -4.19 10.37 -44.54
CA LYS E 347 -4.94 10.24 -45.81
C LYS E 347 -5.53 11.59 -46.21
N ILE E 348 -5.48 11.89 -47.51
CA ILE E 348 -6.29 12.99 -48.08
C ILE E 348 -7.59 12.35 -48.54
N ALA E 349 -8.60 12.42 -47.66
CA ALA E 349 -9.92 11.79 -47.86
C ALA E 349 -10.95 12.68 -47.18
N THR E 350 -12.16 12.74 -47.73
CA THR E 350 -13.18 13.66 -47.15
C THR E 350 -13.50 13.14 -45.75
N GLY E 351 -13.64 14.06 -44.80
CA GLY E 351 -13.94 13.73 -43.40
C GLY E 351 -12.67 13.55 -42.58
N ALA E 352 -11.50 13.39 -43.19
CA ALA E 352 -10.22 13.25 -42.46
C ALA E 352 -9.76 14.61 -41.94
N ASP E 353 -8.83 14.61 -40.99
CA ASP E 353 -8.24 15.86 -40.48
C ASP E 353 -7.45 16.55 -41.61
N ALA E 354 -7.52 17.87 -41.65
CA ALA E 354 -6.80 18.71 -42.63
C ALA E 354 -5.35 18.88 -42.17
N ASP E 355 -4.61 17.78 -42.20
CA ASP E 355 -3.14 17.75 -41.97
C ASP E 355 -2.51 17.52 -43.34
N LEU E 356 -1.85 18.54 -43.89
CA LEU E 356 -1.45 18.56 -45.32
C LEU E 356 -0.08 19.19 -45.47
N LEU E 357 0.71 18.65 -46.39
CA LEU E 357 1.99 19.24 -46.84
C LEU E 357 1.85 19.65 -48.32
N VAL E 358 2.40 20.81 -48.65
CA VAL E 358 2.61 21.24 -50.06
C VAL E 358 4.11 21.12 -50.33
N LEU E 359 4.47 20.32 -51.32
CA LEU E 359 5.88 20.06 -51.67
C LEU E 359 6.26 20.81 -52.96
N ASP E 360 7.53 21.25 -53.02
CA ASP E 360 8.21 21.66 -54.27
C ASP E 360 8.44 20.43 -55.14
N ALA E 361 8.92 20.65 -56.36
CA ALA E 361 9.15 19.57 -57.35
C ALA E 361 10.28 18.64 -56.88
N ASP E 362 11.24 19.15 -56.09
CA ASP E 362 12.32 18.33 -55.49
C ASP E 362 11.87 17.71 -54.15
N TYR E 363 10.59 17.89 -53.77
CA TYR E 363 9.94 17.33 -52.56
C TYR E 363 10.32 18.10 -51.30
N SER E 364 10.99 19.25 -51.40
CA SER E 364 11.15 20.17 -50.25
C SER E 364 9.76 20.61 -49.79
N ILE E 365 9.59 20.81 -48.50
CA ILE E 365 8.30 21.23 -47.93
C ILE E 365 8.19 22.74 -48.12
N ASN E 366 7.09 23.18 -48.73
CA ASN E 366 6.84 24.62 -48.92
C ASN E 366 5.82 25.10 -47.89
N ASP E 367 4.78 24.29 -47.62
CA ASP E 367 3.70 24.67 -46.69
C ASP E 367 3.32 23.45 -45.83
N VAL E 368 2.90 23.72 -44.61
CA VAL E 368 2.43 22.69 -43.64
C VAL E 368 1.17 23.21 -43.00
N MET E 369 0.10 22.43 -43.15
CA MET E 369 -1.19 22.68 -42.49
C MET E 369 -1.43 21.57 -41.45
N ALA E 370 -1.83 21.95 -40.24
CA ALA E 370 -2.27 21.02 -39.19
C ALA E 370 -3.66 21.44 -38.71
N LEU E 371 -4.60 20.52 -38.76
CA LEU E 371 -6.01 20.74 -38.33
C LEU E 371 -6.54 22.04 -38.98
N GLY E 372 -6.24 22.23 -40.26
CA GLY E 372 -6.79 23.34 -41.06
C GLY E 372 -6.08 24.66 -40.83
N ARG E 373 -5.00 24.72 -40.07
CA ARG E 373 -4.26 25.98 -39.83
C ARG E 373 -2.88 25.86 -40.46
N TRP E 374 -2.40 26.91 -41.10
CA TRP E 374 -1.02 26.97 -41.63
C TRP E 374 -0.04 27.14 -40.47
N HIS E 375 0.91 26.22 -40.36
CA HIS E 375 2.06 26.32 -39.43
C HIS E 375 3.26 26.85 -40.21
N LEU E 376 3.39 26.43 -41.46
CA LEU E 376 4.47 26.86 -42.37
C LEU E 376 3.82 27.29 -43.69
N ARG E 377 4.22 28.45 -44.19
CA ARG E 377 3.66 29.03 -45.43
C ARG E 377 4.83 29.65 -46.20
N ASP E 378 5.10 29.15 -47.40
CA ASP E 378 6.26 29.59 -48.24
C ASP E 378 7.53 29.50 -47.41
N LYS E 379 7.70 28.39 -46.68
CA LYS E 379 8.92 28.05 -45.91
C LYS E 379 9.14 29.02 -44.75
N ALA E 380 8.14 29.81 -44.36
CA ALA E 380 8.23 30.67 -43.15
C ALA E 380 7.31 30.08 -42.07
N LEU E 381 7.76 30.03 -40.82
CA LEU E 381 6.95 29.59 -39.68
C LEU E 381 5.92 30.65 -39.36
N ILE E 382 4.64 30.29 -39.43
CA ILE E 382 3.48 31.14 -39.07
C ILE E 382 3.10 30.85 -37.62
N MET E 383 3.25 29.60 -37.18
CA MET E 383 2.95 29.18 -35.80
C MET E 383 4.20 28.48 -35.24
N LYS E 384 4.51 28.74 -33.98
CA LYS E 384 5.67 28.14 -33.30
C LYS E 384 5.27 27.80 -31.86
N GLY E 385 6.15 27.10 -31.16
CA GLY E 385 5.94 26.74 -29.75
C GLY E 385 5.90 27.97 -28.88
N THR E 386 5.29 27.85 -27.71
CA THR E 386 5.12 28.91 -26.71
C THR E 386 6.48 29.59 -26.41
N PHE E 387 7.57 28.83 -26.33
CA PHE E 387 8.87 29.35 -25.85
C PHE E 387 9.89 29.38 -26.99
N GLU E 388 9.49 29.21 -28.25
CA GLU E 388 10.43 29.40 -29.40
C GLU E 388 10.60 30.90 -29.68
N GLU E 389 11.79 31.36 -30.09
CA GLU E 389 12.12 32.79 -30.37
C GLU E 389 12.51 32.95 -31.84
N THR F 2 -18.77 14.11 -46.25
CA THR F 2 -20.20 14.57 -46.08
C THR F 2 -20.43 15.91 -46.80
N GLY F 3 -19.58 16.89 -46.52
CA GLY F 3 -19.78 18.26 -47.05
C GLY F 3 -20.77 19.03 -46.17
N LEU F 4 -21.17 20.20 -46.66
CA LEU F 4 -21.64 21.33 -45.84
C LEU F 4 -23.15 21.22 -45.63
N THR F 5 -23.64 21.73 -44.52
CA THR F 5 -25.08 21.88 -44.25
C THR F 5 -25.35 23.38 -44.19
N ILE F 6 -26.40 23.81 -44.89
CA ILE F 6 -26.81 25.24 -44.90
C ILE F 6 -28.21 25.30 -44.28
N LEU F 7 -28.35 26.15 -43.28
CA LEU F 7 -29.62 26.43 -42.60
C LEU F 7 -30.00 27.86 -42.97
N ARG F 8 -31.04 28.00 -43.77
CA ARG F 8 -31.50 29.31 -44.27
C ARG F 8 -32.63 29.80 -43.39
N ASN F 9 -32.72 31.11 -43.23
CA ASN F 9 -33.90 31.78 -42.60
C ASN F 9 -34.04 31.25 -41.17
N ALA F 10 -32.93 31.16 -40.45
CA ALA F 10 -32.93 30.73 -39.03
C ALA F 10 -33.19 31.99 -38.21
N ASN F 11 -34.18 31.97 -37.32
CA ASN F 11 -34.36 33.07 -36.35
C ASN F 11 -33.44 32.78 -35.16
N VAL F 12 -32.26 33.36 -35.15
CA VAL F 12 -31.14 32.90 -34.28
C VAL F 12 -31.27 33.51 -32.88
N TYR F 13 -31.31 32.64 -31.89
CA TYR F 13 -31.05 32.96 -30.46
C TYR F 13 -29.71 32.35 -30.08
N ALA F 14 -28.69 33.15 -29.90
CA ALA F 14 -27.28 32.71 -29.96
C ALA F 14 -26.61 32.44 -28.61
N PRO F 15 -27.21 32.55 -27.40
CA PRO F 15 -28.65 32.68 -27.16
C PRO F 15 -29.29 34.07 -27.26
N GLN F 16 -28.52 35.15 -27.34
CA GLN F 16 -29.09 36.51 -27.56
C GLN F 16 -29.71 36.57 -28.96
N PRO F 17 -30.86 37.28 -29.15
CA PRO F 17 -31.50 37.33 -30.46
C PRO F 17 -30.64 38.10 -31.47
N LEU F 18 -30.37 37.50 -32.61
CA LEU F 18 -29.57 38.09 -33.71
C LEU F 18 -30.46 38.39 -34.91
N GLY F 19 -31.72 37.94 -34.92
CA GLY F 19 -32.58 38.04 -36.12
C GLY F 19 -32.33 36.91 -37.10
N LEU F 20 -32.83 37.06 -38.33
CA LEU F 20 -32.79 36.01 -39.35
C LEU F 20 -31.37 35.91 -39.89
N LYS F 21 -30.88 34.68 -40.04
CA LYS F 21 -29.51 34.46 -40.55
C LYS F 21 -29.51 33.19 -41.38
N THR F 22 -28.51 33.10 -42.24
CA THR F 22 -28.08 31.82 -42.84
C THR F 22 -26.93 31.30 -41.95
N VAL F 23 -26.99 30.01 -41.60
CA VAL F 23 -25.94 29.35 -40.77
C VAL F 23 -25.33 28.23 -41.60
N LEU F 24 -24.02 28.26 -41.74
CA LEU F 24 -23.26 27.25 -42.50
C LEU F 24 -22.54 26.35 -41.50
N VAL F 25 -22.70 25.05 -41.66
CA VAL F 25 -22.12 24.02 -40.76
C VAL F 25 -21.25 23.09 -41.59
N GLY F 26 -20.06 22.78 -41.10
CA GLY F 26 -19.22 21.70 -41.68
C GLY F 26 -18.09 21.30 -40.75
N GLY F 27 -17.63 20.06 -40.89
CA GLY F 27 -16.60 19.50 -39.98
C GLY F 27 -17.04 19.57 -38.53
N GLY F 28 -18.34 19.54 -38.26
CA GLY F 28 -18.91 19.56 -36.90
C GLY F 28 -18.94 20.93 -36.28
N LYS F 29 -18.63 21.98 -37.05
CA LYS F 29 -18.46 23.35 -36.53
C LYS F 29 -19.40 24.32 -37.28
N ILE F 30 -19.70 25.44 -36.65
CA ILE F 30 -20.38 26.60 -37.27
C ILE F 30 -19.32 27.38 -38.04
N LEU F 31 -19.41 27.37 -39.36
CA LEU F 31 -18.40 28.00 -40.27
C LEU F 31 -18.81 29.43 -40.64
N ALA F 32 -20.09 29.78 -40.63
CA ALA F 32 -20.56 31.16 -40.97
C ALA F 32 -21.95 31.40 -40.40
N ILE F 33 -22.18 32.64 -40.01
CA ILE F 33 -23.51 33.17 -39.61
C ILE F 33 -23.64 34.49 -40.37
N THR F 34 -24.56 34.57 -41.31
CA THR F 34 -24.53 35.69 -42.28
C THR F 34 -25.95 36.13 -42.66
N ASP F 35 -26.07 37.41 -43.03
CA ASP F 35 -27.27 37.97 -43.71
C ASP F 35 -27.33 37.45 -45.15
N GLU F 36 -26.22 37.05 -45.74
CA GLU F 36 -26.11 36.66 -47.16
C GLU F 36 -26.88 35.37 -47.40
N ALA F 37 -27.64 35.30 -48.51
CA ALA F 37 -28.30 34.07 -48.98
C ALA F 37 -27.25 33.24 -49.74
N LEU F 38 -26.37 32.56 -48.99
CA LEU F 38 -25.18 31.89 -49.57
C LEU F 38 -25.60 30.98 -50.73
N GLU F 39 -24.92 31.14 -51.86
CA GLU F 39 -25.08 30.21 -53.02
C GLU F 39 -23.83 29.32 -53.06
N LEU F 40 -24.00 28.01 -52.88
CA LEU F 40 -22.87 27.06 -52.83
C LEU F 40 -23.03 26.07 -53.97
N PRO F 41 -21.92 25.50 -54.47
CA PRO F 41 -22.01 24.40 -55.41
C PRO F 41 -22.70 23.18 -54.79
N ALA F 42 -23.66 22.60 -55.50
CA ALA F 42 -24.51 21.49 -55.02
C ALA F 42 -23.63 20.30 -54.65
N SER F 43 -22.51 20.10 -55.33
CA SER F 43 -21.63 18.91 -55.15
C SER F 43 -21.04 18.87 -53.73
N ILE F 44 -20.91 19.99 -53.01
CA ILE F 44 -20.28 20.04 -51.66
C ILE F 44 -21.35 20.24 -50.57
N VAL F 45 -22.63 20.25 -50.92
CA VAL F 45 -23.72 20.50 -49.96
C VAL F 45 -24.39 19.16 -49.65
N ALA F 46 -24.31 18.72 -48.40
CA ALA F 46 -25.04 17.53 -47.89
C ALA F 46 -26.52 17.88 -47.75
N ASP F 47 -26.85 19.04 -47.21
CA ASP F 47 -28.23 19.40 -46.79
C ASP F 47 -28.41 20.89 -46.95
N ASP F 48 -29.40 21.30 -47.72
CA ASP F 48 -29.79 22.72 -47.89
C ASP F 48 -31.21 22.85 -47.30
N ILE F 49 -31.33 23.45 -46.13
CA ILE F 49 -32.58 23.39 -45.33
C ILE F 49 -33.07 24.80 -45.09
N ASP F 50 -34.33 25.03 -45.43
CA ASP F 50 -35.02 26.31 -45.13
C ASP F 50 -35.72 26.15 -43.80
N LEU F 51 -35.27 26.83 -42.75
CA LEU F 51 -35.93 26.74 -41.41
C LEU F 51 -37.20 27.61 -41.39
N GLN F 52 -37.41 28.44 -42.40
CA GLN F 52 -38.68 29.21 -42.61
C GLN F 52 -38.96 30.05 -41.38
N GLY F 53 -37.93 30.65 -40.79
CA GLY F 53 -38.03 31.59 -39.66
C GLY F 53 -38.21 30.92 -38.33
N ARG F 54 -38.09 29.59 -38.26
CA ARG F 54 -38.08 28.86 -36.96
C ARG F 54 -36.87 29.31 -36.14
N ILE F 55 -37.05 29.29 -34.83
CA ILE F 55 -35.99 29.66 -33.84
C ILE F 55 -34.89 28.59 -33.86
N LEU F 56 -33.65 29.04 -33.90
CA LEU F 56 -32.43 28.23 -33.82
C LEU F 56 -31.70 28.63 -32.55
N THR F 57 -31.44 27.67 -31.66
CA THR F 57 -30.74 27.91 -30.38
C THR F 57 -29.52 27.01 -30.29
N PRO F 58 -28.58 27.30 -29.38
CA PRO F 58 -27.54 26.34 -29.03
C PRO F 58 -28.21 25.14 -28.37
N GLY F 59 -27.59 23.97 -28.48
CA GLY F 59 -28.01 22.80 -27.68
C GLY F 59 -27.89 23.08 -26.20
N PHE F 60 -28.74 22.46 -25.39
CA PHE F 60 -28.69 22.58 -23.92
C PHE F 60 -27.47 21.82 -23.38
N ILE F 61 -26.87 22.38 -22.34
CA ILE F 61 -25.77 21.77 -21.56
C ILE F 61 -26.37 21.44 -20.20
N ASP F 62 -26.59 20.16 -19.95
CA ASP F 62 -27.15 19.65 -18.67
C ASP F 62 -25.97 19.24 -17.80
N ALA F 63 -25.58 20.07 -16.86
CA ALA F 63 -24.32 19.94 -16.11
C ALA F 63 -24.50 19.11 -14.84
N HIS F 64 -25.65 18.48 -14.65
CA HIS F 64 -25.92 17.64 -13.47
C HIS F 64 -26.77 16.46 -13.91
N ALA F 65 -26.14 15.40 -14.38
CA ALA F 65 -26.87 14.19 -14.82
C ALA F 65 -26.14 12.95 -14.32
N HIS F 66 -26.92 11.98 -13.86
CA HIS F 66 -26.44 10.64 -13.50
C HIS F 66 -26.40 9.80 -14.77
N ILE F 67 -25.38 9.98 -15.58
CA ILE F 67 -25.29 9.29 -16.89
C ILE F 67 -25.23 7.78 -16.66
N THR F 68 -24.65 7.30 -15.55
CA THR F 68 -24.58 5.84 -15.25
C THR F 68 -25.90 5.35 -14.66
N GLY F 69 -26.81 6.26 -14.40
CA GLY F 69 -27.95 6.04 -13.48
C GLY F 69 -27.55 6.35 -12.06
N GLY F 70 -28.46 6.92 -11.29
CA GLY F 70 -28.25 7.17 -9.86
C GLY F 70 -28.99 6.14 -9.05
N GLY F 71 -29.69 6.60 -8.01
CA GLY F 71 -30.43 5.73 -7.10
C GLY F 71 -29.51 4.89 -6.24
N GLY F 72 -30.08 3.85 -5.67
CA GLY F 72 -29.38 3.00 -4.69
C GLY F 72 -29.47 3.57 -3.30
N GLU F 73 -30.28 4.62 -3.09
CA GLU F 73 -30.46 5.26 -1.77
C GLU F 73 -31.54 4.59 -0.93
N ALA F 74 -32.35 3.72 -1.50
CA ALA F 74 -33.42 2.99 -0.78
C ALA F 74 -33.40 1.54 -1.24
N GLY F 75 -32.25 0.87 -1.17
CA GLY F 75 -32.13 -0.53 -1.60
C GLY F 75 -31.45 -0.63 -2.95
N PHE F 76 -30.81 -1.76 -3.17
CA PHE F 76 -30.04 -2.05 -4.40
C PHE F 76 -30.95 -2.07 -5.63
N ALA F 77 -32.23 -2.43 -5.47
CA ALA F 77 -33.17 -2.50 -6.62
C ALA F 77 -33.40 -1.09 -7.20
N THR F 78 -33.10 -0.02 -6.44
CA THR F 78 -33.33 1.36 -6.91
C THR F 78 -32.12 1.89 -7.70
N GLN F 79 -31.11 1.06 -8.01
CA GLN F 79 -30.04 1.46 -8.96
C GLN F 79 -30.68 1.73 -10.33
N VAL F 80 -30.62 2.98 -10.80
CA VAL F 80 -31.19 3.40 -12.10
C VAL F 80 -30.28 2.89 -13.21
N PRO F 81 -30.82 2.39 -14.33
CA PRO F 81 -30.02 2.03 -15.49
C PRO F 81 -29.35 3.26 -16.11
N PRO F 82 -28.26 3.07 -16.88
CA PRO F 82 -27.63 4.19 -17.57
C PRO F 82 -28.64 4.88 -18.49
N VAL F 83 -28.55 6.19 -18.57
CA VAL F 83 -29.49 6.99 -19.41
C VAL F 83 -29.14 6.77 -20.88
N PRO F 84 -30.09 6.25 -21.69
CA PRO F 84 -29.84 6.09 -23.12
C PRO F 84 -29.67 7.45 -23.83
N LEU F 85 -28.88 7.45 -24.90
CA LEU F 85 -28.55 8.64 -25.70
C LEU F 85 -29.82 9.48 -25.95
N SER F 86 -30.90 8.89 -26.47
CA SER F 86 -32.11 9.64 -26.91
C SER F 86 -32.77 10.34 -25.72
N GLN F 87 -32.54 9.88 -24.49
CA GLN F 87 -33.13 10.51 -23.28
C GLN F 87 -32.34 11.78 -22.93
N PHE F 88 -31.27 12.10 -23.66
CA PHE F 88 -30.64 13.43 -23.68
C PHE F 88 -31.07 14.19 -24.95
N THR F 89 -30.77 13.63 -26.12
CA THR F 89 -30.84 14.35 -27.42
C THR F 89 -32.28 14.74 -27.77
N ALA F 90 -33.26 13.87 -27.55
CA ALA F 90 -34.67 14.17 -27.89
C ALA F 90 -35.18 15.33 -27.03
N PHE F 91 -34.53 15.65 -25.92
CA PHE F 91 -34.93 16.73 -24.99
C PHE F 91 -34.01 17.93 -25.15
N GLY F 92 -33.21 17.96 -26.22
CA GLY F 92 -32.38 19.12 -26.57
C GLY F 92 -31.03 19.15 -25.88
N VAL F 93 -30.68 18.11 -25.13
CA VAL F 93 -29.36 18.06 -24.42
C VAL F 93 -28.31 17.48 -25.36
N THR F 94 -27.39 18.32 -25.80
CA THR F 94 -26.30 17.94 -26.74
C THR F 94 -24.98 17.81 -25.99
N THR F 95 -24.87 18.37 -24.79
CA THR F 95 -23.71 18.20 -23.88
C THR F 95 -24.24 17.84 -22.50
N VAL F 96 -23.70 16.79 -21.91
CA VAL F 96 -24.04 16.43 -20.51
C VAL F 96 -22.77 16.42 -19.67
N VAL F 97 -22.89 16.78 -18.40
CA VAL F 97 -21.81 16.59 -17.42
C VAL F 97 -22.30 15.58 -16.39
N GLY F 98 -21.70 14.39 -16.39
CA GLY F 98 -22.12 13.28 -15.52
C GLY F 98 -21.50 13.39 -14.15
N LEU F 99 -22.16 12.79 -13.17
CA LEU F 99 -21.64 12.72 -11.80
C LEU F 99 -22.20 11.47 -11.12
N LEU F 100 -21.47 11.06 -10.07
CA LEU F 100 -21.99 10.13 -9.05
C LEU F 100 -22.65 10.95 -7.95
N GLY F 101 -23.71 10.36 -7.38
CA GLY F 101 -24.41 10.94 -6.22
C GLY F 101 -24.21 10.12 -4.98
N THR F 102 -25.30 9.86 -4.26
CA THR F 102 -25.24 9.26 -2.91
C THR F 102 -24.48 7.94 -2.97
N ASP F 103 -24.74 7.11 -3.98
CA ASP F 103 -24.01 5.85 -4.14
C ASP F 103 -22.74 6.13 -4.94
N ASP F 104 -21.68 6.49 -4.22
CA ASP F 104 -20.29 6.55 -4.75
C ASP F 104 -19.50 5.43 -4.10
N THR F 105 -20.21 4.39 -3.65
CA THR F 105 -19.61 3.17 -3.05
C THR F 105 -19.58 2.06 -4.08
N THR F 106 -20.72 1.65 -4.63
CA THR F 106 -20.77 0.55 -5.63
C THR F 106 -20.42 1.10 -7.03
N ARG F 107 -20.64 2.39 -7.26
CA ARG F 107 -20.33 3.06 -8.53
C ARG F 107 -18.98 3.76 -8.39
N SER F 108 -18.20 3.73 -9.46
CA SER F 108 -16.81 4.20 -9.50
C SER F 108 -16.68 5.32 -10.53
N THR F 109 -15.60 6.06 -10.44
CA THR F 109 -15.22 7.07 -11.47
C THR F 109 -14.96 6.35 -12.79
N GLY F 110 -14.46 5.11 -12.78
CA GLY F 110 -14.26 4.34 -14.02
C GLY F 110 -15.60 4.03 -14.70
N ASN F 111 -16.63 3.71 -13.93
CA ASN F 111 -18.00 3.55 -14.47
C ASN F 111 -18.39 4.85 -15.17
N LEU F 112 -18.17 5.97 -14.50
CA LEU F 112 -18.66 7.28 -14.96
C LEU F 112 -17.89 7.68 -16.22
N LEU F 113 -16.57 7.62 -16.19
CA LEU F 113 -15.74 8.08 -17.31
C LEU F 113 -15.97 7.18 -18.52
N SER F 114 -16.11 5.87 -18.32
CA SER F 114 -16.37 4.96 -19.46
C SER F 114 -17.73 5.29 -20.09
N ARG F 115 -18.73 5.70 -19.32
CA ARG F 115 -20.03 6.08 -19.91
C ARG F 115 -19.90 7.43 -20.65
N VAL F 116 -19.09 8.36 -20.17
CA VAL F 116 -18.76 9.59 -20.93
C VAL F 116 -18.26 9.18 -22.31
N TYR F 117 -17.30 8.26 -22.38
CA TYR F 117 -16.72 7.86 -23.70
C TYR F 117 -17.79 7.16 -24.54
N GLY F 118 -18.69 6.40 -23.93
CA GLY F 118 -19.78 5.73 -24.66
C GLY F 118 -20.70 6.77 -25.31
N LEU F 119 -21.07 7.81 -24.57
CA LEU F 119 -21.96 8.87 -25.11
C LEU F 119 -21.22 9.64 -26.22
N ARG F 120 -19.92 9.87 -26.07
CA ARG F 120 -19.13 10.54 -27.13
C ARG F 120 -19.11 9.65 -28.38
N GLU F 121 -18.92 8.34 -28.23
CA GLU F 121 -18.89 7.42 -29.39
C GLU F 121 -20.25 7.47 -30.10
N GLU F 122 -21.34 7.68 -29.39
CA GLU F 122 -22.72 7.68 -29.97
C GLU F 122 -23.06 9.06 -30.54
N GLY F 123 -22.18 10.05 -30.43
CA GLY F 123 -22.27 11.30 -31.20
C GLY F 123 -22.72 12.51 -30.39
N MET F 124 -22.88 12.43 -29.07
CA MET F 124 -23.13 13.66 -28.29
C MET F 124 -21.82 14.07 -27.59
N SER F 125 -21.85 15.13 -26.81
CA SER F 125 -20.70 15.65 -26.05
C SER F 125 -20.94 15.34 -24.58
N ALA F 126 -19.89 14.97 -23.86
CA ALA F 126 -20.03 14.54 -22.45
C ALA F 126 -18.73 14.81 -21.72
N TYR F 127 -18.90 15.25 -20.48
CA TYR F 127 -17.84 15.54 -19.50
C TYR F 127 -18.29 14.89 -18.20
N CYS F 128 -17.45 14.91 -17.18
CA CYS F 128 -17.92 14.46 -15.86
C CYS F 128 -17.18 15.16 -14.75
N TRP F 129 -17.78 15.07 -13.59
CA TRP F 129 -17.26 15.51 -12.29
C TRP F 129 -16.59 14.30 -11.64
N THR F 130 -15.46 14.50 -10.98
CA THR F 130 -14.84 13.43 -10.16
C THR F 130 -15.18 13.68 -8.70
N GLY F 131 -14.84 12.73 -7.84
CA GLY F 131 -14.88 12.92 -6.38
C GLY F 131 -16.13 12.36 -5.75
N GLY F 132 -17.28 12.66 -6.34
CA GLY F 132 -18.60 12.27 -5.80
C GLY F 132 -19.02 13.03 -4.56
N TYR F 133 -19.82 12.36 -3.75
CA TYR F 133 -20.70 12.94 -2.73
C TYR F 133 -20.04 12.95 -1.35
N HIS F 134 -19.25 11.91 -1.08
CA HIS F 134 -18.67 11.62 0.23
C HIS F 134 -17.19 11.96 0.29
N TYR F 135 -16.70 12.03 1.52
CA TYR F 135 -15.28 12.18 1.91
C TYR F 135 -14.88 10.89 2.62
N PRO F 136 -13.71 10.29 2.28
CA PRO F 136 -12.85 10.77 1.21
C PRO F 136 -13.44 10.63 -0.20
N LEU F 137 -12.89 11.39 -1.13
CA LEU F 137 -13.43 11.45 -2.52
C LEU F 137 -13.24 10.12 -3.25
N THR F 138 -14.18 9.80 -4.12
CA THR F 138 -14.12 8.70 -5.11
C THR F 138 -13.51 9.25 -6.39
N THR F 139 -12.34 8.79 -6.76
CA THR F 139 -11.58 9.26 -7.92
C THR F 139 -11.07 8.07 -8.72
N LEU F 140 -10.64 8.32 -9.94
CA LEU F 140 -10.09 7.27 -10.83
C LEU F 140 -8.63 7.03 -10.44
N MET F 141 -7.85 8.08 -10.40
CA MET F 141 -6.45 8.07 -9.91
C MET F 141 -6.48 8.27 -8.40
N GLY F 142 -5.33 8.48 -7.77
CA GLY F 142 -5.26 8.62 -6.30
C GLY F 142 -5.88 9.90 -5.77
N SER F 143 -6.11 10.94 -6.59
CA SER F 143 -6.60 12.24 -6.09
C SER F 143 -7.44 12.93 -7.15
N ALA F 144 -8.28 13.85 -6.72
CA ALA F 144 -9.11 14.67 -7.63
C ALA F 144 -8.20 15.51 -8.51
N ARG F 145 -7.12 16.05 -7.96
CA ARG F 145 -6.22 16.93 -8.75
C ARG F 145 -5.63 16.12 -9.91
N GLU F 146 -5.20 14.90 -9.65
CA GLU F 146 -4.66 14.03 -10.73
C GLU F 146 -5.74 13.74 -11.76
N ASP F 147 -6.95 13.39 -11.33
CA ASP F 147 -8.07 13.11 -12.25
C ASP F 147 -8.28 14.29 -13.19
N ILE F 148 -8.37 15.50 -12.65
CA ILE F 148 -8.71 16.69 -13.46
C ILE F 148 -7.53 17.03 -14.37
N VAL F 149 -6.29 16.91 -13.86
CA VAL F 149 -5.11 17.24 -14.70
C VAL F 149 -5.02 16.27 -15.87
N TYR F 150 -5.17 14.96 -15.65
CA TYR F 150 -4.77 13.96 -16.67
C TYR F 150 -5.94 13.48 -17.53
N MET F 151 -7.18 13.57 -17.09
CA MET F 151 -8.31 12.99 -17.85
C MET F 151 -9.09 14.16 -18.49
N GLU F 152 -9.00 14.30 -19.79
CA GLU F 152 -9.59 15.45 -20.50
C GLU F 152 -11.05 15.64 -20.09
N PRO F 153 -11.92 14.60 -20.04
CA PRO F 153 -13.34 14.83 -19.77
C PRO F 153 -13.69 15.26 -18.35
N ILE F 154 -12.75 15.13 -17.42
CA ILE F 154 -13.03 15.43 -15.98
C ILE F 154 -12.76 16.91 -15.73
N ILE F 155 -13.77 17.65 -15.30
CA ILE F 155 -13.70 19.15 -15.32
C ILE F 155 -13.68 19.73 -13.93
N GLY F 156 -13.95 18.93 -12.91
CA GLY F 156 -14.06 19.46 -11.54
C GLY F 156 -14.51 18.39 -10.59
N VAL F 157 -14.87 18.80 -9.38
CA VAL F 157 -15.29 17.87 -8.30
C VAL F 157 -16.79 18.03 -8.11
N GLY F 158 -17.52 16.92 -8.09
CA GLY F 158 -18.95 16.94 -7.75
C GLY F 158 -19.55 15.54 -7.75
N GLU F 159 -20.78 15.42 -7.26
CA GLU F 159 -21.48 16.48 -6.55
C GLU F 159 -21.23 16.28 -5.06
N PHE F 160 -20.46 17.17 -4.45
CA PHE F 160 -19.95 16.97 -3.08
C PHE F 160 -20.99 17.50 -2.10
N ALA F 161 -21.42 16.69 -1.15
CA ALA F 161 -22.62 16.99 -0.34
C ALA F 161 -22.25 17.85 0.87
N ILE F 162 -23.01 18.92 1.08
CA ILE F 162 -23.01 19.72 2.33
C ILE F 162 -24.46 19.96 2.78
N SER F 163 -24.64 20.22 4.07
CA SER F 163 -25.92 20.52 4.72
C SER F 163 -26.94 19.45 4.36
N ASP F 164 -26.57 18.18 4.58
CA ASP F 164 -27.44 17.03 4.20
C ASP F 164 -27.14 15.86 5.13
N HIS F 165 -28.18 15.19 5.60
CA HIS F 165 -28.06 13.99 6.45
C HIS F 165 -27.25 12.87 5.76
N ARG F 166 -27.15 12.87 4.44
CA ARG F 166 -26.38 11.84 3.70
C ARG F 166 -24.95 12.31 3.42
N SER F 167 -24.57 13.50 3.85
CA SER F 167 -23.19 14.03 3.62
C SER F 167 -22.20 13.24 4.46
N SER F 168 -20.92 13.50 4.27
CA SER F 168 -19.85 12.97 5.14
C SER F 168 -19.55 13.96 6.27
N GLN F 169 -20.45 14.92 6.53
CA GLN F 169 -20.23 15.96 7.58
C GLN F 169 -18.86 16.59 7.34
N PRO F 170 -18.61 17.12 6.14
CA PRO F 170 -17.30 17.68 5.81
C PRO F 170 -17.02 18.94 6.65
N GLN F 171 -15.77 19.09 7.03
CA GLN F 171 -15.26 20.22 7.81
C GLN F 171 -14.78 21.31 6.85
N PHE F 172 -14.78 22.54 7.31
CA PHE F 172 -14.30 23.70 6.55
C PHE F 172 -12.95 23.40 5.89
N GLU F 173 -12.00 22.87 6.68
CA GLU F 173 -10.61 22.65 6.22
C GLU F 173 -10.59 21.62 5.08
N GLU F 174 -11.45 20.61 5.14
CA GLU F 174 -11.57 19.58 4.07
C GLU F 174 -12.12 20.23 2.82
N VAL F 175 -13.17 21.05 2.95
CA VAL F 175 -13.84 21.68 1.79
C VAL F 175 -12.84 22.59 1.06
N ILE F 176 -12.10 23.44 1.77
CA ILE F 176 -11.23 24.42 1.07
C ILE F 176 -10.03 23.69 0.46
N ARG F 177 -9.59 22.58 1.03
CA ARG F 177 -8.51 21.73 0.42
C ARG F 177 -9.02 21.16 -0.89
N ILE F 178 -10.22 20.59 -0.90
CA ILE F 178 -10.83 20.04 -2.14
C ILE F 178 -10.96 21.16 -3.18
N ALA F 179 -11.49 22.33 -2.77
CA ALA F 179 -11.66 23.47 -3.71
C ALA F 179 -10.29 23.88 -4.26
N SER F 180 -9.26 23.93 -3.43
CA SER F 180 -7.91 24.34 -3.90
C SER F 180 -7.41 23.38 -4.97
N ASP F 181 -7.64 22.08 -4.80
CA ASP F 181 -7.21 21.04 -5.77
C ASP F 181 -7.98 21.21 -7.09
N ALA F 182 -9.29 21.43 -7.03
CA ALA F 182 -10.08 21.63 -8.26
C ALA F 182 -9.61 22.89 -8.99
N HIS F 183 -9.40 23.98 -8.25
CA HIS F 183 -9.02 25.29 -8.81
C HIS F 183 -7.67 25.19 -9.51
N VAL F 184 -6.67 24.63 -8.83
CA VAL F 184 -5.30 24.52 -9.41
C VAL F 184 -5.37 23.65 -10.65
N ALA F 185 -6.08 22.52 -10.60
CA ALA F 185 -6.18 21.64 -11.77
C ALA F 185 -6.85 22.38 -12.94
N GLY F 186 -7.87 23.19 -12.65
CA GLY F 186 -8.56 24.02 -13.64
C GLY F 186 -7.59 25.00 -14.32
N LEU F 187 -6.77 25.68 -13.54
CA LEU F 187 -5.79 26.64 -14.11
C LEU F 187 -4.81 25.89 -15.00
N MET F 188 -4.35 24.71 -14.58
CA MET F 188 -3.34 23.96 -15.35
C MET F 188 -3.90 23.50 -16.69
N THR F 189 -5.20 23.22 -16.78
CA THR F 189 -5.80 22.52 -17.92
C THR F 189 -6.67 23.44 -18.80
N GLY F 190 -7.07 24.59 -18.29
CA GLY F 190 -8.09 25.42 -18.96
C GLY F 190 -9.51 24.96 -18.70
N LYS F 191 -9.71 24.01 -17.79
CA LYS F 191 -11.05 23.42 -17.54
C LYS F 191 -11.73 24.13 -16.39
N ALA F 192 -12.99 23.78 -16.13
CA ALA F 192 -13.84 24.47 -15.14
C ALA F 192 -13.06 24.68 -13.85
N GLY F 193 -12.58 23.61 -13.24
CA GLY F 193 -11.81 23.74 -12.00
C GLY F 193 -12.66 24.23 -10.85
N ILE F 194 -13.88 23.70 -10.74
CA ILE F 194 -14.81 24.14 -9.66
C ILE F 194 -15.32 22.92 -8.88
N VAL F 195 -15.90 23.20 -7.73
CA VAL F 195 -16.60 22.21 -6.88
C VAL F 195 -18.10 22.48 -7.03
N HIS F 196 -18.78 21.48 -7.54
CA HIS F 196 -20.24 21.42 -7.68
C HIS F 196 -20.77 20.77 -6.40
N PHE F 197 -21.44 21.54 -5.56
CA PHE F 197 -21.89 21.10 -4.22
C PHE F 197 -23.37 20.72 -4.26
N HIS F 198 -23.70 19.50 -3.85
CA HIS F 198 -25.08 19.09 -3.53
C HIS F 198 -25.47 19.76 -2.22
N LEU F 199 -26.54 20.54 -2.22
CA LEU F 199 -27.14 21.08 -0.98
C LEU F 199 -28.32 20.22 -0.58
N GLY F 200 -28.40 19.91 0.70
CA GLY F 200 -29.60 19.32 1.31
C GLY F 200 -30.41 20.38 2.04
N ASP F 201 -31.29 19.92 2.91
CA ASP F 201 -32.24 20.77 3.65
C ASP F 201 -31.67 21.15 5.02
N GLY F 202 -30.39 20.90 5.28
CA GLY F 202 -29.81 21.32 6.57
C GLY F 202 -29.89 22.83 6.74
N SER F 203 -30.19 23.27 7.95
CA SER F 203 -30.38 24.70 8.27
C SER F 203 -29.05 25.47 8.22
N ARG F 204 -27.90 24.81 8.20
CA ARG F 204 -26.59 25.48 7.99
C ARG F 204 -26.49 26.03 6.58
N LYS F 205 -27.27 25.51 5.63
CA LYS F 205 -27.35 26.08 4.26
C LYS F 205 -25.93 26.24 3.71
N LEU F 206 -25.53 27.43 3.27
CA LEU F 206 -24.28 27.67 2.52
C LEU F 206 -23.17 28.17 3.46
N ALA F 207 -23.28 27.95 4.76
CA ALA F 207 -22.30 28.45 5.77
C ALA F 207 -20.85 28.10 5.39
N LEU F 208 -20.57 26.87 4.91
CA LEU F 208 -19.16 26.48 4.62
C LEU F 208 -18.63 27.33 3.47
N ILE F 209 -19.48 27.63 2.50
CA ILE F 209 -19.07 28.42 1.30
C ILE F 209 -18.89 29.88 1.75
N LYS F 210 -19.76 30.41 2.59
CA LYS F 210 -19.61 31.80 3.09
C LYS F 210 -18.26 31.93 3.78
N ARG F 211 -17.92 30.96 4.60
CA ARG F 211 -16.63 30.97 5.31
C ARG F 211 -15.46 30.90 4.32
N ALA F 212 -15.55 30.06 3.28
CA ALA F 212 -14.48 29.94 2.28
C ALA F 212 -14.27 31.29 1.57
N LEU F 213 -15.36 31.98 1.22
CA LEU F 213 -15.31 33.27 0.50
C LEU F 213 -14.72 34.34 1.44
N ALA F 214 -15.00 34.28 2.73
CA ALA F 214 -14.53 35.31 3.68
C ALA F 214 -13.06 35.05 4.04
N GLU F 215 -12.61 33.80 4.15
CA GLU F 215 -11.32 33.48 4.81
C GLU F 215 -10.22 33.10 3.81
N THR F 216 -10.53 32.74 2.57
CA THR F 216 -9.50 32.25 1.62
C THR F 216 -9.41 33.20 0.43
N GLU F 217 -8.39 33.00 -0.40
CA GLU F 217 -8.22 33.78 -1.66
C GLU F 217 -8.90 33.05 -2.82
N LEU F 218 -9.57 31.93 -2.60
CA LEU F 218 -10.16 31.16 -3.73
C LEU F 218 -11.20 32.02 -4.44
N PRO F 219 -11.19 32.10 -5.78
CA PRO F 219 -12.22 32.84 -6.48
C PRO F 219 -13.61 32.27 -6.18
N ALA F 220 -14.60 33.16 -6.15
CA ALA F 220 -15.98 32.81 -5.78
C ALA F 220 -16.53 31.75 -6.76
N ARG F 221 -16.17 31.83 -8.03
CA ARG F 221 -16.74 30.91 -9.05
C ARG F 221 -16.40 29.43 -8.74
N VAL F 222 -15.38 29.18 -7.91
CA VAL F 222 -14.96 27.78 -7.58
C VAL F 222 -16.07 27.09 -6.77
N PHE F 223 -16.92 27.84 -6.06
CA PHE F 223 -17.97 27.29 -5.17
C PHE F 223 -19.31 27.37 -5.89
N ASN F 224 -19.80 26.23 -6.35
CA ASN F 224 -20.97 26.15 -7.26
C ASN F 224 -22.05 25.29 -6.60
N PRO F 225 -22.94 25.86 -5.76
CA PRO F 225 -24.01 25.07 -5.14
C PRO F 225 -25.17 24.78 -6.12
N THR F 226 -25.72 23.57 -6.03
CA THR F 226 -26.86 23.09 -6.83
C THR F 226 -28.00 22.73 -5.89
N HIS F 227 -29.18 22.47 -6.46
CA HIS F 227 -30.48 22.30 -5.78
C HIS F 227 -30.80 23.48 -4.85
N VAL F 228 -30.39 24.69 -5.19
CA VAL F 228 -30.54 25.85 -4.28
C VAL F 228 -32.04 26.21 -4.15
N ASN F 229 -32.89 25.74 -5.06
CA ASN F 229 -34.35 25.97 -5.06
C ASN F 229 -35.08 24.93 -4.20
N ARG F 230 -34.40 24.00 -3.53
CA ARG F 230 -35.08 22.88 -2.83
C ARG F 230 -35.81 23.37 -1.58
N ASN F 231 -35.39 24.49 -0.98
CA ASN F 231 -36.17 25.12 0.11
C ASN F 231 -35.96 26.61 0.01
N LYS F 232 -36.89 27.39 0.55
CA LYS F 232 -36.96 28.84 0.26
C LYS F 232 -35.85 29.59 0.99
N PRO F 233 -35.56 29.30 2.28
CA PRO F 233 -34.45 29.98 2.94
C PRO F 233 -33.10 29.74 2.24
N LEU F 234 -32.88 28.54 1.72
CA LEU F 234 -31.63 28.23 0.98
C LEU F 234 -31.60 29.07 -0.29
N PHE F 235 -32.71 29.12 -1.01
CA PHE F 235 -32.76 29.88 -2.27
C PHE F 235 -32.48 31.36 -2.00
N ASP F 236 -33.02 31.91 -0.91
CA ASP F 236 -32.78 33.34 -0.56
C ASP F 236 -31.29 33.53 -0.28
N GLU F 237 -30.66 32.63 0.45
CA GLU F 237 -29.21 32.73 0.78
C GLU F 237 -28.41 32.63 -0.51
N ALA F 238 -28.76 31.72 -1.41
CA ALA F 238 -28.05 31.54 -2.70
C ALA F 238 -28.14 32.81 -3.51
N CYS F 239 -29.34 33.41 -3.63
CA CYS F 239 -29.54 34.68 -4.38
C CYS F 239 -28.68 35.78 -3.76
N GLU F 240 -28.67 35.93 -2.45
CA GLU F 240 -27.84 36.97 -1.78
C GLU F 240 -26.36 36.76 -2.14
N MET F 241 -25.88 35.51 -2.20
CA MET F 241 -24.43 35.26 -2.42
C MET F 241 -24.03 35.50 -3.87
N LEU F 242 -24.98 35.67 -4.80
CA LEU F 242 -24.64 36.01 -6.20
C LEU F 242 -23.80 37.30 -6.23
N SER F 243 -24.01 38.21 -5.29
CA SER F 243 -23.27 39.49 -5.28
C SER F 243 -21.80 39.22 -4.95
N GLN F 244 -21.44 38.08 -4.37
CA GLN F 244 -20.01 37.74 -4.10
C GLN F 244 -19.38 37.02 -5.29
N GLY F 245 -20.13 36.72 -6.35
CA GLY F 245 -19.58 36.18 -7.61
C GLY F 245 -19.73 34.67 -7.75
N ILE F 246 -20.43 33.97 -6.84
CA ILE F 246 -20.71 32.52 -7.07
C ILE F 246 -21.73 32.40 -8.21
N TYR F 247 -21.69 31.25 -8.87
CA TYR F 247 -22.75 30.78 -9.78
C TYR F 247 -23.62 29.80 -8.99
N ILE F 248 -24.92 29.81 -9.23
CA ILE F 248 -25.85 28.90 -8.52
C ILE F 248 -26.59 28.12 -9.58
N ASP F 249 -26.86 26.87 -9.24
CA ASP F 249 -27.51 25.92 -10.16
C ASP F 249 -28.87 25.57 -9.56
N ILE F 250 -29.91 25.81 -10.34
CA ILE F 250 -31.32 25.53 -10.00
C ILE F 250 -31.66 24.19 -10.63
N THR F 251 -32.30 23.31 -9.89
CA THR F 251 -32.67 21.97 -10.38
C THR F 251 -34.11 22.01 -10.92
N ALA F 252 -34.31 21.54 -12.14
CA ALA F 252 -35.65 21.41 -12.75
C ALA F 252 -36.29 20.12 -12.24
N PHE F 253 -36.70 20.12 -10.99
CA PHE F 253 -37.54 19.07 -10.35
C PHE F 253 -38.81 18.94 -11.19
N PRO F 254 -39.39 17.74 -11.35
CA PRO F 254 -40.78 17.65 -11.83
C PRO F 254 -41.70 18.27 -10.75
N ASP F 255 -42.93 18.65 -11.11
CA ASP F 255 -43.89 19.38 -10.21
C ASP F 255 -44.14 18.60 -8.90
N ASP F 256 -44.18 17.25 -8.95
CA ASP F 256 -44.38 16.35 -7.77
C ASP F 256 -43.30 16.55 -6.70
N ALA F 257 -42.04 16.72 -7.11
CA ALA F 257 -40.83 16.63 -6.24
C ALA F 257 -40.46 17.98 -5.61
N VAL F 258 -41.18 19.06 -5.92
CA VAL F 258 -40.89 20.47 -5.49
C VAL F 258 -41.00 20.61 -3.95
N ASP F 259 -41.91 19.87 -3.29
CA ASP F 259 -42.18 19.91 -1.81
C ASP F 259 -42.30 21.37 -1.35
N ASP F 260 -41.46 21.81 -0.41
CA ASP F 260 -41.51 23.16 0.22
C ASP F 260 -40.55 24.14 -0.48
N GLY F 261 -40.10 23.85 -1.68
CA GLY F 261 -39.17 24.74 -2.40
C GLY F 261 -39.86 25.41 -3.58
N TRP F 262 -39.07 25.80 -4.56
CA TRP F 262 -39.53 26.41 -5.82
C TRP F 262 -39.25 25.43 -6.95
N SER F 263 -40.14 25.40 -7.94
CA SER F 263 -39.82 24.80 -9.25
C SER F 263 -38.67 25.60 -9.85
N ALA F 264 -37.96 25.04 -10.82
CA ALA F 264 -36.91 25.83 -11.50
C ALA F 264 -37.53 27.11 -12.07
N ALA F 265 -38.71 26.99 -12.68
CA ALA F 265 -39.43 28.11 -13.30
C ALA F 265 -39.70 29.20 -12.26
N GLU F 266 -40.27 28.84 -11.11
CA GLU F 266 -40.58 29.81 -10.05
C GLU F 266 -39.30 30.46 -9.56
N ALA F 267 -38.24 29.67 -9.42
CA ALA F 267 -36.95 30.18 -8.86
C ALA F 267 -36.36 31.18 -9.84
N LEU F 268 -36.37 30.86 -11.12
CA LEU F 268 -35.75 31.77 -12.11
C LEU F 268 -36.58 33.07 -12.22
N LEU F 269 -37.91 32.97 -12.24
CA LEU F 269 -38.80 34.17 -12.26
C LEU F 269 -38.54 35.02 -11.03
N LEU F 270 -38.38 34.38 -9.86
CA LEU F 270 -38.13 35.11 -8.60
C LEU F 270 -36.75 35.79 -8.64
N ALA F 271 -35.72 35.12 -9.13
CA ALA F 271 -34.37 35.74 -9.25
C ALA F 271 -34.48 36.98 -10.15
N LYS F 272 -35.20 36.88 -11.26
CA LYS F 272 -35.39 38.02 -12.19
C LYS F 272 -36.11 39.16 -11.45
N GLU F 273 -37.22 38.89 -10.78
CA GLU F 273 -38.01 39.89 -10.01
C GLU F 273 -37.08 40.57 -8.99
N ARG F 274 -36.14 39.84 -8.36
CA ARG F 274 -35.27 40.45 -7.32
C ARG F 274 -34.11 41.22 -7.95
N GLY F 275 -33.97 41.24 -9.27
CA GLY F 275 -32.84 41.93 -9.92
C GLY F 275 -31.52 41.18 -9.75
N CYS F 276 -31.53 39.86 -9.51
CA CYS F 276 -30.30 39.04 -9.43
C CYS F 276 -29.59 39.00 -10.78
N PRO F 277 -28.25 38.83 -10.79
CA PRO F 277 -27.52 38.68 -12.05
C PRO F 277 -27.77 37.29 -12.68
N LEU F 278 -28.69 37.24 -13.65
CA LEU F 278 -29.14 35.96 -14.24
C LEU F 278 -27.98 35.26 -14.95
N LYS F 279 -26.92 35.98 -15.37
CA LYS F 279 -25.81 35.32 -16.10
C LYS F 279 -25.06 34.34 -15.17
N GLN F 280 -25.26 34.46 -13.86
CA GLN F 280 -24.63 33.60 -12.81
C GLN F 280 -25.57 32.45 -12.41
N ILE F 281 -26.66 32.24 -13.13
CA ILE F 281 -27.68 31.24 -12.77
C ILE F 281 -27.79 30.23 -13.91
N THR F 282 -27.72 28.96 -13.57
CA THR F 282 -27.84 27.83 -14.50
C THR F 282 -28.99 26.95 -14.02
N ILE F 283 -29.52 26.14 -14.92
CA ILE F 283 -30.56 25.14 -14.65
C ILE F 283 -30.05 23.79 -15.15
N SER F 284 -30.26 22.75 -14.36
CA SER F 284 -29.88 21.37 -14.67
C SER F 284 -31.04 20.46 -14.29
N SER F 285 -31.08 19.23 -14.79
CA SER F 285 -32.28 18.35 -14.73
C SER F 285 -32.15 17.31 -13.62
N ASP F 286 -30.94 16.97 -13.20
CA ASP F 286 -30.70 15.75 -12.40
C ASP F 286 -31.24 14.48 -13.12
N GLY F 287 -31.11 14.40 -14.43
CA GLY F 287 -31.47 13.22 -15.24
C GLY F 287 -30.80 11.95 -14.72
N GLY F 288 -31.51 10.82 -14.67
CA GLY F 288 -30.99 9.54 -14.16
C GLY F 288 -31.04 9.45 -12.64
N GLY F 289 -31.33 10.56 -11.94
CA GLY F 289 -31.56 10.57 -10.49
C GLY F 289 -32.82 9.77 -10.14
N CYS F 290 -32.84 9.06 -9.02
CA CYS F 290 -33.99 8.21 -8.65
C CYS F 290 -35.15 9.11 -8.18
N MET F 291 -36.36 8.87 -8.70
CA MET F 291 -37.60 9.68 -8.46
C MET F 291 -38.70 8.81 -7.83
N PRO F 292 -38.77 8.69 -6.48
CA PRO F 292 -39.84 7.92 -5.83
C PRO F 292 -41.23 8.57 -5.97
N ALA F 293 -42.29 7.79 -6.17
CA ALA F 293 -43.70 8.25 -6.37
C ALA F 293 -44.54 7.85 -5.15
N PHE F 294 -45.39 8.75 -4.63
CA PHE F 294 -46.11 8.59 -3.32
C PHE F 294 -47.62 8.43 -3.54
N ALA F 299 -47.41 6.95 1.25
CA ALA F 299 -46.73 5.65 1.08
C ALA F 299 -45.97 5.61 -0.26
N VAL F 300 -44.78 5.01 -0.28
CA VAL F 300 -43.90 4.84 -1.49
C VAL F 300 -44.48 3.72 -2.38
N VAL F 301 -45.03 4.06 -3.55
CA VAL F 301 -45.95 3.21 -4.37
C VAL F 301 -45.21 2.71 -5.63
N ALA F 302 -44.35 3.54 -6.22
CA ALA F 302 -43.74 3.31 -7.56
C ALA F 302 -42.41 4.06 -7.67
N MET F 303 -41.57 3.69 -8.63
CA MET F 303 -40.19 4.23 -8.78
C MET F 303 -39.96 4.62 -10.26
N ASP F 304 -39.50 5.84 -10.49
CA ASP F 304 -39.07 6.35 -11.83
C ASP F 304 -37.71 7.06 -11.65
N PHE F 305 -37.18 7.63 -12.73
CA PHE F 305 -35.92 8.42 -12.71
C PHE F 305 -36.12 9.76 -13.43
N GLY F 306 -35.33 10.76 -13.01
CA GLY F 306 -35.26 12.14 -13.57
C GLY F 306 -34.97 12.13 -15.06
N ARG F 307 -35.53 13.11 -15.76
CA ARG F 307 -35.41 13.25 -17.23
C ARG F 307 -35.00 14.68 -17.56
N SER F 308 -34.22 14.81 -18.63
CA SER F 308 -33.78 16.11 -19.18
C SER F 308 -34.97 16.88 -19.77
N GLU F 309 -36.15 16.23 -19.94
CA GLU F 309 -37.42 16.86 -20.46
C GLU F 309 -37.85 18.09 -19.61
N THR F 310 -37.49 18.16 -18.33
CA THR F 310 -37.88 19.25 -17.43
C THR F 310 -37.16 20.54 -17.83
N LEU F 311 -36.06 20.48 -18.60
CA LEU F 311 -35.35 21.72 -19.00
C LEU F 311 -36.25 22.53 -19.95
N LEU F 312 -36.71 21.90 -21.03
CA LEU F 312 -37.59 22.59 -22.00
C LEU F 312 -38.92 22.96 -21.32
N ALA F 313 -39.46 22.10 -20.44
CA ALA F 313 -40.72 22.39 -19.72
C ALA F 313 -40.53 23.67 -18.91
N THR F 314 -39.38 23.84 -18.28
CA THR F 314 -39.05 25.06 -17.51
C THR F 314 -39.05 26.27 -18.45
N LEU F 315 -38.41 26.14 -19.60
CA LEU F 315 -38.30 27.23 -20.60
C LEU F 315 -39.72 27.64 -21.03
N LYS F 316 -40.60 26.69 -21.30
CA LYS F 316 -42.00 26.98 -21.73
C LYS F 316 -42.76 27.67 -20.59
N THR F 317 -42.61 27.21 -19.35
CA THR F 317 -43.28 27.79 -18.18
C THR F 317 -42.87 29.26 -18.03
N VAL F 318 -41.58 29.59 -18.04
CA VAL F 318 -41.16 30.99 -17.69
C VAL F 318 -41.49 31.91 -18.87
N THR F 319 -41.40 31.44 -20.11
CA THR F 319 -41.71 32.28 -21.29
C THR F 319 -43.22 32.60 -21.32
N ALA F 320 -44.07 31.65 -20.92
CA ALA F 320 -45.53 31.86 -20.82
C ALA F 320 -45.82 32.91 -19.73
N GLN F 321 -44.92 33.13 -18.77
CA GLN F 321 -45.11 34.14 -17.71
C GLN F 321 -44.40 35.44 -18.06
N GLY F 322 -43.92 35.59 -19.29
CA GLY F 322 -43.39 36.89 -19.76
C GLY F 322 -41.88 37.00 -19.72
N MET F 323 -41.14 36.00 -19.24
CA MET F 323 -39.66 36.06 -19.32
C MET F 323 -39.22 35.93 -20.78
N ALA F 324 -38.26 36.74 -21.20
CA ALA F 324 -37.67 36.71 -22.56
C ALA F 324 -36.99 35.34 -22.78
N LEU F 325 -37.14 34.78 -23.97
CA LEU F 325 -36.54 33.48 -24.33
C LEU F 325 -35.03 33.50 -24.00
N GLU F 326 -34.34 34.59 -24.31
CA GLU F 326 -32.86 34.62 -24.19
C GLU F 326 -32.45 34.50 -22.71
N ASP F 327 -33.27 34.95 -21.77
CA ASP F 327 -32.93 34.92 -20.32
C ASP F 327 -32.87 33.48 -19.84
N VAL F 328 -33.92 32.70 -20.12
CA VAL F 328 -33.96 31.29 -19.66
C VAL F 328 -33.03 30.45 -20.55
N LEU F 329 -32.96 30.74 -21.83
CA LEU F 329 -32.09 29.96 -22.75
C LEU F 329 -30.62 30.08 -22.31
N SER F 330 -30.20 31.26 -21.86
CA SER F 330 -28.82 31.49 -21.39
C SER F 330 -28.50 30.57 -20.20
N SER F 331 -29.48 30.35 -19.32
CA SER F 331 -29.34 29.52 -18.11
C SER F 331 -29.15 28.04 -18.48
N LEU F 332 -29.43 27.66 -19.72
CA LEU F 332 -29.29 26.27 -20.22
C LEU F 332 -28.11 26.16 -21.20
N THR F 333 -27.49 27.27 -21.58
CA THR F 333 -26.53 27.30 -22.71
C THR F 333 -25.31 28.14 -22.31
N ALA F 334 -25.31 29.43 -22.64
CA ALA F 334 -24.12 30.29 -22.55
C ALA F 334 -23.63 30.38 -21.10
N ASN F 335 -24.53 30.48 -20.12
CA ASN F 335 -24.09 30.66 -18.72
C ASN F 335 -23.31 29.41 -18.26
N VAL F 336 -23.79 28.25 -18.64
CA VAL F 336 -23.17 26.94 -18.28
C VAL F 336 -21.80 26.87 -18.96
N ALA F 337 -21.74 27.16 -20.24
CA ALA F 337 -20.47 27.10 -21.01
C ALA F 337 -19.46 28.10 -20.44
N HIS F 338 -19.92 29.25 -19.97
CA HIS F 338 -19.03 30.28 -19.40
C HIS F 338 -18.44 29.76 -18.07
N LEU F 339 -19.28 29.31 -17.15
CA LEU F 339 -18.83 28.81 -15.84
C LEU F 339 -17.88 27.62 -16.06
N LEU F 340 -18.26 26.70 -16.95
CA LEU F 340 -17.52 25.42 -17.08
C LEU F 340 -16.35 25.55 -18.05
N ARG F 341 -16.11 26.74 -18.62
CA ARG F 341 -14.97 27.00 -19.53
C ARG F 341 -15.05 26.04 -20.70
N LEU F 342 -16.22 25.98 -21.34
CA LEU F 342 -16.44 25.19 -22.58
C LEU F 342 -16.62 26.18 -23.73
N PRO F 343 -15.53 26.77 -24.28
CA PRO F 343 -15.68 27.84 -25.28
C PRO F 343 -16.32 27.39 -26.59
N ALA F 344 -16.36 26.09 -26.90
CA ALA F 344 -16.97 25.58 -28.14
C ALA F 344 -18.49 25.36 -27.96
N LYS F 345 -19.04 25.53 -26.76
CA LYS F 345 -20.43 25.14 -26.44
C LYS F 345 -21.26 26.38 -26.05
N GLY F 346 -22.58 26.22 -26.04
CA GLY F 346 -23.52 27.18 -25.44
C GLY F 346 -23.74 28.43 -26.27
N LYS F 347 -23.29 28.47 -27.52
CA LYS F 347 -23.34 29.71 -28.33
C LYS F 347 -23.48 29.36 -29.81
N ILE F 348 -24.30 30.14 -30.52
CA ILE F 348 -24.26 30.11 -32.00
C ILE F 348 -23.28 31.21 -32.41
N ALA F 349 -22.05 30.81 -32.65
CA ALA F 349 -20.92 31.70 -32.97
C ALA F 349 -19.98 30.94 -33.91
N THR F 350 -19.33 31.65 -34.81
CA THR F 350 -18.46 30.98 -35.80
C THR F 350 -17.30 30.34 -35.02
N GLY F 351 -16.92 29.13 -35.41
CA GLY F 351 -15.85 28.36 -34.76
C GLY F 351 -16.40 27.47 -33.65
N ALA F 352 -17.63 27.68 -33.16
CA ALA F 352 -18.21 26.86 -32.07
C ALA F 352 -18.67 25.53 -32.64
N ASP F 353 -18.93 24.55 -31.77
CA ASP F 353 -19.48 23.24 -32.19
C ASP F 353 -20.91 23.46 -32.73
N ALA F 354 -21.26 22.72 -33.76
CA ALA F 354 -22.59 22.73 -34.39
C ALA F 354 -23.53 21.86 -33.55
N ASP F 355 -23.82 22.33 -32.34
CA ASP F 355 -24.84 21.77 -31.44
C ASP F 355 -26.01 22.76 -31.47
N LEU F 356 -27.11 22.38 -32.10
CA LEU F 356 -28.21 23.33 -32.44
C LEU F 356 -29.56 22.67 -32.22
N LEU F 357 -30.52 23.44 -31.72
CA LEU F 357 -31.95 23.06 -31.65
C LEU F 357 -32.76 23.96 -32.57
N VAL F 358 -33.72 23.37 -33.26
CA VAL F 358 -34.77 24.10 -34.04
C VAL F 358 -36.06 23.96 -33.25
N LEU F 359 -36.63 25.08 -32.81
CA LEU F 359 -37.85 25.11 -31.98
C LEU F 359 -39.06 25.57 -32.81
N ASP F 360 -40.23 25.00 -32.51
CA ASP F 360 -41.55 25.50 -32.98
C ASP F 360 -41.86 26.82 -32.28
N ALA F 361 -42.98 27.44 -32.64
CA ALA F 361 -43.42 28.73 -32.08
C ALA F 361 -43.74 28.58 -30.59
N ASP F 362 -44.23 27.42 -30.14
CA ASP F 362 -44.52 27.15 -28.70
C ASP F 362 -43.25 26.63 -27.99
N TYR F 363 -42.10 26.60 -28.68
CA TYR F 363 -40.75 26.22 -28.16
C TYR F 363 -40.61 24.71 -28.03
N SER F 364 -41.53 23.91 -28.58
CA SER F 364 -41.32 22.47 -28.74
C SER F 364 -40.11 22.24 -29.64
N ILE F 365 -39.35 21.19 -29.37
CA ILE F 365 -38.15 20.87 -30.17
C ILE F 365 -38.59 20.16 -31.45
N ASN F 366 -38.17 20.68 -32.59
CA ASN F 366 -38.48 20.07 -33.90
C ASN F 366 -37.27 19.29 -34.41
N ASP F 367 -36.06 19.84 -34.25
CA ASP F 367 -34.82 19.22 -34.78
C ASP F 367 -33.70 19.42 -33.76
N VAL F 368 -32.79 18.45 -33.70
CA VAL F 368 -31.61 18.48 -32.79
C VAL F 368 -30.41 18.05 -33.61
N MET F 369 -29.42 18.92 -33.67
CA MET F 369 -28.12 18.68 -34.29
C MET F 369 -27.06 18.63 -33.19
N ALA F 370 -26.20 17.61 -33.20
CA ALA F 370 -25.03 17.48 -32.31
C ALA F 370 -23.80 17.26 -33.18
N LEU F 371 -22.80 18.11 -33.01
CA LEU F 371 -21.52 18.05 -33.76
C LEU F 371 -21.81 17.91 -35.26
N GLY F 372 -22.79 18.69 -35.75
CA GLY F 372 -23.07 18.77 -37.20
C GLY F 372 -23.91 17.62 -37.71
N ARG F 373 -24.38 16.71 -36.87
CA ARG F 373 -25.22 15.58 -37.33
C ARG F 373 -26.62 15.71 -36.76
N TRP F 374 -27.64 15.39 -37.55
CA TRP F 374 -29.04 15.37 -37.06
C TRP F 374 -29.26 14.14 -36.20
N HIS F 375 -29.70 14.35 -34.96
CA HIS F 375 -30.14 13.28 -34.04
C HIS F 375 -31.67 13.19 -34.11
N LEU F 376 -32.31 14.34 -34.22
CA LEU F 376 -33.78 14.47 -34.31
C LEU F 376 -34.09 15.38 -35.51
N ARG F 377 -35.03 14.96 -36.34
CA ARG F 377 -35.42 15.71 -37.56
C ARG F 377 -36.94 15.60 -37.68
N ASP F 378 -37.64 16.73 -37.63
CA ASP F 378 -39.13 16.78 -37.67
C ASP F 378 -39.69 15.85 -36.60
N LYS F 379 -39.11 15.92 -35.40
CA LYS F 379 -39.57 15.20 -34.18
C LYS F 379 -39.39 13.70 -34.31
N ALA F 380 -38.65 13.19 -35.29
CA ALA F 380 -38.33 11.76 -35.41
C ALA F 380 -36.85 11.54 -35.05
N LEU F 381 -36.54 10.51 -34.28
CA LEU F 381 -35.15 10.13 -33.94
C LEU F 381 -34.47 9.55 -35.16
N ILE F 382 -33.39 10.17 -35.60
CA ILE F 382 -32.53 9.73 -36.75
C ILE F 382 -31.36 8.91 -36.16
N MET F 383 -30.88 9.28 -34.99
CA MET F 383 -29.76 8.60 -34.30
C MET F 383 -30.23 8.25 -32.90
N LYS F 384 -29.85 7.07 -32.43
CA LYS F 384 -30.25 6.58 -31.09
C LYS F 384 -29.07 5.82 -30.49
N GLY F 385 -29.18 5.48 -29.21
CA GLY F 385 -28.14 4.71 -28.50
C GLY F 385 -28.00 3.32 -29.10
N THR F 386 -26.84 2.71 -28.90
CA THR F 386 -26.49 1.37 -29.41
C THR F 386 -27.59 0.35 -29.07
N PHE F 387 -28.19 0.41 -27.88
CA PHE F 387 -29.11 -0.65 -27.41
C PHE F 387 -30.56 -0.12 -27.33
N GLU F 388 -30.87 1.04 -27.88
CA GLU F 388 -32.29 1.53 -27.93
C GLU F 388 -33.02 0.83 -29.11
N GLU F 389 -34.31 0.47 -28.99
CA GLU F 389 -35.07 -0.30 -30.02
C GLU F 389 -36.25 0.55 -30.53
N THR G 2 -50.35 -13.94 3.35
CA THR G 2 -49.44 -14.69 2.46
C THR G 2 -50.25 -15.87 1.93
N GLY G 3 -50.64 -16.81 2.78
CA GLY G 3 -51.46 -17.97 2.43
C GLY G 3 -50.66 -19.09 1.80
N LEU G 4 -51.24 -20.27 1.73
CA LEU G 4 -50.69 -21.43 0.99
C LEU G 4 -51.15 -21.36 -0.47
N THR G 5 -50.34 -21.89 -1.37
CA THR G 5 -50.73 -22.12 -2.77
C THR G 5 -50.77 -23.62 -3.00
N ILE G 6 -51.86 -24.09 -3.59
CA ILE G 6 -52.00 -25.53 -3.90
C ILE G 6 -52.14 -25.69 -5.41
N LEU G 7 -51.28 -26.53 -5.97
CA LEU G 7 -51.25 -26.86 -7.41
C LEU G 7 -51.71 -28.31 -7.53
N ARG G 8 -52.89 -28.51 -8.09
CA ARG G 8 -53.53 -29.84 -8.20
C ARG G 8 -53.28 -30.39 -9.60
N ASN G 9 -53.14 -31.70 -9.70
CA ASN G 9 -53.05 -32.43 -10.99
C ASN G 9 -51.86 -31.88 -11.80
N ALA G 10 -50.73 -31.68 -11.14
CA ALA G 10 -49.47 -31.24 -11.78
C ALA G 10 -48.79 -32.48 -12.33
N ASN G 11 -48.43 -32.46 -13.61
CA ASN G 11 -47.59 -33.54 -14.18
C ASN G 11 -46.13 -33.19 -13.87
N VAL G 12 -45.59 -33.75 -12.81
CA VAL G 12 -44.34 -33.22 -12.19
C VAL G 12 -43.12 -33.80 -12.90
N TYR G 13 -42.28 -32.91 -13.40
CA TYR G 13 -40.89 -33.20 -13.83
C TYR G 13 -39.96 -32.54 -12.80
N ALA G 14 -39.31 -33.32 -11.96
CA ALA G 14 -38.75 -32.87 -10.69
C ALA G 14 -37.26 -32.56 -10.70
N PRO G 15 -36.44 -32.66 -11.79
CA PRO G 15 -36.86 -32.82 -13.17
C PRO G 15 -37.21 -34.22 -13.69
N GLN G 16 -36.90 -35.29 -12.95
CA GLN G 16 -37.32 -36.67 -13.33
C GLN G 16 -38.84 -36.77 -13.24
N PRO G 17 -39.51 -37.51 -14.16
CA PRO G 17 -40.97 -37.61 -14.14
C PRO G 17 -41.45 -38.36 -12.89
N LEU G 18 -42.36 -37.75 -12.13
CA LEU G 18 -42.96 -38.34 -10.91
C LEU G 18 -44.44 -38.71 -11.17
N GLY G 19 -45.01 -38.29 -12.29
CA GLY G 19 -46.46 -38.44 -12.55
C GLY G 19 -47.26 -37.33 -11.92
N LEU G 20 -48.57 -37.52 -11.84
CA LEU G 20 -49.53 -36.49 -11.39
C LEU G 20 -49.42 -36.34 -9.88
N LYS G 21 -49.36 -35.11 -9.40
CA LYS G 21 -49.22 -34.84 -7.95
C LYS G 21 -49.96 -33.56 -7.61
N THR G 22 -50.29 -33.45 -6.34
CA THR G 22 -50.66 -32.17 -5.70
C THR G 22 -49.38 -31.61 -5.08
N VAL G 23 -49.12 -30.33 -5.33
CA VAL G 23 -47.91 -29.65 -4.81
C VAL G 23 -48.39 -28.49 -3.95
N LEU G 24 -47.94 -28.48 -2.71
CA LEU G 24 -48.31 -27.44 -1.73
C LEU G 24 -47.11 -26.51 -1.54
N VAL G 25 -47.34 -25.23 -1.64
CA VAL G 25 -46.28 -24.19 -1.50
C VAL G 25 -46.67 -23.24 -0.38
N GLY G 26 -45.71 -22.90 0.48
CA GLY G 26 -45.89 -21.79 1.44
C GLY G 26 -44.57 -21.38 2.08
N GLY G 27 -44.49 -20.16 2.58
CA GLY G 27 -43.26 -19.61 3.16
C GLY G 27 -42.12 -19.67 2.15
N GLY G 28 -42.42 -19.62 0.84
CA GLY G 28 -41.41 -19.62 -0.23
C GLY G 28 -40.87 -21.01 -0.55
N LYS G 29 -41.44 -22.05 0.05
CA LYS G 29 -40.90 -23.43 -0.02
C LYS G 29 -41.96 -24.39 -0.54
N ILE G 30 -41.50 -25.51 -1.08
CA ILE G 30 -42.36 -26.68 -1.40
C ILE G 30 -42.59 -27.45 -0.10
N LEU G 31 -43.83 -27.44 0.40
CA LEU G 31 -44.19 -28.06 1.70
C LEU G 31 -44.66 -29.51 1.53
N ALA G 32 -45.21 -29.88 0.38
CA ALA G 32 -45.70 -31.26 0.15
C ALA G 32 -45.80 -31.55 -1.34
N ILE G 33 -45.53 -32.79 -1.70
CA ILE G 33 -45.73 -33.37 -3.05
C ILE G 33 -46.42 -34.71 -2.81
N THR G 34 -47.68 -34.85 -3.20
CA THR G 34 -48.51 -35.97 -2.71
C THR G 34 -49.49 -36.42 -3.79
N ASP G 35 -49.88 -37.71 -3.73
CA ASP G 35 -51.03 -38.25 -4.50
C ASP G 35 -52.34 -37.77 -3.90
N GLU G 36 -52.35 -37.37 -2.63
CA GLU G 36 -53.59 -36.99 -1.89
C GLU G 36 -54.17 -35.70 -2.48
N ALA G 37 -55.48 -35.64 -2.66
CA ALA G 37 -56.22 -34.43 -3.07
C ALA G 37 -56.44 -33.59 -1.80
N LEU G 38 -55.40 -32.88 -1.37
CA LEU G 38 -55.37 -32.17 -0.07
C LEU G 38 -56.61 -31.29 0.06
N GLU G 39 -57.30 -31.42 1.18
CA GLU G 39 -58.41 -30.50 1.56
C GLU G 39 -57.89 -29.55 2.65
N LEU G 40 -57.84 -28.26 2.36
CA LEU G 40 -57.29 -27.26 3.30
C LEU G 40 -58.40 -26.28 3.65
N PRO G 41 -58.36 -25.66 4.84
CA PRO G 41 -59.27 -24.56 5.16
C PRO G 41 -59.07 -23.39 4.19
N ALA G 42 -60.16 -22.87 3.65
CA ALA G 42 -60.14 -21.81 2.62
C ALA G 42 -59.45 -20.57 3.19
N SER G 43 -59.56 -20.32 4.49
CA SER G 43 -59.05 -19.08 5.14
C SER G 43 -57.51 -18.99 5.02
N ILE G 44 -56.78 -20.11 4.85
CA ILE G 44 -55.28 -20.10 4.79
C ILE G 44 -54.79 -20.34 3.35
N VAL G 45 -55.68 -20.42 2.37
CA VAL G 45 -55.30 -20.72 0.95
C VAL G 45 -55.36 -19.41 0.17
N ALA G 46 -54.22 -18.94 -0.33
CA ALA G 46 -54.13 -17.79 -1.24
C ALA G 46 -54.65 -18.18 -2.63
N ASP G 47 -54.26 -19.36 -3.11
CA ASP G 47 -54.49 -19.77 -4.51
C ASP G 47 -54.67 -21.28 -4.56
N ASP G 48 -55.80 -21.72 -5.09
CA ASP G 48 -56.11 -23.16 -5.30
C ASP G 48 -56.22 -23.36 -6.81
N ILE G 49 -55.22 -23.95 -7.43
CA ILE G 49 -55.08 -23.97 -8.91
C ILE G 49 -55.09 -25.40 -9.39
N ASP G 50 -55.97 -25.70 -10.33
CA ASP G 50 -56.01 -27.04 -10.99
C ASP G 50 -55.19 -26.92 -12.27
N LEU G 51 -54.03 -27.56 -12.32
CA LEU G 51 -53.16 -27.48 -13.52
C LEU G 51 -53.68 -28.44 -14.61
N GLN G 52 -54.65 -29.31 -14.28
CA GLN G 52 -55.34 -30.20 -15.26
C GLN G 52 -54.30 -30.97 -16.08
N GLY G 53 -53.26 -31.48 -15.44
CA GLY G 53 -52.26 -32.37 -16.06
C GLY G 53 -51.17 -31.64 -16.82
N ARG G 54 -51.14 -30.31 -16.77
CA ARG G 54 -50.02 -29.53 -17.34
C ARG G 54 -48.72 -29.87 -16.59
N ILE G 55 -47.61 -29.77 -17.31
CA ILE G 55 -46.25 -30.07 -16.79
C ILE G 55 -45.82 -28.96 -15.81
N LEU G 56 -45.27 -29.40 -14.68
CA LEU G 56 -44.67 -28.54 -13.65
C LEU G 56 -43.19 -28.90 -13.55
N THR G 57 -42.30 -27.92 -13.71
CA THR G 57 -40.83 -28.15 -13.67
C THR G 57 -40.20 -27.20 -12.65
N PRO G 58 -38.95 -27.47 -12.23
CA PRO G 58 -38.18 -26.49 -11.47
C PRO G 58 -37.93 -25.29 -12.38
N GLY G 59 -37.75 -24.11 -11.78
CA GLY G 59 -37.25 -22.95 -12.52
C GLY G 59 -35.84 -23.22 -13.05
N PHE G 60 -35.51 -22.60 -14.18
CA PHE G 60 -34.18 -22.71 -14.80
C PHE G 60 -33.17 -21.92 -13.95
N ILE G 61 -31.96 -22.46 -13.87
CA ILE G 61 -30.77 -21.82 -13.25
C ILE G 61 -29.82 -21.48 -14.39
N ASP G 62 -29.71 -20.20 -14.69
CA ASP G 62 -28.84 -19.68 -15.77
C ASP G 62 -27.54 -19.24 -15.13
N ALA G 63 -26.51 -20.08 -15.22
CA ALA G 63 -25.27 -19.93 -14.42
C ALA G 63 -24.22 -19.12 -15.16
N HIS G 64 -24.58 -18.50 -16.27
CA HIS G 64 -23.64 -17.65 -17.05
C HIS G 64 -24.43 -16.47 -17.61
N ALA G 65 -24.57 -15.40 -16.85
CA ALA G 65 -25.31 -14.21 -17.31
C ALA G 65 -24.56 -12.94 -16.88
N HIS G 66 -24.50 -11.98 -17.79
CA HIS G 66 -23.95 -10.64 -17.53
C HIS G 66 -25.07 -9.81 -16.95
N ILE G 67 -25.34 -9.97 -15.67
CA ILE G 67 -26.48 -9.30 -15.01
C ILE G 67 -26.25 -7.79 -15.05
N THR G 68 -25.01 -7.30 -15.04
CA THR G 68 -24.70 -5.84 -15.11
C THR G 68 -24.79 -5.36 -16.56
N GLY G 69 -24.94 -6.28 -17.49
CA GLY G 69 -24.64 -6.05 -18.92
C GLY G 69 -23.17 -6.35 -19.20
N GLY G 70 -22.91 -6.94 -20.35
CA GLY G 70 -21.55 -7.20 -20.83
C GLY G 70 -21.13 -6.13 -21.84
N GLY G 71 -20.52 -6.58 -22.92
CA GLY G 71 -20.03 -5.72 -23.99
C GLY G 71 -18.86 -4.86 -23.54
N GLY G 72 -18.59 -3.82 -24.32
CA GLY G 72 -17.42 -2.96 -24.12
C GLY G 72 -16.21 -3.53 -24.81
N GLU G 73 -16.36 -4.57 -25.63
CA GLU G 73 -15.24 -5.23 -26.34
C GLU G 73 -14.95 -4.56 -27.69
N ALA G 74 -15.83 -3.72 -28.20
CA ALA G 74 -15.65 -3.01 -29.47
C ALA G 74 -16.10 -1.56 -29.29
N GLY G 75 -15.54 -0.87 -28.31
CA GLY G 75 -15.89 0.53 -28.01
C GLY G 75 -16.78 0.62 -26.80
N PHE G 76 -16.68 1.73 -26.09
CA PHE G 76 -17.45 2.02 -24.88
C PHE G 76 -18.96 2.05 -25.15
N ALA G 77 -19.37 2.39 -26.37
CA ALA G 77 -20.82 2.47 -26.70
C ALA G 77 -21.45 1.08 -26.64
N THR G 78 -20.66 0.01 -26.71
CA THR G 78 -21.18 -1.38 -26.68
C THR G 78 -21.35 -1.90 -25.24
N GLN G 79 -21.19 -1.06 -24.20
CA GLN G 79 -21.57 -1.44 -22.81
C GLN G 79 -23.08 -1.74 -22.79
N VAL G 80 -23.45 -2.99 -22.52
CA VAL G 80 -24.87 -3.43 -22.43
C VAL G 80 -25.47 -2.92 -21.13
N PRO G 81 -26.73 -2.45 -21.13
CA PRO G 81 -27.41 -2.09 -19.88
C PRO G 81 -27.65 -3.31 -19.00
N PRO G 82 -27.85 -3.12 -17.69
CA PRO G 82 -28.17 -4.23 -16.80
C PRO G 82 -29.45 -4.93 -17.29
N VAL G 83 -29.48 -6.24 -17.14
CA VAL G 83 -30.62 -7.07 -17.57
C VAL G 83 -31.78 -6.85 -16.62
N PRO G 84 -32.93 -6.37 -17.10
CA PRO G 84 -34.11 -6.21 -16.24
C PRO G 84 -34.64 -7.56 -15.76
N LEU G 85 -35.22 -7.57 -14.56
CA LEU G 85 -35.80 -8.78 -13.92
C LEU G 85 -36.59 -9.62 -14.92
N SER G 86 -37.53 -9.02 -15.65
CA SER G 86 -38.48 -9.78 -16.52
C SER G 86 -37.73 -10.49 -17.65
N GLN G 87 -36.52 -10.04 -18.02
CA GLN G 87 -35.73 -10.69 -19.09
C GLN G 87 -35.07 -11.95 -18.54
N PHE G 88 -35.21 -12.24 -17.24
CA PHE G 88 -34.94 -13.58 -16.67
C PHE G 88 -36.27 -14.33 -16.48
N THR G 89 -37.15 -13.78 -15.67
CA THR G 89 -38.34 -14.52 -15.14
C THR G 89 -39.30 -14.91 -16.27
N ALA G 90 -39.56 -14.05 -17.25
CA ALA G 90 -40.51 -14.34 -18.36
C ALA G 90 -39.98 -15.52 -19.19
N PHE G 91 -38.70 -15.84 -19.10
CA PHE G 91 -38.07 -16.94 -19.88
C PHE G 91 -37.79 -18.14 -18.98
N GLY G 92 -38.36 -18.15 -17.78
CA GLY G 92 -38.28 -19.31 -16.88
C GLY G 92 -37.05 -19.33 -16.00
N VAL G 93 -36.23 -18.27 -16.03
CA VAL G 93 -35.01 -18.22 -15.20
C VAL G 93 -35.35 -17.62 -13.83
N THR G 94 -35.32 -18.45 -12.80
CA THR G 94 -35.66 -18.06 -11.42
C THR G 94 -34.40 -17.91 -10.58
N THR G 95 -33.27 -18.47 -11.02
CA THR G 95 -31.94 -18.25 -10.40
C THR G 95 -30.95 -17.89 -11.48
N VAL G 96 -30.18 -16.82 -11.27
CA VAL G 96 -29.09 -16.44 -12.20
C VAL G 96 -27.77 -16.41 -11.44
N VAL G 97 -26.68 -16.77 -12.12
CA VAL G 97 -25.31 -16.55 -11.60
C VAL G 97 -24.63 -15.54 -12.51
N GLY G 98 -24.35 -14.35 -11.97
CA GLY G 98 -23.78 -13.24 -12.74
C GLY G 98 -22.27 -13.32 -12.81
N LEU G 99 -21.71 -12.74 -13.85
CA LEU G 99 -20.25 -12.66 -14.01
C LEU G 99 -19.92 -11.41 -14.83
N LEU G 100 -18.69 -10.96 -14.67
CA LEU G 100 -17.99 -10.05 -15.59
C LEU G 100 -17.30 -10.89 -16.67
N GLY G 101 -17.26 -10.33 -17.88
CA GLY G 101 -16.54 -10.90 -19.02
C GLY G 101 -15.33 -10.06 -19.39
N THR G 102 -15.18 -9.79 -20.68
CA THR G 102 -13.96 -9.18 -21.24
C THR G 102 -13.71 -7.85 -20.53
N ASP G 103 -14.75 -7.05 -20.31
CA ASP G 103 -14.58 -5.77 -19.59
C ASP G 103 -14.69 -6.04 -18.08
N ASP G 104 -13.56 -6.41 -17.47
CA ASP G 104 -13.38 -6.45 -16.01
C ASP G 104 -12.44 -5.32 -15.63
N THR G 105 -12.35 -4.29 -16.46
CA THR G 105 -11.55 -3.07 -16.19
C THR G 105 -12.46 -1.95 -15.70
N THR G 106 -13.47 -1.56 -16.47
CA THR G 106 -14.39 -0.46 -16.06
C THR G 106 -15.47 -1.03 -15.12
N ARG G 107 -15.77 -2.32 -15.21
CA ARG G 107 -16.77 -2.97 -14.34
C ARG G 107 -16.03 -3.67 -13.20
N SER G 108 -16.65 -3.65 -12.02
CA SER G 108 -16.05 -4.10 -10.76
C SER G 108 -16.91 -5.21 -10.17
N THR G 109 -16.33 -5.96 -9.26
CA THR G 109 -17.07 -6.98 -8.47
C THR G 109 -18.15 -6.28 -7.64
N GLY G 110 -17.92 -5.03 -7.20
CA GLY G 110 -18.95 -4.28 -6.45
C GLY G 110 -20.16 -3.98 -7.33
N ASN G 111 -19.94 -3.63 -8.60
CA ASN G 111 -21.04 -3.47 -9.57
C ASN G 111 -21.83 -4.79 -9.60
N LEU G 112 -21.13 -5.91 -9.73
CA LEU G 112 -21.75 -7.23 -9.96
C LEU G 112 -22.53 -7.65 -8.70
N LEU G 113 -21.90 -7.58 -7.54
CA LEU G 113 -22.53 -8.03 -6.28
C LEU G 113 -23.72 -7.14 -5.94
N SER G 114 -23.61 -5.84 -6.16
CA SER G 114 -24.75 -4.94 -5.87
C SER G 114 -25.92 -5.27 -6.81
N ARG G 115 -25.69 -5.69 -8.04
CA ARG G 115 -26.79 -6.08 -8.94
C ARG G 115 -27.39 -7.42 -8.48
N VAL G 116 -26.58 -8.34 -7.96
CA VAL G 116 -27.11 -9.58 -7.33
C VAL G 116 -28.13 -9.18 -6.26
N TYR G 117 -27.79 -8.27 -5.37
CA TYR G 117 -28.68 -7.86 -4.27
C TYR G 117 -29.91 -7.17 -4.86
N GLY G 118 -29.77 -6.40 -5.93
CA GLY G 118 -30.93 -5.77 -6.58
C GLY G 118 -31.91 -6.81 -7.10
N LEU G 119 -31.42 -7.86 -7.76
CA LEU G 119 -32.29 -8.93 -8.30
C LEU G 119 -32.94 -9.69 -7.15
N ARG G 120 -32.22 -9.93 -6.04
CA ARG G 120 -32.80 -10.58 -4.86
C ARG G 120 -33.92 -9.69 -4.29
N GLU G 121 -33.71 -8.38 -4.19
CA GLU G 121 -34.75 -7.46 -3.65
C GLU G 121 -35.98 -7.53 -4.55
N GLU G 122 -35.84 -7.76 -5.84
CA GLU G 122 -36.98 -7.76 -6.79
C GLU G 122 -37.63 -9.14 -6.85
N GLY G 123 -37.12 -10.12 -6.12
CA GLY G 123 -37.83 -11.38 -5.81
C GLY G 123 -37.33 -12.60 -6.58
N MET G 124 -36.22 -12.51 -7.30
CA MET G 124 -35.64 -13.74 -7.88
C MET G 124 -34.42 -14.13 -7.04
N SER G 125 -33.74 -15.21 -7.41
CA SER G 125 -32.54 -15.70 -6.72
C SER G 125 -31.33 -15.38 -7.59
N ALA G 126 -30.23 -14.98 -6.98
CA ALA G 126 -29.03 -14.56 -7.74
C ALA G 126 -27.78 -14.80 -6.91
N TYR G 127 -26.75 -15.23 -7.62
CA TYR G 127 -25.39 -15.50 -7.12
C TYR G 127 -24.44 -14.86 -8.13
N CYS G 128 -23.15 -14.86 -7.84
CA CYS G 128 -22.19 -14.38 -8.86
C CYS G 128 -20.85 -15.07 -8.69
N TRP G 129 -20.07 -14.97 -9.76
CA TRP G 129 -18.67 -15.41 -9.88
C TRP G 129 -17.81 -14.19 -9.59
N THR G 130 -16.69 -14.36 -8.89
CA THR G 130 -15.69 -13.30 -8.70
C THR G 130 -14.54 -13.55 -9.67
N GLY G 131 -13.61 -12.62 -9.75
CA GLY G 131 -12.33 -12.78 -10.46
C GLY G 131 -12.34 -12.24 -11.87
N GLY G 132 -13.41 -12.51 -12.61
CA GLY G 132 -13.52 -12.13 -14.03
C GLY G 132 -12.60 -12.91 -14.97
N TYR G 133 -12.23 -12.25 -16.05
CA TYR G 133 -11.72 -12.83 -17.31
C TYR G 133 -10.18 -12.81 -17.35
N HIS G 134 -9.61 -11.77 -16.77
CA HIS G 134 -8.17 -11.46 -16.84
C HIS G 134 -7.44 -11.78 -15.54
N TYR G 135 -6.12 -11.84 -15.66
CA TYR G 135 -5.14 -11.98 -14.57
C TYR G 135 -4.33 -10.69 -14.53
N PRO G 136 -4.13 -10.09 -13.34
CA PRO G 136 -4.69 -10.57 -12.09
C PRO G 136 -6.20 -10.41 -11.99
N LEU G 137 -6.81 -11.17 -11.09
CA LEU G 137 -8.27 -11.28 -10.93
C LEU G 137 -8.83 -9.94 -10.43
N THR G 138 -10.04 -9.65 -10.88
CA THR G 138 -10.90 -8.56 -10.36
C THR G 138 -11.76 -9.12 -9.23
N THR G 139 -11.53 -8.65 -8.02
CA THR G 139 -12.22 -9.13 -6.80
C THR G 139 -12.71 -7.92 -6.00
N LEU G 140 -13.60 -8.16 -5.05
CA LEU G 140 -14.15 -7.10 -4.19
C LEU G 140 -13.15 -6.85 -3.07
N MET G 141 -12.74 -7.90 -2.38
CA MET G 141 -11.68 -7.86 -1.36
C MET G 141 -10.34 -8.06 -2.06
N GLY G 142 -9.26 -8.30 -1.33
CA GLY G 142 -7.91 -8.42 -1.90
C GLY G 142 -7.72 -9.71 -2.70
N SER G 143 -8.55 -10.74 -2.53
CA SER G 143 -8.31 -12.06 -3.18
C SER G 143 -9.64 -12.74 -3.45
N ALA G 144 -9.65 -13.67 -4.39
CA ALA G 144 -10.81 -14.50 -4.73
C ALA G 144 -11.19 -15.35 -3.51
N ARG G 145 -10.21 -15.88 -2.78
CA ARG G 145 -10.52 -16.75 -1.63
C ARG G 145 -11.28 -15.94 -0.57
N GLU G 146 -10.86 -14.72 -0.29
CA GLU G 146 -11.57 -13.85 0.67
C GLU G 146 -12.99 -13.57 0.16
N ASP G 147 -13.15 -13.24 -1.12
CA ASP G 147 -14.49 -12.92 -1.70
C ASP G 147 -15.42 -14.11 -1.45
N ILE G 148 -14.97 -15.32 -1.78
CA ILE G 148 -15.85 -16.51 -1.71
C ILE G 148 -16.13 -16.85 -0.24
N VAL G 149 -15.12 -16.74 0.63
CA VAL G 149 -15.32 -17.06 2.06
C VAL G 149 -16.34 -16.08 2.67
N TYR G 150 -16.20 -14.78 2.44
CA TYR G 150 -16.93 -13.77 3.26
C TYR G 150 -18.25 -13.29 2.59
N MET G 151 -18.41 -13.40 1.28
CA MET G 151 -19.59 -12.82 0.60
C MET G 151 -20.50 -13.98 0.18
N GLU G 152 -21.63 -14.14 0.86
CA GLU G 152 -22.50 -15.30 0.66
C GLU G 152 -22.80 -15.52 -0.83
N PRO G 153 -23.17 -14.49 -1.62
CA PRO G 153 -23.59 -14.74 -3.01
C PRO G 153 -22.46 -15.13 -3.98
N ILE G 154 -21.21 -14.98 -3.56
CA ILE G 154 -20.04 -15.29 -4.45
C ILE G 154 -19.69 -16.77 -4.31
N ILE G 155 -19.77 -17.52 -5.40
CA ILE G 155 -19.75 -19.01 -5.31
C ILE G 155 -18.47 -19.59 -5.92
N GLY G 156 -17.70 -18.79 -6.63
CA GLY G 156 -16.54 -19.31 -7.36
C GLY G 156 -15.89 -18.24 -8.19
N VAL G 157 -14.96 -18.65 -9.06
CA VAL G 157 -14.21 -17.72 -9.93
C VAL G 157 -14.71 -17.91 -11.36
N GLY G 158 -15.04 -16.80 -12.02
CA GLY G 158 -15.40 -16.83 -13.45
C GLY G 158 -15.67 -15.43 -13.99
N GLU G 159 -15.79 -15.32 -15.31
CA GLU G 159 -15.45 -16.39 -16.25
C GLU G 159 -14.01 -16.19 -16.72
N PHE G 160 -13.10 -17.05 -16.31
CA PHE G 160 -11.65 -16.84 -16.47
C PHE G 160 -11.24 -17.38 -17.85
N ALA G 161 -10.61 -16.56 -18.66
CA ALA G 161 -10.43 -16.87 -20.10
C ALA G 161 -9.17 -17.72 -20.32
N ILE G 162 -9.33 -18.79 -21.09
CA ILE G 162 -8.19 -19.60 -21.65
C ILE G 162 -8.45 -19.86 -23.14
N SER G 163 -7.36 -20.08 -23.87
CA SER G 163 -7.38 -20.40 -25.32
C SER G 163 -8.18 -19.34 -26.06
N ASP G 164 -7.85 -18.06 -25.83
CA ASP G 164 -8.57 -16.93 -26.45
C ASP G 164 -7.62 -15.76 -26.60
N HIS G 165 -7.69 -15.08 -27.73
CA HIS G 165 -6.86 -13.88 -28.02
C HIS G 165 -7.11 -12.77 -26.99
N ARG G 166 -8.26 -12.76 -26.31
CA ARG G 166 -8.57 -11.73 -25.29
C ARG G 166 -8.17 -12.18 -23.88
N SER G 167 -7.60 -13.37 -23.73
CA SER G 167 -7.17 -13.88 -22.40
C SER G 167 -5.96 -13.08 -21.92
N SER G 168 -5.56 -13.33 -20.67
CA SER G 168 -4.30 -12.77 -20.11
C SER G 168 -3.16 -13.76 -20.36
N GLN G 169 -3.31 -14.72 -21.28
CA GLN G 169 -2.29 -15.76 -21.56
C GLN G 169 -1.86 -16.39 -20.24
N PRO G 170 -2.82 -16.92 -19.46
CA PRO G 170 -2.51 -17.49 -18.15
C PRO G 170 -1.63 -18.72 -18.26
N GLN G 171 -0.72 -18.86 -17.32
CA GLN G 171 0.21 -20.01 -17.21
C GLN G 171 -0.45 -21.06 -16.33
N PHE G 172 -0.05 -22.31 -16.53
CA PHE G 172 -0.50 -23.47 -15.74
C PHE G 172 -0.47 -23.14 -14.24
N GLU G 173 0.66 -22.60 -13.76
CA GLU G 173 0.91 -22.38 -12.32
C GLU G 173 -0.09 -21.35 -11.79
N GLU G 174 -0.42 -20.32 -12.58
CA GLU G 174 -1.43 -19.30 -12.21
C GLU G 174 -2.81 -19.97 -12.13
N VAL G 175 -3.16 -20.80 -13.11
CA VAL G 175 -4.50 -21.45 -13.19
C VAL G 175 -4.72 -22.36 -11.98
N ILE G 176 -3.75 -23.19 -11.63
CA ILE G 176 -3.96 -24.17 -10.54
C ILE G 176 -3.97 -23.44 -9.19
N ARG G 177 -3.27 -22.32 -9.06
CA ARG G 177 -3.32 -21.48 -7.82
C ARG G 177 -4.75 -20.92 -7.69
N ILE G 178 -5.29 -20.34 -8.76
CA ILE G 178 -6.68 -19.83 -8.76
C ILE G 178 -7.65 -20.97 -8.39
N ALA G 179 -7.52 -22.12 -9.03
CA ALA G 179 -8.40 -23.28 -8.76
C ALA G 179 -8.29 -23.67 -7.28
N SER G 180 -7.08 -23.71 -6.71
CA SER G 180 -6.89 -24.11 -5.30
C SER G 180 -7.63 -23.13 -4.39
N ASP G 181 -7.58 -21.83 -4.68
CA ASP G 181 -8.27 -20.80 -3.86
C ASP G 181 -9.79 -20.98 -3.95
N ALA G 182 -10.34 -21.20 -5.14
CA ALA G 182 -11.79 -21.43 -5.30
C ALA G 182 -12.20 -22.69 -4.55
N HIS G 183 -11.43 -23.76 -4.68
CA HIS G 183 -11.76 -25.08 -4.09
C HIS G 183 -11.77 -24.98 -2.57
N VAL G 184 -10.73 -24.40 -1.98
CA VAL G 184 -10.62 -24.27 -0.51
C VAL G 184 -11.77 -23.41 -0.01
N ALA G 185 -12.07 -22.31 -0.69
CA ALA G 185 -13.17 -21.42 -0.25
C ALA G 185 -14.50 -22.17 -0.32
N GLY G 186 -14.69 -22.99 -1.35
CA GLY G 186 -15.89 -23.83 -1.50
C GLY G 186 -16.05 -24.80 -0.35
N LEU G 187 -14.98 -25.47 0.03
CA LEU G 187 -15.04 -26.42 1.16
C LEU G 187 -15.40 -25.68 2.44
N MET G 188 -14.82 -24.50 2.66
CA MET G 188 -15.06 -23.76 3.91
C MET G 188 -16.50 -23.30 4.02
N THR G 189 -17.16 -23.03 2.91
CA THR G 189 -18.46 -22.33 2.89
C THR G 189 -19.63 -23.22 2.52
N GLY G 190 -19.37 -24.39 1.94
CA GLY G 190 -20.42 -25.25 1.36
C GLY G 190 -20.84 -24.79 -0.02
N LYS G 191 -20.13 -23.84 -0.63
CA LYS G 191 -20.54 -23.28 -1.93
C LYS G 191 -19.79 -23.99 -3.05
N ALA G 192 -20.13 -23.67 -4.30
CA ALA G 192 -19.62 -24.35 -5.51
C ALA G 192 -18.11 -24.54 -5.42
N GLY G 193 -17.36 -23.47 -5.25
CA GLY G 193 -15.90 -23.57 -5.13
C GLY G 193 -15.23 -24.08 -6.40
N ILE G 194 -15.69 -23.58 -7.55
CA ILE G 194 -15.14 -24.00 -8.86
C ILE G 194 -14.68 -22.78 -9.66
N VAL G 195 -13.92 -23.07 -10.70
CA VAL G 195 -13.50 -22.09 -11.72
C VAL G 195 -14.29 -22.35 -12.99
N HIS G 196 -15.08 -21.36 -13.36
CA HIS G 196 -15.87 -21.30 -14.60
C HIS G 196 -14.97 -20.66 -15.67
N PHE G 197 -14.51 -21.43 -16.64
CA PHE G 197 -13.52 -20.98 -17.66
C PHE G 197 -14.23 -20.62 -18.95
N HIS G 198 -14.03 -19.41 -19.43
CA HIS G 198 -14.38 -19.00 -20.81
C HIS G 198 -13.39 -19.67 -21.75
N LEU G 199 -13.87 -20.45 -22.70
CA LEU G 199 -13.04 -21.00 -23.80
C LEU G 199 -13.21 -20.12 -25.03
N GLY G 200 -12.11 -19.80 -25.68
CA GLY G 200 -12.11 -19.24 -27.04
C GLY G 200 -11.81 -20.32 -28.07
N ASP G 201 -11.44 -19.88 -29.27
CA ASP G 201 -11.21 -20.75 -30.45
C ASP G 201 -9.73 -21.12 -30.56
N GLY G 202 -8.91 -20.84 -29.57
CA GLY G 202 -7.50 -21.26 -29.61
C GLY G 202 -7.38 -22.77 -29.77
N SER G 203 -6.42 -23.21 -30.57
CA SER G 203 -6.19 -24.65 -30.86
C SER G 203 -5.68 -25.39 -29.62
N ARG G 204 -5.18 -24.69 -28.58
CA ARG G 204 -4.76 -25.38 -27.33
C ARG G 204 -6.00 -25.92 -26.59
N LYS G 205 -7.19 -25.40 -26.89
CA LYS G 205 -8.46 -25.95 -26.33
C LYS G 205 -8.32 -26.12 -24.80
N LEU G 206 -8.51 -27.33 -24.27
CA LEU G 206 -8.59 -27.59 -22.80
C LEU G 206 -7.24 -28.08 -22.26
N ALA G 207 -6.12 -27.84 -22.95
CA ALA G 207 -4.78 -28.36 -22.55
C ALA G 207 -4.46 -27.98 -21.08
N LEU G 208 -4.76 -26.76 -20.63
CA LEU G 208 -4.40 -26.35 -19.25
C LEU G 208 -5.17 -27.20 -18.24
N ILE G 209 -6.43 -27.51 -18.55
CA ILE G 209 -7.27 -28.33 -17.65
C ILE G 209 -6.79 -29.77 -17.69
N LYS G 210 -6.41 -30.31 -18.84
CA LYS G 210 -5.87 -31.68 -18.93
C LYS G 210 -4.64 -31.80 -18.04
N ARG G 211 -3.77 -30.81 -18.10
CA ARG G 211 -2.55 -30.79 -17.29
C ARG G 211 -2.92 -30.73 -15.79
N ALA G 212 -3.89 -29.90 -15.41
CA ALA G 212 -4.31 -29.78 -13.99
C ALA G 212 -4.83 -31.12 -13.49
N LEU G 213 -5.63 -31.83 -14.29
CA LEU G 213 -6.22 -33.14 -13.90
C LEU G 213 -5.12 -34.18 -13.80
N ALA G 214 -4.11 -34.13 -14.64
CA ALA G 214 -3.02 -35.13 -14.64
C ALA G 214 -2.05 -34.85 -13.49
N GLU G 215 -1.77 -33.59 -13.15
CA GLU G 215 -0.61 -33.26 -12.28
C GLU G 215 -1.03 -32.90 -10.85
N THR G 216 -2.28 -32.53 -10.60
CA THR G 216 -2.68 -32.04 -9.25
C THR G 216 -3.68 -32.99 -8.63
N GLU G 217 -3.97 -32.81 -7.35
CA GLU G 217 -5.00 -33.57 -6.61
C GLU G 217 -6.33 -32.84 -6.67
N LEU G 218 -6.45 -31.70 -7.38
CA LEU G 218 -7.73 -30.95 -7.36
C LEU G 218 -8.83 -31.80 -7.97
N PRO G 219 -10.02 -31.90 -7.36
CA PRO G 219 -11.10 -32.66 -7.95
C PRO G 219 -11.47 -32.09 -9.32
N ALA G 220 -11.85 -32.97 -10.23
CA ALA G 220 -12.16 -32.62 -11.64
C ALA G 220 -13.29 -31.59 -11.67
N ARG G 221 -14.27 -31.66 -10.78
CA ARG G 221 -15.44 -30.76 -10.83
C ARG G 221 -15.01 -29.28 -10.68
N VAL G 222 -13.82 -29.01 -10.16
CA VAL G 222 -13.33 -27.61 -9.93
C VAL G 222 -13.11 -26.94 -11.29
N PHE G 223 -12.85 -27.70 -12.36
CA PHE G 223 -12.53 -27.15 -13.70
C PHE G 223 -13.76 -27.25 -14.57
N ASN G 224 -14.42 -26.11 -14.80
CA ASN G 224 -15.76 -26.06 -15.42
C ASN G 224 -15.68 -25.21 -16.68
N PRO G 225 -15.34 -25.78 -17.86
CA PRO G 225 -15.29 -25.00 -19.09
C PRO G 225 -16.70 -24.71 -19.65
N THR G 226 -16.88 -23.50 -20.18
CA THR G 226 -18.10 -23.04 -20.84
C THR G 226 -17.78 -22.70 -22.30
N HIS G 227 -18.82 -22.46 -23.09
CA HIS G 227 -18.80 -22.29 -24.56
C HIS G 227 -18.11 -23.46 -25.24
N VAL G 228 -18.22 -24.67 -24.71
CA VAL G 228 -17.44 -25.82 -25.25
C VAL G 228 -18.00 -26.20 -26.64
N ASN G 229 -19.20 -25.75 -26.98
CA ASN G 229 -19.86 -25.99 -28.29
C ASN G 229 -19.44 -24.95 -29.34
N ARG G 230 -18.53 -24.03 -29.05
CA ARG G 230 -18.23 -22.90 -29.98
C ARG G 230 -17.44 -23.39 -31.20
N ASN G 231 -16.70 -24.48 -31.11
CA ASN G 231 -16.09 -25.14 -32.29
C ASN G 231 -16.07 -26.62 -32.02
N LYS G 232 -16.02 -27.43 -33.08
CA LYS G 232 -16.31 -28.88 -32.97
C LYS G 232 -15.15 -29.62 -32.33
N PRO G 233 -13.88 -29.35 -32.68
CA PRO G 233 -12.77 -30.00 -31.97
C PRO G 233 -12.78 -29.74 -30.46
N LEU G 234 -13.14 -28.52 -30.05
CA LEU G 234 -13.23 -28.18 -28.59
C LEU G 234 -14.34 -29.04 -27.96
N PHE G 235 -15.49 -29.11 -28.62
CA PHE G 235 -16.62 -29.88 -28.07
C PHE G 235 -16.23 -31.35 -27.93
N ASP G 236 -15.50 -31.90 -28.90
CA ASP G 236 -15.05 -33.32 -28.85
C ASP G 236 -14.14 -33.51 -27.65
N GLU G 237 -13.22 -32.58 -27.42
CA GLU G 237 -12.27 -32.68 -26.29
C GLU G 237 -13.07 -32.57 -24.98
N ALA G 238 -14.04 -31.68 -24.90
CA ALA G 238 -14.88 -31.50 -23.70
C ALA G 238 -15.64 -32.81 -23.41
N CYS G 239 -16.25 -33.43 -24.42
CA CYS G 239 -16.97 -34.72 -24.27
C CYS G 239 -16.01 -35.79 -23.76
N GLU G 240 -14.82 -35.91 -24.32
CA GLU G 240 -13.83 -36.93 -23.87
C GLU G 240 -13.52 -36.69 -22.39
N MET G 241 -13.38 -35.43 -21.94
CA MET G 241 -12.93 -35.15 -20.56
C MET G 241 -14.06 -35.40 -19.55
N LEU G 242 -15.31 -35.61 -19.98
CA LEU G 242 -16.41 -35.96 -19.05
C LEU G 242 -16.05 -37.23 -18.30
N SER G 243 -15.28 -38.13 -18.91
CA SER G 243 -14.94 -39.41 -18.24
C SER G 243 -13.98 -39.13 -17.07
N GLN G 244 -13.32 -37.99 -17.03
CA GLN G 244 -12.43 -37.64 -15.88
C GLN G 244 -13.22 -36.92 -14.77
N GLY G 245 -14.49 -36.61 -14.97
CA GLY G 245 -15.38 -36.08 -13.93
C GLY G 245 -15.59 -34.57 -14.01
N ILE G 246 -15.11 -33.87 -15.03
CA ILE G 246 -15.45 -32.44 -15.19
C ILE G 246 -16.93 -32.32 -15.57
N TYR G 247 -17.51 -31.18 -15.25
CA TYR G 247 -18.80 -30.72 -15.80
C TYR G 247 -18.50 -29.75 -16.93
N ILE G 248 -19.30 -29.78 -17.98
CA ILE G 248 -19.11 -28.86 -19.14
C ILE G 248 -20.40 -28.08 -19.30
N ASP G 249 -20.25 -26.83 -19.69
CA ASP G 249 -21.35 -25.90 -19.90
C ASP G 249 -21.42 -25.56 -21.38
N ILE G 250 -22.57 -25.83 -21.96
CA ILE G 250 -22.90 -25.57 -23.38
C ILE G 250 -23.65 -24.25 -23.40
N THR G 251 -23.29 -23.36 -24.31
CA THR G 251 -23.91 -22.03 -24.44
C THR G 251 -25.05 -22.11 -25.48
N ALA G 252 -26.24 -21.65 -25.12
CA ALA G 252 -27.40 -21.56 -26.03
C ALA G 252 -27.26 -20.27 -26.84
N PHE G 253 -26.32 -20.28 -27.77
CA PHE G 253 -26.14 -19.24 -28.82
C PHE G 253 -27.46 -19.13 -29.57
N PRO G 254 -27.87 -17.93 -30.03
CA PRO G 254 -28.94 -17.86 -31.03
C PRO G 254 -28.41 -18.48 -32.34
N ASP G 255 -29.29 -18.87 -33.26
CA ASP G 255 -28.92 -19.60 -34.50
C ASP G 255 -27.89 -18.81 -35.35
N ASP G 256 -27.99 -17.48 -35.37
CA ASP G 256 -27.04 -16.53 -36.06
C ASP G 256 -25.59 -16.73 -35.62
N ALA G 257 -25.34 -16.90 -34.31
CA ALA G 257 -24.02 -16.79 -33.63
C ALA G 257 -23.26 -18.14 -33.61
N VAL G 258 -23.87 -19.23 -34.11
CA VAL G 258 -23.34 -20.63 -34.04
C VAL G 258 -22.01 -20.76 -34.83
N ASP G 259 -21.84 -20.04 -35.96
CA ASP G 259 -20.65 -20.06 -36.87
C ASP G 259 -20.27 -21.53 -37.16
N ASP G 260 -19.03 -21.94 -36.84
CA ASP G 260 -18.48 -23.30 -37.14
C ASP G 260 -18.66 -24.27 -35.97
N GLY G 261 -19.49 -23.93 -34.98
CA GLY G 261 -19.70 -24.80 -33.82
C GLY G 261 -21.06 -25.47 -33.86
N TRP G 262 -21.56 -25.84 -32.70
CA TRP G 262 -22.87 -26.48 -32.53
C TRP G 262 -23.79 -25.52 -31.80
N SER G 263 -25.07 -25.51 -32.13
CA SER G 263 -26.11 -24.95 -31.25
C SER G 263 -26.08 -25.77 -29.95
N ALA G 264 -26.64 -25.23 -28.88
CA ALA G 264 -26.76 -26.01 -27.63
C ALA G 264 -27.54 -27.30 -27.94
N ALA G 265 -28.61 -27.21 -28.71
CA ALA G 265 -29.47 -28.36 -29.07
C ALA G 265 -28.62 -29.43 -29.78
N GLU G 266 -27.85 -29.05 -30.80
CA GLU G 266 -27.03 -30.02 -31.57
C GLU G 266 -26.00 -30.64 -30.63
N ALA G 267 -25.40 -29.83 -29.76
CA ALA G 267 -24.33 -30.32 -28.86
C ALA G 267 -24.92 -31.34 -27.90
N LEU G 268 -26.07 -31.04 -27.31
CA LEU G 268 -26.67 -31.97 -26.32
C LEU G 268 -27.12 -33.26 -27.01
N LEU G 269 -27.72 -33.17 -28.20
CA LEU G 269 -28.12 -34.39 -28.97
C LEU G 269 -26.88 -35.22 -29.28
N LEU G 270 -25.78 -34.57 -29.66
CA LEU G 270 -24.53 -35.33 -29.97
C LEU G 270 -23.98 -35.97 -28.70
N ALA G 271 -23.97 -35.27 -27.55
CA ALA G 271 -23.49 -35.87 -26.30
C ALA G 271 -24.32 -37.13 -25.98
N LYS G 272 -25.63 -37.04 -26.14
CA LYS G 272 -26.55 -38.19 -25.89
C LYS G 272 -26.19 -39.34 -26.84
N GLU G 273 -26.07 -39.07 -28.14
CA GLU G 273 -25.70 -40.08 -29.18
C GLU G 273 -24.36 -40.74 -28.79
N ARG G 274 -23.41 -40.01 -28.22
CA ARG G 274 -22.10 -40.60 -27.85
C ARG G 274 -22.17 -41.36 -26.54
N GLY G 275 -23.29 -41.36 -25.82
CA GLY G 275 -23.37 -42.03 -24.50
C GLY G 275 -22.60 -41.26 -23.41
N CYS G 276 -22.38 -39.95 -23.57
CA CYS G 276 -21.79 -39.10 -22.52
C CYS G 276 -22.67 -39.06 -21.29
N PRO G 277 -22.08 -38.86 -20.09
CA PRO G 277 -22.88 -38.70 -18.86
C PRO G 277 -23.59 -37.34 -18.84
N LEU G 278 -24.86 -37.31 -19.22
CA LEU G 278 -25.60 -36.05 -19.39
C LEU G 278 -25.73 -35.31 -18.05
N LYS G 279 -25.61 -35.99 -16.91
CA LYS G 279 -25.75 -35.35 -15.59
C LYS G 279 -24.59 -34.36 -15.36
N GLN G 280 -23.51 -34.45 -16.15
CA GLN G 280 -22.31 -33.59 -16.07
C GLN G 280 -22.40 -32.45 -17.08
N ILE G 281 -23.55 -32.26 -17.74
CA ILE G 281 -23.71 -31.25 -18.81
C ILE G 281 -24.77 -30.25 -18.40
N THR G 282 -24.44 -28.97 -18.50
CA THR G 282 -25.35 -27.85 -18.22
C THR G 282 -25.46 -27.00 -19.48
N ILE G 283 -26.51 -26.20 -19.55
CA ILE G 283 -26.73 -25.20 -20.62
C ILE G 283 -26.95 -23.86 -19.95
N SER G 284 -26.37 -22.81 -20.52
CA SER G 284 -26.50 -21.42 -20.03
C SER G 284 -26.70 -20.52 -21.24
N SER G 285 -27.18 -19.29 -21.05
CA SER G 285 -27.67 -18.43 -22.16
C SER G 285 -26.63 -17.38 -22.54
N ASP G 286 -25.70 -17.04 -21.65
CA ASP G 286 -24.89 -15.81 -21.82
C ASP G 286 -25.78 -14.55 -21.96
N GLY G 287 -26.89 -14.47 -21.22
CA GLY G 287 -27.78 -13.29 -21.22
C GLY G 287 -27.01 -12.02 -20.85
N GLY G 288 -27.31 -10.90 -21.52
CA GLY G 288 -26.63 -9.60 -21.30
C GLY G 288 -25.28 -9.50 -22.02
N GLY G 289 -24.80 -10.62 -22.58
CA GLY G 289 -23.59 -10.65 -23.43
C GLY G 289 -23.84 -9.87 -24.71
N CYS G 290 -22.82 -9.16 -25.22
CA CYS G 290 -23.00 -8.29 -26.42
C CYS G 290 -23.10 -9.19 -27.66
N MET G 291 -24.12 -8.96 -28.53
CA MET G 291 -24.45 -9.79 -29.71
C MET G 291 -24.37 -8.94 -30.99
N PRO G 292 -23.20 -8.85 -31.66
CA PRO G 292 -23.06 -8.08 -32.90
C PRO G 292 -23.80 -8.72 -34.10
N ALA G 293 -24.31 -7.91 -35.03
CA ALA G 293 -24.61 -8.28 -36.44
C ALA G 293 -23.45 -7.93 -37.39
N ALA G 302 -27.79 -3.13 -35.60
CA ALA G 302 -26.36 -3.52 -35.70
C ALA G 302 -25.88 -4.24 -34.43
N MET G 303 -26.37 -3.85 -33.25
CA MET G 303 -25.93 -4.40 -31.94
C MET G 303 -27.15 -4.78 -31.09
N ASP G 304 -27.15 -6.00 -30.55
CA ASP G 304 -28.15 -6.50 -29.56
C ASP G 304 -27.37 -7.19 -28.41
N PHE G 305 -28.11 -7.75 -27.44
CA PHE G 305 -27.53 -8.54 -26.32
C PHE G 305 -28.27 -9.88 -26.17
N GLY G 306 -27.55 -10.89 -25.67
CA GLY G 306 -28.01 -12.25 -25.34
C GLY G 306 -29.22 -12.25 -24.42
N ARG G 307 -30.09 -13.24 -24.60
CA ARG G 307 -31.36 -13.39 -23.84
C ARG G 307 -31.49 -14.84 -23.35
N SER G 308 -32.09 -14.98 -22.18
CA SER G 308 -32.37 -16.27 -21.53
C SER G 308 -33.44 -17.04 -22.31
N GLU G 309 -34.12 -16.42 -23.29
CA GLU G 309 -35.15 -17.09 -24.17
C GLU G 309 -34.57 -18.31 -24.93
N THR G 310 -33.27 -18.36 -25.18
CA THR G 310 -32.64 -19.48 -25.93
C THR G 310 -32.66 -20.76 -25.09
N LEU G 311 -32.85 -20.68 -23.76
CA LEU G 311 -32.88 -21.91 -22.94
C LEU G 311 -34.11 -22.75 -23.31
N LEU G 312 -35.29 -22.15 -23.25
CA LEU G 312 -36.54 -22.88 -23.61
C LEU G 312 -36.51 -23.26 -25.08
N ALA G 313 -35.99 -22.41 -25.97
CA ALA G 313 -35.90 -22.70 -27.41
C ALA G 313 -35.08 -23.97 -27.59
N THR G 314 -33.99 -24.12 -26.83
CA THR G 314 -33.14 -25.33 -26.89
C THR G 314 -33.96 -26.54 -26.44
N LEU G 315 -34.69 -26.40 -25.33
CA LEU G 315 -35.52 -27.51 -24.79
C LEU G 315 -36.54 -27.96 -25.87
N LYS G 316 -37.19 -27.01 -26.55
CA LYS G 316 -38.18 -27.32 -27.61
C LYS G 316 -37.49 -28.02 -28.79
N THR G 317 -36.32 -27.55 -29.20
CA THR G 317 -35.58 -28.14 -30.35
C THR G 317 -35.24 -29.59 -30.03
N VAL G 318 -34.65 -29.90 -28.87
CA VAL G 318 -34.14 -31.28 -28.64
C VAL G 318 -35.32 -32.22 -28.41
N THR G 319 -36.40 -31.76 -27.77
CA THR G 319 -37.57 -32.62 -27.49
C THR G 319 -38.26 -32.95 -28.82
N ALA G 320 -38.32 -32.01 -29.75
CA ALA G 320 -38.91 -32.24 -31.10
C ALA G 320 -38.08 -33.29 -31.85
N GLN G 321 -36.80 -33.49 -31.50
CA GLN G 321 -35.95 -34.51 -32.17
C GLN G 321 -35.90 -35.79 -31.35
N GLY G 322 -36.76 -35.94 -30.35
CA GLY G 322 -36.90 -37.23 -29.64
C GLY G 322 -36.16 -37.32 -28.33
N MET G 323 -35.43 -36.30 -27.90
CA MET G 323 -34.83 -36.35 -26.53
C MET G 323 -35.95 -36.23 -25.47
N ALA G 324 -35.88 -37.04 -24.43
CA ALA G 324 -36.79 -37.00 -23.27
C ALA G 324 -36.68 -35.64 -22.58
N LEU G 325 -37.82 -35.08 -22.17
CA LEU G 325 -37.90 -33.77 -21.51
C LEU G 325 -36.95 -33.76 -20.31
N GLU G 326 -36.88 -34.83 -19.53
CA GLU G 326 -36.11 -34.84 -18.26
C GLU G 326 -34.61 -34.69 -18.56
N ASP G 327 -34.13 -35.14 -19.71
CA ASP G 327 -32.68 -35.09 -20.06
C ASP G 327 -32.25 -33.63 -20.24
N VAL G 328 -32.97 -32.90 -21.06
CA VAL G 328 -32.61 -31.49 -21.32
C VAL G 328 -33.01 -30.64 -20.10
N LEU G 329 -34.13 -30.94 -19.46
CA LEU G 329 -34.57 -30.15 -18.28
C LEU G 329 -33.51 -30.23 -17.16
N SER G 330 -32.91 -31.39 -16.97
CA SER G 330 -31.86 -31.59 -15.94
C SER G 330 -30.67 -30.66 -16.21
N SER G 331 -30.33 -30.44 -17.49
CA SER G 331 -29.20 -29.58 -17.91
C SER G 331 -29.47 -28.11 -17.59
N LEU G 332 -30.72 -27.76 -17.31
CA LEU G 332 -31.12 -26.37 -16.97
C LEU G 332 -31.45 -26.25 -15.48
N THR G 333 -31.50 -27.35 -14.72
CA THR G 333 -32.07 -27.39 -13.37
C THR G 333 -31.14 -28.19 -12.45
N ALA G 334 -31.42 -29.48 -12.27
CA ALA G 334 -30.80 -30.31 -11.24
C ALA G 334 -29.27 -30.38 -11.47
N ASN G 335 -28.81 -30.48 -12.71
CA ASN G 335 -27.36 -30.65 -12.95
C ASN G 335 -26.61 -29.39 -12.48
N VAL G 336 -27.20 -28.23 -12.75
CA VAL G 336 -26.59 -26.92 -12.37
C VAL G 336 -26.58 -26.83 -10.85
N ALA G 337 -27.70 -27.13 -10.21
CA ALA G 337 -27.82 -27.07 -8.73
C ALA G 337 -26.84 -28.03 -8.08
N HIS G 338 -26.61 -29.19 -8.69
CA HIS G 338 -25.68 -30.20 -8.14
C HIS G 338 -24.24 -29.67 -8.22
N LEU G 339 -23.81 -29.23 -9.38
CA LEU G 339 -22.43 -28.72 -9.59
C LEU G 339 -22.22 -27.51 -8.66
N LEU G 340 -23.19 -26.61 -8.58
CA LEU G 340 -22.99 -25.32 -7.88
C LEU G 340 -23.34 -25.45 -6.39
N ARG G 341 -23.74 -26.64 -5.92
CA ARG G 341 -24.02 -26.91 -4.50
C ARG G 341 -25.12 -25.96 -4.02
N LEU G 342 -26.21 -25.90 -4.76
CA LEU G 342 -27.42 -25.13 -4.42
C LEU G 342 -28.52 -26.12 -4.05
N PRO G 343 -28.51 -26.72 -2.84
CA PRO G 343 -29.45 -27.80 -2.52
C PRO G 343 -30.93 -27.37 -2.49
N ALA G 344 -31.23 -26.07 -2.40
CA ALA G 344 -32.62 -25.55 -2.41
C ALA G 344 -33.13 -25.35 -3.83
N LYS G 345 -32.28 -25.53 -4.87
CA LYS G 345 -32.63 -25.16 -6.26
C LYS G 345 -32.67 -26.39 -7.16
N GLY G 346 -33.28 -26.23 -8.34
CA GLY G 346 -33.16 -27.21 -9.46
C GLY G 346 -33.97 -28.47 -9.25
N LYS G 347 -34.89 -28.51 -8.28
CA LYS G 347 -35.61 -29.76 -7.96
C LYS G 347 -37.00 -29.45 -7.41
N ILE G 348 -37.98 -30.24 -7.82
CA ILE G 348 -39.30 -30.24 -7.13
C ILE G 348 -39.22 -31.32 -6.07
N ALA G 349 -38.89 -30.92 -4.85
CA ALA G 349 -38.67 -31.78 -3.70
C ALA G 349 -39.09 -31.01 -2.44
N THR G 350 -39.62 -31.70 -1.44
CA THR G 350 -40.14 -31.00 -0.25
C THR G 350 -38.96 -30.33 0.44
N GLY G 351 -39.16 -29.10 0.90
CA GLY G 351 -38.10 -28.31 1.57
C GLY G 351 -37.32 -27.46 0.59
N ALA G 352 -37.40 -27.71 -0.73
CA ALA G 352 -36.70 -26.89 -1.73
C ALA G 352 -37.43 -25.56 -1.92
N ASP G 353 -36.77 -24.59 -2.53
CA ASP G 353 -37.40 -23.28 -2.86
C ASP G 353 -38.50 -23.51 -3.89
N ALA G 354 -39.60 -22.78 -3.74
CA ALA G 354 -40.76 -22.85 -4.65
C ALA G 354 -40.46 -21.99 -5.89
N ASP G 355 -39.51 -22.46 -6.69
CA ASP G 355 -39.16 -21.91 -8.01
C ASP G 355 -39.71 -22.92 -9.02
N LEU G 356 -40.79 -22.57 -9.73
CA LEU G 356 -41.57 -23.53 -10.55
C LEU G 356 -42.00 -22.89 -11.85
N LEU G 357 -42.02 -23.69 -12.92
CA LEU G 357 -42.60 -23.34 -14.23
C LEU G 357 -43.81 -24.25 -14.49
N VAL G 358 -44.87 -23.66 -15.03
CA VAL G 358 -46.00 -24.42 -15.63
C VAL G 358 -45.88 -24.28 -17.13
N LEU G 359 -45.77 -25.41 -17.82
CA LEU G 359 -45.60 -25.46 -19.30
C LEU G 359 -46.92 -25.88 -19.98
N ASP G 360 -47.17 -25.34 -21.16
CA ASP G 360 -48.17 -25.83 -22.14
C ASP G 360 -47.69 -27.17 -22.71
N ALA G 361 -48.52 -27.80 -23.52
CA ALA G 361 -48.22 -29.13 -24.11
C ALA G 361 -47.03 -29.03 -25.09
N ASP G 362 -46.85 -27.89 -25.76
CA ASP G 362 -45.70 -27.64 -26.66
C ASP G 362 -44.47 -27.10 -25.87
N TYR G 363 -44.56 -27.06 -24.54
CA TYR G 363 -43.48 -26.66 -23.58
C TYR G 363 -43.31 -25.14 -23.52
N SER G 364 -44.21 -24.36 -24.11
CA SER G 364 -44.25 -22.89 -23.88
C SER G 364 -44.49 -22.64 -22.39
N ILE G 365 -43.92 -21.58 -21.85
CA ILE G 365 -44.07 -21.24 -20.43
C ILE G 365 -45.41 -20.52 -20.26
N ASN G 366 -46.24 -21.03 -19.36
CA ASN G 366 -47.54 -20.39 -19.06
C ASN G 366 -47.44 -19.61 -17.74
N ASP G 367 -46.77 -20.17 -16.74
CA ASP G 367 -46.65 -19.52 -15.39
C ASP G 367 -45.24 -19.70 -14.87
N VAL G 368 -44.77 -18.71 -14.10
CA VAL G 368 -43.44 -18.73 -13.45
C VAL G 368 -43.62 -18.28 -12.01
N MET G 369 -43.22 -19.16 -11.11
CA MET G 369 -43.20 -18.85 -9.67
C MET G 369 -41.73 -18.79 -9.21
N ALA G 370 -41.38 -17.75 -8.46
CA ALA G 370 -40.07 -17.61 -7.80
C ALA G 370 -40.30 -17.39 -6.32
N LEU G 371 -39.68 -18.22 -5.49
CA LEU G 371 -39.78 -18.16 -4.01
C LEU G 371 -41.24 -18.05 -3.60
N GLY G 372 -42.12 -18.82 -4.24
CA GLY G 372 -43.53 -18.92 -3.84
C GLY G 372 -44.38 -17.80 -4.37
N ARG G 373 -43.86 -16.87 -5.16
CA ARG G 373 -44.67 -15.75 -5.71
C ARG G 373 -44.77 -15.89 -7.23
N TRP G 374 -45.94 -15.62 -7.79
CA TRP G 374 -46.12 -15.61 -9.27
C TRP G 374 -45.45 -14.37 -9.85
N HIS G 375 -44.53 -14.56 -10.78
CA HIS G 375 -43.92 -13.48 -11.59
C HIS G 375 -44.64 -13.43 -12.94
N LEU G 376 -45.05 -14.58 -13.45
CA LEU G 376 -45.80 -14.71 -14.72
C LEU G 376 -46.99 -15.64 -14.45
N ARG G 377 -48.17 -15.22 -14.90
CA ARG G 377 -49.42 -15.98 -14.69
C ARG G 377 -50.21 -15.88 -15.99
N ASP G 378 -50.49 -17.03 -16.64
CA ASP G 378 -51.19 -17.08 -17.95
C ASP G 378 -50.48 -16.15 -18.93
N LYS G 379 -49.15 -16.22 -18.95
CA LYS G 379 -48.27 -15.50 -19.92
C LYS G 379 -48.31 -13.99 -19.72
N ALA G 380 -48.85 -13.49 -18.61
CA ALA G 380 -48.82 -12.05 -18.30
C ALA G 380 -47.84 -11.82 -17.14
N LEU G 381 -47.02 -10.78 -17.23
CA LEU G 381 -46.10 -10.37 -16.13
C LEU G 381 -46.89 -9.80 -14.97
N ILE G 382 -46.80 -10.43 -13.81
CA ILE G 382 -47.41 -9.98 -12.53
C ILE G 382 -46.39 -9.14 -11.77
N MET G 383 -45.10 -9.51 -11.85
CA MET G 383 -44.00 -8.80 -11.16
C MET G 383 -42.95 -8.42 -12.19
N LYS G 384 -42.38 -7.24 -12.05
CA LYS G 384 -41.36 -6.72 -13.00
C LYS G 384 -40.30 -5.95 -12.21
N GLY G 385 -39.22 -5.60 -12.88
CA GLY G 385 -38.10 -4.83 -12.27
C GLY G 385 -38.57 -3.44 -11.90
N THR G 386 -37.85 -2.81 -10.99
CA THR G 386 -38.17 -1.48 -10.42
C THR G 386 -38.37 -0.46 -11.55
N PHE G 387 -37.58 -0.53 -12.63
CA PHE G 387 -37.57 0.52 -13.67
C PHE G 387 -38.16 -0.01 -14.98
N GLU G 388 -38.81 -1.17 -15.00
CA GLU G 388 -39.58 -1.64 -16.18
C GLU G 388 -40.97 -0.99 -16.02
N THR H 2 -40.28 -31.79 5.77
CA THR H 2 -40.73 -30.79 6.79
C THR H 2 -42.18 -30.37 6.45
N GLY H 3 -43.11 -30.87 7.24
CA GLY H 3 -44.54 -30.50 7.16
C GLY H 3 -44.85 -29.15 7.78
N LEU H 4 -46.12 -28.91 8.05
CA LEU H 4 -46.59 -27.73 8.81
C LEU H 4 -46.55 -28.03 10.31
N THR H 5 -46.35 -27.00 11.11
CA THR H 5 -46.51 -27.08 12.57
C THR H 5 -47.71 -26.21 12.94
N ILE H 6 -48.62 -26.75 13.74
CA ILE H 6 -49.79 -25.99 14.20
C ILE H 6 -49.74 -25.89 15.72
N LEU H 7 -49.84 -24.67 16.20
CA LEU H 7 -49.86 -24.34 17.64
C LEU H 7 -51.28 -23.85 17.96
N ARG H 8 -52.03 -24.64 18.69
CA ARG H 8 -53.45 -24.35 19.03
C ARG H 8 -53.51 -23.71 20.40
N ASN H 9 -54.46 -22.81 20.59
CA ASN H 9 -54.74 -22.20 21.92
C ASN H 9 -53.49 -21.54 22.47
N ALA H 10 -52.80 -20.79 21.61
CA ALA H 10 -51.63 -19.99 22.01
C ALA H 10 -52.15 -18.67 22.56
N ASN H 11 -51.73 -18.29 23.76
CA ASN H 11 -52.04 -16.95 24.29
C ASN H 11 -50.96 -16.00 23.74
N VAL H 12 -51.27 -15.32 22.66
CA VAL H 12 -50.23 -14.66 21.81
C VAL H 12 -49.88 -13.28 22.38
N TYR H 13 -48.60 -13.09 22.68
CA TYR H 13 -47.98 -11.76 22.90
C TYR H 13 -47.08 -11.49 21.69
N ALA H 14 -47.49 -10.56 20.83
CA ALA H 14 -46.99 -10.47 19.45
C ALA H 14 -45.87 -9.46 19.21
N PRO H 15 -45.30 -8.67 20.17
CA PRO H 15 -45.45 -8.81 21.61
C PRO H 15 -46.70 -8.22 22.29
N GLN H 16 -47.50 -7.39 21.61
CA GLN H 16 -48.78 -6.88 22.19
C GLN H 16 -49.76 -8.06 22.34
N PRO H 17 -50.57 -8.11 23.43
CA PRO H 17 -51.47 -9.23 23.65
C PRO H 17 -52.58 -9.27 22.58
N LEU H 18 -52.74 -10.41 21.92
CA LEU H 18 -53.78 -10.62 20.86
C LEU H 18 -54.86 -11.59 21.37
N GLY H 19 -54.67 -12.23 22.51
CA GLY H 19 -55.60 -13.28 22.98
C GLY H 19 -55.26 -14.65 22.38
N LEU H 20 -56.18 -15.60 22.53
CA LEU H 20 -55.95 -16.99 22.11
C LEU H 20 -56.01 -17.07 20.59
N LYS H 21 -55.06 -17.79 19.99
CA LYS H 21 -54.99 -17.94 18.53
C LYS H 21 -54.48 -19.34 18.21
N THR H 22 -54.78 -19.78 17.00
CA THR H 22 -54.06 -20.87 16.32
C THR H 22 -52.97 -20.21 15.47
N VAL H 23 -51.76 -20.73 15.56
CA VAL H 23 -50.59 -20.20 14.82
C VAL H 23 -50.09 -21.34 13.95
N LEU H 24 -50.03 -21.10 12.64
CA LEU H 24 -49.56 -22.08 11.66
C LEU H 24 -48.17 -21.66 11.19
N VAL H 25 -47.24 -22.60 11.22
CA VAL H 25 -45.83 -22.38 10.84
C VAL H 25 -45.46 -23.34 9.71
N GLY H 26 -44.77 -22.85 8.70
CA GLY H 26 -44.17 -23.71 7.67
C GLY H 26 -43.17 -22.96 6.82
N GLY H 27 -42.21 -23.68 6.22
CA GLY H 27 -41.15 -23.04 5.43
C GLY H 27 -40.39 -22.02 6.24
N GLY H 28 -40.32 -22.19 7.56
CA GLY H 28 -39.59 -21.30 8.48
C GLY H 28 -40.32 -20.00 8.80
N LYS H 29 -41.58 -19.88 8.39
CA LYS H 29 -42.35 -18.63 8.49
C LYS H 29 -43.66 -18.87 9.27
N ILE H 30 -44.21 -17.80 9.81
CA ILE H 30 -45.58 -17.76 10.36
C ILE H 30 -46.53 -17.57 9.18
N LEU H 31 -47.33 -18.59 8.89
CA LEU H 31 -48.23 -18.63 7.70
C LEU H 31 -49.63 -18.14 8.07
N ALA H 32 -50.07 -18.29 9.33
CA ALA H 32 -51.42 -17.87 9.75
C ALA H 32 -51.46 -17.66 11.26
N ILE H 33 -52.26 -16.68 11.66
CA ILE H 33 -52.63 -16.38 13.07
C ILE H 33 -54.14 -16.18 13.05
N THR H 34 -54.91 -17.07 13.66
CA THR H 34 -56.36 -17.12 13.40
C THR H 34 -57.12 -17.56 14.65
N ASP H 35 -58.37 -17.12 14.77
CA ASP H 35 -59.37 -17.63 15.75
C ASP H 35 -59.82 -19.03 15.32
N GLU H 36 -59.72 -19.38 14.03
CA GLU H 36 -60.24 -20.66 13.48
C GLU H 36 -59.45 -21.83 14.05
N ALA H 37 -60.16 -22.90 14.43
CA ALA H 37 -59.55 -24.19 14.83
C ALA H 37 -59.20 -24.97 13.54
N LEU H 38 -58.09 -24.59 12.90
CA LEU H 38 -57.73 -25.10 11.55
C LEU H 38 -57.76 -26.63 11.56
N GLU H 39 -58.44 -27.22 10.60
CA GLU H 39 -58.40 -28.66 10.31
C GLU H 39 -57.52 -28.88 9.08
N LEU H 40 -56.40 -29.57 9.23
CA LEU H 40 -55.45 -29.81 8.13
C LEU H 40 -55.36 -31.31 7.92
N PRO H 41 -55.05 -31.78 6.71
CA PRO H 41 -54.74 -33.19 6.48
C PRO H 41 -53.53 -33.61 7.31
N ALA H 42 -53.64 -34.74 7.99
CA ALA H 42 -52.59 -35.26 8.89
C ALA H 42 -51.31 -35.49 8.09
N SER H 43 -51.40 -35.84 6.81
CA SER H 43 -50.23 -36.22 5.97
C SER H 43 -49.25 -35.02 5.83
N ILE H 44 -49.69 -33.77 5.96
CA ILE H 44 -48.81 -32.57 5.76
C ILE H 44 -48.47 -31.91 7.11
N VAL H 45 -48.88 -32.48 8.24
CA VAL H 45 -48.65 -31.88 9.58
C VAL H 45 -47.50 -32.63 10.25
N ALA H 46 -46.38 -31.94 10.49
CA ALA H 46 -45.23 -32.47 11.24
C ALA H 46 -45.56 -32.51 12.73
N ASP H 47 -46.23 -31.46 13.25
CA ASP H 47 -46.48 -31.31 14.70
C ASP H 47 -47.80 -30.58 14.90
N ASP H 48 -48.70 -31.21 15.65
CA ASP H 48 -50.00 -30.60 16.03
C ASP H 48 -49.97 -30.45 17.55
N ILE H 49 -49.78 -29.24 18.05
CA ILE H 49 -49.49 -29.01 19.48
C ILE H 49 -50.59 -28.14 20.06
N ASP H 50 -51.19 -28.59 21.16
CA ASP H 50 -52.17 -27.79 21.92
C ASP H 50 -51.41 -27.10 23.03
N LEU H 51 -51.22 -25.78 22.98
CA LEU H 51 -50.49 -25.05 24.04
C LEU H 51 -51.39 -24.85 25.26
N GLN H 52 -52.70 -25.10 25.15
CA GLN H 52 -53.67 -25.04 26.27
C GLN H 52 -53.52 -23.71 27.01
N GLY H 53 -53.44 -22.62 26.26
CA GLY H 53 -53.46 -21.25 26.79
C GLY H 53 -52.10 -20.76 27.27
N ARG H 54 -51.03 -21.52 27.06
CA ARG H 54 -49.66 -21.04 27.35
C ARG H 54 -49.33 -19.83 26.47
N ILE H 55 -48.52 -18.93 27.01
CA ILE H 55 -48.06 -17.70 26.32
C ILE H 55 -47.09 -18.08 25.19
N LEU H 56 -47.30 -17.47 24.04
CA LEU H 56 -46.42 -17.56 22.85
C LEU H 56 -45.87 -16.17 22.59
N THR H 57 -44.54 -16.03 22.55
CA THR H 57 -43.89 -14.71 22.29
C THR H 57 -42.94 -14.84 21.12
N PRO H 58 -42.51 -13.71 20.53
CA PRO H 58 -41.39 -13.73 19.59
C PRO H 58 -40.14 -14.17 20.35
N GLY H 59 -39.19 -14.79 19.66
CA GLY H 59 -37.85 -15.01 20.21
C GLY H 59 -37.17 -13.70 20.55
N PHE H 60 -36.30 -13.72 21.55
CA PHE H 60 -35.53 -12.53 21.97
C PHE H 60 -34.44 -12.24 20.92
N ILE H 61 -34.20 -10.96 20.70
CA ILE H 61 -33.10 -10.42 19.85
C ILE H 61 -32.11 -9.77 20.80
N ASP H 62 -30.97 -10.44 20.99
CA ASP H 62 -29.90 -9.95 21.88
C ASP H 62 -28.89 -9.22 20.98
N ALA H 63 -28.95 -7.90 20.97
CA ALA H 63 -28.24 -7.06 19.97
C ALA H 63 -26.86 -6.64 20.47
N HIS H 64 -26.39 -7.21 21.57
CA HIS H 64 -25.05 -6.90 22.12
C HIS H 64 -24.48 -8.17 22.70
N ALA H 65 -23.82 -8.99 21.89
CA ALA H 65 -23.19 -10.24 22.35
C ALA H 65 -21.82 -10.40 21.72
N HIS H 66 -20.86 -10.83 22.51
CA HIS H 66 -19.51 -11.23 22.06
C HIS H 66 -19.59 -12.67 21.59
N ILE H 67 -20.11 -12.89 20.40
CA ILE H 67 -20.31 -14.26 19.88
C ILE H 67 -18.96 -14.98 19.77
N THR H 68 -17.86 -14.27 19.50
CA THR H 68 -16.50 -14.89 19.41
C THR H 68 -15.92 -15.10 20.82
N GLY H 69 -16.61 -14.61 21.84
CA GLY H 69 -16.00 -14.39 23.16
C GLY H 69 -15.36 -13.01 23.23
N GLY H 70 -15.49 -12.35 24.39
CA GLY H 70 -14.83 -11.08 24.64
C GLY H 70 -13.57 -11.27 25.47
N GLY H 71 -13.39 -10.41 26.45
CA GLY H 71 -12.24 -10.46 27.35
C GLY H 71 -10.96 -10.05 26.65
N GLY H 72 -9.84 -10.39 27.27
CA GLY H 72 -8.51 -9.98 26.81
C GLY H 72 -8.15 -8.60 27.34
N GLU H 73 -8.95 -8.06 28.26
CA GLU H 73 -8.71 -6.70 28.84
C GLU H 73 -7.78 -6.75 30.05
N ALA H 74 -7.53 -7.92 30.63
CA ALA H 74 -6.61 -8.06 31.77
C ALA H 74 -5.74 -9.28 31.53
N GLY H 75 -5.04 -9.33 30.40
CA GLY H 75 -4.17 -10.46 30.06
C GLY H 75 -4.81 -11.35 29.01
N PHE H 76 -3.97 -11.97 28.23
CA PHE H 76 -4.37 -12.88 27.12
C PHE H 76 -5.16 -14.09 27.64
N ALA H 77 -4.92 -14.53 28.86
CA ALA H 77 -5.64 -15.70 29.43
C ALA H 77 -7.13 -15.38 29.60
N THR H 78 -7.52 -14.09 29.61
CA THR H 78 -8.95 -13.70 29.81
C THR H 78 -9.70 -13.66 28.47
N GLN H 79 -9.10 -14.10 27.35
CA GLN H 79 -9.87 -14.29 26.09
C GLN H 79 -10.97 -15.34 26.33
N VAL H 80 -12.23 -14.92 26.23
CA VAL H 80 -13.42 -15.82 26.43
C VAL H 80 -13.57 -16.71 25.20
N PRO H 81 -13.90 -18.00 25.36
CA PRO H 81 -14.22 -18.87 24.23
C PRO H 81 -15.50 -18.42 23.51
N PRO H 82 -15.67 -18.79 22.23
CA PRO H 82 -16.91 -18.47 21.52
C PRO H 82 -18.12 -19.03 22.27
N VAL H 83 -19.21 -18.31 22.24
CA VAL H 83 -20.47 -18.72 22.92
C VAL H 83 -21.10 -19.86 22.11
N PRO H 84 -21.29 -21.05 22.72
CA PRO H 84 -22.00 -22.13 22.05
C PRO H 84 -23.48 -21.80 21.79
N LEU H 85 -24.01 -22.35 20.72
CA LEU H 85 -25.41 -22.16 20.27
C LEU H 85 -26.38 -22.21 21.45
N SER H 86 -26.34 -23.26 22.27
CA SER H 86 -27.35 -23.50 23.33
C SER H 86 -27.30 -22.40 24.39
N GLN H 87 -26.18 -21.68 24.51
CA GLN H 87 -26.07 -20.55 25.48
C GLN H 87 -26.79 -19.31 24.93
N PHE H 88 -27.33 -19.38 23.71
CA PHE H 88 -28.34 -18.41 23.21
C PHE H 88 -29.74 -19.03 23.30
N THR H 89 -29.95 -20.15 22.62
CA THR H 89 -31.31 -20.70 22.34
C THR H 89 -31.98 -21.15 23.65
N ALA H 90 -31.28 -21.79 24.58
CA ALA H 90 -31.87 -22.27 25.85
C ALA H 90 -32.39 -21.07 26.67
N PHE H 91 -31.93 -19.85 26.38
CA PHE H 91 -32.32 -18.64 27.13
C PHE H 91 -33.27 -17.78 26.31
N GLY H 92 -33.80 -18.33 25.22
CA GLY H 92 -34.84 -17.65 24.42
C GLY H 92 -34.26 -16.74 23.35
N VAL H 93 -32.95 -16.71 23.15
CA VAL H 93 -32.33 -15.83 22.13
C VAL H 93 -32.29 -16.57 20.79
N THR H 94 -33.10 -16.13 19.84
CA THR H 94 -33.23 -16.74 18.51
C THR H 94 -32.47 -15.90 17.47
N THR H 95 -32.20 -14.63 17.76
CA THR H 95 -31.36 -13.74 16.92
C THR H 95 -30.33 -13.06 17.82
N VAL H 96 -29.07 -13.09 17.40
CA VAL H 96 -28.00 -12.37 18.13
C VAL H 96 -27.34 -11.39 17.16
N VAL H 97 -26.87 -10.26 17.69
CA VAL H 97 -26.02 -9.33 16.94
C VAL H 97 -24.67 -9.28 17.65
N GLY H 98 -23.64 -9.81 16.98
CA GLY H 98 -22.30 -9.97 17.54
C GLY H 98 -21.48 -8.70 17.38
N LEU H 99 -20.52 -8.52 18.27
CA LEU H 99 -19.59 -7.38 18.18
C LEU H 99 -18.26 -7.77 18.82
N LEU H 100 -17.23 -7.05 18.41
CA LEU H 100 -15.94 -6.97 19.12
C LEU H 100 -16.04 -5.84 20.15
N GLY H 101 -15.36 -6.05 21.27
CA GLY H 101 -15.22 -5.04 22.33
C GLY H 101 -13.80 -4.53 22.43
N THR H 102 -13.28 -4.46 23.65
CA THR H 102 -11.99 -3.81 23.95
C THR H 102 -10.90 -4.44 23.09
N ASP H 103 -10.89 -5.77 22.96
CA ASP H 103 -9.89 -6.44 22.10
C ASP H 103 -10.43 -6.49 20.68
N ASP H 104 -10.18 -5.43 19.93
CA ASP H 104 -10.35 -5.38 18.46
C ASP H 104 -8.98 -5.32 17.83
N THR H 105 -7.95 -5.80 18.54
CA THR H 105 -6.56 -5.89 18.07
C THR H 105 -6.28 -7.33 17.62
N THR H 106 -6.39 -8.31 18.51
CA THR H 106 -6.11 -9.73 18.19
C THR H 106 -7.33 -10.35 17.49
N ARG H 107 -8.52 -9.83 17.74
CA ARG H 107 -9.78 -10.31 17.12
C ARG H 107 -10.08 -9.41 15.93
N SER H 108 -10.57 -10.01 14.85
CA SER H 108 -10.80 -9.33 13.56
C SER H 108 -12.29 -9.42 13.21
N THR H 109 -12.72 -8.60 12.28
CA THR H 109 -14.07 -8.66 11.72
C THR H 109 -14.26 -10.00 11.01
N GLY H 110 -13.19 -10.58 10.42
CA GLY H 110 -13.31 -11.93 9.81
C GLY H 110 -13.63 -12.99 10.85
N ASN H 111 -13.03 -12.92 12.03
CA ASN H 111 -13.38 -13.82 13.17
C ASN H 111 -14.88 -13.66 13.46
N LEU H 112 -15.35 -12.42 13.55
CA LEU H 112 -16.72 -12.11 14.00
C LEU H 112 -17.71 -12.61 12.93
N LEU H 113 -17.50 -12.25 11.67
CA LEU H 113 -18.44 -12.57 10.58
C LEU H 113 -18.46 -14.08 10.37
N SER H 114 -17.32 -14.75 10.45
CA SER H 114 -17.29 -16.22 10.27
C SER H 114 -18.07 -16.89 11.41
N ARG H 115 -18.06 -16.35 12.63
CA ARG H 115 -18.86 -16.93 13.73
C ARG H 115 -20.37 -16.66 13.47
N VAL H 116 -20.73 -15.50 12.92
CA VAL H 116 -22.13 -15.25 12.47
C VAL H 116 -22.56 -16.39 11.55
N TYR H 117 -21.76 -16.72 10.54
CA TYR H 117 -22.13 -17.77 9.56
C TYR H 117 -22.19 -19.12 10.29
N GLY H 118 -21.32 -19.37 11.26
CA GLY H 118 -21.37 -20.63 12.02
C GLY H 118 -22.69 -20.77 12.80
N LEU H 119 -23.14 -19.70 13.44
CA LEU H 119 -24.42 -19.72 14.20
C LEU H 119 -25.59 -19.89 13.23
N ARG H 120 -25.52 -19.27 12.06
CA ARG H 120 -26.59 -19.44 11.03
C ARG H 120 -26.61 -20.90 10.57
N GLU H 121 -25.43 -21.52 10.34
CA GLU H 121 -25.38 -22.92 9.89
C GLU H 121 -26.01 -23.81 10.97
N GLU H 122 -25.90 -23.46 12.24
CA GLU H 122 -26.41 -24.28 13.37
C GLU H 122 -27.90 -24.01 13.63
N GLY H 123 -28.51 -23.07 12.89
CA GLY H 123 -29.98 -22.92 12.85
C GLY H 123 -30.54 -21.74 13.62
N MET H 124 -29.71 -20.83 14.14
CA MET H 124 -30.27 -19.58 14.70
C MET H 124 -30.03 -18.45 13.70
N SER H 125 -30.44 -17.24 14.04
CA SER H 125 -30.25 -16.03 13.21
C SER H 125 -29.16 -15.19 13.86
N ALA H 126 -28.30 -14.58 13.04
CA ALA H 126 -27.16 -13.80 13.57
C ALA H 126 -26.78 -12.72 12.59
N TYR H 127 -26.43 -11.58 13.15
CA TYR H 127 -25.94 -10.37 12.47
C TYR H 127 -24.72 -9.92 13.25
N CYS H 128 -24.03 -8.89 12.77
CA CYS H 128 -22.93 -8.33 13.56
C CYS H 128 -22.76 -6.85 13.24
N TRP H 129 -22.07 -6.21 14.16
CA TRP H 129 -21.58 -4.81 14.08
C TRP H 129 -20.16 -4.87 13.55
N THR H 130 -19.77 -3.95 12.68
CA THR H 130 -18.36 -3.81 12.25
C THR H 130 -17.74 -2.65 13.04
N GLY H 131 -16.42 -2.49 12.90
CA GLY H 131 -15.72 -1.29 13.39
C GLY H 131 -15.07 -1.50 14.73
N GLY H 132 -15.79 -2.12 15.66
CA GLY H 132 -15.32 -2.30 17.04
C GLY H 132 -15.24 -1.01 17.87
N TYR H 133 -14.33 -1.02 18.82
CA TYR H 133 -14.28 -0.17 20.00
C TYR H 133 -13.39 1.05 19.79
N HIS H 134 -12.32 0.86 19.04
CA HIS H 134 -11.22 1.83 18.84
C HIS H 134 -11.29 2.49 17.47
N TYR H 135 -10.55 3.59 17.37
CA TYR H 135 -10.26 4.35 16.15
C TYR H 135 -8.77 4.23 15.87
N PRO H 136 -8.36 3.93 14.61
CA PRO H 136 -9.28 3.67 13.51
C PRO H 136 -10.08 2.38 13.65
N LEU H 137 -11.20 2.30 12.94
CA LEU H 137 -12.14 1.16 13.04
C LEU H 137 -11.47 -0.12 12.51
N THR H 138 -11.82 -1.24 13.13
CA THR H 138 -11.50 -2.61 12.68
C THR H 138 -12.64 -3.07 11.77
N THR H 139 -12.34 -3.28 10.50
CA THR H 139 -13.33 -3.64 9.46
C THR H 139 -12.78 -4.81 8.65
N LEU H 140 -13.63 -5.46 7.90
CA LEU H 140 -13.25 -6.60 7.03
C LEU H 140 -12.66 -6.03 5.75
N MET H 141 -13.39 -5.14 5.09
CA MET H 141 -12.91 -4.39 3.92
C MET H 141 -12.18 -3.15 4.41
N GLY H 142 -11.83 -2.23 3.52
CA GLY H 142 -11.07 -1.02 3.88
C GLY H 142 -11.87 -0.01 4.72
N SER H 143 -13.21 -0.09 4.78
CA SER H 143 -14.01 0.94 5.49
C SER H 143 -15.29 0.30 6.03
N ALA H 144 -15.87 0.93 7.04
CA ALA H 144 -17.14 0.48 7.63
C ALA H 144 -18.24 0.59 6.57
N ARG H 145 -18.23 1.62 5.74
CA ARG H 145 -19.31 1.82 4.75
C ARG H 145 -19.28 0.63 3.75
N GLU H 146 -18.09 0.22 3.32
CA GLU H 146 -17.98 -0.95 2.42
C GLU H 146 -18.47 -2.21 3.14
N ASP H 147 -18.09 -2.42 4.38
CA ASP H 147 -18.52 -3.62 5.15
C ASP H 147 -20.06 -3.68 5.17
N ILE H 148 -20.71 -2.57 5.50
CA ILE H 148 -22.19 -2.58 5.68
C ILE H 148 -22.84 -2.71 4.31
N VAL H 149 -22.31 -2.07 3.28
CA VAL H 149 -22.91 -2.16 1.92
C VAL H 149 -22.82 -3.60 1.42
N TYR H 150 -21.68 -4.25 1.51
CA TYR H 150 -21.42 -5.51 0.76
C TYR H 150 -21.65 -6.77 1.58
N MET H 151 -21.63 -6.73 2.92
CA MET H 151 -21.76 -7.96 3.74
C MET H 151 -23.16 -7.96 4.37
N GLU H 152 -24.03 -8.82 3.91
CA GLU H 152 -25.45 -8.83 4.35
C GLU H 152 -25.54 -8.83 5.87
N PRO H 153 -24.80 -9.66 6.64
CA PRO H 153 -25.00 -9.72 8.08
C PRO H 153 -24.50 -8.51 8.88
N ILE H 154 -23.73 -7.63 8.24
CA ILE H 154 -23.17 -6.44 8.95
C ILE H 154 -24.17 -5.29 8.88
N ILE H 155 -24.64 -4.81 10.03
CA ILE H 155 -25.82 -3.91 10.06
C ILE H 155 -25.45 -2.50 10.50
N GLY H 156 -24.25 -2.30 11.01
CA GLY H 156 -23.87 -0.99 11.58
C GLY H 156 -22.52 -1.05 12.21
N VAL H 157 -22.18 -0.01 12.93
CA VAL H 157 -20.86 0.14 13.59
C VAL H 157 -21.05 -0.05 15.09
N GLY H 158 -20.24 -0.91 15.71
CA GLY H 158 -20.23 -1.05 17.17
C GLY H 158 -19.19 -2.07 17.62
N GLU H 159 -18.95 -2.11 18.94
CA GLU H 159 -19.46 -1.15 19.89
C GLU H 159 -18.38 -0.08 20.10
N PHE H 160 -18.63 1.13 19.65
CA PHE H 160 -17.60 2.18 19.54
C PHE H 160 -17.57 2.93 20.89
N ALA H 161 -16.41 3.00 21.53
CA ALA H 161 -16.31 3.45 22.93
C ALA H 161 -16.24 4.97 23.01
N ILE H 162 -17.06 5.54 23.90
CA ILE H 162 -16.96 6.96 24.33
C ILE H 162 -17.04 7.01 25.87
N SER H 163 -16.49 8.06 26.43
CA SER H 163 -16.50 8.37 27.89
C SER H 163 -15.99 7.15 28.66
N ASP H 164 -14.81 6.66 28.24
CA ASP H 164 -14.21 5.44 28.84
C ASP H 164 -12.69 5.54 28.71
N HIS H 165 -11.99 5.17 29.78
CA HIS H 165 -10.51 5.16 29.81
C HIS H 165 -9.94 4.21 28.74
N ARG H 166 -10.72 3.23 28.26
CA ARG H 166 -10.25 2.28 27.22
C ARG H 166 -10.63 2.77 25.82
N SER H 167 -11.29 3.92 25.68
CA SER H 167 -11.65 4.47 24.35
C SER H 167 -10.41 4.91 23.60
N SER H 168 -10.58 5.30 22.35
CA SER H 168 -9.53 5.92 21.52
C SER H 168 -9.56 7.45 21.70
N GLN H 169 -10.26 7.96 22.71
CA GLN H 169 -10.46 9.42 22.89
C GLN H 169 -10.91 10.03 21.57
N PRO H 170 -12.02 9.52 21.00
CA PRO H 170 -12.48 9.97 19.69
C PRO H 170 -12.91 11.43 19.75
N GLN H 171 -12.66 12.15 18.68
CA GLN H 171 -13.04 13.56 18.52
C GLN H 171 -14.42 13.61 17.85
N PHE H 172 -15.15 14.68 18.11
CA PHE H 172 -16.47 14.95 17.52
C PHE H 172 -16.44 14.68 16.00
N GLU H 173 -15.46 15.21 15.29
CA GLU H 173 -15.38 15.14 13.82
C GLU H 173 -15.24 13.68 13.37
N GLU H 174 -14.48 12.86 14.10
CA GLU H 174 -14.33 11.42 13.82
C GLU H 174 -15.66 10.70 14.05
N VAL H 175 -16.35 11.02 15.14
CA VAL H 175 -17.62 10.33 15.51
C VAL H 175 -18.68 10.61 14.44
N ILE H 176 -18.85 11.86 14.02
CA ILE H 176 -19.95 12.18 13.07
C ILE H 176 -19.63 11.62 11.68
N ARG H 177 -18.35 11.50 11.32
CA ARG H 177 -17.93 10.88 10.03
C ARG H 177 -18.32 9.39 10.09
N ILE H 178 -17.99 8.69 11.16
CA ILE H 178 -18.38 7.26 11.35
C ILE H 178 -19.91 7.14 11.26
N ALA H 179 -20.65 7.99 11.98
CA ALA H 179 -22.12 7.95 11.96
C ALA H 179 -22.63 8.15 10.53
N SER H 180 -22.06 9.08 9.79
CA SER H 180 -22.50 9.37 8.41
C SER H 180 -22.31 8.12 7.53
N ASP H 181 -21.20 7.42 7.70
CA ASP H 181 -20.90 6.19 6.91
C ASP H 181 -21.90 5.09 7.27
N ALA H 182 -22.20 4.88 8.55
CA ALA H 182 -23.18 3.87 8.98
C ALA H 182 -24.56 4.22 8.40
N HIS H 183 -24.96 5.48 8.50
CA HIS H 183 -26.30 5.96 8.07
C HIS H 183 -26.47 5.75 6.57
N VAL H 184 -25.51 6.20 5.78
CA VAL H 184 -25.60 6.10 4.30
C VAL H 184 -25.65 4.62 3.93
N ALA H 185 -24.80 3.78 4.52
CA ALA H 185 -24.80 2.35 4.19
C ALA H 185 -26.16 1.72 4.56
N GLY H 186 -26.74 2.14 5.69
CA GLY H 186 -28.08 1.71 6.11
C GLY H 186 -29.15 2.06 5.08
N LEU H 187 -29.14 3.28 4.59
CA LEU H 187 -30.13 3.70 3.57
C LEU H 187 -29.96 2.87 2.30
N MET H 188 -28.71 2.63 1.89
CA MET H 188 -28.44 1.91 0.62
C MET H 188 -28.94 0.46 0.72
N THR H 189 -28.91 -0.14 1.91
CA THR H 189 -29.11 -1.59 2.07
C THR H 189 -30.45 -1.96 2.70
N GLY H 190 -31.13 -1.02 3.33
CA GLY H 190 -32.30 -1.32 4.15
C GLY H 190 -31.95 -1.81 5.55
N LYS H 191 -30.68 -1.77 5.94
CA LYS H 191 -30.23 -2.29 7.24
C LYS H 191 -30.18 -1.17 8.28
N ALA H 192 -29.92 -1.54 9.54
CA ALA H 192 -29.98 -0.63 10.71
C ALA H 192 -29.29 0.69 10.39
N GLY H 193 -28.02 0.64 10.00
CA GLY H 193 -27.30 1.86 9.66
C GLY H 193 -27.11 2.80 10.85
N ILE H 194 -26.78 2.25 12.01
CA ILE H 194 -26.59 3.03 13.25
C ILE H 194 -25.23 2.74 13.85
N VAL H 195 -24.84 3.60 14.78
CA VAL H 195 -23.64 3.44 15.63
C VAL H 195 -24.09 3.05 17.02
N HIS H 196 -23.69 1.86 17.42
CA HIS H 196 -23.89 1.29 18.78
C HIS H 196 -22.69 1.71 19.62
N PHE H 197 -22.89 2.62 20.57
CA PHE H 197 -21.81 3.20 21.39
C PHE H 197 -21.72 2.51 22.73
N HIS H 198 -20.53 2.00 23.07
CA HIS H 198 -20.18 1.59 24.45
C HIS H 198 -20.00 2.86 25.27
N LEU H 199 -20.75 3.00 26.36
CA LEU H 199 -20.51 4.08 27.35
C LEU H 199 -19.71 3.53 28.51
N GLY H 200 -18.71 4.28 28.95
CA GLY H 200 -18.04 4.01 30.23
C GLY H 200 -18.54 4.96 31.30
N ASP H 201 -17.77 5.07 32.39
CA ASP H 201 -18.16 5.90 33.57
C ASP H 201 -17.57 7.30 33.48
N GLY H 202 -17.05 7.71 32.33
CA GLY H 202 -16.57 9.09 32.20
C GLY H 202 -17.67 10.11 32.46
N SER H 203 -17.35 11.20 33.16
CA SER H 203 -18.34 12.24 33.53
C SER H 203 -18.81 13.03 32.29
N ARG H 204 -18.12 12.96 31.14
CA ARG H 204 -18.63 13.59 29.90
C ARG H 204 -19.89 12.85 29.38
N LYS H 205 -20.14 11.63 29.82
CA LYS H 205 -21.40 10.90 29.53
C LYS H 205 -21.71 10.98 28.02
N LEU H 206 -22.85 11.51 27.60
CA LEU H 206 -23.33 11.45 26.19
C LEU H 206 -23.01 12.76 25.46
N ALA H 207 -22.07 13.57 25.94
CA ALA H 207 -21.74 14.90 25.36
C ALA H 207 -21.50 14.81 23.84
N LEU H 208 -20.78 13.80 23.33
CA LEU H 208 -20.47 13.75 21.87
C LEU H 208 -21.76 13.54 21.09
N ILE H 209 -22.68 12.77 21.62
CA ILE H 209 -23.99 12.53 20.95
C ILE H 209 -24.84 13.80 21.01
N LYS H 210 -24.85 14.49 22.14
CA LYS H 210 -25.60 15.78 22.27
C LYS H 210 -25.09 16.74 21.21
N ARG H 211 -23.79 16.83 21.05
CA ARG H 211 -23.18 17.75 20.06
C ARG H 211 -23.58 17.31 18.65
N ALA H 212 -23.57 16.01 18.35
CA ALA H 212 -23.97 15.52 17.00
C ALA H 212 -25.41 15.91 16.71
N LEU H 213 -26.31 15.76 17.69
CA LEU H 213 -27.75 16.09 17.51
C LEU H 213 -27.92 17.61 17.34
N ALA H 214 -27.11 18.41 18.01
CA ALA H 214 -27.21 19.89 17.96
C ALA H 214 -26.60 20.42 16.67
N GLU H 215 -25.54 19.83 16.12
CA GLU H 215 -24.81 20.44 15.00
C GLU H 215 -25.12 19.80 13.64
N THR H 216 -25.59 18.56 13.57
CA THR H 216 -25.64 17.83 12.28
C THR H 216 -27.09 17.53 11.93
N GLU H 217 -27.32 17.09 10.71
CA GLU H 217 -28.65 16.68 10.21
C GLU H 217 -28.85 15.17 10.46
N LEU H 218 -27.91 14.46 11.06
CA LEU H 218 -28.04 12.99 11.19
C LEU H 218 -29.25 12.69 12.07
N PRO H 219 -30.13 11.74 11.67
CA PRO H 219 -31.26 11.39 12.49
C PRO H 219 -30.80 10.87 13.84
N ALA H 220 -31.60 11.16 14.88
CA ALA H 220 -31.27 10.79 16.26
C ALA H 220 -31.13 9.26 16.38
N ARG H 221 -31.90 8.48 15.64
CA ARG H 221 -31.86 6.98 15.80
C ARG H 221 -30.46 6.43 15.45
N VAL H 222 -29.63 7.18 14.73
CA VAL H 222 -28.27 6.72 14.32
C VAL H 222 -27.38 6.60 15.56
N PHE H 223 -27.67 7.32 16.64
CA PHE H 223 -26.81 7.36 17.85
C PHE H 223 -27.45 6.50 18.93
N ASN H 224 -26.90 5.32 19.15
CA ASN H 224 -27.52 4.26 19.99
C ASN H 224 -26.59 3.91 21.13
N PRO H 225 -26.64 4.62 22.29
CA PRO H 225 -25.79 4.29 23.43
C PRO H 225 -26.27 3.06 24.19
N THR H 226 -25.33 2.23 24.64
CA THR H 226 -25.57 1.02 25.45
C THR H 226 -24.87 1.20 26.81
N HIS H 227 -25.16 0.29 27.74
CA HIS H 227 -24.76 0.32 29.16
C HIS H 227 -25.20 1.63 29.84
N VAL H 228 -26.30 2.22 29.43
CA VAL H 228 -26.69 3.56 29.95
C VAL H 228 -27.09 3.44 31.43
N ASN H 229 -27.37 2.24 31.92
CA ASN H 229 -27.74 1.96 33.33
C ASN H 229 -26.50 1.76 34.21
N ARG H 230 -25.27 1.89 33.69
CA ARG H 230 -24.06 1.54 34.46
C ARG H 230 -23.80 2.56 35.57
N ASN H 231 -24.26 3.80 35.46
CA ASN H 231 -24.20 4.76 36.58
C ASN H 231 -25.42 5.65 36.46
N LYS H 232 -25.84 6.27 37.57
CA LYS H 232 -27.17 6.91 37.66
C LYS H 232 -27.19 8.21 36.90
N PRO H 233 -26.16 9.08 36.99
CA PRO H 233 -26.16 10.31 36.18
C PRO H 233 -26.23 10.01 34.67
N LEU H 234 -25.55 8.96 34.21
CA LEU H 234 -25.59 8.59 32.77
C LEU H 234 -27.02 8.16 32.42
N PHE H 235 -27.63 7.35 33.27
CA PHE H 235 -29.00 6.85 33.01
C PHE H 235 -29.96 8.04 32.92
N ASP H 236 -29.82 9.02 33.80
CA ASP H 236 -30.70 10.22 33.79
C ASP H 236 -30.51 10.97 32.48
N GLU H 237 -29.27 11.14 32.03
CA GLU H 237 -28.99 11.86 30.75
C GLU H 237 -29.58 11.06 29.60
N ALA H 238 -29.44 9.73 29.60
CA ALA H 238 -29.98 8.85 28.53
C ALA H 238 -31.50 9.01 28.47
N CYS H 239 -32.19 8.97 29.62
CA CYS H 239 -33.66 9.14 29.69
C CYS H 239 -34.05 10.50 29.12
N GLU H 240 -33.36 11.59 29.50
CA GLU H 240 -33.67 12.95 28.99
C GLU H 240 -33.55 12.96 27.47
N MET H 241 -32.55 12.28 26.90
CA MET H 241 -32.29 12.37 25.44
C MET H 241 -33.31 11.55 24.63
N LEU H 242 -34.13 10.71 25.27
CA LEU H 242 -35.19 9.96 24.55
C LEU H 242 -36.10 10.95 23.82
N SER H 243 -36.29 12.14 24.38
CA SER H 243 -37.20 13.13 23.76
C SER H 243 -36.61 13.63 22.44
N GLN H 244 -35.31 13.47 22.18
CA GLN H 244 -34.71 13.87 20.89
C GLN H 244 -34.79 12.73 19.87
N GLY H 245 -35.25 11.55 20.25
CA GLY H 245 -35.51 10.44 19.32
C GLY H 245 -34.42 9.38 19.31
N ILE H 246 -33.42 9.43 20.20
CA ILE H 246 -32.44 8.30 20.29
C ILE H 246 -33.15 7.09 20.87
N TYR H 247 -32.63 5.91 20.57
CA TYR H 247 -32.93 4.65 21.27
C TYR H 247 -31.79 4.41 22.25
N ILE H 248 -32.09 3.85 23.42
CA ILE H 248 -31.07 3.57 24.45
C ILE H 248 -31.16 2.09 24.77
N ASP H 249 -30.01 1.51 25.01
CA ASP H 249 -29.88 0.06 25.30
C ASP H 249 -29.41 -0.08 26.74
N ILE H 250 -30.20 -0.81 27.51
CA ILE H 250 -29.97 -1.11 28.93
C ILE H 250 -29.32 -2.50 28.97
N THR H 251 -28.26 -2.67 29.74
CA THR H 251 -27.54 -3.95 29.83
C THR H 251 -28.07 -4.73 31.03
N ALA H 252 -28.44 -5.98 30.82
CA ALA H 252 -28.89 -6.89 31.89
C ALA H 252 -27.65 -7.48 32.56
N PHE H 253 -26.96 -6.65 33.35
CA PHE H 253 -25.85 -7.06 34.24
C PHE H 253 -26.38 -8.15 35.15
N PRO H 254 -25.57 -9.16 35.54
CA PRO H 254 -25.93 -10.00 36.68
C PRO H 254 -25.92 -9.12 37.94
N ASP H 255 -26.58 -9.54 39.02
CA ASP H 255 -26.80 -8.71 40.26
C ASP H 255 -25.44 -8.26 40.85
N ASP H 256 -24.41 -9.11 40.78
CA ASP H 256 -23.00 -8.89 41.23
C ASP H 256 -22.39 -7.61 40.60
N ALA H 257 -22.60 -7.41 39.29
CA ALA H 257 -21.86 -6.47 38.41
C ALA H 257 -22.51 -5.08 38.36
N VAL H 258 -23.65 -4.88 39.05
CA VAL H 258 -24.48 -3.62 39.00
C VAL H 258 -23.68 -2.42 39.58
N ASP H 259 -22.81 -2.62 40.59
CA ASP H 259 -21.98 -1.58 41.27
C ASP H 259 -22.86 -0.38 41.63
N ASP H 260 -22.54 0.83 41.15
CA ASP H 260 -23.24 2.10 41.50
C ASP H 260 -24.33 2.45 40.48
N GLY H 261 -24.76 1.50 39.65
CA GLY H 261 -25.77 1.79 38.63
C GLY H 261 -27.11 1.14 38.96
N TRP H 262 -27.90 0.87 37.94
CA TRP H 262 -29.19 0.19 38.04
C TRP H 262 -29.07 -1.17 37.38
N SER H 263 -29.73 -2.19 37.91
CA SER H 263 -30.00 -3.43 37.16
C SER H 263 -30.86 -3.04 35.95
N ALA H 264 -30.92 -3.88 34.94
CA ALA H 264 -31.81 -3.61 33.79
C ALA H 264 -33.25 -3.46 34.31
N ALA H 265 -33.65 -4.33 35.22
CA ALA H 265 -35.02 -4.33 35.83
C ALA H 265 -35.29 -2.97 36.48
N GLU H 266 -34.39 -2.50 37.34
CA GLU H 266 -34.58 -1.20 38.05
C GLU H 266 -34.65 -0.09 37.02
N ALA H 267 -33.78 -0.13 36.00
CA ALA H 267 -33.69 0.96 34.99
C ALA H 267 -35.00 1.01 34.22
N LEU H 268 -35.52 -0.13 33.79
CA LEU H 268 -36.75 -0.16 32.97
C LEU H 268 -37.94 0.31 33.83
N LEU H 269 -38.04 -0.15 35.08
CA LEU H 269 -39.13 0.29 36.01
C LEU H 269 -39.03 1.79 36.21
N LEU H 270 -37.82 2.32 36.36
CA LEU H 270 -37.62 3.77 36.58
C LEU H 270 -38.01 4.54 35.32
N ALA H 271 -37.62 4.08 34.12
CA ALA H 271 -38.02 4.74 32.86
C ALA H 271 -39.56 4.79 32.79
N LYS H 272 -40.22 3.70 33.12
CA LYS H 272 -41.71 3.64 33.10
C LYS H 272 -42.26 4.68 34.09
N GLU H 273 -41.79 4.69 35.33
CA GLU H 273 -42.23 5.65 36.38
C GLU H 273 -42.02 7.07 35.90
N ARG H 274 -40.96 7.38 35.14
CA ARG H 274 -40.72 8.76 34.66
C ARG H 274 -41.59 9.10 33.44
N GLY H 275 -42.36 8.17 32.89
CA GLY H 275 -43.11 8.41 31.64
C GLY H 275 -42.23 8.49 30.40
N CYS H 276 -41.05 7.88 30.42
CA CYS H 276 -40.19 7.76 29.19
C CYS H 276 -40.87 6.91 28.12
N PRO H 277 -40.57 7.16 26.83
CA PRO H 277 -41.13 6.35 25.74
C PRO H 277 -40.47 4.97 25.68
N LEU H 278 -41.14 3.96 26.22
CA LEU H 278 -40.55 2.61 26.38
C LEU H 278 -40.26 1.99 25.01
N LYS H 279 -40.91 2.42 23.93
CA LYS H 279 -40.68 1.81 22.60
C LYS H 279 -39.26 2.15 22.11
N GLN H 280 -38.59 3.12 22.72
CA GLN H 280 -37.21 3.57 22.36
C GLN H 280 -36.18 2.91 23.28
N ILE H 281 -36.59 1.93 24.10
CA ILE H 281 -35.68 1.29 25.07
C ILE H 281 -35.58 -0.20 24.73
N THR H 282 -34.34 -0.70 24.67
CA THR H 282 -34.02 -2.11 24.43
C THR H 282 -33.20 -2.61 25.60
N ILE H 283 -33.15 -3.93 25.77
CA ILE H 283 -32.30 -4.61 26.77
C ILE H 283 -31.45 -5.64 26.03
N SER H 284 -30.19 -5.75 26.41
CA SER H 284 -29.23 -6.72 25.82
C SER H 284 -28.43 -7.31 26.98
N SER H 285 -27.76 -8.44 26.76
CA SER H 285 -27.16 -9.26 27.85
C SER H 285 -25.66 -9.01 27.97
N ASP H 286 -25.00 -8.55 26.92
CA ASP H 286 -23.51 -8.62 26.86
C ASP H 286 -22.99 -10.05 27.04
N GLY H 287 -23.70 -11.06 26.49
CA GLY H 287 -23.25 -12.46 26.50
C GLY H 287 -21.85 -12.62 25.91
N GLY H 288 -20.99 -13.46 26.52
CA GLY H 288 -19.61 -13.70 26.09
C GLY H 288 -18.64 -12.63 26.59
N GLY H 289 -19.16 -11.53 27.16
CA GLY H 289 -18.34 -10.48 27.79
C GLY H 289 -17.64 -11.02 29.02
N CYS H 290 -16.41 -10.60 29.30
CA CYS H 290 -15.62 -11.14 30.44
C CYS H 290 -16.21 -10.59 31.75
N MET H 291 -16.47 -11.47 32.74
CA MET H 291 -17.14 -11.16 34.04
C MET H 291 -16.20 -11.52 35.20
N PRO H 292 -15.35 -10.57 35.69
CA PRO H 292 -14.51 -10.80 36.87
C PRO H 292 -15.33 -10.91 38.17
N ALA H 293 -14.90 -11.75 39.15
CA ALA H 293 -15.60 -11.93 40.45
C ALA H 293 -15.04 -11.05 41.60
N VAL H 301 -10.28 -12.99 41.70
CA VAL H 301 -10.60 -14.16 42.58
C VAL H 301 -11.14 -15.33 41.74
N ALA H 302 -11.99 -15.03 40.75
CA ALA H 302 -12.51 -15.99 39.74
C ALA H 302 -12.88 -15.23 38.47
N MET H 303 -12.94 -15.93 37.33
CA MET H 303 -13.28 -15.33 36.01
C MET H 303 -14.37 -16.16 35.34
N ASP H 304 -15.44 -15.49 34.91
CA ASP H 304 -16.58 -16.08 34.16
C ASP H 304 -16.92 -15.15 32.98
N PHE H 305 -17.97 -15.47 32.21
CA PHE H 305 -18.45 -14.65 31.08
C PHE H 305 -19.98 -14.46 31.17
N GLY H 306 -20.45 -13.33 30.64
CA GLY H 306 -21.87 -12.93 30.52
C GLY H 306 -22.71 -13.97 29.79
N ARG H 307 -23.97 -14.12 30.19
CA ARG H 307 -24.95 -15.08 29.62
C ARG H 307 -26.26 -14.36 29.29
N SER H 308 -26.93 -14.86 28.25
CA SER H 308 -28.22 -14.35 27.76
C SER H 308 -29.33 -14.67 28.78
N GLU H 309 -29.06 -15.51 29.79
CA GLU H 309 -30.03 -15.89 30.88
C GLU H 309 -30.56 -14.64 31.63
N THR H 310 -29.80 -13.54 31.68
CA THR H 310 -30.21 -12.32 32.41
C THR H 310 -31.41 -11.65 31.72
N LEU H 311 -31.66 -11.93 30.44
CA LEU H 311 -32.80 -11.29 29.74
C LEU H 311 -34.12 -11.78 30.38
N LEU H 312 -34.31 -13.09 30.46
CA LEU H 312 -35.55 -13.64 31.03
C LEU H 312 -35.61 -13.30 32.53
N ALA H 313 -34.49 -13.32 33.25
CA ALA H 313 -34.45 -12.95 34.68
C ALA H 313 -34.97 -11.53 34.83
N THR H 314 -34.59 -10.62 33.93
CA THR H 314 -35.04 -9.22 33.96
C THR H 314 -36.55 -9.19 33.75
N LEU H 315 -37.04 -9.94 32.77
CA LEU H 315 -38.50 -9.98 32.45
C LEU H 315 -39.27 -10.45 33.69
N LYS H 316 -38.79 -11.49 34.37
CA LYS H 316 -39.46 -12.02 35.59
C LYS H 316 -39.44 -10.97 36.71
N THR H 317 -38.30 -10.29 36.91
CA THR H 317 -38.18 -9.24 37.95
C THR H 317 -39.19 -8.13 37.71
N VAL H 318 -39.29 -7.56 36.51
CA VAL H 318 -40.13 -6.35 36.31
C VAL H 318 -41.61 -6.75 36.33
N THR H 319 -41.95 -7.93 35.82
CA THR H 319 -43.36 -8.40 35.81
C THR H 319 -43.81 -8.65 37.26
N ALA H 320 -42.95 -9.18 38.11
CA ALA H 320 -43.24 -9.39 39.55
C ALA H 320 -43.48 -8.04 40.23
N GLN H 321 -42.98 -6.93 39.70
CA GLN H 321 -43.17 -5.58 40.28
C GLN H 321 -44.33 -4.87 39.61
N GLY H 322 -45.12 -5.56 38.77
CA GLY H 322 -46.36 -4.99 38.22
C GLY H 322 -46.21 -4.44 36.81
N MET H 323 -45.03 -4.47 36.19
CA MET H 323 -44.94 -4.06 34.77
C MET H 323 -45.64 -5.10 33.89
N ALA H 324 -46.42 -4.64 32.90
CA ALA H 324 -47.11 -5.51 31.93
C ALA H 324 -46.07 -6.30 31.12
N LEU H 325 -46.34 -7.57 30.85
CA LEU H 325 -45.45 -8.45 30.08
C LEU H 325 -45.09 -7.77 28.76
N GLU H 326 -46.04 -7.15 28.06
CA GLU H 326 -45.80 -6.63 26.71
C GLU H 326 -44.78 -5.48 26.77
N ASP H 327 -44.68 -4.74 27.87
CA ASP H 327 -43.75 -3.58 27.97
C ASP H 327 -42.30 -4.09 27.94
N VAL H 328 -41.99 -5.04 28.80
CA VAL H 328 -40.60 -5.57 28.88
C VAL H 328 -40.35 -6.48 27.67
N LEU H 329 -41.33 -7.25 27.23
CA LEU H 329 -41.16 -8.16 26.08
C LEU H 329 -40.80 -7.34 24.82
N SER H 330 -41.41 -6.19 24.63
CA SER H 330 -41.12 -5.29 23.49
C SER H 330 -39.65 -4.87 23.49
N SER H 331 -39.07 -4.64 24.67
CA SER H 331 -37.66 -4.21 24.85
C SER H 331 -36.70 -5.32 24.46
N LEU H 332 -37.18 -6.56 24.33
CA LEU H 332 -36.36 -7.73 23.94
C LEU H 332 -36.69 -8.17 22.51
N THR H 333 -37.71 -7.60 21.87
CA THR H 333 -38.29 -8.14 20.61
C THR H 333 -38.55 -6.99 19.65
N ALA H 334 -39.77 -6.47 19.65
CA ALA H 334 -40.25 -5.55 18.60
C ALA H 334 -39.40 -4.28 18.60
N ASN H 335 -39.01 -3.74 19.75
CA ASN H 335 -38.27 -2.45 19.77
C ASN H 335 -36.92 -2.65 19.09
N VAL H 336 -36.26 -3.79 19.35
CA VAL H 336 -34.94 -4.11 18.77
C VAL H 336 -35.11 -4.27 17.25
N ALA H 337 -36.09 -5.05 16.83
CA ALA H 337 -36.36 -5.30 15.39
C ALA H 337 -36.69 -4.00 14.67
N HIS H 338 -37.38 -3.07 15.33
CA HIS H 338 -37.75 -1.77 14.72
C HIS H 338 -36.47 -0.93 14.53
N LEU H 339 -35.67 -0.75 15.59
CA LEU H 339 -34.44 0.07 15.51
C LEU H 339 -33.50 -0.55 14.46
N LEU H 340 -33.35 -1.87 14.48
CA LEU H 340 -32.32 -2.54 13.65
C LEU H 340 -32.86 -2.87 12.26
N ARG H 341 -34.11 -2.51 11.95
CA ARG H 341 -34.73 -2.69 10.61
C ARG H 341 -34.65 -4.18 10.24
N LEU H 342 -35.14 -5.03 11.13
CA LEU H 342 -35.28 -6.48 10.91
C LEU H 342 -36.76 -6.79 10.80
N PRO H 343 -37.39 -6.56 9.63
CA PRO H 343 -38.85 -6.71 9.53
C PRO H 343 -39.36 -8.15 9.72
N ALA H 344 -38.49 -9.16 9.58
CA ALA H 344 -38.90 -10.56 9.76
C ALA H 344 -38.80 -10.99 11.23
N LYS H 345 -38.28 -10.13 12.13
CA LYS H 345 -37.98 -10.52 13.52
C LYS H 345 -38.83 -9.73 14.52
N GLY H 346 -38.87 -10.19 15.77
CA GLY H 346 -39.40 -9.42 16.91
C GLY H 346 -40.92 -9.34 16.96
N LYS H 347 -41.63 -10.12 16.16
CA LYS H 347 -43.11 -9.98 16.04
C LYS H 347 -43.74 -11.34 15.69
N ILE H 348 -44.88 -11.65 16.31
CA ILE H 348 -45.75 -12.75 15.83
C ILE H 348 -46.73 -12.11 14.87
N ALA H 349 -46.40 -12.19 13.59
CA ALA H 349 -47.16 -11.58 12.48
C ALA H 349 -46.99 -12.49 11.27
N THR H 350 -48.00 -12.57 10.42
CA THR H 350 -47.92 -13.49 9.27
C THR H 350 -46.80 -12.98 8.36
N GLY H 351 -46.01 -13.90 7.82
CA GLY H 351 -44.88 -13.57 6.94
C GLY H 351 -43.59 -13.37 7.71
N ALA H 352 -43.63 -13.23 9.03
CA ALA H 352 -42.41 -13.09 9.86
C ALA H 352 -41.74 -14.46 10.01
N ASP H 353 -40.48 -14.45 10.43
CA ASP H 353 -39.74 -15.70 10.76
C ASP H 353 -40.41 -16.38 11.95
N ALA H 354 -40.47 -17.71 11.92
CA ALA H 354 -41.05 -18.54 12.98
C ALA H 354 -40.01 -18.69 14.09
N ASP H 355 -39.70 -17.58 14.77
CA ASP H 355 -38.85 -17.54 15.97
C ASP H 355 -39.80 -17.28 17.14
N LEU H 356 -40.02 -18.31 17.98
CA LEU H 356 -41.12 -18.31 18.97
C LEU H 356 -40.63 -18.92 20.27
N LEU H 357 -41.11 -18.35 21.38
CA LEU H 357 -40.97 -18.93 22.74
C LEU H 357 -42.35 -19.35 23.24
N VAL H 358 -42.41 -20.51 23.89
CA VAL H 358 -43.58 -20.91 24.72
C VAL H 358 -43.16 -20.74 26.18
N LEU H 359 -43.88 -19.90 26.91
CA LEU H 359 -43.58 -19.61 28.33
C LEU H 359 -44.61 -20.31 29.23
N ASP H 360 -44.15 -20.75 30.40
CA ASP H 360 -45.00 -21.16 31.54
C ASP H 360 -45.65 -19.92 32.14
N ALA H 361 -46.55 -20.09 33.10
CA ALA H 361 -47.31 -18.98 33.69
C ALA H 361 -46.37 -18.06 34.51
N ASP H 362 -45.29 -18.59 35.06
CA ASP H 362 -44.24 -17.79 35.77
C ASP H 362 -43.20 -17.23 34.76
N TYR H 363 -43.42 -17.43 33.45
CA TYR H 363 -42.61 -16.88 32.32
C TYR H 363 -41.31 -17.67 32.14
N SER H 364 -41.16 -18.82 32.81
CA SER H 364 -40.08 -19.78 32.48
C SER H 364 -40.24 -20.22 31.02
N ILE H 365 -39.13 -20.46 30.34
CA ILE H 365 -39.19 -20.88 28.93
C ILE H 365 -39.45 -22.38 28.91
N ASN H 366 -40.47 -22.82 28.19
CA ASN H 366 -40.76 -24.25 28.03
C ASN H 366 -40.25 -24.75 26.68
N ASP H 367 -40.45 -23.96 25.62
CA ASP H 367 -40.08 -24.35 24.24
C ASP H 367 -39.48 -23.17 23.51
N VAL H 368 -38.54 -23.44 22.61
CA VAL H 368 -37.87 -22.42 21.76
C VAL H 368 -37.85 -22.94 20.34
N MET H 369 -38.45 -22.18 19.45
CA MET H 369 -38.44 -22.44 17.99
C MET H 369 -37.63 -21.34 17.31
N ALA H 370 -36.70 -21.74 16.43
CA ALA H 370 -35.94 -20.83 15.55
C ALA H 370 -36.15 -21.26 14.10
N LEU H 371 -36.61 -20.34 13.27
CA LEU H 371 -36.86 -20.56 11.82
C LEU H 371 -37.67 -21.86 11.64
N GLY H 372 -38.68 -22.05 12.48
CA GLY H 372 -39.64 -23.16 12.34
C GLY H 372 -39.12 -24.48 12.90
N ARG H 373 -37.94 -24.54 13.52
CA ARG H 373 -37.43 -25.79 14.10
C ARG H 373 -37.35 -25.66 15.62
N TRP H 374 -37.73 -26.73 16.33
CA TRP H 374 -37.60 -26.75 17.81
C TRP H 374 -36.14 -26.92 18.19
N HIS H 375 -35.62 -26.00 19.00
CA HIS H 375 -34.26 -26.11 19.61
C HIS H 375 -34.43 -26.61 21.05
N LEU H 376 -35.50 -26.17 21.71
CA LEU H 376 -35.85 -26.58 23.09
C LEU H 376 -37.32 -27.00 23.08
N ARG H 377 -37.60 -28.16 23.69
CA ARG H 377 -38.96 -28.74 23.73
C ARG H 377 -39.15 -29.33 25.13
N ASP H 378 -40.13 -28.83 25.88
CA ASP H 378 -40.39 -29.24 27.29
C ASP H 378 -39.08 -29.14 28.08
N LYS H 379 -38.38 -28.03 27.91
CA LYS H 379 -37.15 -27.66 28.68
C LYS H 379 -35.99 -28.60 28.37
N ALA H 380 -36.06 -29.42 27.32
CA ALA H 380 -34.93 -30.28 26.90
C ALA H 380 -34.35 -29.71 25.59
N LEU H 381 -33.03 -29.64 25.48
CA LEU H 381 -32.33 -29.23 24.23
C LEU H 381 -32.48 -30.33 23.19
N ILE H 382 -33.08 -30.01 22.06
CA ILE H 382 -33.30 -30.89 20.87
C ILE H 382 -32.17 -30.62 19.88
N MET H 383 -31.68 -29.38 19.81
CA MET H 383 -30.58 -29.00 18.88
C MET H 383 -29.49 -28.33 19.73
N LYS H 384 -28.23 -28.59 19.39
CA LYS H 384 -27.09 -27.99 20.11
C LYS H 384 -26.00 -27.64 19.10
N GLY H 385 -25.00 -26.89 19.54
CA GLY H 385 -23.86 -26.51 18.70
C GLY H 385 -23.04 -27.71 18.32
N THR H 386 -22.26 -27.57 17.26
CA THR H 386 -21.44 -28.63 16.66
C THR H 386 -20.56 -29.31 17.71
N PHE H 387 -20.00 -28.56 18.65
CA PHE H 387 -18.99 -29.09 19.60
C PHE H 387 -19.55 -29.13 21.03
N GLU H 388 -20.86 -29.02 21.24
CA GLU H 388 -21.43 -29.09 22.62
C GLU H 388 -21.57 -30.55 23.12
#